data_3P9S
#
_entry.id   3P9S
#
_cell.length_a   93.560
_cell.length_b   133.170
_cell.length_c   122.810
_cell.angle_alpha   90.00
_cell.angle_beta   109.24
_cell.angle_gamma   90.00
#
_symmetry.space_group_name_H-M   'P 1 21 1'
#
loop_
_entity.id
_entity.type
_entity.pdbx_description
1 polymer 'Catalase HPII'
2 non-polymer 'CIS-HEME D HYDROXYCHLORIN GAMMA-SPIROLACTONE'
3 non-polymer 'CIS-HEME D HYDROXYCHLORIN GAMMA-SPIROLACTONE 17R, 18S'
4 water water
#
_entity_poly.entity_id   1
_entity_poly.type   'polypeptide(L)'
_entity_poly.pdbx_seq_one_letter_code
;MSQHNEKNPHQHQSPLHDSSEAKPGMDSLAPEDGSHRPAAEPTPPGAQPTAPGSLKAPDTRNEKLNSLEDVRKGSENYAL
TTNQGVRIADDQNSLRAGSRGPTLLEDFILREKITHFDHERIPERIVHARGSAAHGYFQPYKSLSDITKADFLSDPNKIT
PVFVRFSTVQGGAGSADTVRDIRGFATKFYTEEGIFDLVGNNTPIFFIQDAHKFPDFVHAVKPEPHWAIPQGQSAHDTFW
DYVSLQPETLHNVMWAMSDRGIPRSYRTMEGFGAHTFRLINAEGKATFVRFHWKPLAGKASLVWDEAQKLTGRDPDFHRR
ELWEAIEAGDFPEYELGFQLIPEEDEFKFDFDLLDPTKLIPEELVPVQRVGKMVLNRNPDNFFAENEQAAFHPGHIVPGL
DFTNDPLLQGRLFSYTDTQISRLGGPNFHEIPINRPTCPYHNFQRDGMHRMGIDTNPANYEPNSINDNWPRETPPGPKRG
GFESYQERVEGNKVRERSPSFGEYYSHPRLFWLSQTPFEQRHIVDGFSFELSKVVRPYIRERVVDQLAHIDLTLAQAVAK
NLGIELTDDQLNITPPPDVNGLKKDPSLSLYAIPDGDVKGRVVAILLNDEVRSADLLAILKALKAKGVHAKLLYSRMGEV
TADDGTVLPIAATFAGAPSLTVDAVIVP(OCS)GNIADIADNGDANYYLMEAYKHLKPIALAGDARKFKATIKIADQGEE
GIVEADSADGSFMDELLTLMAAHRVWSRIPKIDKIPA
;
_entity_poly.pdbx_strand_id   A,B,C,D
#
loop_
_chem_comp.id
_chem_comp.type
_chem_comp.name
_chem_comp.formula
HDD non-polymer 'CIS-HEME D HYDROXYCHLORIN GAMMA-SPIROLACTONE' 'C34 H32 Fe N4 O5'
HDE non-polymer 'CIS-HEME D HYDROXYCHLORIN GAMMA-SPIROLACTONE 17R, 18S' 'C34 H38 Fe N4 O5'
#
# COMPACT_ATOMS: atom_id res chain seq x y z
N SER A 28 -16.07 -30.49 22.04
CA SER A 28 -15.00 -29.95 21.16
C SER A 28 -13.84 -29.47 21.99
N LEU A 29 -13.61 -30.17 23.06
CA LEU A 29 -13.04 -29.55 24.17
C LEU A 29 -11.76 -30.34 24.48
N ALA A 30 -11.06 -29.79 25.45
CA ALA A 30 -9.81 -30.26 26.01
C ALA A 30 -10.05 -31.65 26.55
N PRO A 31 -8.96 -32.47 26.58
CA PRO A 31 -9.08 -33.80 27.23
C PRO A 31 -9.23 -33.58 28.74
N GLU A 32 -9.87 -34.52 29.43
CA GLU A 32 -10.13 -34.34 30.88
C GLU A 32 -8.85 -34.22 31.73
N ASP A 33 -7.79 -34.90 31.28
CA ASP A 33 -6.50 -34.88 31.98
C ASP A 33 -5.71 -33.59 31.89
N GLY A 34 -6.15 -32.57 31.15
CA GLY A 34 -5.29 -31.38 31.01
C GLY A 34 -4.03 -31.54 30.14
N SER A 35 -3.92 -32.65 29.39
CA SER A 35 -2.71 -32.90 28.55
C SER A 35 -2.61 -32.05 27.23
N HIS A 36 -3.62 -31.22 26.96
CA HIS A 36 -3.58 -30.26 25.82
C HIS A 36 -2.60 -29.09 26.09
N ARG A 37 -2.35 -28.81 27.39
CA ARG A 37 -1.69 -27.58 27.83
C ARG A 37 -0.27 -27.87 28.38
N PRO A 38 0.77 -27.24 27.82
CA PRO A 38 2.12 -27.59 28.33
C PRO A 38 2.36 -27.00 29.67
N ALA A 39 3.12 -27.70 30.53
CA ALA A 39 3.60 -27.13 31.80
C ALA A 39 4.27 -25.73 31.62
N ALA A 40 4.01 -24.79 32.51
CA ALA A 40 4.69 -23.49 32.45
C ALA A 40 5.96 -23.53 33.28
N GLU A 41 6.88 -24.45 32.91
CA GLU A 41 8.12 -24.76 33.60
C GLU A 41 9.13 -25.12 32.53
N PRO A 42 10.42 -24.90 32.76
CA PRO A 42 11.38 -25.33 31.73
C PRO A 42 11.34 -26.86 31.52
N THR A 43 11.29 -27.29 30.26
CA THR A 43 11.13 -28.69 29.94
C THR A 43 12.04 -29.03 28.74
N PRO A 44 12.54 -30.27 28.70
CA PRO A 44 13.44 -30.62 27.61
C PRO A 44 12.74 -30.73 26.21
N PRO A 45 13.52 -30.60 25.09
CA PRO A 45 12.85 -30.66 23.79
C PRO A 45 12.00 -31.91 23.68
N GLY A 46 10.80 -31.80 23.12
CA GLY A 46 9.90 -32.97 22.99
C GLY A 46 9.05 -33.41 24.18
N ALA A 47 9.30 -32.89 25.37
CA ALA A 47 8.50 -33.34 26.53
C ALA A 47 7.06 -32.76 26.61
N GLN A 48 6.87 -31.60 26.03
CA GLN A 48 5.62 -30.88 26.11
C GLN A 48 5.43 -30.18 24.76
N PRO A 49 4.17 -29.92 24.36
CA PRO A 49 4.03 -29.11 23.15
C PRO A 49 4.61 -27.70 23.38
N THR A 50 5.15 -27.07 22.33
CA THR A 50 5.74 -25.76 22.50
C THR A 50 4.60 -24.75 22.56
N ALA A 51 4.88 -23.55 23.07
CA ALA A 51 3.82 -22.59 23.36
C ALA A 51 4.39 -21.18 23.26
N PRO A 52 3.53 -20.16 23.11
CA PRO A 52 3.88 -18.72 23.18
C PRO A 52 4.66 -18.44 24.48
N GLY A 53 5.67 -17.58 24.34
CA GLY A 53 6.62 -17.26 25.42
C GLY A 53 5.94 -16.87 26.76
N SER A 54 4.93 -16.00 26.69
CA SER A 54 4.31 -15.47 27.92
C SER A 54 3.48 -16.59 28.66
N LEU A 55 3.11 -17.65 27.96
CA LEU A 55 2.36 -18.73 28.56
C LEU A 55 3.34 -19.79 29.05
N LYS A 56 4.46 -19.93 28.34
CA LYS A 56 5.41 -20.95 28.75
C LYS A 56 6.22 -20.49 29.98
N ALA A 57 6.67 -19.24 29.95
CA ALA A 57 7.54 -18.68 30.96
C ALA A 57 6.93 -17.32 31.40
N PRO A 58 5.77 -17.37 32.14
CA PRO A 58 5.14 -16.08 32.52
C PRO A 58 5.96 -15.24 33.48
N ASP A 59 6.89 -15.87 34.19
CA ASP A 59 7.65 -15.10 35.19
C ASP A 59 8.93 -14.56 34.64
N THR A 60 9.22 -14.86 33.37
CA THR A 60 10.37 -14.26 32.71
C THR A 60 10.00 -12.88 32.20
N ARG A 61 10.66 -11.82 32.72
CA ARG A 61 10.30 -10.45 32.38
C ARG A 61 11.49 -9.60 32.07
N ASN A 62 11.29 -8.62 31.21
CA ASN A 62 12.27 -7.54 31.13
C ASN A 62 11.49 -6.28 30.76
N GLU A 63 12.11 -5.11 30.84
CA GLU A 63 11.40 -3.87 30.50
C GLU A 63 10.62 -3.85 29.14
N LYS A 64 11.22 -4.44 28.13
CA LYS A 64 10.58 -4.47 26.82
C LYS A 64 9.41 -5.45 26.83
N LEU A 65 9.64 -6.63 27.39
CA LEU A 65 8.51 -7.63 27.49
C LEU A 65 7.30 -7.05 28.21
N ASN A 66 7.57 -6.37 29.32
CA ASN A 66 6.46 -5.76 30.08
C ASN A 66 5.76 -4.68 29.26
N SER A 67 6.51 -3.87 28.51
CA SER A 67 5.89 -2.76 27.79
C SER A 67 5.00 -3.26 26.64
N LEU A 68 5.12 -4.52 26.23
CA LEU A 68 4.22 -5.07 25.19
C LEU A 68 2.88 -5.49 25.79
N GLU A 69 2.71 -5.36 27.10
CA GLU A 69 1.48 -5.84 27.72
C GLU A 69 0.22 -5.10 27.26
N ASP A 70 0.37 -3.85 26.82
CA ASP A 70 -0.82 -3.08 26.28
C ASP A 70 -1.42 -3.76 25.06
N VAL A 71 -0.60 -4.54 24.34
CA VAL A 71 -1.13 -5.13 23.14
C VAL A 71 -1.31 -6.65 23.17
N ARG A 72 -0.75 -7.38 24.18
CA ARG A 72 -0.94 -8.84 24.30
C ARG A 72 -2.42 -9.12 24.54
N LYS A 73 -2.98 -10.06 23.79
CA LYS A 73 -4.40 -10.37 23.91
C LYS A 73 -4.57 -11.86 24.28
N GLY A 74 -5.21 -12.13 25.42
CA GLY A 74 -5.60 -13.47 25.90
C GLY A 74 -6.79 -14.04 25.12
N SER A 75 -7.50 -15.00 25.70
CA SER A 75 -8.53 -15.78 24.95
C SER A 75 -9.50 -16.59 25.83
N GLU A 76 -8.98 -17.18 26.93
CA GLU A 76 -9.73 -18.07 27.82
C GLU A 76 -10.86 -17.29 28.45
N ASN A 77 -12.05 -17.88 28.40
CA ASN A 77 -13.21 -17.32 29.01
C ASN A 77 -13.80 -16.15 28.28
N TYR A 78 -13.34 -15.89 27.05
CA TYR A 78 -13.81 -14.68 26.30
C TYR A 78 -14.72 -15.14 25.18
N ALA A 79 -15.75 -14.37 24.91
CA ALA A 79 -16.64 -14.66 23.81
C ALA A 79 -15.99 -14.37 22.45
N LEU A 80 -16.33 -15.17 21.43
CA LEU A 80 -15.83 -14.96 20.05
C LEU A 80 -16.58 -13.77 19.46
N THR A 81 -15.85 -12.80 18.87
CA THR A 81 -16.49 -11.59 18.36
C THR A 81 -15.98 -11.26 16.97
N THR A 82 -16.70 -10.36 16.30
CA THR A 82 -16.12 -9.62 15.18
C THR A 82 -15.00 -8.65 15.69
N ASN A 83 -14.25 -8.03 14.77
CA ASN A 83 -13.29 -7.05 15.16
C ASN A 83 -13.91 -5.81 15.78
N GLN A 84 -15.24 -5.64 15.53
CA GLN A 84 -16.04 -4.54 16.09
C GLN A 84 -16.64 -4.86 17.47
N GLY A 85 -16.36 -6.05 17.99
CA GLY A 85 -16.68 -6.40 19.35
C GLY A 85 -18.05 -7.13 19.43
N VAL A 86 -18.61 -7.54 18.28
CA VAL A 86 -19.98 -8.12 18.27
C VAL A 86 -19.87 -9.64 18.45
N ARG A 87 -20.62 -10.22 19.39
CA ARG A 87 -20.49 -11.63 19.65
C ARG A 87 -21.05 -12.39 18.47
N ILE A 88 -20.38 -13.46 18.10
CA ILE A 88 -20.85 -14.38 17.04
C ILE A 88 -21.55 -15.56 17.66
N ALA A 89 -22.74 -15.90 17.11
CA ALA A 89 -23.52 -17.05 17.57
C ALA A 89 -23.14 -18.29 16.79
N ASP A 90 -22.92 -18.18 15.47
CA ASP A 90 -22.61 -19.41 14.65
C ASP A 90 -21.40 -19.13 13.77
N ASP A 91 -20.24 -19.60 14.21
CA ASP A 91 -18.99 -19.37 13.46
C ASP A 91 -18.77 -20.58 12.51
N GLN A 92 -19.83 -21.36 12.24
CA GLN A 92 -19.69 -22.52 11.36
C GLN A 92 -20.30 -22.36 9.98
N ASN A 93 -21.04 -21.27 9.73
CA ASN A 93 -21.89 -21.21 8.56
C ASN A 93 -21.99 -19.81 8.04
N SER A 94 -22.13 -19.69 6.71
CA SER A 94 -22.47 -18.40 6.08
C SER A 94 -23.99 -18.18 6.15
N LEU A 95 -24.39 -16.90 6.03
CA LEU A 95 -25.80 -16.54 5.94
C LEU A 95 -26.29 -16.79 4.51
N ARG A 96 -27.36 -17.58 4.37
CA ARG A 96 -27.89 -17.91 3.05
C ARG A 96 -29.41 -17.89 3.01
N ALA A 97 -30.00 -17.83 1.80
CA ALA A 97 -31.46 -17.80 1.70
C ALA A 97 -31.92 -19.27 1.55
N GLY A 98 -32.31 -19.87 2.70
CA GLY A 98 -32.49 -21.29 2.92
C GLY A 98 -31.18 -22.03 3.08
N SER A 99 -31.24 -23.23 3.66
CA SER A 99 -29.98 -23.90 4.07
C SER A 99 -29.17 -24.56 2.93
N ARG A 100 -29.83 -24.73 1.78
CA ARG A 100 -29.17 -24.99 0.53
C ARG A 100 -29.11 -23.76 -0.44
N GLY A 101 -29.27 -22.54 0.04
CA GLY A 101 -29.35 -21.38 -0.85
C GLY A 101 -28.11 -20.56 -1.06
N PRO A 102 -28.25 -19.43 -1.81
CA PRO A 102 -27.06 -18.67 -2.10
C PRO A 102 -26.64 -17.89 -0.87
N THR A 103 -25.35 -17.59 -0.77
CA THR A 103 -24.87 -16.72 0.26
C THR A 103 -25.26 -15.26 0.04
N LEU A 104 -25.59 -14.58 1.14
CA LEU A 104 -26.11 -13.24 1.08
C LEU A 104 -25.02 -12.20 1.30
N LEU A 105 -25.13 -11.12 0.55
CA LEU A 105 -24.16 -10.03 0.70
C LEU A 105 -24.20 -9.37 2.10
N GLU A 106 -25.36 -9.41 2.76
CA GLU A 106 -25.44 -8.82 4.12
C GLU A 106 -24.74 -9.62 5.24
N ASP A 107 -24.10 -10.74 4.90
CA ASP A 107 -23.30 -11.45 5.89
C ASP A 107 -21.98 -10.77 6.19
N PHE A 108 -22.03 -9.81 7.14
CA PHE A 108 -20.90 -8.96 7.41
C PHE A 108 -19.88 -9.73 8.28
N ILE A 109 -20.31 -10.78 8.97
CA ILE A 109 -19.43 -11.59 9.83
C ILE A 109 -18.53 -12.41 8.96
N LEU A 110 -19.11 -13.12 7.97
CA LEU A 110 -18.35 -13.81 6.94
C LEU A 110 -17.41 -12.81 6.24
N ARG A 111 -17.90 -11.65 5.74
CA ARG A 111 -16.95 -10.85 4.96
C ARG A 111 -15.85 -10.24 5.83
N GLU A 112 -16.11 -9.92 7.08
CA GLU A 112 -14.99 -9.40 7.87
C GLU A 112 -13.90 -10.46 8.05
N LYS A 113 -14.34 -11.66 8.41
CA LYS A 113 -13.44 -12.76 8.67
C LYS A 113 -12.61 -13.12 7.40
N ILE A 114 -13.28 -13.22 6.26
CA ILE A 114 -12.63 -13.50 5.01
C ILE A 114 -11.78 -12.33 4.60
N THR A 115 -12.23 -11.08 4.81
CA THR A 115 -11.42 -9.94 4.34
C THR A 115 -10.12 -9.96 5.13
N HIS A 116 -10.21 -10.19 6.44
CA HIS A 116 -8.95 -10.21 7.21
C HIS A 116 -8.05 -11.33 6.76
N PHE A 117 -8.60 -12.53 6.53
CA PHE A 117 -7.77 -13.62 6.02
C PHE A 117 -7.09 -13.23 4.65
N ASP A 118 -7.87 -12.60 3.79
CA ASP A 118 -7.42 -12.25 2.40
C ASP A 118 -6.29 -11.27 2.37
N HIS A 119 -6.02 -10.61 3.50
CA HIS A 119 -5.02 -9.55 3.57
C HIS A 119 -3.97 -9.84 4.66
N GLU A 120 -3.79 -11.10 4.99
CA GLU A 120 -2.84 -11.43 6.07
C GLU A 120 -1.38 -11.22 5.73
N ARG A 121 -1.04 -11.35 4.47
CA ARG A 121 0.36 -11.34 4.08
C ARG A 121 0.91 -9.94 3.81
N ILE A 122 2.16 -9.75 4.22
CA ILE A 122 2.91 -8.52 3.91
C ILE A 122 4.15 -8.99 3.14
N PRO A 123 4.82 -8.03 2.47
CA PRO A 123 5.95 -8.34 1.61
C PRO A 123 7.03 -8.88 2.55
N GLU A 124 7.68 -10.00 2.20
CA GLU A 124 8.79 -10.50 3.02
C GLU A 124 9.98 -9.56 2.85
N ARG A 125 10.96 -9.63 3.77
CA ARG A 125 12.18 -8.84 3.60
C ARG A 125 12.90 -9.13 2.25
N ILE A 126 13.47 -8.10 1.59
CA ILE A 126 14.20 -8.36 0.29
C ILE A 126 15.27 -9.43 0.42
N VAL A 127 16.08 -9.31 1.49
CA VAL A 127 17.10 -10.34 1.87
C VAL A 127 16.87 -10.73 3.35
N HIS A 128 17.34 -11.88 3.77
CA HIS A 128 17.15 -12.34 5.14
C HIS A 128 15.66 -12.56 5.46
N ALA A 129 14.85 -12.88 4.43
CA ALA A 129 13.39 -13.16 4.64
C ALA A 129 13.16 -14.31 5.60
N ARG A 130 14.08 -15.27 5.64
CA ARG A 130 13.92 -16.43 6.50
C ARG A 130 14.64 -16.19 7.83
N GLY A 131 13.92 -16.12 8.95
CA GLY A 131 14.65 -15.87 10.21
C GLY A 131 13.84 -16.28 11.43
N SER A 132 14.52 -16.43 12.56
CA SER A 132 13.96 -16.90 13.85
C SER A 132 14.45 -15.96 15.00
N ALA A 133 13.56 -15.57 15.90
CA ALA A 133 13.86 -14.46 16.82
C ALA A 133 13.48 -14.82 18.28
N ALA A 134 14.13 -14.13 19.24
CA ALA A 134 13.79 -14.31 20.65
C ALA A 134 14.13 -13.05 21.44
N HIS A 135 13.47 -12.94 22.59
CA HIS A 135 13.73 -11.85 23.56
C HIS A 135 14.86 -12.21 24.52
N GLY A 136 15.53 -11.20 25.07
CA GLY A 136 16.56 -11.47 26.07
C GLY A 136 17.11 -10.17 26.62
N TYR A 137 18.32 -10.19 27.22
CA TYR A 137 18.79 -9.00 27.90
C TYR A 137 20.29 -8.96 27.75
N PHE A 138 20.88 -7.78 27.92
CA PHE A 138 22.30 -7.57 27.76
C PHE A 138 22.76 -6.76 28.95
N GLN A 139 24.00 -6.99 29.36
CA GLN A 139 24.68 -6.14 30.32
C GLN A 139 26.22 -6.18 30.12
N PRO A 140 26.85 -5.02 30.26
CA PRO A 140 28.32 -5.00 30.18
C PRO A 140 28.97 -5.56 31.41
N TYR A 141 30.24 -5.96 31.25
CA TYR A 141 31.02 -6.58 32.32
C TYR A 141 31.56 -5.47 33.22
N LYS A 142 31.86 -4.32 32.59
CA LYS A 142 32.41 -3.17 33.28
C LYS A 142 32.08 -1.89 32.51
N SER A 143 32.14 -0.73 33.16
CA SER A 143 31.82 0.51 32.44
C SER A 143 32.85 0.71 31.33
N LEU A 144 32.40 1.07 30.12
CA LEU A 144 33.29 1.47 29.03
C LEU A 144 33.37 3.01 28.79
N SER A 145 33.02 3.82 29.78
CA SER A 145 33.02 5.28 29.64
C SER A 145 34.36 5.89 29.19
N ASP A 146 35.49 5.19 29.39
CA ASP A 146 36.80 5.62 28.87
C ASP A 146 36.85 5.72 27.34
N ILE A 147 36.12 4.85 26.66
CA ILE A 147 36.14 4.74 25.20
C ILE A 147 34.80 5.13 24.50
N THR A 148 33.68 5.13 25.26
CA THR A 148 32.35 5.43 24.70
C THR A 148 31.39 6.01 25.74
N LYS A 149 30.57 6.99 25.33
CA LYS A 149 29.61 7.55 26.24
C LYS A 149 28.28 6.85 26.06
N ALA A 150 28.25 5.77 25.29
CA ALA A 150 26.98 5.07 25.04
C ALA A 150 26.37 4.60 26.38
N ASP A 151 25.11 4.90 26.66
CA ASP A 151 24.62 4.69 28.01
C ASP A 151 24.54 3.19 28.34
N PHE A 152 24.20 2.40 27.33
CA PHE A 152 24.02 0.96 27.52
C PHE A 152 25.30 0.21 27.82
N LEU A 153 26.42 0.92 27.70
CA LEU A 153 27.73 0.35 28.00
C LEU A 153 28.39 1.04 29.22
N SER A 154 27.60 1.81 29.96
CA SER A 154 28.16 2.69 30.98
C SER A 154 28.15 2.04 32.35
N ASP A 155 27.44 0.92 32.58
CA ASP A 155 27.28 0.47 33.94
C ASP A 155 27.01 -1.02 33.93
N PRO A 156 27.85 -1.80 34.64
CA PRO A 156 27.71 -3.27 34.52
C PRO A 156 26.42 -3.79 35.16
N ASN A 157 25.73 -2.93 35.89
CA ASN A 157 24.41 -3.30 36.47
C ASN A 157 23.18 -2.60 35.83
N LYS A 158 23.37 -2.00 34.66
CA LYS A 158 22.23 -1.56 33.90
C LYS A 158 22.00 -2.58 32.78
N ILE A 159 20.83 -3.18 32.90
CA ILE A 159 20.36 -4.19 32.00
C ILE A 159 19.60 -3.53 30.85
N THR A 160 19.90 -4.00 29.63
CA THR A 160 19.27 -3.49 28.42
C THR A 160 18.55 -4.64 27.78
N PRO A 161 17.20 -4.53 27.61
CA PRO A 161 16.49 -5.58 26.93
C PRO A 161 16.97 -5.72 25.49
N VAL A 162 16.85 -6.91 24.95
CA VAL A 162 17.15 -7.09 23.53
C VAL A 162 16.06 -7.89 22.81
N PHE A 163 16.00 -7.76 21.49
CA PHE A 163 15.26 -8.70 20.63
C PHE A 163 16.20 -9.07 19.53
N VAL A 164 16.43 -10.36 19.32
CA VAL A 164 17.45 -10.81 18.39
C VAL A 164 16.70 -11.63 17.31
N ARG A 165 17.03 -11.36 16.05
CA ARG A 165 16.62 -12.22 14.93
C ARG A 165 17.82 -12.82 14.22
N PHE A 166 17.83 -14.15 14.15
CA PHE A 166 18.81 -14.84 13.31
C PHE A 166 18.20 -15.16 11.95
N SER A 167 19.02 -15.32 10.90
CA SER A 167 18.45 -15.53 9.57
C SER A 167 19.37 -16.21 8.60
N THR A 168 18.81 -16.70 7.50
CA THR A 168 19.60 -16.94 6.30
C THR A 168 19.59 -15.65 5.46
N VAL A 169 20.05 -15.69 4.20
CA VAL A 169 20.09 -14.46 3.39
C VAL A 169 19.26 -14.56 2.09
N GLN A 170 19.39 -15.67 1.38
CA GLN A 170 18.95 -15.72 -0.05
C GLN A 170 17.49 -16.19 -0.09
N GLY A 171 17.12 -17.19 0.73
CA GLY A 171 15.80 -17.80 0.57
C GLY A 171 14.61 -16.99 1.09
N GLY A 172 13.42 -17.39 0.63
CA GLY A 172 12.19 -16.76 1.06
C GLY A 172 11.89 -17.08 2.50
N ALA A 173 10.88 -16.40 3.06
CA ALA A 173 10.44 -16.73 4.45
C ALA A 173 10.00 -18.20 4.69
N GLY A 174 9.54 -18.89 3.67
CA GLY A 174 9.25 -20.31 3.76
C GLY A 174 10.37 -21.26 3.25
N SER A 175 11.64 -20.79 3.11
CA SER A 175 12.72 -21.67 2.66
C SER A 175 13.28 -22.40 3.86
N ALA A 176 14.27 -23.28 3.63
CA ALA A 176 14.70 -24.13 4.72
C ALA A 176 15.81 -23.46 5.55
N ASP A 177 16.01 -23.96 6.78
CA ASP A 177 17.03 -23.44 7.68
C ASP A 177 18.47 -23.79 7.35
N THR A 178 18.68 -25.10 7.09
CA THR A 178 20.08 -25.68 7.08
C THR A 178 20.68 -25.71 5.67
N VAL A 179 20.34 -24.67 4.88
CA VAL A 179 20.99 -24.41 3.57
C VAL A 179 22.44 -23.96 3.80
N ARG A 180 23.25 -24.02 2.75
CA ARG A 180 24.56 -23.33 2.81
C ARG A 180 24.30 -21.89 2.41
N ASP A 181 24.63 -20.95 3.32
CA ASP A 181 24.35 -19.51 3.06
C ASP A 181 25.09 -18.76 4.22
N ILE A 182 25.33 -17.48 4.04
CA ILE A 182 25.63 -16.61 5.20
C ILE A 182 24.40 -16.63 6.13
N ARG A 183 24.62 -16.39 7.43
CA ARG A 183 23.53 -16.23 8.37
C ARG A 183 23.56 -14.80 8.87
N GLY A 184 22.37 -14.22 9.05
CA GLY A 184 22.23 -12.89 9.69
C GLY A 184 22.15 -13.04 11.19
N PHE A 185 22.53 -11.98 11.92
CA PHE A 185 22.50 -12.05 13.42
C PHE A 185 22.26 -10.58 13.81
N ALA A 186 20.99 -10.23 13.94
CA ALA A 186 20.57 -8.84 14.21
C ALA A 186 20.05 -8.72 15.65
N THR A 187 20.59 -7.72 16.37
CA THR A 187 20.20 -7.42 17.77
C THR A 187 19.66 -5.98 17.96
N LYS A 188 18.44 -5.87 18.43
CA LYS A 188 17.83 -4.60 18.75
C LYS A 188 18.01 -4.41 20.25
N PHE A 189 18.75 -3.34 20.61
CA PHE A 189 19.00 -2.99 22.02
C PHE A 189 18.08 -1.83 22.38
N TYR A 190 17.25 -2.00 23.40
CA TYR A 190 16.27 -0.99 23.72
C TYR A 190 16.94 -0.18 24.84
N THR A 191 17.82 0.78 24.45
CA THR A 191 18.58 1.53 25.48
C THR A 191 17.80 2.75 26.03
N GLU A 192 18.27 3.25 27.17
CA GLU A 192 17.64 4.42 27.76
C GLU A 192 17.89 5.67 26.96
N GLU A 193 18.75 5.62 25.94
CA GLU A 193 18.97 6.80 25.07
C GLU A 193 18.67 6.48 23.59
N GLY A 194 17.91 5.42 23.36
CA GLY A 194 17.36 5.18 22.02
C GLY A 194 17.61 3.75 21.61
N ILE A 195 17.00 3.33 20.52
CA ILE A 195 17.22 1.99 20.02
C ILE A 195 18.56 1.98 19.32
N PHE A 196 19.40 0.97 19.60
CA PHE A 196 20.62 0.65 18.85
C PHE A 196 20.40 -0.72 18.23
N ASP A 197 20.46 -0.79 16.91
CA ASP A 197 20.45 -2.09 16.16
C ASP A 197 21.83 -2.44 15.65
N LEU A 198 22.35 -3.57 16.10
CA LEU A 198 23.62 -4.02 15.64
C LEU A 198 23.21 -5.15 14.68
N VAL A 199 23.38 -4.87 13.40
CA VAL A 199 22.84 -5.70 12.34
C VAL A 199 24.00 -6.40 11.65
N GLY A 200 24.30 -7.62 12.12
CA GLY A 200 25.51 -8.33 11.68
C GLY A 200 25.26 -9.63 10.98
N ASN A 201 26.35 -10.29 10.59
CA ASN A 201 26.26 -11.64 9.94
C ASN A 201 27.16 -12.59 10.72
N ASN A 202 27.25 -13.87 10.28
CA ASN A 202 28.09 -14.88 10.97
C ASN A 202 29.50 -15.01 10.34
N THR A 203 29.87 -14.06 9.47
CA THR A 203 31.26 -14.03 9.00
C THR A 203 31.69 -12.57 9.13
N PRO A 204 33.02 -12.29 9.18
CA PRO A 204 33.46 -10.96 9.54
C PRO A 204 33.60 -10.00 8.36
N ILE A 205 33.12 -10.39 7.15
CA ILE A 205 33.24 -9.56 5.97
C ILE A 205 31.97 -9.68 5.12
N PHE A 206 31.94 -8.95 4.02
CA PHE A 206 30.84 -9.15 3.11
C PHE A 206 31.41 -9.46 1.71
N PHE A 207 30.54 -9.87 0.78
CA PHE A 207 30.99 -10.23 -0.57
C PHE A 207 31.51 -9.01 -1.37
N ILE A 208 31.00 -7.79 -1.09
CA ILE A 208 31.24 -6.69 -2.05
C ILE A 208 31.70 -5.45 -1.26
N GLN A 209 32.29 -4.49 -2.00
CA GLN A 209 32.94 -3.30 -1.46
C GLN A 209 32.03 -2.06 -1.43
N ASP A 210 31.14 -1.88 -2.42
CA ASP A 210 30.35 -0.63 -2.41
C ASP A 210 28.86 -0.90 -2.52
N ALA A 211 28.04 -0.24 -1.70
CA ALA A 211 26.57 -0.50 -1.65
C ALA A 211 25.93 -0.42 -3.04
N HIS A 212 26.54 0.31 -3.96
CA HIS A 212 25.91 0.49 -5.29
C HIS A 212 25.75 -0.87 -6.04
N LYS A 213 26.62 -1.82 -5.69
CA LYS A 213 26.61 -3.12 -6.34
C LYS A 213 25.73 -4.11 -5.59
N PHE A 214 25.12 -3.68 -4.49
CA PHE A 214 24.29 -4.64 -3.73
C PHE A 214 23.18 -5.35 -4.56
N PRO A 215 22.39 -4.60 -5.35
CA PRO A 215 21.34 -5.29 -6.15
C PRO A 215 21.97 -6.18 -7.19
N ASP A 216 23.16 -5.83 -7.71
CA ASP A 216 23.80 -6.80 -8.66
C ASP A 216 24.17 -8.09 -7.95
N PHE A 217 24.86 -7.98 -6.81
CA PHE A 217 25.24 -9.20 -6.09
C PHE A 217 24.00 -10.02 -5.68
N VAL A 218 23.02 -9.35 -5.07
CA VAL A 218 21.90 -10.12 -4.53
C VAL A 218 21.08 -10.75 -5.72
N HIS A 219 20.84 -10.00 -6.80
CA HIS A 219 20.19 -10.62 -7.97
C HIS A 219 20.96 -11.88 -8.47
N ALA A 220 22.29 -11.79 -8.47
CA ALA A 220 23.11 -12.95 -8.88
C ALA A 220 22.96 -14.16 -7.95
N VAL A 221 22.94 -13.95 -6.60
CA VAL A 221 22.76 -15.14 -5.71
C VAL A 221 21.33 -15.67 -5.62
N LYS A 222 20.34 -14.78 -5.76
CA LYS A 222 18.90 -15.13 -5.68
C LYS A 222 18.45 -16.08 -6.84
N PRO A 223 17.23 -16.63 -6.74
CA PRO A 223 16.74 -17.46 -7.84
C PRO A 223 16.75 -16.68 -9.14
N GLU A 224 17.12 -17.34 -10.25
CA GLU A 224 17.33 -16.69 -11.54
C GLU A 224 15.99 -16.23 -12.11
N PRO A 225 16.00 -15.10 -12.80
CA PRO A 225 14.71 -14.34 -12.98
C PRO A 225 13.72 -14.99 -13.98
N HIS A 226 14.23 -15.81 -14.92
CA HIS A 226 13.32 -16.40 -15.90
C HIS A 226 12.45 -17.44 -15.18
N TRP A 227 13.07 -18.38 -14.43
CA TRP A 227 12.36 -19.46 -13.77
C TRP A 227 12.24 -19.50 -12.25
N ALA A 228 12.88 -18.57 -11.56
CA ALA A 228 12.87 -18.53 -10.09
C ALA A 228 13.35 -19.86 -9.44
N ILE A 229 14.54 -20.27 -9.92
CA ILE A 229 15.29 -21.40 -9.41
C ILE A 229 16.76 -20.95 -9.30
N PRO A 230 17.51 -21.36 -8.23
CA PRO A 230 17.16 -22.25 -7.12
C PRO A 230 16.90 -21.49 -5.78
N GLN A 231 16.09 -22.08 -4.91
CA GLN A 231 15.83 -21.48 -3.60
C GLN A 231 16.89 -21.88 -2.58
N GLY A 232 17.38 -20.91 -1.82
CA GLY A 232 18.28 -21.25 -0.69
C GLY A 232 19.66 -21.76 -1.11
N GLN A 233 20.16 -21.43 -2.34
CA GLN A 233 21.36 -22.01 -2.87
C GLN A 233 22.11 -21.03 -3.77
N SER A 234 23.44 -20.96 -3.57
CA SER A 234 24.25 -20.18 -4.47
C SER A 234 24.74 -21.10 -5.59
N ALA A 235 24.38 -22.39 -5.51
CA ALA A 235 24.90 -23.37 -6.45
C ALA A 235 24.26 -23.25 -7.88
N HIS A 236 24.50 -22.16 -8.60
CA HIS A 236 23.86 -21.94 -9.89
C HIS A 236 24.65 -20.92 -10.71
N ASP A 237 24.40 -20.87 -12.02
CA ASP A 237 25.24 -20.11 -12.95
C ASP A 237 25.45 -18.65 -12.61
N THR A 238 24.36 -17.94 -12.31
CA THR A 238 24.47 -16.49 -12.14
C THR A 238 25.38 -16.10 -10.98
N PHE A 239 25.33 -16.85 -9.90
CA PHE A 239 26.12 -16.49 -8.75
C PHE A 239 27.63 -16.67 -9.06
N TRP A 240 27.99 -17.83 -9.63
CA TRP A 240 29.41 -18.12 -9.90
C TRP A 240 29.90 -17.25 -11.06
N ASP A 241 28.98 -16.86 -11.98
CA ASP A 241 29.27 -15.84 -13.00
C ASP A 241 29.77 -14.52 -12.34
N TYR A 242 28.93 -13.96 -11.47
CA TYR A 242 29.27 -12.74 -10.75
C TYR A 242 30.56 -12.88 -9.92
N VAL A 243 30.67 -13.95 -9.14
CA VAL A 243 31.92 -14.24 -8.45
C VAL A 243 33.15 -14.23 -9.38
N SER A 244 33.08 -14.95 -10.50
CA SER A 244 34.26 -15.07 -11.40
C SER A 244 34.62 -13.74 -11.98
N LEU A 245 33.67 -12.85 -12.07
CA LEU A 245 33.94 -11.58 -12.65
C LEU A 245 34.20 -10.48 -11.60
N GLN A 246 34.08 -10.78 -10.31
CA GLN A 246 34.19 -9.75 -9.25
C GLN A 246 35.03 -10.35 -8.14
N PRO A 247 36.35 -10.40 -8.33
CA PRO A 247 37.19 -11.13 -7.37
C PRO A 247 37.11 -10.58 -5.93
N GLU A 248 36.64 -9.33 -5.74
CA GLU A 248 36.42 -8.82 -4.36
C GLU A 248 35.53 -9.77 -3.53
N THR A 249 34.73 -10.60 -4.23
CA THR A 249 33.77 -11.48 -3.55
C THR A 249 34.45 -12.74 -2.96
N LEU A 250 35.70 -13.00 -3.32
CA LEU A 250 36.26 -14.33 -3.04
C LEU A 250 36.44 -14.57 -1.54
N HIS A 251 36.73 -13.52 -0.78
CA HIS A 251 36.92 -13.73 0.66
C HIS A 251 35.66 -14.31 1.31
N ASN A 252 34.53 -13.62 1.14
CA ASN A 252 33.28 -14.13 1.80
C ASN A 252 32.79 -15.42 1.15
N VAL A 253 33.10 -15.61 -0.13
CA VAL A 253 32.80 -16.90 -0.73
C VAL A 253 33.59 -18.06 -0.06
N MET A 254 34.87 -17.84 0.24
CA MET A 254 35.62 -18.88 0.95
C MET A 254 34.90 -19.23 2.26
N TRP A 255 34.43 -18.21 3.00
CA TRP A 255 33.76 -18.52 4.25
C TRP A 255 32.48 -19.30 3.95
N ALA A 256 31.75 -18.89 2.92
CA ALA A 256 30.46 -19.54 2.62
C ALA A 256 30.63 -21.02 2.22
N MET A 257 31.74 -21.35 1.53
CA MET A 257 32.03 -22.72 1.08
C MET A 257 32.64 -23.60 2.20
N SER A 258 33.08 -22.99 3.31
CA SER A 258 33.65 -23.67 4.45
C SER A 258 32.43 -24.12 5.24
N ASP A 259 32.66 -24.95 6.26
CA ASP A 259 31.57 -25.31 7.15
C ASP A 259 30.90 -24.13 7.90
N ARG A 260 31.47 -22.92 7.81
CA ARG A 260 30.77 -21.77 8.40
C ARG A 260 29.41 -21.57 7.73
N GLY A 261 29.27 -22.05 6.51
CA GLY A 261 28.05 -21.86 5.73
C GLY A 261 26.88 -22.76 6.19
N ILE A 262 27.14 -23.68 7.12
CA ILE A 262 26.12 -24.68 7.52
C ILE A 262 26.22 -24.93 9.02
N PRO A 263 25.88 -23.92 9.80
CA PRO A 263 26.07 -24.03 11.24
C PRO A 263 25.15 -25.08 11.85
N ARG A 264 25.55 -25.61 13.01
CA ARG A 264 24.72 -26.60 13.72
C ARG A 264 23.46 -26.01 14.33
N SER A 265 23.59 -24.76 14.76
CA SER A 265 22.53 -24.09 15.49
C SER A 265 22.89 -22.59 15.43
N TYR A 266 21.91 -21.70 15.56
CA TYR A 266 22.22 -20.29 15.74
C TYR A 266 23.00 -19.99 17.07
N ARG A 267 22.95 -20.90 18.04
CA ARG A 267 23.68 -20.82 19.32
C ARG A 267 25.17 -21.16 19.14
N THR A 268 25.55 -21.77 18.01
CA THR A 268 26.93 -22.26 17.81
C THR A 268 27.60 -21.64 16.59
N MET A 269 27.29 -20.37 16.33
CA MET A 269 28.05 -19.62 15.30
C MET A 269 28.55 -18.28 15.88
N GLU A 270 29.57 -17.69 15.26
CA GLU A 270 29.99 -16.31 15.61
C GLU A 270 29.11 -15.29 14.95
N GLY A 271 29.14 -14.06 15.48
CA GLY A 271 28.50 -12.88 14.86
C GLY A 271 29.54 -11.77 14.76
N PHE A 272 29.33 -10.85 13.82
CA PHE A 272 30.30 -9.83 13.47
C PHE A 272 29.46 -8.68 12.90
N GLY A 273 29.86 -7.45 13.18
CA GLY A 273 29.21 -6.30 12.59
C GLY A 273 29.74 -6.02 11.18
N ALA A 274 30.89 -6.64 10.87
CA ALA A 274 31.67 -6.52 9.57
C ALA A 274 32.34 -5.12 9.39
N HIS A 275 31.58 -4.05 9.44
CA HIS A 275 32.20 -2.76 9.26
C HIS A 275 32.99 -2.18 10.43
N THR A 276 33.88 -1.26 10.08
CA THR A 276 34.50 -0.50 11.13
C THR A 276 33.49 0.61 11.45
N PHE A 277 33.09 0.72 12.73
CA PHE A 277 32.29 1.82 13.23
C PHE A 277 33.20 2.71 14.08
N ARG A 278 32.66 3.73 14.75
CA ARG A 278 33.42 4.44 15.79
C ARG A 278 32.74 4.41 17.15
N LEU A 279 33.54 4.34 18.22
CA LEU A 279 33.08 4.67 19.56
C LEU A 279 33.56 6.13 19.86
N ILE A 280 32.70 6.95 20.49
CA ILE A 280 33.06 8.35 20.81
C ILE A 280 32.84 8.48 22.34
N ASN A 281 33.90 8.85 23.07
CA ASN A 281 33.82 9.04 24.53
C ASN A 281 33.39 10.49 24.90
N ALA A 282 33.19 10.76 26.19
CA ALA A 282 32.71 12.06 26.69
C ALA A 282 33.62 13.23 26.25
N GLU A 283 34.90 12.95 26.19
CA GLU A 283 35.92 13.88 25.81
C GLU A 283 35.97 14.10 24.29
N GLY A 284 35.16 13.39 23.51
CA GLY A 284 35.16 13.55 22.04
C GLY A 284 36.16 12.70 21.28
N LYS A 285 36.94 11.88 21.99
CA LYS A 285 37.87 11.01 21.30
C LYS A 285 37.13 9.92 20.53
N ALA A 286 37.45 9.74 19.24
CA ALA A 286 37.02 8.61 18.41
C ALA A 286 38.00 7.42 18.39
N THR A 287 37.47 6.23 18.50
CA THR A 287 38.26 5.02 18.42
C THR A 287 37.60 4.16 17.37
N PHE A 288 38.33 3.54 16.45
CA PHE A 288 37.63 2.66 15.51
C PHE A 288 37.29 1.37 16.20
N VAL A 289 36.18 0.75 15.81
CA VAL A 289 35.77 -0.48 16.49
C VAL A 289 35.11 -1.44 15.50
N ARG A 290 35.43 -2.72 15.65
CA ARG A 290 34.60 -3.72 14.97
C ARG A 290 33.95 -4.58 16.01
N PHE A 291 32.70 -4.97 15.77
CA PHE A 291 31.90 -5.74 16.74
C PHE A 291 31.96 -7.24 16.52
N HIS A 292 31.96 -7.98 17.64
CA HIS A 292 32.01 -9.44 17.62
C HIS A 292 31.00 -10.02 18.60
N TRP A 293 30.41 -11.14 18.22
CA TRP A 293 29.63 -11.93 19.21
C TRP A 293 30.26 -13.30 19.26
N LYS A 294 30.65 -13.75 20.47
CA LYS A 294 31.27 -15.05 20.74
C LYS A 294 30.20 -15.99 21.33
N PRO A 295 29.98 -17.16 20.72
CA PRO A 295 28.96 -18.05 21.24
C PRO A 295 29.47 -18.81 22.42
N LEU A 296 28.82 -18.69 23.55
CA LEU A 296 29.29 -19.40 24.73
C LEU A 296 29.03 -20.91 24.70
N ALA A 297 28.12 -21.37 23.82
CA ALA A 297 27.90 -22.78 23.55
C ALA A 297 28.98 -23.30 22.53
N GLY A 298 29.91 -22.43 22.09
CA GLY A 298 31.01 -22.93 21.28
C GLY A 298 30.65 -22.86 19.81
N LYS A 299 31.64 -23.03 18.93
CA LYS A 299 31.46 -23.01 17.46
C LYS A 299 31.23 -24.45 16.91
N ALA A 300 30.16 -24.68 16.19
CA ALA A 300 29.90 -26.03 15.65
C ALA A 300 29.09 -25.93 14.38
N SER A 301 29.45 -26.71 13.38
CA SER A 301 28.71 -26.71 12.13
C SER A 301 28.40 -28.14 11.76
N LEU A 302 27.43 -28.28 10.84
CA LEU A 302 27.03 -29.56 10.22
C LEU A 302 28.04 -29.93 9.15
N VAL A 303 27.88 -31.09 8.52
CA VAL A 303 28.62 -31.43 7.30
C VAL A 303 27.66 -31.38 6.11
N TRP A 304 28.17 -31.22 4.88
CA TRP A 304 27.23 -30.81 3.80
C TRP A 304 26.14 -31.87 3.50
N ASP A 305 26.49 -33.18 3.45
CA ASP A 305 25.47 -34.19 3.15
C ASP A 305 24.34 -34.18 4.19
N GLU A 306 24.73 -33.88 5.43
CA GLU A 306 23.83 -33.85 6.55
C GLU A 306 22.96 -32.61 6.48
N ALA A 307 23.57 -31.45 6.16
CA ALA A 307 22.82 -30.18 6.11
C ALA A 307 21.79 -30.27 5.00
N GLN A 308 22.21 -30.77 3.85
CA GLN A 308 21.31 -30.84 2.71
C GLN A 308 20.16 -31.77 2.95
N LYS A 309 20.47 -32.93 3.48
CA LYS A 309 19.44 -33.89 3.62
C LYS A 309 18.50 -33.34 4.68
N LEU A 310 19.05 -32.54 5.60
CA LEU A 310 18.23 -32.01 6.71
C LEU A 310 17.24 -30.95 6.25
N THR A 311 17.57 -30.20 5.22
CA THR A 311 16.55 -29.25 4.63
C THR A 311 15.32 -30.00 4.13
N GLY A 312 15.45 -31.28 3.85
CA GLY A 312 14.24 -32.06 3.51
C GLY A 312 13.59 -32.72 4.72
N ARG A 313 14.36 -33.31 5.62
CA ARG A 313 13.74 -34.01 6.75
C ARG A 313 13.11 -33.03 7.74
N ASP A 314 13.73 -31.86 7.89
CA ASP A 314 13.20 -30.83 8.78
C ASP A 314 13.69 -29.46 8.33
N PRO A 315 12.98 -28.84 7.36
CA PRO A 315 13.37 -27.49 6.90
C PRO A 315 13.29 -26.43 8.05
N ASP A 316 12.71 -26.81 9.18
CA ASP A 316 12.59 -25.85 10.32
C ASP A 316 13.55 -26.16 11.44
N PHE A 317 14.63 -26.86 11.13
CA PHE A 317 15.48 -27.39 12.21
C PHE A 317 16.08 -26.26 13.11
N HIS A 318 16.61 -25.21 12.53
CA HIS A 318 17.27 -24.19 13.36
C HIS A 318 16.21 -23.34 14.11
N ARG A 319 15.11 -23.00 13.44
CA ARG A 319 14.03 -22.33 14.13
C ARG A 319 13.54 -23.15 15.39
N ARG A 320 13.32 -24.43 15.17
CA ARG A 320 12.82 -25.34 16.22
C ARG A 320 13.82 -25.44 17.36
N GLU A 321 15.11 -25.64 16.99
CA GLU A 321 16.19 -25.86 17.97
C GLU A 321 16.37 -24.63 18.85
N LEU A 322 16.33 -23.42 18.23
CA LEU A 322 16.42 -22.17 19.02
C LEU A 322 15.22 -22.11 20.02
N TRP A 323 13.98 -22.34 19.52
CA TRP A 323 12.75 -22.20 20.37
C TRP A 323 12.80 -23.23 21.52
N GLU A 324 13.29 -24.44 21.22
CA GLU A 324 13.28 -25.51 22.23
C GLU A 324 14.37 -25.32 23.26
N ALA A 325 15.46 -24.73 22.84
CA ALA A 325 16.58 -24.48 23.76
C ALA A 325 16.09 -23.50 24.76
N ILE A 326 15.43 -22.45 24.29
CA ILE A 326 14.88 -21.44 25.22
C ILE A 326 13.84 -22.06 26.16
N GLU A 327 12.89 -22.83 25.61
CA GLU A 327 11.93 -23.53 26.50
C GLU A 327 12.57 -24.48 27.54
N ALA A 328 13.73 -25.06 27.20
CA ALA A 328 14.45 -26.00 28.08
C ALA A 328 15.26 -25.26 29.13
N GLY A 329 15.50 -23.95 28.97
CA GLY A 329 16.42 -23.30 29.89
C GLY A 329 17.84 -23.20 29.38
N ASP A 330 18.12 -23.72 28.16
CA ASP A 330 19.45 -23.71 27.58
C ASP A 330 19.56 -22.39 26.88
N PHE A 331 19.46 -21.29 27.62
CA PHE A 331 19.36 -19.98 26.96
C PHE A 331 20.58 -19.72 26.06
N PRO A 332 20.33 -19.22 24.84
CA PRO A 332 21.48 -18.84 24.03
C PRO A 332 22.26 -17.68 24.68
N GLU A 333 23.60 -17.82 24.83
CA GLU A 333 24.36 -16.73 25.41
C GLU A 333 25.46 -16.38 24.46
N TYR A 334 25.77 -15.07 24.42
CA TYR A 334 26.81 -14.57 23.53
C TYR A 334 27.60 -13.52 24.26
N GLU A 335 28.92 -13.52 24.06
CA GLU A 335 29.73 -12.44 24.59
C GLU A 335 29.95 -11.41 23.50
N LEU A 336 29.57 -10.16 23.75
CA LEU A 336 29.92 -9.01 22.90
C LEU A 336 31.43 -8.68 23.14
N GLY A 337 32.15 -8.50 22.04
CA GLY A 337 33.57 -8.19 22.09
C GLY A 337 33.85 -7.08 21.08
N PHE A 338 34.91 -6.30 21.33
CA PHE A 338 35.29 -5.22 20.41
C PHE A 338 36.74 -5.40 19.99
N GLN A 339 37.00 -5.31 18.70
CA GLN A 339 38.35 -4.96 18.21
C GLN A 339 38.43 -3.44 18.18
N LEU A 340 39.43 -2.87 18.85
CA LEU A 340 39.58 -1.42 18.96
C LEU A 340 40.87 -0.97 18.30
N ILE A 341 40.78 0.08 17.47
CA ILE A 341 41.93 0.61 16.78
C ILE A 341 41.94 2.08 16.97
N PRO A 342 43.02 2.62 17.59
CA PRO A 342 43.14 4.07 17.77
C PRO A 342 43.10 4.75 16.42
N GLU A 343 42.56 5.96 16.41
CA GLU A 343 42.47 6.75 15.20
C GLU A 343 43.80 6.85 14.44
N GLU A 344 44.94 6.98 15.16
CA GLU A 344 46.26 7.19 14.55
C GLU A 344 46.80 5.93 13.85
N ASP A 345 46.09 4.82 14.10
CA ASP A 345 46.45 3.56 13.50
C ASP A 345 45.62 3.17 12.29
N GLU A 346 44.80 4.10 11.78
CA GLU A 346 43.96 3.89 10.61
C GLU A 346 44.69 3.26 9.44
N PHE A 347 45.93 3.71 9.18
CA PHE A 347 46.65 3.30 7.96
C PHE A 347 47.71 2.27 8.23
N LYS A 348 47.70 1.74 9.44
CA LYS A 348 48.81 0.87 9.82
C LYS A 348 48.76 -0.62 9.40
N PHE A 349 47.72 -1.06 8.70
CA PHE A 349 47.70 -2.43 8.23
C PHE A 349 47.89 -2.47 6.73
N ASP A 350 48.12 -3.65 6.15
CA ASP A 350 48.28 -3.59 4.72
C ASP A 350 46.96 -3.73 3.96
N PHE A 351 45.89 -3.68 4.71
CA PHE A 351 44.61 -3.53 4.09
C PHE A 351 43.94 -2.24 4.62
N ASP A 352 42.87 -1.81 3.96
CA ASP A 352 42.13 -0.60 4.35
C ASP A 352 41.11 -0.99 5.40
N LEU A 353 41.13 -0.31 6.55
CA LEU A 353 40.14 -0.59 7.62
C LEU A 353 38.70 -0.39 7.17
N LEU A 354 38.47 0.45 6.17
CA LEU A 354 37.13 0.76 5.76
C LEU A 354 36.64 -0.23 4.66
N ASP A 355 37.43 -1.24 4.30
CA ASP A 355 37.08 -2.16 3.19
C ASP A 355 36.38 -3.37 3.86
N PRO A 356 35.07 -3.54 3.58
CA PRO A 356 34.34 -4.58 4.30
C PRO A 356 34.60 -5.95 3.70
N THR A 357 35.46 -6.05 2.68
CA THR A 357 35.84 -7.43 2.26
C THR A 357 37.12 -7.94 2.98
N LYS A 358 37.64 -7.15 3.92
CA LYS A 358 38.85 -7.46 4.60
C LYS A 358 38.48 -7.70 6.10
N LEU A 359 39.05 -8.72 6.73
CA LEU A 359 38.83 -8.90 8.17
C LEU A 359 40.02 -8.33 8.94
N ILE A 360 39.86 -8.10 10.25
CA ILE A 360 41.02 -7.68 11.08
C ILE A 360 41.43 -8.96 11.83
N PRO A 361 42.61 -9.52 11.52
CA PRO A 361 42.98 -10.79 12.18
C PRO A 361 43.08 -10.55 13.70
N GLU A 362 42.51 -11.43 14.51
CA GLU A 362 42.66 -11.31 15.96
C GLU A 362 44.08 -11.42 16.45
N GLU A 363 44.95 -12.06 15.69
CA GLU A 363 46.37 -12.07 16.07
C GLU A 363 46.94 -10.62 16.04
N LEU A 364 46.37 -9.71 15.25
CA LEU A 364 46.87 -8.31 15.11
C LEU A 364 46.18 -7.37 16.05
N VAL A 365 44.87 -7.56 16.18
CA VAL A 365 44.03 -6.76 17.07
C VAL A 365 43.08 -7.72 17.90
N PRO A 366 43.33 -7.90 19.21
CA PRO A 366 42.51 -8.89 19.93
C PRO A 366 41.09 -8.35 20.16
N VAL A 367 40.16 -9.29 20.33
CA VAL A 367 38.81 -8.92 20.71
C VAL A 367 38.77 -8.69 22.24
N GLN A 368 38.44 -7.47 22.66
CA GLN A 368 38.17 -7.18 24.11
C GLN A 368 36.71 -7.53 24.54
N ARG A 369 36.61 -8.31 25.60
CA ARG A 369 35.31 -8.72 26.16
C ARG A 369 34.56 -7.51 26.65
N VAL A 370 33.29 -7.45 26.30
CA VAL A 370 32.51 -6.28 26.59
C VAL A 370 31.29 -6.61 27.44
N GLY A 371 30.57 -7.69 27.12
CA GLY A 371 29.36 -7.94 27.90
C GLY A 371 28.72 -9.25 27.49
N LYS A 372 27.60 -9.58 28.10
CA LYS A 372 27.01 -10.91 27.83
C LYS A 372 25.56 -10.68 27.47
N MET A 373 25.08 -11.39 26.44
CA MET A 373 23.73 -11.33 26.07
C MET A 373 23.17 -12.71 26.28
N VAL A 374 21.99 -12.73 26.88
CA VAL A 374 21.23 -13.98 27.19
C VAL A 374 19.83 -13.88 26.51
N LEU A 375 19.49 -14.86 25.66
CA LEU A 375 18.15 -14.90 25.08
C LEU A 375 17.28 -15.87 25.89
N ASN A 376 16.29 -15.36 26.61
CA ASN A 376 15.62 -16.20 27.58
C ASN A 376 14.07 -16.24 27.45
N ARG A 377 13.50 -15.69 26.36
CA ARG A 377 12.08 -15.92 26.10
C ARG A 377 11.72 -15.84 24.61
N ASN A 378 10.88 -16.78 24.18
CA ASN A 378 10.42 -16.83 22.83
C ASN A 378 9.27 -15.84 22.68
N PRO A 379 8.96 -15.41 21.45
CA PRO A 379 7.86 -14.41 21.25
C PRO A 379 6.52 -15.14 21.54
N ASP A 380 5.43 -14.35 21.61
CA ASP A 380 4.05 -14.92 21.66
C ASP A 380 3.45 -15.21 20.26
N ASN A 381 3.68 -14.29 19.30
CA ASN A 381 3.14 -14.45 17.93
C ASN A 381 4.26 -14.12 16.94
N PHE A 382 4.70 -15.14 16.17
CA PHE A 382 5.77 -14.97 15.23
C PHE A 382 5.53 -13.81 14.27
N PHE A 383 4.34 -13.70 13.67
CA PHE A 383 4.14 -12.64 12.68
C PHE A 383 4.26 -11.27 13.35
N ALA A 384 3.56 -11.12 14.48
CA ALA A 384 3.52 -9.77 15.13
C ALA A 384 4.89 -9.26 15.59
N GLU A 385 5.67 -10.16 16.21
CA GLU A 385 6.98 -9.83 16.80
C GLU A 385 8.16 -10.09 15.90
N ASN A 386 8.19 -11.28 15.25
CA ASN A 386 9.32 -11.62 14.38
C ASN A 386 9.15 -10.97 12.97
N GLU A 387 8.12 -11.37 12.23
CA GLU A 387 7.98 -10.89 10.87
C GLU A 387 7.95 -9.37 10.77
N GLN A 388 7.26 -8.69 11.71
CA GLN A 388 7.21 -7.22 11.63
C GLN A 388 8.41 -6.45 12.21
N ALA A 389 9.38 -7.16 12.80
CA ALA A 389 10.49 -6.43 13.47
C ALA A 389 11.26 -5.75 12.38
N ALA A 390 11.67 -4.49 12.57
CA ALA A 390 12.55 -3.78 11.65
C ALA A 390 13.90 -3.40 12.31
N PHE A 391 15.00 -3.99 11.83
CA PHE A 391 16.38 -3.69 12.32
C PHE A 391 17.05 -2.81 11.31
N HIS A 392 17.90 -1.89 11.72
CA HIS A 392 18.59 -1.04 10.70
C HIS A 392 19.90 -0.48 11.32
N PRO A 393 21.09 -0.67 10.68
CA PRO A 393 22.36 -0.29 11.32
C PRO A 393 22.58 1.20 11.44
N GLY A 394 21.76 2.00 10.76
CA GLY A 394 21.75 3.45 11.02
C GLY A 394 21.14 3.80 12.39
N HIS A 395 20.52 2.84 13.09
CA HIS A 395 19.87 3.16 14.38
C HIS A 395 20.95 3.06 15.37
N ILE A 396 21.67 4.16 15.53
CA ILE A 396 22.74 4.26 16.51
C ILE A 396 22.40 5.23 17.63
N VAL A 397 23.30 5.34 18.61
CA VAL A 397 23.01 6.16 19.80
C VAL A 397 24.22 7.03 20.13
N PRO A 398 24.02 8.08 20.93
CA PRO A 398 25.21 8.85 21.28
C PRO A 398 26.31 7.96 21.88
N GLY A 399 27.56 8.15 21.43
CA GLY A 399 28.72 7.37 21.91
C GLY A 399 29.09 6.43 20.79
N LEU A 400 28.23 6.30 19.78
CA LEU A 400 28.61 5.55 18.55
C LEU A 400 28.62 6.48 17.35
N ASP A 401 29.29 6.08 16.25
CA ASP A 401 29.19 6.80 14.99
C ASP A 401 29.61 5.85 13.85
N PHE A 402 29.40 6.30 12.62
CA PHE A 402 29.76 5.57 11.38
C PHE A 402 31.21 5.81 10.97
N THR A 403 31.62 5.13 9.88
CA THR A 403 32.80 5.52 9.13
C THR A 403 32.40 5.67 7.70
N ASN A 404 33.38 5.89 6.84
CA ASN A 404 33.18 5.95 5.39
C ASN A 404 33.18 4.64 4.63
N ASP A 405 33.24 3.50 5.30
CA ASP A 405 33.05 2.20 4.64
C ASP A 405 31.90 2.39 3.61
N PRO A 406 32.20 2.20 2.31
CA PRO A 406 31.24 2.53 1.23
C PRO A 406 30.08 1.56 1.12
N LEU A 407 30.19 0.39 1.79
CA LEU A 407 29.08 -0.59 1.87
C LEU A 407 28.18 -0.13 3.01
N LEU A 408 28.77 0.16 4.18
CA LEU A 408 27.98 0.70 5.33
C LEU A 408 27.23 2.00 4.95
N GLN A 409 27.89 2.87 4.21
CA GLN A 409 27.33 4.16 3.85
C GLN A 409 26.00 3.97 3.12
N GLY A 410 25.98 3.03 2.16
CA GLY A 410 24.75 2.83 1.41
C GLY A 410 23.70 2.05 2.16
N ARG A 411 24.14 1.18 3.08
CA ARG A 411 23.15 0.51 3.95
C ARG A 411 22.31 1.54 4.66
N LEU A 412 22.93 2.63 5.08
CA LEU A 412 22.14 3.65 5.81
C LEU A 412 20.91 4.16 5.08
N PHE A 413 20.99 4.24 3.74
CA PHE A 413 19.82 4.62 2.96
C PHE A 413 18.75 3.50 2.97
N SER A 414 19.17 2.26 2.78
CA SER A 414 18.21 1.17 2.47
C SER A 414 17.30 0.78 3.62
N TYR A 415 17.83 0.68 4.85
CA TYR A 415 17.02 0.02 5.91
C TYR A 415 15.84 0.88 6.35
N THR A 416 15.92 2.20 6.13
CA THR A 416 14.79 3.08 6.38
C THR A 416 13.81 2.99 5.20
N ASP A 417 14.34 3.15 4.00
CA ASP A 417 13.55 3.12 2.77
C ASP A 417 12.68 1.80 2.66
N THR A 418 13.28 0.61 2.84
CA THR A 418 12.57 -0.67 2.57
C THR A 418 11.32 -0.86 3.49
N GLN A 419 11.35 -0.35 4.75
CA GLN A 419 10.19 -0.42 5.62
C GLN A 419 8.92 0.28 5.11
N ILE A 420 9.04 1.28 4.20
CA ILE A 420 7.83 1.91 3.66
C ILE A 420 6.88 0.98 2.92
N SER A 421 7.40 0.03 2.16
CA SER A 421 6.54 -1.01 1.58
C SER A 421 6.40 -2.19 2.47
N ARG A 422 7.47 -2.64 3.08
CA ARG A 422 7.40 -3.91 3.83
C ARG A 422 6.42 -3.77 5.01
N LEU A 423 6.48 -2.64 5.68
CA LEU A 423 5.69 -2.43 6.90
C LEU A 423 4.58 -1.38 6.72
N GLY A 424 4.33 -1.00 5.46
CA GLY A 424 3.18 -0.16 5.15
C GLY A 424 3.27 1.35 5.31
N GLY A 425 4.40 1.87 5.79
CA GLY A 425 4.54 3.30 5.83
C GLY A 425 5.51 3.73 6.90
N PRO A 426 5.49 5.02 7.22
CA PRO A 426 6.58 5.54 8.02
C PRO A 426 6.32 5.47 9.57
N ASN A 427 5.16 4.95 10.00
CA ASN A 427 4.92 4.72 11.45
C ASN A 427 5.37 3.31 11.91
N PHE A 428 6.37 2.74 11.22
CA PHE A 428 6.81 1.40 11.60
C PHE A 428 7.38 1.31 13.02
N HIS A 429 7.84 2.43 13.55
CA HIS A 429 8.36 2.45 14.92
C HIS A 429 7.24 2.33 15.95
N GLU A 430 5.98 2.54 15.53
CA GLU A 430 4.81 2.31 16.42
C GLU A 430 4.32 0.82 16.47
N ILE A 431 4.84 -0.04 15.60
CA ILE A 431 4.47 -1.47 15.65
C ILE A 431 5.11 -1.93 16.94
N PRO A 432 4.38 -2.65 17.81
CA PRO A 432 4.80 -2.83 19.21
C PRO A 432 6.22 -3.29 19.38
N ILE A 433 6.61 -4.29 18.60
CA ILE A 433 8.00 -4.85 18.71
C ILE A 433 9.06 -3.77 18.48
N ASN A 434 8.73 -2.80 17.63
CA ASN A 434 9.70 -1.78 17.24
C ASN A 434 9.84 -0.60 18.15
N ARG A 435 8.87 -0.41 19.07
CA ARG A 435 8.79 0.79 19.88
C ARG A 435 9.99 0.89 20.82
N PRO A 436 10.52 2.11 20.98
CA PRO A 436 11.47 2.39 22.04
C PRO A 436 10.77 2.21 23.37
N THR A 437 11.57 1.83 24.37
CA THR A 437 11.09 1.79 25.74
C THR A 437 11.40 3.14 26.41
N CYS A 438 12.35 3.92 25.86
CA CYS A 438 12.69 5.30 26.35
C CYS A 438 11.73 6.32 25.70
N PRO A 439 11.77 7.58 26.17
CA PRO A 439 10.86 8.57 25.60
C PRO A 439 11.09 8.85 24.10
N TYR A 440 10.01 8.97 23.36
CA TYR A 440 10.22 9.54 21.99
C TYR A 440 9.24 10.71 21.81
N HIS A 441 9.72 11.89 21.42
CA HIS A 441 8.81 13.05 21.16
C HIS A 441 9.39 13.90 20.04
N ASN A 442 8.58 14.33 19.09
CA ASN A 442 9.09 15.15 18.01
C ASN A 442 7.88 15.78 17.29
N PHE A 443 8.10 16.45 16.17
CA PHE A 443 7.04 17.18 15.51
C PHE A 443 6.52 16.46 14.25
N GLN A 444 6.99 15.24 14.06
CA GLN A 444 6.49 14.38 12.95
C GLN A 444 5.03 13.95 13.20
N ARG A 445 4.21 13.93 12.14
CA ARG A 445 2.77 13.74 12.33
C ARG A 445 2.25 12.85 11.17
N ASP A 446 1.11 12.22 11.41
CA ASP A 446 0.28 11.55 10.39
C ASP A 446 0.98 10.30 9.82
N GLY A 447 0.83 10.05 8.52
CA GLY A 447 1.30 8.75 8.00
C GLY A 447 0.23 7.64 8.16
N MET A 448 0.29 6.62 7.28
CA MET A 448 -0.64 5.49 7.42
C MET A 448 -0.57 4.83 8.78
N HIS A 449 -1.74 4.37 9.22
CA HIS A 449 -1.88 3.71 10.53
C HIS A 449 -1.16 4.45 11.73
N ARG A 450 -1.34 5.75 11.80
CA ARG A 450 -0.81 6.56 12.90
C ARG A 450 -1.50 6.14 14.23
N MET A 451 -0.71 5.66 15.19
CA MET A 451 -1.24 5.32 16.50
C MET A 451 -1.16 6.51 17.47
N GLY A 452 -0.01 7.15 17.52
CA GLY A 452 0.23 8.19 18.52
C GLY A 452 -0.73 9.36 18.26
N ILE A 453 -1.47 9.77 19.29
CA ILE A 453 -2.32 10.93 19.15
C ILE A 453 -1.61 12.11 19.80
N ASP A 454 -1.07 12.98 18.99
CA ASP A 454 -0.27 14.08 19.58
C ASP A 454 -1.13 15.22 20.16
N THR A 455 -0.84 15.66 21.38
CA THR A 455 -1.62 16.76 21.94
C THR A 455 -0.83 18.09 21.86
N ASN A 456 0.40 18.06 21.38
CA ASN A 456 1.18 19.27 21.28
C ASN A 456 0.46 20.35 20.41
N PRO A 457 0.27 21.57 20.94
CA PRO A 457 -0.35 22.61 20.10
C PRO A 457 0.47 22.86 18.82
N ALA A 458 1.79 22.63 18.92
CA ALA A 458 2.74 22.88 17.84
C ALA A 458 3.11 21.56 17.15
N ASN A 459 3.15 21.61 15.81
CA ASN A 459 3.77 20.50 15.02
C ASN A 459 4.99 20.96 14.22
N TYR A 460 5.67 22.00 14.72
CA TYR A 460 6.85 22.56 14.07
C TYR A 460 7.73 23.19 15.16
N GLU A 461 8.99 23.42 14.83
CA GLU A 461 9.87 24.30 15.66
C GLU A 461 10.82 25.05 14.73
N PRO A 462 11.28 26.26 15.18
CA PRO A 462 10.89 26.85 16.46
C PRO A 462 9.38 27.25 16.63
N ASN A 463 8.85 27.06 17.83
CA ASN A 463 7.49 27.49 18.11
C ASN A 463 7.53 28.23 19.44
N SER A 464 6.71 29.29 19.55
CA SER A 464 6.44 29.91 20.83
C SER A 464 5.18 29.31 21.48
N ILE A 465 4.29 28.66 20.70
CA ILE A 465 2.96 28.37 21.25
C ILE A 465 2.96 27.23 22.22
N ASN A 466 4.05 26.46 22.23
CA ASN A 466 4.27 25.44 23.22
C ASN A 466 5.60 25.69 23.87
N ASP A 467 6.01 26.94 23.88
CA ASP A 467 7.32 27.30 24.45
C ASP A 467 8.42 26.41 23.89
N ASN A 468 8.31 26.13 22.58
CA ASN A 468 9.35 25.41 21.87
C ASN A 468 9.57 23.98 22.29
N TRP A 469 8.59 23.31 22.91
CA TRP A 469 8.82 21.95 23.34
C TRP A 469 8.17 20.97 22.32
N PRO A 470 8.75 19.76 22.14
CA PRO A 470 9.98 19.23 22.73
C PRO A 470 11.19 19.96 22.16
N ARG A 471 12.25 20.10 22.99
CA ARG A 471 13.47 20.84 22.66
C ARG A 471 14.73 20.00 22.32
N GLU A 472 15.52 20.53 21.38
CA GLU A 472 16.85 20.07 21.15
C GLU A 472 17.64 20.04 22.43
N THR A 473 18.62 19.14 22.49
CA THR A 473 19.48 18.96 23.68
C THR A 473 20.93 19.00 23.21
N PRO A 474 21.75 19.87 23.85
CA PRO A 474 23.15 19.92 23.50
C PRO A 474 23.80 18.56 23.72
N PRO A 475 24.87 18.27 22.94
CA PRO A 475 25.60 17.04 23.24
C PRO A 475 26.34 17.16 24.54
N GLY A 476 26.68 16.01 25.12
CA GLY A 476 27.42 16.05 26.36
C GLY A 476 27.71 14.63 26.79
N PRO A 477 28.30 14.50 28.00
CA PRO A 477 28.73 13.23 28.55
C PRO A 477 27.66 12.18 28.64
N LYS A 478 26.42 12.54 28.94
CA LYS A 478 25.33 11.56 29.14
C LYS A 478 24.04 12.28 28.85
N ARG A 479 23.03 11.56 28.30
CA ARG A 479 21.71 12.13 28.00
C ARG A 479 21.80 13.36 27.08
N GLY A 480 22.86 13.45 26.28
CA GLY A 480 23.01 14.63 25.39
C GLY A 480 22.40 14.38 24.01
N GLY A 481 22.28 15.42 23.20
CA GLY A 481 21.83 15.17 21.80
C GLY A 481 22.92 14.48 20.97
N PHE A 482 22.51 13.89 19.86
CA PHE A 482 23.42 13.27 18.96
C PHE A 482 24.16 14.33 18.12
N GLU A 483 25.48 14.31 18.16
CA GLU A 483 26.27 15.15 17.24
C GLU A 483 27.27 14.22 16.51
N SER A 484 27.35 14.29 15.18
CA SER A 484 28.36 13.51 14.44
C SER A 484 29.79 13.90 14.83
N TYR A 485 30.69 12.93 14.86
CA TYR A 485 32.11 13.16 15.00
C TYR A 485 32.57 14.01 13.83
N GLN A 486 33.32 15.07 14.11
CA GLN A 486 33.68 16.04 13.04
C GLN A 486 34.88 15.57 12.22
N GLU A 487 34.72 14.42 11.55
CA GLU A 487 35.74 13.85 10.69
C GLU A 487 36.11 14.80 9.55
N ARG A 488 37.39 14.95 9.25
CA ARG A 488 37.85 15.79 8.11
C ARG A 488 37.52 15.11 6.76
N VAL A 489 36.82 15.79 5.86
CA VAL A 489 36.57 15.27 4.49
C VAL A 489 37.36 16.12 3.50
N GLU A 490 38.16 15.49 2.62
CA GLU A 490 38.94 16.20 1.60
C GLU A 490 38.99 15.33 0.35
N GLY A 491 38.40 15.82 -0.72
CA GLY A 491 38.50 15.03 -1.98
C GLY A 491 37.55 15.60 -2.98
N ASN A 492 37.62 15.17 -4.24
CA ASN A 492 36.63 15.69 -5.16
C ASN A 492 35.39 14.75 -5.20
N LYS A 493 34.27 15.23 -5.76
CA LYS A 493 33.07 14.39 -5.97
C LYS A 493 33.37 13.35 -7.04
N VAL A 494 33.55 12.11 -6.62
CA VAL A 494 33.98 11.07 -7.57
C VAL A 494 33.18 9.80 -7.37
N ARG A 495 32.90 9.08 -8.46
CA ARG A 495 32.48 7.67 -8.34
C ARG A 495 33.70 6.81 -8.65
N GLU A 496 34.43 6.45 -7.62
CA GLU A 496 35.70 5.82 -7.77
C GLU A 496 35.96 4.93 -6.56
N ARG A 497 36.39 3.70 -6.85
CA ARG A 497 36.84 2.77 -5.83
C ARG A 497 38.20 3.19 -5.25
N SER A 498 38.35 3.29 -3.92
CA SER A 498 39.71 3.60 -3.39
C SER A 498 40.74 2.56 -3.94
N PRO A 499 41.91 3.01 -4.46
CA PRO A 499 42.93 2.05 -4.88
C PRO A 499 43.31 1.06 -3.75
N SER A 500 43.24 1.50 -2.49
CA SER A 500 43.63 0.65 -1.37
C SER A 500 42.69 -0.57 -1.25
N PHE A 501 41.52 -0.53 -1.90
CA PHE A 501 40.57 -1.67 -1.82
C PHE A 501 40.91 -2.75 -2.90
N GLY A 502 41.89 -2.45 -3.75
CA GLY A 502 42.06 -3.26 -4.98
C GLY A 502 42.90 -4.47 -4.76
N GLU A 503 42.68 -5.19 -3.67
CA GLU A 503 43.46 -6.39 -3.44
C GLU A 503 42.48 -7.47 -2.95
N TYR A 504 42.53 -8.68 -3.54
CA TYR A 504 41.37 -9.63 -3.43
C TYR A 504 41.71 -11.03 -2.97
N TYR A 505 43.00 -11.35 -2.92
CA TYR A 505 43.41 -12.72 -2.72
C TYR A 505 44.01 -13.00 -1.39
N SER A 506 44.64 -12.01 -0.77
CA SER A 506 45.45 -12.38 0.41
C SER A 506 44.55 -12.76 1.64
N HIS A 507 43.39 -12.10 1.85
CA HIS A 507 42.47 -12.56 2.95
C HIS A 507 41.85 -13.94 2.73
N PRO A 508 41.35 -14.19 1.52
CA PRO A 508 41.02 -15.61 1.17
C PRO A 508 42.15 -16.62 1.50
N ARG A 509 43.38 -16.30 1.12
CA ARG A 509 44.45 -17.23 1.38
C ARG A 509 44.71 -17.36 2.90
N LEU A 510 44.65 -16.24 3.64
CA LEU A 510 44.88 -16.31 5.10
C LEU A 510 43.81 -17.21 5.74
N PHE A 511 42.55 -17.08 5.27
CA PHE A 511 41.45 -17.94 5.80
C PHE A 511 41.72 -19.44 5.50
N TRP A 512 42.12 -19.71 4.27
CA TRP A 512 42.35 -21.09 3.85
C TRP A 512 43.46 -21.73 4.73
N LEU A 513 44.53 -20.98 4.95
CA LEU A 513 45.72 -21.53 5.63
C LEU A 513 45.43 -21.70 7.11
N SER A 514 44.38 -21.04 7.60
CA SER A 514 44.04 -21.05 9.00
C SER A 514 43.08 -22.22 9.34
N GLN A 515 42.59 -22.94 8.32
CA GLN A 515 41.61 -24.06 8.59
C GLN A 515 42.36 -25.37 8.84
N THR A 516 41.74 -26.32 9.55
CA THR A 516 42.39 -27.58 9.75
C THR A 516 42.30 -28.34 8.42
N PRO A 517 43.06 -29.45 8.28
CA PRO A 517 43.00 -30.17 7.00
C PRO A 517 41.61 -30.64 6.69
N PHE A 518 40.83 -31.12 7.67
CA PHE A 518 39.48 -31.57 7.33
C PHE A 518 38.57 -30.39 6.99
N GLU A 519 38.85 -29.21 7.56
CA GLU A 519 38.05 -27.99 7.19
C GLU A 519 38.38 -27.60 5.73
N GLN A 520 39.66 -27.73 5.37
CA GLN A 520 40.10 -27.47 3.98
C GLN A 520 39.42 -28.41 2.99
N ARG A 521 39.41 -29.70 3.33
CA ARG A 521 38.71 -30.71 2.54
C ARG A 521 37.24 -30.32 2.35
N HIS A 522 36.58 -29.86 3.41
CA HIS A 522 35.19 -29.50 3.22
C HIS A 522 34.97 -28.23 2.35
N ILE A 523 35.89 -27.26 2.43
CA ILE A 523 35.90 -26.09 1.52
C ILE A 523 36.04 -26.56 0.05
N VAL A 524 37.02 -27.43 -0.19
CA VAL A 524 37.20 -28.02 -1.52
C VAL A 524 35.89 -28.70 -2.02
N ASP A 525 35.29 -29.52 -1.16
CA ASP A 525 34.05 -30.19 -1.47
C ASP A 525 32.92 -29.22 -1.73
N GLY A 526 32.90 -28.07 -1.03
CA GLY A 526 31.81 -27.10 -1.23
C GLY A 526 31.91 -26.43 -2.60
N PHE A 527 33.08 -25.89 -2.92
CA PHE A 527 33.33 -25.34 -4.28
C PHE A 527 33.09 -26.42 -5.34
N SER A 528 33.62 -27.64 -5.11
CA SER A 528 33.45 -28.70 -6.14
C SER A 528 31.96 -29.01 -6.36
N PHE A 529 31.24 -29.20 -5.26
CA PHE A 529 29.82 -29.46 -5.36
C PHE A 529 29.06 -28.30 -6.05
N GLU A 530 29.35 -27.06 -5.68
CA GLU A 530 28.59 -25.95 -6.21
C GLU A 530 28.89 -25.76 -7.72
N LEU A 531 30.17 -25.77 -8.06
CA LEU A 531 30.52 -25.55 -9.43
C LEU A 531 30.07 -26.68 -10.36
N SER A 532 29.90 -27.88 -9.82
CA SER A 532 29.38 -29.00 -10.61
C SER A 532 27.92 -28.76 -11.07
N LYS A 533 27.22 -27.89 -10.35
CA LYS A 533 25.85 -27.51 -10.67
C LYS A 533 25.78 -26.26 -11.59
N VAL A 534 26.95 -25.70 -11.96
CA VAL A 534 27.01 -24.60 -12.91
C VAL A 534 27.00 -25.26 -14.33
N VAL A 535 25.99 -24.95 -15.11
CA VAL A 535 25.77 -25.56 -16.42
C VAL A 535 26.80 -25.11 -17.44
N ARG A 536 27.21 -23.83 -17.42
CA ARG A 536 28.11 -23.30 -18.42
C ARG A 536 29.54 -23.58 -18.00
N PRO A 537 30.24 -24.47 -18.73
CA PRO A 537 31.59 -24.87 -18.19
C PRO A 537 32.62 -23.73 -18.13
N TYR A 538 32.60 -22.76 -19.04
CA TYR A 538 33.57 -21.68 -18.90
C TYR A 538 33.46 -20.93 -17.55
N ILE A 539 32.28 -20.93 -16.90
CA ILE A 539 32.18 -20.26 -15.63
C ILE A 539 32.98 -21.05 -14.57
N ARG A 540 32.84 -22.38 -14.56
CA ARG A 540 33.67 -23.24 -13.67
C ARG A 540 35.18 -22.99 -13.86
N GLU A 541 35.59 -22.96 -15.11
CA GLU A 541 36.99 -22.70 -15.42
C GLU A 541 37.46 -21.36 -14.84
N ARG A 542 36.65 -20.32 -15.06
CA ARG A 542 37.04 -18.98 -14.63
C ARG A 542 37.08 -18.97 -13.14
N VAL A 543 36.19 -19.72 -12.45
CA VAL A 543 36.28 -19.71 -10.97
C VAL A 543 37.57 -20.39 -10.49
N VAL A 544 37.88 -21.53 -11.09
CA VAL A 544 39.08 -22.30 -10.77
C VAL A 544 40.34 -21.39 -11.00
N ASP A 545 40.34 -20.58 -12.07
CA ASP A 545 41.45 -19.63 -12.32
C ASP A 545 41.54 -18.59 -11.18
N GLN A 546 40.40 -18.17 -10.63
CA GLN A 546 40.45 -17.29 -9.46
C GLN A 546 41.01 -18.04 -8.26
N LEU A 547 40.65 -19.30 -8.06
CA LEU A 547 41.22 -20.08 -6.92
C LEU A 547 42.74 -20.24 -7.02
N ALA A 548 43.24 -20.36 -8.25
CA ALA A 548 44.67 -20.47 -8.47
C ALA A 548 45.46 -19.21 -8.03
N HIS A 549 44.75 -18.08 -7.89
CA HIS A 549 45.36 -16.81 -7.41
C HIS A 549 45.35 -16.74 -5.87
N ILE A 550 44.61 -17.62 -5.23
CA ILE A 550 44.54 -17.71 -3.75
C ILE A 550 45.50 -18.76 -3.20
N ASP A 551 45.36 -19.98 -3.73
CA ASP A 551 46.12 -21.12 -3.27
C ASP A 551 46.06 -22.25 -4.29
N LEU A 552 47.22 -22.70 -4.72
CA LEU A 552 47.32 -23.66 -5.83
C LEU A 552 46.86 -25.04 -5.36
N THR A 553 47.07 -25.41 -4.11
CA THR A 553 46.65 -26.73 -3.60
C THR A 553 45.11 -26.78 -3.63
N LEU A 554 44.50 -25.72 -3.13
CA LEU A 554 43.02 -25.56 -3.21
C LEU A 554 42.56 -25.62 -4.67
N ALA A 555 43.16 -24.80 -5.53
CA ALA A 555 42.76 -24.74 -6.94
C ALA A 555 42.91 -26.12 -7.62
N GLN A 556 44.01 -26.81 -7.38
CA GLN A 556 44.17 -28.14 -7.93
C GLN A 556 43.19 -29.13 -7.43
N ALA A 557 42.84 -29.07 -6.15
CA ALA A 557 41.90 -30.03 -5.58
C ALA A 557 40.45 -29.80 -6.13
N VAL A 558 40.06 -28.54 -6.34
CA VAL A 558 38.76 -28.24 -6.94
C VAL A 558 38.76 -28.65 -8.45
N ALA A 559 39.80 -28.25 -9.18
CA ALA A 559 39.97 -28.62 -10.59
C ALA A 559 39.83 -30.12 -10.85
N LYS A 560 40.51 -30.91 -10.03
CA LYS A 560 40.49 -32.35 -10.13
C LYS A 560 39.05 -32.83 -10.11
N ASN A 561 38.27 -32.36 -9.12
CA ASN A 561 36.86 -32.79 -8.99
C ASN A 561 35.97 -32.40 -10.16
N LEU A 562 36.44 -31.42 -10.93
CA LEU A 562 35.67 -30.86 -12.03
C LEU A 562 36.22 -31.39 -13.35
N GLY A 563 37.26 -32.20 -13.28
CA GLY A 563 37.88 -32.77 -14.48
C GLY A 563 38.57 -31.68 -15.31
N ILE A 564 39.08 -30.67 -14.61
CA ILE A 564 39.78 -29.54 -15.20
C ILE A 564 41.27 -29.76 -14.89
N GLU A 565 42.11 -29.38 -15.84
CA GLU A 565 43.53 -29.45 -15.61
C GLU A 565 44.11 -28.03 -15.65
N LEU A 566 44.82 -27.64 -14.59
CA LEU A 566 45.45 -26.33 -14.57
C LEU A 566 46.53 -26.21 -15.69
N THR A 567 46.64 -25.04 -16.30
CA THR A 567 47.67 -24.75 -17.28
C THR A 567 49.00 -24.49 -16.56
N ASP A 568 50.09 -24.57 -17.33
CA ASP A 568 51.40 -24.21 -16.79
C ASP A 568 51.41 -22.80 -16.22
N ASP A 569 50.82 -21.83 -16.91
CA ASP A 569 50.75 -20.44 -16.43
C ASP A 569 50.04 -20.36 -15.07
N GLN A 570 48.94 -21.11 -14.97
CA GLN A 570 48.12 -21.14 -13.77
C GLN A 570 48.93 -21.71 -12.63
N LEU A 571 49.67 -22.77 -12.91
CA LEU A 571 50.55 -23.40 -11.92
C LEU A 571 51.68 -22.46 -11.49
N ASN A 572 52.00 -21.48 -12.33
CA ASN A 572 53.01 -20.45 -11.98
C ASN A 572 52.56 -19.15 -11.36
N ILE A 573 51.28 -19.02 -11.04
CA ILE A 573 50.78 -17.81 -10.39
C ILE A 573 51.36 -17.68 -8.98
N THR A 574 51.99 -16.54 -8.69
CA THR A 574 52.61 -16.27 -7.39
C THR A 574 51.50 -16.10 -6.39
N PRO A 575 51.58 -16.79 -5.25
CA PRO A 575 50.52 -16.64 -4.24
C PRO A 575 50.52 -15.22 -3.69
N PRO A 576 49.37 -14.77 -3.21
CA PRO A 576 49.34 -13.42 -2.67
C PRO A 576 50.19 -13.28 -1.36
N PRO A 577 50.50 -12.07 -0.96
CA PRO A 577 51.32 -11.85 0.26
C PRO A 577 50.59 -12.30 1.52
N ASP A 578 51.33 -12.62 2.58
CA ASP A 578 50.79 -12.80 3.93
C ASP A 578 50.09 -11.52 4.38
N VAL A 579 49.17 -11.65 5.31
CA VAL A 579 48.52 -10.49 5.89
C VAL A 579 49.35 -9.94 7.05
N ASN A 580 50.05 -8.84 6.82
CA ASN A 580 50.91 -8.26 7.88
C ASN A 580 51.78 -9.32 8.58
N GLY A 581 52.40 -10.19 7.76
CA GLY A 581 53.34 -11.21 8.24
C GLY A 581 52.71 -12.49 8.78
N LEU A 582 51.39 -12.63 8.70
CA LEU A 582 50.73 -13.78 9.33
C LEU A 582 50.62 -14.89 8.30
N LYS A 583 50.98 -16.09 8.73
CA LYS A 583 50.90 -17.31 7.94
C LYS A 583 49.59 -18.03 8.24
N LYS A 584 48.95 -17.65 9.35
CA LYS A 584 47.72 -18.25 9.74
C LYS A 584 47.20 -17.53 10.99
N ASP A 585 45.89 -17.61 11.24
CA ASP A 585 45.31 -17.13 12.45
C ASP A 585 44.26 -18.13 12.87
N PRO A 586 44.51 -18.92 13.90
CA PRO A 586 43.62 -20.04 14.26
C PRO A 586 42.23 -19.65 14.73
N SER A 587 42.04 -18.38 15.08
CA SER A 587 40.73 -17.92 15.45
C SER A 587 39.80 -17.92 14.24
N LEU A 588 40.31 -18.17 13.02
CA LEU A 588 39.44 -18.18 11.80
C LEU A 588 38.83 -19.52 11.58
N SER A 589 39.33 -20.48 12.33
CA SER A 589 38.89 -21.87 12.17
C SER A 589 37.80 -22.16 13.19
N LEU A 590 36.81 -22.99 12.83
CA LEU A 590 35.72 -23.40 13.77
C LEU A 590 36.27 -24.34 14.81
N TYR A 591 37.26 -25.12 14.43
CA TYR A 591 37.62 -26.24 15.27
C TYR A 591 39.09 -26.30 15.78
N ALA A 592 39.97 -25.46 15.26
CA ALA A 592 41.43 -25.65 15.59
C ALA A 592 41.68 -25.58 17.09
N ILE A 593 41.04 -24.61 17.75
CA ILE A 593 41.09 -24.50 19.20
C ILE A 593 39.76 -24.99 19.84
N PRO A 594 39.79 -26.11 20.60
CA PRO A 594 38.54 -26.64 21.20
C PRO A 594 37.80 -25.59 22.02
N ASP A 595 36.47 -25.54 21.87
CA ASP A 595 35.64 -24.63 22.66
C ASP A 595 34.29 -25.30 22.81
N GLY A 596 34.28 -26.63 22.65
CA GLY A 596 33.15 -27.52 23.02
C GLY A 596 32.35 -27.22 24.30
N ASP A 597 31.03 -27.34 24.18
CA ASP A 597 30.12 -27.23 25.32
C ASP A 597 28.97 -28.21 25.04
N VAL A 598 28.78 -29.26 25.84
CA VAL A 598 27.74 -30.22 25.43
C VAL A 598 26.36 -29.84 25.96
N LYS A 599 26.24 -28.84 26.82
CA LYS A 599 24.91 -28.55 27.34
C LYS A 599 23.94 -28.12 26.18
N GLY A 600 22.78 -28.75 26.12
CA GLY A 600 21.73 -28.36 25.18
C GLY A 600 21.79 -29.19 23.93
N ARG A 601 22.86 -30.00 23.79
CA ARG A 601 22.98 -30.98 22.69
C ARG A 601 21.98 -32.10 22.95
N VAL A 602 21.79 -32.97 21.95
CA VAL A 602 20.81 -34.04 22.03
C VAL A 602 21.35 -35.38 21.51
N VAL A 603 20.92 -36.44 22.18
CA VAL A 603 21.26 -37.75 21.79
C VAL A 603 19.98 -38.57 21.38
N ALA A 604 20.11 -39.43 20.35
CA ALA A 604 19.13 -40.47 20.11
C ALA A 604 19.49 -41.75 20.85
N ILE A 605 18.47 -42.34 21.48
CA ILE A 605 18.60 -43.61 22.18
C ILE A 605 17.68 -44.60 21.47
N LEU A 606 18.25 -45.62 20.82
CA LEU A 606 17.40 -46.50 19.99
C LEU A 606 16.90 -47.62 20.91
N LEU A 607 15.60 -47.67 21.14
CA LEU A 607 14.99 -48.62 22.08
C LEU A 607 14.81 -50.01 21.41
N ASN A 608 14.60 -51.04 22.24
CA ASN A 608 14.11 -52.34 21.80
C ASN A 608 12.91 -52.72 22.74
N ASP A 609 12.15 -53.76 22.42
CA ASP A 609 10.97 -54.09 23.25
C ASP A 609 11.25 -54.70 24.66
N GLU A 610 12.52 -54.85 25.02
CA GLU A 610 12.91 -55.33 26.33
C GLU A 610 14.21 -54.63 26.81
N VAL A 611 14.19 -53.29 26.93
CA VAL A 611 15.41 -52.55 27.26
C VAL A 611 15.99 -52.99 28.60
N ARG A 612 17.31 -53.08 28.67
CA ARG A 612 17.93 -53.30 29.98
C ARG A 612 17.89 -51.98 30.79
N SER A 613 17.01 -51.92 31.79
CA SER A 613 16.70 -50.67 32.50
C SER A 613 17.89 -50.13 33.25
N ALA A 614 18.77 -51.04 33.70
CA ALA A 614 20.06 -50.62 34.29
C ALA A 614 20.91 -49.80 33.30
N ASP A 615 20.98 -50.20 32.03
CA ASP A 615 21.69 -49.33 31.03
C ASP A 615 21.06 -47.94 30.93
N LEU A 616 19.75 -47.89 30.79
CA LEU A 616 19.04 -46.61 30.56
C LEU A 616 19.21 -45.63 31.75
N LEU A 617 19.16 -46.19 32.95
CA LEU A 617 19.32 -45.46 34.17
C LEU A 617 20.62 -44.69 34.09
N ALA A 618 21.71 -45.43 33.87
CA ALA A 618 23.04 -44.83 33.86
C ALA A 618 23.17 -43.81 32.71
N ILE A 619 22.57 -44.12 31.56
CA ILE A 619 22.70 -43.28 30.38
C ILE A 619 22.05 -41.98 30.75
N LEU A 620 20.79 -42.05 31.16
CA LEU A 620 20.04 -40.83 31.45
C LEU A 620 20.64 -39.96 32.57
N LYS A 621 21.26 -40.63 33.54
CA LYS A 621 21.80 -39.92 34.65
C LYS A 621 23.06 -39.19 34.22
N ALA A 622 23.95 -39.83 33.46
CA ALA A 622 25.10 -39.10 32.98
C ALA A 622 24.74 -37.91 32.07
N LEU A 623 23.72 -38.07 31.22
CA LEU A 623 23.35 -36.99 30.26
C LEU A 623 22.79 -35.80 31.02
N LYS A 624 21.95 -36.09 32.01
CA LYS A 624 21.33 -35.08 32.81
C LYS A 624 22.36 -34.28 33.54
N ALA A 625 23.40 -34.95 34.04
CA ALA A 625 24.52 -34.29 34.70
C ALA A 625 25.27 -33.27 33.80
N LYS A 626 25.26 -33.46 32.48
CA LYS A 626 25.88 -32.49 31.60
C LYS A 626 24.86 -31.58 30.82
N GLY A 627 23.58 -31.78 31.10
CA GLY A 627 22.48 -31.04 30.48
C GLY A 627 22.36 -31.46 29.02
N VAL A 628 22.60 -32.73 28.75
CA VAL A 628 22.40 -33.23 27.40
C VAL A 628 21.04 -33.92 27.33
N HIS A 629 20.22 -33.56 26.32
CA HIS A 629 18.89 -34.12 26.16
C HIS A 629 18.93 -35.46 25.44
N ALA A 630 17.83 -36.21 25.57
CA ALA A 630 17.67 -37.54 24.96
C ALA A 630 16.32 -37.58 24.22
N LYS A 631 16.27 -38.29 23.10
CA LYS A 631 15.01 -38.61 22.48
C LYS A 631 14.95 -40.14 22.33
N LEU A 632 13.87 -40.74 22.83
CA LEU A 632 13.76 -42.21 22.81
C LEU A 632 13.05 -42.63 21.55
N LEU A 633 13.67 -43.48 20.72
CA LEU A 633 13.16 -43.82 19.40
C LEU A 633 12.86 -45.30 19.26
N TYR A 634 11.88 -45.62 18.44
CA TYR A 634 11.54 -47.01 18.23
C TYR A 634 10.95 -47.18 16.83
N SER A 635 10.50 -48.39 16.51
CA SER A 635 10.01 -48.62 15.15
C SER A 635 8.51 -48.32 15.00
N ARG A 636 7.83 -47.91 16.08
CA ARG A 636 6.41 -47.50 16.03
C ARG A 636 6.24 -46.49 17.15
N MET A 637 5.10 -45.83 17.29
CA MET A 637 4.92 -44.92 18.41
C MET A 637 4.28 -45.71 19.56
N GLY A 638 3.96 -45.02 20.65
CA GLY A 638 3.30 -45.64 21.82
C GLY A 638 4.31 -45.84 22.92
N GLU A 639 4.38 -47.05 23.46
CA GLU A 639 5.24 -47.36 24.60
C GLU A 639 5.94 -48.70 24.39
N VAL A 640 7.09 -48.85 25.03
CA VAL A 640 7.66 -50.18 25.24
C VAL A 640 7.86 -50.34 26.75
N THR A 641 7.93 -51.59 27.21
CA THR A 641 8.19 -51.90 28.62
C THR A 641 9.59 -52.47 28.77
N ALA A 642 10.34 -51.89 29.69
CA ALA A 642 11.69 -52.29 29.94
C ALA A 642 11.73 -53.60 30.80
N ASP A 643 12.92 -54.15 30.98
CA ASP A 643 13.05 -55.42 31.71
C ASP A 643 12.44 -55.42 33.13
N ASP A 644 12.36 -54.26 33.76
CA ASP A 644 11.93 -54.20 35.14
C ASP A 644 10.51 -53.66 35.21
N GLY A 645 9.79 -53.68 34.09
CA GLY A 645 8.40 -53.16 34.09
C GLY A 645 8.20 -51.65 33.87
N THR A 646 9.30 -50.91 33.75
CA THR A 646 9.25 -49.46 33.49
C THR A 646 8.62 -49.23 32.11
N VAL A 647 7.55 -48.47 32.07
CA VAL A 647 6.96 -48.15 30.77
C VAL A 647 7.67 -46.92 30.10
N LEU A 648 8.25 -47.14 28.91
CA LEU A 648 9.00 -46.10 28.21
C LEU A 648 8.18 -45.44 27.06
N PRO A 649 7.83 -44.14 27.17
CA PRO A 649 7.12 -43.53 26.03
C PRO A 649 8.06 -43.20 24.87
N ILE A 650 7.59 -43.40 23.63
CA ILE A 650 8.42 -43.23 22.44
C ILE A 650 8.24 -41.85 21.84
N ALA A 651 9.34 -41.16 21.61
CA ALA A 651 9.30 -39.78 21.12
C ALA A 651 8.98 -39.72 19.64
N ALA A 652 9.54 -40.66 18.90
CA ALA A 652 9.44 -40.67 17.43
C ALA A 652 9.93 -42.01 16.88
N THR A 653 9.70 -42.31 15.60
CA THR A 653 10.23 -43.54 14.96
C THR A 653 11.64 -43.24 14.44
N PHE A 654 12.39 -44.28 14.10
CA PHE A 654 13.72 -44.10 13.56
C PHE A 654 13.69 -43.25 12.29
N ALA A 655 12.64 -43.45 11.48
CA ALA A 655 12.41 -42.64 10.26
C ALA A 655 11.90 -41.22 10.60
N GLY A 656 11.12 -41.09 11.66
CA GLY A 656 10.52 -39.76 12.00
C GLY A 656 11.48 -38.74 12.56
N ALA A 657 12.51 -39.25 13.24
CA ALA A 657 13.50 -38.36 13.81
C ALA A 657 14.89 -38.87 13.46
N PRO A 658 15.37 -38.62 12.22
CA PRO A 658 16.62 -39.25 11.77
C PRO A 658 17.85 -38.76 12.51
N SER A 659 18.96 -39.46 12.28
CA SER A 659 20.22 -39.14 12.95
C SER A 659 20.64 -37.71 12.67
N LEU A 660 20.20 -37.15 11.54
CA LEU A 660 20.46 -35.75 11.23
C LEU A 660 20.13 -34.77 12.35
N THR A 661 19.12 -35.10 13.18
CA THR A 661 18.55 -34.18 14.15
C THR A 661 19.20 -34.37 15.48
N VAL A 662 20.19 -35.23 15.57
CA VAL A 662 20.84 -35.41 16.89
C VAL A 662 22.38 -35.31 16.82
N ASP A 663 23.03 -35.25 17.99
CA ASP A 663 24.51 -35.07 18.05
C ASP A 663 25.30 -36.39 18.19
N ALA A 664 24.62 -37.46 18.57
CA ALA A 664 25.28 -38.74 18.87
C ALA A 664 24.20 -39.77 19.07
N VAL A 665 24.57 -41.04 18.98
CA VAL A 665 23.58 -42.12 19.03
C VAL A 665 23.98 -43.17 20.07
N ILE A 666 23.06 -43.56 20.93
CA ILE A 666 23.34 -44.57 21.93
C ILE A 666 22.36 -45.72 21.72
N VAL A 667 22.84 -46.96 21.76
CA VAL A 667 21.98 -48.09 21.69
C VAL A 667 22.23 -48.91 22.97
N PRO A 668 21.25 -48.90 23.89
CA PRO A 668 21.31 -49.71 25.09
C PRO A 668 21.10 -51.21 24.83
N OCS A 669 21.58 -52.05 25.73
CA OCS A 669 21.30 -53.47 25.62
CB OCS A 669 22.15 -54.20 26.64
SG OCS A 669 22.13 -56.01 26.54
C OCS A 669 19.83 -53.83 25.82
O OCS A 669 18.99 -53.03 26.26
OD1 OCS A 669 21.06 -56.49 27.34
OD2 OCS A 669 21.99 -56.48 25.20
OD3 OCS A 669 23.39 -56.42 27.06
N GLY A 670 19.49 -55.06 25.50
CA GLY A 670 18.14 -55.54 25.70
C GLY A 670 17.88 -56.66 24.72
N ASN A 671 16.64 -56.78 24.28
CA ASN A 671 16.27 -57.64 23.17
C ASN A 671 16.70 -57.06 21.78
N ILE A 672 18.00 -57.12 21.48
CA ILE A 672 18.57 -56.59 20.23
C ILE A 672 17.99 -57.28 19.02
N ALA A 673 17.66 -58.55 19.15
CA ALA A 673 17.02 -59.26 18.02
C ALA A 673 15.82 -58.51 17.49
N ASP A 674 15.09 -57.82 18.39
CA ASP A 674 13.91 -57.03 18.01
C ASP A 674 14.24 -56.00 16.89
N ILE A 675 15.40 -55.39 16.96
CA ILE A 675 15.79 -54.31 16.02
C ILE A 675 17.02 -54.64 15.11
N ALA A 676 17.60 -55.83 15.26
CA ALA A 676 18.80 -56.21 14.54
C ALA A 676 18.66 -56.18 13.02
N ASP A 677 17.49 -56.60 12.53
CA ASP A 677 17.20 -56.64 11.09
C ASP A 677 16.21 -55.56 10.67
N ASN A 678 16.04 -54.52 11.49
CA ASN A 678 15.21 -53.39 11.11
C ASN A 678 16.10 -52.44 10.26
N GLY A 679 15.63 -52.19 9.03
CA GLY A 679 16.42 -51.41 8.06
C GLY A 679 16.67 -49.99 8.54
N ASP A 680 15.62 -49.38 9.08
CA ASP A 680 15.69 -48.02 9.56
C ASP A 680 16.66 -47.91 10.77
N ALA A 681 16.68 -48.89 11.67
CA ALA A 681 17.59 -48.83 12.78
C ALA A 681 19.00 -48.96 12.32
N ASN A 682 19.25 -49.90 11.42
CA ASN A 682 20.59 -50.06 10.87
C ASN A 682 21.01 -48.80 10.10
N TYR A 683 20.09 -48.28 9.32
CA TYR A 683 20.45 -47.10 8.51
C TYR A 683 20.76 -45.91 9.43
N TYR A 684 19.98 -45.75 10.49
CA TYR A 684 20.22 -44.71 11.53
C TYR A 684 21.72 -44.61 11.93
N LEU A 685 22.29 -45.78 12.19
CA LEU A 685 23.68 -45.88 12.61
C LEU A 685 24.63 -45.57 11.44
N MET A 686 24.28 -46.09 10.25
CA MET A 686 25.07 -45.79 9.04
C MET A 686 25.12 -44.29 8.69
N GLU A 687 23.98 -43.60 8.83
CA GLU A 687 23.92 -42.14 8.55
C GLU A 687 24.73 -41.37 9.60
N ALA A 688 24.57 -41.74 10.90
CA ALA A 688 25.29 -41.07 11.97
C ALA A 688 26.79 -41.34 11.80
N TYR A 689 27.12 -42.59 11.44
CA TYR A 689 28.52 -42.90 11.22
C TYR A 689 29.10 -42.01 10.11
N LYS A 690 28.43 -41.96 8.95
CA LYS A 690 28.87 -41.18 7.76
C LYS A 690 29.13 -39.71 8.17
N HIS A 691 28.27 -39.20 9.05
CA HIS A 691 28.27 -37.76 9.42
C HIS A 691 29.13 -37.50 10.64
N LEU A 692 29.90 -38.52 11.05
CA LEU A 692 31.01 -38.33 12.00
C LEU A 692 30.54 -38.12 13.42
N LYS A 693 29.35 -38.64 13.75
CA LYS A 693 28.83 -38.46 15.10
C LYS A 693 29.26 -39.65 15.96
N PRO A 694 29.52 -39.39 17.23
CA PRO A 694 29.73 -40.43 18.20
C PRO A 694 28.58 -41.46 18.25
N ILE A 695 28.95 -42.74 18.35
CA ILE A 695 27.97 -43.81 18.52
C ILE A 695 28.43 -44.62 19.73
N ALA A 696 27.50 -45.06 20.56
CA ALA A 696 27.83 -45.84 21.75
C ALA A 696 26.96 -47.11 21.79
N LEU A 697 27.60 -48.27 21.99
CA LEU A 697 26.87 -49.58 21.87
C LEU A 697 27.14 -50.37 23.15
N ALA A 698 26.09 -50.74 23.87
CA ALA A 698 26.21 -51.45 25.16
C ALA A 698 25.75 -52.89 25.03
N GLY A 699 26.52 -53.80 25.65
CA GLY A 699 26.17 -55.23 25.69
C GLY A 699 25.96 -55.76 24.30
N ASP A 700 24.83 -56.44 24.10
CA ASP A 700 24.51 -57.03 22.80
C ASP A 700 24.27 -56.01 21.67
N ALA A 701 24.20 -54.74 21.99
CA ALA A 701 24.08 -53.72 20.93
C ALA A 701 25.35 -53.63 20.07
N ARG A 702 26.47 -54.11 20.62
CA ARG A 702 27.72 -54.28 19.87
C ARG A 702 27.58 -55.16 18.60
N LYS A 703 26.54 -55.97 18.51
CA LYS A 703 26.25 -56.70 17.24
C LYS A 703 26.11 -55.71 16.05
N PHE A 704 25.75 -54.46 16.35
CA PHE A 704 25.62 -53.43 15.27
C PHE A 704 26.97 -52.98 14.71
N LYS A 705 28.06 -53.25 15.41
CA LYS A 705 29.36 -52.93 14.87
C LYS A 705 29.54 -53.46 13.42
N ALA A 706 28.97 -54.63 13.10
CA ALA A 706 29.06 -55.15 11.73
C ALA A 706 28.40 -54.22 10.70
N THR A 707 27.34 -53.49 11.06
CA THR A 707 26.69 -52.62 10.05
C THR A 707 27.53 -51.46 9.53
N ILE A 708 28.36 -50.93 10.43
CA ILE A 708 29.26 -49.85 10.12
C ILE A 708 30.70 -50.33 10.11
N LYS A 709 30.91 -51.63 9.95
CA LYS A 709 32.24 -52.20 9.69
C LYS A 709 33.36 -51.78 10.67
N ILE A 710 33.08 -51.88 11.97
CA ILE A 710 34.05 -51.62 13.03
C ILE A 710 34.78 -52.94 13.31
N ALA A 711 36.12 -52.92 13.31
CA ALA A 711 36.89 -54.11 13.67
C ALA A 711 36.68 -54.46 15.14
N ASP A 712 36.89 -55.72 15.49
CA ASP A 712 36.70 -56.17 16.87
C ASP A 712 37.47 -55.37 17.90
N GLN A 713 38.70 -54.96 17.58
CA GLN A 713 39.52 -54.10 18.45
C GLN A 713 38.78 -52.79 18.82
N GLY A 714 37.80 -52.41 18.00
CA GLY A 714 37.04 -51.14 18.15
C GLY A 714 37.73 -49.99 17.44
N GLU A 715 37.23 -48.78 17.59
CA GLU A 715 37.88 -47.63 16.98
C GLU A 715 37.49 -46.37 17.68
N GLU A 716 38.37 -45.37 17.57
CA GLU A 716 38.15 -44.07 18.16
C GLU A 716 36.86 -43.47 17.56
N GLY A 717 35.96 -43.08 18.44
CA GLY A 717 34.67 -42.55 18.06
C GLY A 717 33.46 -43.46 18.16
N ILE A 718 33.70 -44.76 18.39
CA ILE A 718 32.67 -45.74 18.73
C ILE A 718 32.91 -46.19 20.17
N VAL A 719 31.95 -45.88 21.04
CA VAL A 719 32.08 -46.28 22.45
C VAL A 719 31.46 -47.66 22.62
N GLU A 720 32.19 -48.57 23.27
CA GLU A 720 31.65 -49.92 23.49
C GLU A 720 32.01 -50.51 24.87
N ALA A 721 31.10 -51.25 25.47
CA ALA A 721 31.38 -51.94 26.75
C ALA A 721 30.30 -52.97 26.96
N ASP A 722 30.51 -53.84 27.95
CA ASP A 722 29.51 -54.83 28.37
C ASP A 722 28.21 -54.21 28.81
N SER A 723 28.32 -53.02 29.41
CA SER A 723 27.14 -52.22 29.77
C SER A 723 27.43 -50.72 29.76
N ALA A 724 26.37 -49.92 29.87
CA ALA A 724 26.51 -48.48 29.94
C ALA A 724 26.85 -48.07 31.34
N ASP A 725 28.11 -47.97 31.68
CA ASP A 725 28.51 -47.61 33.05
C ASP A 725 29.12 -46.21 33.09
N GLY A 726 29.88 -45.95 34.15
CA GLY A 726 30.43 -44.62 34.40
C GLY A 726 31.35 -44.33 33.26
N SER A 727 32.27 -45.26 33.08
CA SER A 727 33.26 -45.14 32.06
C SER A 727 32.69 -44.93 30.61
N PHE A 728 31.75 -45.78 30.22
CA PHE A 728 31.06 -45.75 28.90
C PHE A 728 30.52 -44.31 28.62
N MET A 729 29.77 -43.75 29.56
CA MET A 729 29.18 -42.40 29.40
C MET A 729 30.22 -41.28 29.38
N ASP A 730 31.21 -41.35 30.27
CA ASP A 730 32.30 -40.38 30.28
C ASP A 730 32.93 -40.37 28.90
N GLU A 731 33.20 -41.57 28.35
CA GLU A 731 33.78 -41.59 27.01
C GLU A 731 32.94 -40.91 25.94
N LEU A 732 31.65 -41.21 25.97
CA LEU A 732 30.72 -40.71 24.99
C LEU A 732 30.65 -39.21 25.09
N LEU A 733 30.53 -38.71 26.34
CA LEU A 733 30.48 -37.31 26.59
C LEU A 733 31.74 -36.52 26.21
N THR A 734 32.91 -37.15 26.34
CA THR A 734 34.13 -36.55 25.88
C THR A 734 34.14 -36.35 24.33
N LEU A 735 33.69 -37.38 23.61
CA LEU A 735 33.53 -37.25 22.17
C LEU A 735 32.54 -36.19 21.77
N MET A 736 31.44 -36.09 22.49
CA MET A 736 30.45 -35.09 22.21
C MET A 736 31.00 -33.67 22.43
N ALA A 737 31.87 -33.52 23.41
CA ALA A 737 32.53 -32.24 23.61
C ALA A 737 33.43 -31.89 22.41
N ALA A 738 33.98 -32.89 21.71
CA ALA A 738 34.76 -32.61 20.53
C ALA A 738 33.90 -32.45 19.23
N HIS A 739 32.58 -32.58 19.40
CA HIS A 739 31.56 -32.31 18.35
C HIS A 739 31.39 -33.45 17.31
N ARG A 740 32.44 -33.74 16.53
CA ARG A 740 32.38 -34.76 15.50
C ARG A 740 33.71 -35.53 15.53
N VAL A 741 33.74 -36.69 14.92
CA VAL A 741 34.92 -37.55 14.96
C VAL A 741 35.68 -37.44 13.62
N TRP A 742 36.60 -36.47 13.55
CA TRP A 742 37.16 -36.05 12.27
C TRP A 742 38.12 -37.16 11.76
N SER A 743 38.72 -37.91 12.69
CA SER A 743 39.67 -38.95 12.34
C SER A 743 38.95 -40.05 11.57
N ARG A 744 37.62 -40.09 11.61
CA ARG A 744 36.87 -41.11 10.89
C ARG A 744 36.78 -40.82 9.39
N ILE A 745 37.05 -39.58 8.98
CA ILE A 745 36.78 -39.20 7.60
C ILE A 745 37.30 -40.18 6.52
N PRO A 746 38.54 -40.71 6.64
CA PRO A 746 39.00 -41.72 5.61
C PRO A 746 38.11 -42.97 5.53
N LYS A 747 37.34 -43.26 6.57
CA LYS A 747 36.56 -44.48 6.61
C LYS A 747 35.14 -44.36 6.01
N ILE A 748 34.66 -43.12 5.77
CA ILE A 748 33.29 -42.92 5.32
C ILE A 748 33.00 -43.04 3.81
N ASP A 749 33.97 -42.74 2.94
CA ASP A 749 33.72 -42.82 1.48
C ASP A 749 33.39 -44.24 0.95
N LYS A 750 33.79 -45.27 1.68
CA LYS A 750 33.48 -46.67 1.34
C LYS A 750 32.05 -47.09 1.72
N ILE A 751 31.53 -46.59 2.86
CA ILE A 751 30.13 -46.89 3.29
C ILE A 751 29.02 -46.36 2.31
N PRO A 752 28.13 -47.26 1.87
CA PRO A 752 26.97 -46.86 1.07
C PRO A 752 25.85 -46.32 1.98
N ALA A 753 25.88 -45.02 2.24
CA ALA A 753 24.91 -44.36 3.09
C ALA A 753 24.70 -42.93 2.61
N SER B 28 -31.68 5.76 -28.40
CA SER B 28 -30.45 6.62 -28.35
C SER B 28 -30.67 7.94 -27.58
N LEU B 29 -29.66 8.35 -26.78
CA LEU B 29 -29.82 9.42 -25.76
C LEU B 29 -29.29 10.82 -26.16
N ALA B 30 -28.34 10.84 -27.10
CA ALA B 30 -27.82 12.07 -27.65
C ALA B 30 -28.93 12.90 -28.32
N PRO B 31 -28.75 14.24 -28.37
CA PRO B 31 -29.72 14.96 -29.20
C PRO B 31 -29.50 14.71 -30.72
N GLU B 32 -30.64 14.57 -31.42
CA GLU B 32 -30.76 14.70 -32.89
C GLU B 32 -29.77 15.68 -33.54
N ASP B 33 -29.73 16.90 -33.04
CA ASP B 33 -28.89 17.94 -33.67
C ASP B 33 -27.37 17.84 -33.40
N GLY B 34 -26.93 16.85 -32.59
CA GLY B 34 -25.48 16.64 -32.32
C GLY B 34 -24.79 17.68 -31.42
N SER B 35 -25.56 18.59 -30.79
CA SER B 35 -25.03 19.63 -29.89
C SER B 35 -24.46 19.10 -28.55
N HIS B 36 -24.49 17.78 -28.33
CA HIS B 36 -23.80 17.18 -27.18
C HIS B 36 -22.27 17.16 -27.36
N ARG B 37 -21.77 17.17 -28.60
CA ARG B 37 -20.32 16.98 -28.92
C ARG B 37 -19.63 18.31 -29.33
N PRO B 38 -18.60 18.78 -28.57
CA PRO B 38 -17.84 20.01 -28.92
C PRO B 38 -17.15 19.87 -30.28
N ALA B 39 -17.14 20.92 -31.10
CA ALA B 39 -16.39 20.90 -32.39
C ALA B 39 -14.89 20.72 -32.11
N ALA B 40 -14.24 19.92 -32.97
CA ALA B 40 -12.83 19.61 -32.87
C ALA B 40 -11.97 20.69 -33.57
N GLU B 41 -12.10 21.94 -33.08
CA GLU B 41 -11.49 23.11 -33.71
C GLU B 41 -11.40 24.15 -32.60
N PRO B 42 -10.39 25.02 -32.66
CA PRO B 42 -10.25 25.98 -31.56
C PRO B 42 -11.47 26.89 -31.42
N THR B 43 -11.95 27.10 -30.21
CA THR B 43 -13.20 27.86 -30.03
C THR B 43 -12.99 28.67 -28.76
N PRO B 44 -13.59 29.88 -28.71
CA PRO B 44 -13.29 30.75 -27.57
C PRO B 44 -13.93 30.28 -26.27
N PRO B 45 -13.52 30.85 -25.07
CA PRO B 45 -14.11 30.27 -23.85
C PRO B 45 -15.59 30.38 -23.79
N GLY B 46 -16.23 29.28 -23.38
CA GLY B 46 -17.70 29.21 -23.28
C GLY B 46 -18.50 28.89 -24.56
N ALA B 47 -17.85 28.73 -25.70
CA ALA B 47 -18.61 28.57 -26.97
C ALA B 47 -19.08 27.11 -27.15
N GLN B 48 -18.33 26.17 -26.55
CA GLN B 48 -18.57 24.74 -26.68
C GLN B 48 -18.31 24.10 -25.34
N PRO B 49 -18.93 22.92 -25.09
CA PRO B 49 -18.51 22.24 -23.89
C PRO B 49 -17.01 21.83 -24.00
N THR B 50 -16.28 21.89 -22.89
CA THR B 50 -14.86 21.46 -22.89
C THR B 50 -14.79 19.92 -23.01
N ALA B 51 -13.62 19.47 -23.47
CA ALA B 51 -13.49 18.07 -23.91
C ALA B 51 -12.08 17.61 -23.63
N PRO B 52 -11.88 16.29 -23.50
CA PRO B 52 -10.51 15.75 -23.41
C PRO B 52 -9.68 16.14 -24.62
N GLY B 53 -8.38 16.34 -24.40
CA GLY B 53 -7.46 16.95 -25.38
C GLY B 53 -7.39 16.23 -26.72
N SER B 54 -7.41 14.89 -26.72
CA SER B 54 -7.27 14.16 -28.01
C SER B 54 -8.62 14.24 -28.80
N LEU B 55 -9.75 14.53 -28.11
CA LEU B 55 -10.99 14.71 -28.88
C LEU B 55 -11.18 16.14 -29.35
N LYS B 56 -10.73 17.12 -28.53
CA LYS B 56 -10.77 18.55 -28.88
C LYS B 56 -9.83 18.89 -30.04
N ALA B 57 -8.63 18.31 -29.97
CA ALA B 57 -7.48 18.67 -30.82
C ALA B 57 -6.70 17.44 -31.28
N PRO B 58 -7.36 16.60 -32.08
CA PRO B 58 -6.78 15.29 -32.35
C PRO B 58 -5.55 15.37 -33.27
N ASP B 59 -5.38 16.48 -33.99
CA ASP B 59 -4.18 16.58 -34.86
C ASP B 59 -3.05 17.41 -34.23
N THR B 60 -3.17 17.76 -32.95
CA THR B 60 -2.07 18.41 -32.24
C THR B 60 -1.29 17.20 -31.77
N ARG B 61 -0.08 17.06 -32.24
CA ARG B 61 0.72 15.88 -31.95
C ARG B 61 2.14 16.31 -31.43
N ASN B 62 2.77 15.47 -30.61
CA ASN B 62 4.18 15.56 -30.34
C ASN B 62 4.56 14.12 -29.99
N GLU B 63 5.84 13.86 -29.86
CA GLU B 63 6.33 12.50 -29.71
C GLU B 63 5.76 11.80 -28.43
N LYS B 64 5.61 12.56 -27.35
CA LYS B 64 5.10 12.00 -26.06
C LYS B 64 3.63 11.70 -26.25
N LEU B 65 2.93 12.64 -26.88
CA LEU B 65 1.45 12.40 -27.08
C LEU B 65 1.20 11.20 -27.93
N ASN B 66 2.00 11.05 -28.98
CA ASN B 66 1.91 9.86 -29.83
C ASN B 66 2.26 8.56 -29.11
N SER B 67 3.27 8.62 -28.26
CA SER B 67 3.67 7.41 -27.56
C SER B 67 2.67 6.98 -26.46
N LEU B 68 1.75 7.85 -26.08
CA LEU B 68 0.64 7.42 -25.18
C LEU B 68 -0.49 6.62 -25.86
N GLU B 69 -0.43 6.51 -27.19
CA GLU B 69 -1.48 5.85 -27.96
C GLU B 69 -1.68 4.41 -27.55
N ASP B 70 -0.67 3.72 -27.04
CA ASP B 70 -0.81 2.33 -26.58
C ASP B 70 -1.77 2.18 -25.38
N VAL B 71 -1.97 3.27 -24.62
CA VAL B 71 -2.80 3.18 -23.43
C VAL B 71 -4.10 3.99 -23.52
N ARG B 72 -4.21 4.89 -24.52
CA ARG B 72 -5.43 5.68 -24.73
C ARG B 72 -6.59 4.78 -25.07
N LYS B 73 -7.70 4.95 -24.40
CA LYS B 73 -8.79 3.99 -24.58
C LYS B 73 -10.04 4.76 -25.01
N GLY B 74 -10.54 4.49 -26.22
CA GLY B 74 -11.81 5.06 -26.75
C GLY B 74 -13.08 4.49 -26.09
N SER B 75 -14.22 4.51 -26.78
CA SER B 75 -15.50 4.13 -26.11
C SER B 75 -16.67 3.90 -27.07
N GLU B 76 -16.69 4.72 -28.14
CA GLU B 76 -17.82 4.72 -29.08
C GLU B 76 -17.92 3.40 -29.82
N ASN B 77 -19.15 2.87 -29.85
CA ASN B 77 -19.39 1.61 -30.50
C ASN B 77 -18.82 0.37 -29.82
N TYR B 78 -18.44 0.48 -28.55
CA TYR B 78 -17.97 -0.68 -27.79
C TYR B 78 -19.04 -1.14 -26.77
N ALA B 79 -19.03 -2.43 -26.48
CA ALA B 79 -19.92 -3.01 -25.53
C ALA B 79 -19.41 -2.67 -24.11
N LEU B 80 -20.31 -2.38 -23.19
CA LEU B 80 -19.95 -2.27 -21.79
C LEU B 80 -19.52 -3.67 -21.23
N THR B 81 -18.35 -3.71 -20.61
CA THR B 81 -17.86 -4.96 -20.02
C THR B 81 -17.34 -4.85 -18.59
N THR B 82 -17.11 -6.02 -17.98
CA THR B 82 -16.33 -6.06 -16.76
C THR B 82 -14.87 -5.76 -17.16
N ASN B 83 -13.97 -5.63 -16.17
CA ASN B 83 -12.54 -5.42 -16.44
C ASN B 83 -11.92 -6.65 -17.05
N GLN B 84 -12.57 -7.80 -16.83
CA GLN B 84 -12.16 -9.03 -17.43
C GLN B 84 -12.73 -9.25 -18.84
N GLY B 85 -13.42 -8.26 -19.40
CA GLY B 85 -13.88 -8.41 -20.83
C GLY B 85 -15.25 -9.08 -20.98
N VAL B 86 -15.98 -9.29 -19.88
CA VAL B 86 -17.30 -9.96 -19.99
C VAL B 86 -18.35 -8.88 -20.20
N ARG B 87 -19.14 -9.02 -21.27
CA ARG B 87 -20.24 -8.09 -21.60
C ARG B 87 -21.28 -8.07 -20.51
N ILE B 88 -21.70 -6.85 -20.14
CA ILE B 88 -22.76 -6.67 -19.13
C ILE B 88 -24.10 -6.46 -19.84
N ALA B 89 -25.11 -7.24 -19.43
CA ALA B 89 -26.48 -7.11 -19.88
C ALA B 89 -27.25 -6.04 -19.13
N ASP B 90 -27.16 -6.03 -17.79
CA ASP B 90 -27.96 -5.03 -17.09
C ASP B 90 -27.04 -4.27 -16.13
N ASP B 91 -26.72 -3.02 -16.49
CA ASP B 91 -25.85 -2.18 -15.62
C ASP B 91 -26.68 -1.26 -14.67
N GLN B 92 -27.94 -1.60 -14.43
CA GLN B 92 -28.85 -0.82 -13.59
C GLN B 92 -29.24 -1.54 -12.30
N ASN B 93 -28.93 -2.85 -12.15
CA ASN B 93 -29.44 -3.63 -10.99
C ASN B 93 -28.44 -4.61 -10.40
N SER B 94 -28.53 -4.81 -9.06
CA SER B 94 -27.79 -5.92 -8.41
C SER B 94 -28.54 -7.22 -8.62
N LEU B 95 -27.85 -8.36 -8.48
CA LEU B 95 -28.48 -9.67 -8.54
C LEU B 95 -29.08 -9.95 -7.15
N ARG B 96 -30.34 -10.32 -7.12
CA ARG B 96 -31.04 -10.52 -5.85
C ARG B 96 -31.99 -11.70 -5.94
N ALA B 97 -32.28 -12.27 -4.78
CA ALA B 97 -33.20 -13.41 -4.77
C ALA B 97 -34.62 -12.85 -4.73
N GLY B 98 -35.26 -12.73 -5.90
CA GLY B 98 -36.58 -12.03 -6.01
C GLY B 98 -36.31 -10.54 -6.30
N SER B 99 -37.18 -9.86 -7.09
CA SER B 99 -36.99 -8.42 -7.35
C SER B 99 -37.07 -7.52 -6.10
N ARG B 100 -37.61 -7.99 -4.95
CA ARG B 100 -37.47 -7.24 -3.69
C ARG B 100 -36.58 -7.98 -2.66
N GLY B 101 -35.72 -8.89 -3.11
CA GLY B 101 -34.95 -9.72 -2.21
C GLY B 101 -33.55 -9.16 -1.84
N PRO B 102 -32.82 -9.93 -1.04
CA PRO B 102 -31.48 -9.57 -0.70
C PRO B 102 -30.53 -9.74 -1.90
N THR B 103 -29.45 -8.96 -1.89
CA THR B 103 -28.43 -9.00 -2.92
C THR B 103 -27.55 -10.19 -2.64
N LEU B 104 -27.14 -10.88 -3.73
CA LEU B 104 -26.41 -12.11 -3.61
C LEU B 104 -24.91 -11.95 -3.75
N LEU B 105 -24.17 -12.71 -2.90
CA LEU B 105 -22.70 -12.62 -2.92
C LEU B 105 -22.18 -12.97 -4.29
N GLU B 106 -22.90 -13.81 -5.04
CA GLU B 106 -22.34 -14.25 -6.35
C GLU B 106 -22.41 -13.12 -7.41
N ASP B 107 -22.86 -11.91 -7.02
CA ASP B 107 -22.94 -10.83 -8.03
C ASP B 107 -21.55 -10.25 -8.22
N PHE B 108 -20.79 -10.88 -9.13
CA PHE B 108 -19.38 -10.46 -9.31
C PHE B 108 -19.33 -9.19 -10.16
N ILE B 109 -20.38 -8.92 -10.92
CA ILE B 109 -20.39 -7.68 -11.72
C ILE B 109 -20.51 -6.46 -10.77
N LEU B 110 -21.49 -6.54 -9.88
CA LEU B 110 -21.61 -5.49 -8.90
C LEU B 110 -20.28 -5.30 -8.10
N ARG B 111 -19.74 -6.39 -7.55
CA ARG B 111 -18.59 -6.30 -6.65
C ARG B 111 -17.35 -5.76 -7.37
N GLU B 112 -17.13 -6.19 -8.61
CA GLU B 112 -15.95 -5.61 -9.30
C GLU B 112 -16.14 -4.10 -9.46
N LYS B 113 -17.33 -3.70 -9.91
CA LYS B 113 -17.64 -2.26 -10.17
C LYS B 113 -17.55 -1.38 -8.85
N ILE B 114 -18.17 -1.87 -7.79
CA ILE B 114 -18.00 -1.27 -6.43
C ILE B 114 -16.56 -1.36 -5.88
N THR B 115 -15.86 -2.47 -6.05
CA THR B 115 -14.44 -2.53 -5.61
C THR B 115 -13.59 -1.47 -6.27
N HIS B 116 -13.73 -1.28 -7.60
CA HIS B 116 -12.87 -0.34 -8.27
C HIS B 116 -13.17 1.07 -7.78
N PHE B 117 -14.46 1.41 -7.70
CA PHE B 117 -14.94 2.65 -7.04
C PHE B 117 -14.32 2.86 -5.63
N ASP B 118 -14.35 1.82 -4.79
CA ASP B 118 -13.99 1.93 -3.40
C ASP B 118 -12.53 2.17 -3.28
N HIS B 119 -11.82 1.96 -4.38
CA HIS B 119 -10.34 2.16 -4.33
C HIS B 119 -9.81 3.22 -5.28
N GLU B 120 -10.65 4.16 -5.63
CA GLU B 120 -10.23 5.13 -6.67
C GLU B 120 -9.17 6.11 -6.23
N ARG B 121 -9.13 6.46 -4.96
CA ARG B 121 -8.27 7.54 -4.51
C ARG B 121 -6.86 7.06 -4.13
N ILE B 122 -5.85 7.87 -4.46
CA ILE B 122 -4.48 7.65 -4.04
C ILE B 122 -4.11 8.87 -3.16
N PRO B 123 -2.99 8.78 -2.37
CA PRO B 123 -2.62 9.86 -1.46
C PRO B 123 -2.35 11.06 -2.36
N GLU B 124 -2.77 12.26 -1.94
CA GLU B 124 -2.38 13.50 -2.68
C GLU B 124 -0.94 13.87 -2.37
N ARG B 125 -0.35 14.75 -3.18
CA ARG B 125 1.00 15.21 -2.93
C ARG B 125 1.07 15.87 -1.54
N ILE B 126 2.18 15.62 -0.84
CA ILE B 126 2.33 16.30 0.47
C ILE B 126 2.16 17.78 0.39
N VAL B 127 2.76 18.40 -0.64
CA VAL B 127 2.60 19.84 -0.88
C VAL B 127 2.36 19.97 -2.40
N HIS B 128 1.79 21.10 -2.85
CA HIS B 128 1.37 21.29 -4.22
C HIS B 128 0.29 20.27 -4.63
N ALA B 129 -0.56 19.83 -3.71
CA ALA B 129 -1.58 18.87 -4.11
C ALA B 129 -2.59 19.46 -5.11
N ARG B 130 -2.75 20.80 -5.11
CA ARG B 130 -3.69 21.45 -6.03
C ARG B 130 -2.96 21.91 -7.29
N GLY B 131 -3.28 21.34 -8.43
CA GLY B 131 -2.54 21.72 -9.63
C GLY B 131 -3.21 21.36 -10.95
N SER B 132 -2.76 22.02 -12.03
CA SER B 132 -3.45 21.95 -13.31
C SER B 132 -2.35 21.82 -14.37
N ALA B 133 -2.52 20.91 -15.34
CA ALA B 133 -1.41 20.50 -16.21
C ALA B 133 -1.82 20.45 -17.68
N ALA B 134 -0.83 20.53 -18.57
CA ALA B 134 -1.10 20.51 -20.03
C ALA B 134 0.14 20.04 -20.72
N HIS B 135 -0.05 19.42 -21.89
CA HIS B 135 1.07 19.02 -22.81
C HIS B 135 1.54 20.19 -23.71
N GLY B 136 2.82 20.19 -24.07
CA GLY B 136 3.31 21.17 -25.07
C GLY B 136 4.67 20.75 -25.57
N TYR B 137 5.45 21.70 -26.05
CA TYR B 137 6.78 21.33 -26.59
C TYR B 137 7.72 22.49 -26.30
N PHE B 138 9.03 22.21 -26.32
CA PHE B 138 10.02 23.25 -26.14
C PHE B 138 11.00 23.16 -27.32
N GLN B 139 11.56 24.31 -27.70
CA GLN B 139 12.51 24.36 -28.74
C GLN B 139 13.53 25.47 -28.44
N PRO B 140 14.83 25.20 -28.59
CA PRO B 140 15.77 26.29 -28.24
C PRO B 140 15.82 27.33 -29.34
N TYR B 141 16.36 28.49 -29.00
CA TYR B 141 16.59 29.56 -30.03
C TYR B 141 17.92 29.38 -30.81
N LYS B 142 18.83 28.68 -30.20
CA LYS B 142 20.17 28.46 -30.77
C LYS B 142 20.88 27.27 -30.06
N SER B 143 21.91 26.73 -30.68
CA SER B 143 22.73 25.69 -30.02
C SER B 143 23.42 26.31 -28.80
N LEU B 144 23.29 25.65 -27.65
CA LEU B 144 24.06 26.04 -26.49
C LEU B 144 25.25 25.14 -26.19
N SER B 145 25.72 24.37 -27.16
CA SER B 145 26.81 23.46 -26.89
C SER B 145 28.08 24.14 -26.33
N ASP B 146 28.26 25.46 -26.50
CA ASP B 146 29.45 26.12 -25.92
C ASP B 146 29.40 26.05 -24.39
N ILE B 147 28.21 26.06 -23.83
CA ILE B 147 28.08 26.09 -22.36
C ILE B 147 27.46 24.82 -21.73
N THR B 148 26.74 24.02 -22.54
CA THR B 148 26.13 22.76 -22.03
C THR B 148 26.11 21.65 -23.06
N LYS B 149 26.43 20.42 -22.63
CA LYS B 149 26.26 19.28 -23.53
C LYS B 149 24.86 18.69 -23.46
N ALA B 150 23.90 19.38 -22.80
CA ALA B 150 22.53 18.79 -22.67
C ALA B 150 21.92 18.64 -24.08
N ASP B 151 21.46 17.43 -24.41
CA ASP B 151 21.10 17.18 -25.82
C ASP B 151 19.87 18.00 -26.26
N PHE B 152 18.92 18.22 -25.37
CA PHE B 152 17.74 19.03 -25.75
C PHE B 152 18.02 20.55 -26.06
N LEU B 153 19.25 20.99 -25.73
CA LEU B 153 19.68 22.37 -25.97
C LEU B 153 20.77 22.45 -27.03
N SER B 154 21.00 21.34 -27.76
CA SER B 154 22.11 21.27 -28.71
C SER B 154 21.79 21.85 -30.07
N ASP B 155 20.52 22.10 -30.39
CA ASP B 155 20.20 22.47 -31.77
C ASP B 155 18.80 23.16 -31.80
N PRO B 156 18.64 24.29 -32.51
CA PRO B 156 17.30 24.90 -32.46
C PRO B 156 16.22 24.07 -33.16
N ASN B 157 16.61 23.05 -33.93
CA ASN B 157 15.58 22.22 -34.55
C ASN B 157 15.24 21.05 -33.63
N LYS B 158 15.87 20.99 -32.45
CA LYS B 158 15.50 19.94 -31.52
C LYS B 158 14.19 20.28 -30.77
N ILE B 159 13.13 19.54 -31.07
CA ILE B 159 11.84 19.77 -30.42
C ILE B 159 11.68 18.77 -29.26
N THR B 160 11.44 19.28 -28.04
CA THR B 160 11.32 18.38 -26.85
C THR B 160 9.89 18.43 -26.37
N PRO B 161 9.21 17.28 -26.32
CA PRO B 161 7.83 17.35 -25.74
C PRO B 161 7.93 17.71 -24.27
N VAL B 162 6.92 18.41 -23.76
CA VAL B 162 6.88 18.70 -22.29
C VAL B 162 5.50 18.41 -21.74
N PHE B 163 5.45 18.17 -20.42
CA PHE B 163 4.21 18.14 -19.70
C PHE B 163 4.49 19.10 -18.51
N VAL B 164 3.62 20.10 -18.33
CA VAL B 164 3.79 21.14 -17.30
C VAL B 164 2.64 21.06 -16.31
N ARG B 165 2.96 21.16 -15.02
CA ARG B 165 1.85 21.20 -14.01
C ARG B 165 2.07 22.44 -13.21
N PHE B 166 1.07 23.34 -13.18
CA PHE B 166 1.13 24.51 -12.32
C PHE B 166 0.39 24.18 -11.04
N SER B 167 0.76 24.79 -9.93
CA SER B 167 0.06 24.40 -8.69
C SER B 167 0.09 25.54 -7.67
N THR B 168 -0.76 25.45 -6.64
CA THR B 168 -0.52 26.14 -5.36
C THR B 168 0.39 25.28 -4.50
N VAL B 169 0.48 25.55 -3.20
CA VAL B 169 1.45 24.88 -2.35
C VAL B 169 0.78 24.23 -1.11
N GLN B 170 -0.03 25.03 -0.41
CA GLN B 170 -0.51 24.67 0.95
C GLN B 170 -1.75 23.77 0.81
N GLY B 171 -2.70 24.12 -0.05
CA GLY B 171 -4.04 23.53 0.08
C GLY B 171 -4.11 22.12 -0.48
N GLY B 172 -5.16 21.37 -0.15
CA GLY B 172 -5.27 20.04 -0.74
C GLY B 172 -5.73 20.05 -2.20
N ALA B 173 -5.86 18.85 -2.78
CA ALA B 173 -6.25 18.74 -4.23
C ALA B 173 -7.62 19.34 -4.53
N GLY B 174 -8.50 19.35 -3.51
CA GLY B 174 -9.82 19.98 -3.55
C GLY B 174 -9.94 21.41 -3.11
N SER B 175 -8.80 22.09 -2.85
CA SER B 175 -8.82 23.50 -2.48
C SER B 175 -8.92 24.46 -3.69
N ALA B 176 -9.03 25.75 -3.40
CA ALA B 176 -9.33 26.72 -4.43
C ALA B 176 -8.06 27.23 -5.13
N ASP B 177 -8.24 27.74 -6.34
CA ASP B 177 -7.11 28.18 -7.15
C ASP B 177 -6.59 29.58 -6.74
N THR B 178 -7.50 30.55 -6.61
CA THR B 178 -7.06 31.95 -6.44
C THR B 178 -6.75 32.39 -5.00
N VAL B 179 -6.18 31.44 -4.22
CA VAL B 179 -5.67 31.75 -2.87
C VAL B 179 -4.43 32.68 -2.96
N ARG B 180 -4.05 33.32 -1.85
CA ARG B 180 -2.72 33.87 -1.72
C ARG B 180 -1.73 32.80 -1.27
N ASP B 181 -0.79 32.47 -2.15
CA ASP B 181 0.08 31.28 -1.89
C ASP B 181 1.23 31.46 -2.89
N ILE B 182 2.35 30.77 -2.69
CA ILE B 182 3.33 30.53 -3.79
C ILE B 182 2.68 29.60 -4.83
N ARG B 183 3.12 29.68 -6.08
CA ARG B 183 2.62 28.76 -7.08
C ARG B 183 3.80 27.95 -7.56
N GLY B 184 3.57 26.67 -7.78
CA GLY B 184 4.53 25.76 -8.41
C GLY B 184 4.44 25.83 -9.93
N PHE B 185 5.55 25.50 -10.61
CA PHE B 185 5.63 25.55 -12.08
C PHE B 185 6.68 24.46 -12.42
N ALA B 186 6.19 23.25 -12.73
CA ALA B 186 6.97 22.09 -12.86
C ALA B 186 6.89 21.66 -14.31
N THR B 187 8.05 21.42 -14.93
CA THR B 187 8.11 21.07 -16.38
C THR B 187 8.86 19.74 -16.55
N LYS B 188 8.21 18.73 -17.12
CA LYS B 188 8.89 17.49 -17.43
C LYS B 188 9.32 17.56 -18.90
N PHE B 189 10.65 17.56 -19.17
CA PHE B 189 11.20 17.59 -20.52
C PHE B 189 11.47 16.15 -20.92
N TYR B 190 10.81 15.68 -21.94
CA TYR B 190 11.06 14.28 -22.37
C TYR B 190 12.20 14.33 -23.39
N THR B 191 13.45 14.25 -22.93
CA THR B 191 14.53 14.45 -23.89
C THR B 191 15.04 13.10 -24.51
N GLU B 192 15.92 13.23 -25.52
CA GLU B 192 16.53 12.06 -26.08
C GLU B 192 17.55 11.40 -25.21
N GLU B 193 17.95 12.06 -24.12
CA GLU B 193 18.97 11.48 -23.24
C GLU B 193 18.47 11.35 -21.82
N GLY B 194 17.14 11.27 -21.66
CA GLY B 194 16.60 11.24 -20.30
C GLY B 194 15.51 12.28 -20.03
N ILE B 195 14.70 12.00 -19.03
CA ILE B 195 13.69 12.96 -18.50
C ILE B 195 14.47 14.02 -17.74
N PHE B 196 14.24 15.30 -18.08
CA PHE B 196 14.73 16.34 -17.19
C PHE B 196 13.51 17.04 -16.59
N ASP B 197 13.42 17.05 -15.25
CA ASP B 197 12.35 17.79 -14.59
C ASP B 197 12.90 19.09 -13.99
N LEU B 198 12.34 20.20 -14.45
CA LEU B 198 12.70 21.50 -13.92
C LEU B 198 11.53 21.91 -13.01
N VAL B 199 11.76 21.84 -11.71
CA VAL B 199 10.67 21.88 -10.72
C VAL B 199 10.78 23.19 -9.99
N GLY B 200 10.05 24.16 -10.50
CA GLY B 200 10.20 25.56 -10.03
C GLY B 200 8.95 26.12 -9.38
N ASN B 201 9.02 27.38 -8.97
CA ASN B 201 7.90 28.13 -8.39
C ASN B 201 7.83 29.50 -9.05
N ASN B 202 6.84 30.32 -8.68
CA ASN B 202 6.69 31.65 -9.29
C ASN B 202 7.39 32.80 -8.59
N THR B 203 8.33 32.49 -7.67
CA THR B 203 9.18 33.52 -7.06
C THR B 203 10.58 32.91 -7.16
N PRO B 204 11.61 33.77 -7.06
CA PRO B 204 12.94 33.26 -7.36
C PRO B 204 13.73 32.75 -6.16
N ILE B 205 13.09 32.62 -4.98
CA ILE B 205 13.72 32.12 -3.79
C ILE B 205 12.80 31.21 -3.07
N PHE B 206 13.31 30.61 -1.99
CA PHE B 206 12.40 29.94 -1.08
C PHE B 206 12.37 30.54 0.33
N PHE B 207 11.43 30.03 1.15
CA PHE B 207 11.28 30.53 2.52
C PHE B 207 12.43 30.08 3.43
N ILE B 208 13.02 28.93 3.14
CA ILE B 208 14.01 28.45 4.09
C ILE B 208 15.33 28.03 3.47
N GLN B 209 16.33 27.93 4.32
CA GLN B 209 17.68 27.68 3.87
C GLN B 209 18.10 26.22 3.77
N ASP B 210 17.63 25.37 4.69
CA ASP B 210 18.16 23.96 4.75
C ASP B 210 16.97 23.01 4.73
N ALA B 211 17.05 22.02 3.84
CA ALA B 211 16.04 21.00 3.68
C ALA B 211 15.59 20.40 5.02
N HIS B 212 16.49 20.32 5.98
CA HIS B 212 16.14 19.71 7.26
C HIS B 212 14.97 20.46 7.90
N LYS B 213 14.81 21.76 7.65
CA LYS B 213 13.64 22.45 8.28
C LYS B 213 12.33 22.42 7.39
N PHE B 214 12.37 21.75 6.27
CA PHE B 214 11.17 21.74 5.40
C PHE B 214 9.84 21.26 6.11
N PRO B 215 9.90 20.13 6.84
CA PRO B 215 8.70 19.74 7.60
C PRO B 215 8.27 20.75 8.63
N ASP B 216 9.19 21.50 9.22
CA ASP B 216 8.79 22.56 10.18
C ASP B 216 8.03 23.66 9.48
N PHE B 217 8.61 24.26 8.42
CA PHE B 217 7.97 25.31 7.71
C PHE B 217 6.62 24.82 7.11
N VAL B 218 6.63 23.63 6.53
CA VAL B 218 5.39 23.18 5.88
C VAL B 218 4.30 22.90 6.91
N HIS B 219 4.63 22.24 8.01
CA HIS B 219 3.66 22.11 9.11
C HIS B 219 3.19 23.50 9.59
N ALA B 220 4.09 24.47 9.68
CA ALA B 220 3.62 25.81 10.17
C ALA B 220 2.55 26.44 9.24
N VAL B 221 2.75 26.31 7.93
CA VAL B 221 1.88 26.97 6.92
C VAL B 221 0.57 26.24 6.66
N LYS B 222 0.64 24.91 6.75
CA LYS B 222 -0.49 24.02 6.56
C LYS B 222 -1.54 24.19 7.67
N PRO B 223 -2.72 23.57 7.50
CA PRO B 223 -3.79 23.74 8.49
C PRO B 223 -3.31 23.17 9.82
N GLU B 224 -3.70 23.85 10.90
CA GLU B 224 -3.10 23.57 12.23
C GLU B 224 -3.56 22.21 12.74
N PRO B 225 -2.71 21.51 13.51
CA PRO B 225 -2.99 20.04 13.63
C PRO B 225 -4.22 19.64 14.45
N HIS B 226 -4.67 20.48 15.38
CA HIS B 226 -5.78 20.05 16.27
C HIS B 226 -7.11 19.95 15.46
N TRP B 227 -7.37 20.98 14.66
CA TRP B 227 -8.66 21.14 13.98
C TRP B 227 -8.59 21.20 12.44
N ALA B 228 -7.39 21.16 11.87
CA ALA B 228 -7.19 21.17 10.40
C ALA B 228 -7.84 22.43 9.75
N ILE B 229 -7.54 23.59 10.33
CA ILE B 229 -7.94 24.89 9.80
C ILE B 229 -6.64 25.72 9.83
N PRO B 230 -6.42 26.59 8.81
CA PRO B 230 -7.25 26.91 7.63
C PRO B 230 -6.71 26.33 6.30
N GLN B 231 -7.62 26.15 5.35
CA GLN B 231 -7.23 25.62 4.06
C GLN B 231 -6.79 26.74 3.13
N GLY B 232 -5.65 26.58 2.47
CA GLY B 232 -5.27 27.47 1.38
C GLY B 232 -4.88 28.84 1.86
N GLN B 233 -4.50 28.98 3.15
CA GLN B 233 -4.19 30.26 3.78
C GLN B 233 -2.99 30.16 4.69
N SER B 234 -2.13 31.17 4.59
CA SER B 234 -1.08 31.37 5.58
C SER B 234 -1.56 32.31 6.70
N ALA B 235 -2.81 32.80 6.61
CA ALA B 235 -3.30 33.79 7.56
C ALA B 235 -3.69 33.09 8.89
N HIS B 236 -2.70 32.54 9.61
CA HIS B 236 -3.03 31.87 10.88
C HIS B 236 -1.82 31.90 11.78
N ASP B 237 -2.06 31.74 13.09
CA ASP B 237 -1.02 31.83 14.09
C ASP B 237 0.29 31.07 13.78
N THR B 238 0.21 29.80 13.47
CA THR B 238 1.42 29.00 13.37
C THR B 238 2.39 29.42 12.26
N PHE B 239 1.87 29.85 11.10
CA PHE B 239 2.75 30.39 10.01
C PHE B 239 3.49 31.62 10.45
N TRP B 240 2.78 32.59 11.02
CA TRP B 240 3.41 33.85 11.44
C TRP B 240 4.29 33.72 12.72
N ASP B 241 3.96 32.74 13.57
CA ASP B 241 4.86 32.29 14.67
C ASP B 241 6.20 31.83 14.08
N TYR B 242 6.14 30.89 13.14
CA TYR B 242 7.42 30.41 12.54
C TYR B 242 8.16 31.57 11.86
N VAL B 243 7.46 32.34 11.02
CA VAL B 243 8.11 33.47 10.30
C VAL B 243 8.81 34.40 11.33
N SER B 244 8.10 34.72 12.38
CA SER B 244 8.63 35.66 13.36
C SER B 244 9.88 35.15 14.07
N LEU B 245 10.06 33.84 14.12
CA LEU B 245 11.20 33.19 14.78
C LEU B 245 12.29 32.72 13.83
N GLN B 246 12.05 32.92 12.55
CA GLN B 246 12.95 32.48 11.49
C GLN B 246 13.06 33.57 10.42
N PRO B 247 13.82 34.64 10.70
CA PRO B 247 13.95 35.77 9.76
C PRO B 247 14.42 35.42 8.36
N GLU B 248 15.08 34.27 8.19
CA GLU B 248 15.39 33.81 6.78
C GLU B 248 14.14 33.72 5.88
N THR B 249 12.96 33.48 6.47
CA THR B 249 11.72 33.42 5.69
C THR B 249 11.23 34.74 5.06
N LEU B 250 11.73 35.89 5.55
CA LEU B 250 11.07 37.15 5.29
C LEU B 250 11.09 37.51 3.80
N HIS B 251 12.16 37.16 3.09
CA HIS B 251 12.22 37.46 1.65
C HIS B 251 11.06 36.80 0.87
N ASN B 252 10.92 35.48 0.96
CA ASN B 252 9.80 34.88 0.25
C ASN B 252 8.43 35.34 0.81
N VAL B 253 8.36 35.65 2.11
CA VAL B 253 7.13 36.14 2.71
C VAL B 253 6.80 37.52 2.04
N MET B 254 7.81 38.39 1.83
CA MET B 254 7.55 39.64 1.05
C MET B 254 6.90 39.34 -0.28
N TRP B 255 7.44 38.35 -1.01
CA TRP B 255 6.84 37.91 -2.31
C TRP B 255 5.38 37.46 -2.16
N ALA B 256 5.12 36.57 -1.20
CA ALA B 256 3.77 36.04 -1.01
C ALA B 256 2.76 37.14 -0.63
N MET B 257 3.23 38.16 0.10
CA MET B 257 2.35 39.26 0.57
C MET B 257 2.07 40.32 -0.49
N SER B 258 2.96 40.39 -1.47
CA SER B 258 2.70 41.13 -2.71
C SER B 258 1.67 40.43 -3.60
N ASP B 259 1.28 41.16 -4.62
CA ASP B 259 0.38 40.65 -5.65
C ASP B 259 0.96 39.48 -6.42
N ARG B 260 2.27 39.23 -6.22
CA ARG B 260 2.85 37.95 -6.75
C ARG B 260 2.09 36.74 -6.26
N GLY B 261 1.63 36.81 -5.00
CA GLY B 261 0.86 35.74 -4.36
C GLY B 261 -0.51 35.40 -4.94
N ILE B 262 -0.96 36.19 -5.88
CA ILE B 262 -2.33 36.07 -6.40
C ILE B 262 -2.34 36.33 -7.89
N PRO B 263 -1.65 35.46 -8.66
CA PRO B 263 -1.65 35.65 -10.13
C PRO B 263 -3.05 35.63 -10.79
N ARG B 264 -3.21 36.41 -11.86
CA ARG B 264 -4.41 36.44 -12.68
C ARG B 264 -4.60 35.13 -13.40
N SER B 265 -3.48 34.54 -13.79
CA SER B 265 -3.49 33.33 -14.57
C SER B 265 -2.13 32.65 -14.42
N TYR B 266 -2.09 31.32 -14.52
CA TYR B 266 -0.78 30.65 -14.68
C TYR B 266 -0.03 31.13 -15.97
N ARG B 267 -0.78 31.61 -16.96
CA ARG B 267 -0.18 32.26 -18.14
C ARG B 267 0.53 33.61 -17.85
N THR B 268 0.18 34.27 -16.74
CA THR B 268 0.70 35.64 -16.51
C THR B 268 1.56 35.75 -15.22
N MET B 269 2.37 34.73 -14.95
CA MET B 269 3.31 34.77 -13.84
C MET B 269 4.72 34.31 -14.30
N GLU B 270 5.76 34.60 -13.51
CA GLU B 270 7.12 34.14 -13.88
C GLU B 270 7.35 32.79 -13.24
N GLY B 271 8.38 32.07 -13.68
CA GLY B 271 8.76 30.81 -13.06
C GLY B 271 10.24 30.87 -12.82
N PHE B 272 10.71 30.15 -11.82
CA PHE B 272 12.13 30.18 -11.46
C PHE B 272 12.50 28.82 -10.91
N GLY B 273 13.72 28.34 -11.18
CA GLY B 273 14.22 27.13 -10.50
C GLY B 273 14.67 27.37 -9.04
N ALA B 274 14.83 28.65 -8.70
CA ALA B 274 15.35 29.19 -7.39
C ALA B 274 16.84 28.89 -7.11
N HIS B 275 17.24 27.63 -7.18
CA HIS B 275 18.60 27.18 -6.89
C HIS B 275 19.58 27.48 -7.98
N THR B 276 20.83 27.74 -7.59
CA THR B 276 21.93 27.63 -8.51
C THR B 276 22.15 26.14 -8.85
N PHE B 277 22.17 25.84 -10.12
CA PHE B 277 22.57 24.53 -10.63
C PHE B 277 23.83 24.77 -11.45
N ARG B 278 24.30 23.74 -12.20
CA ARG B 278 25.46 23.90 -13.10
C ARG B 278 25.10 23.46 -14.49
N LEU B 279 25.65 24.12 -15.49
CA LEU B 279 25.70 23.56 -16.83
C LEU B 279 27.10 23.01 -16.98
N ILE B 280 27.24 21.89 -17.67
CA ILE B 280 28.54 21.29 -17.94
C ILE B 280 28.67 21.12 -19.48
N ASN B 281 29.76 21.55 -20.09
CA ASN B 281 29.94 21.42 -21.53
C ASN B 281 30.80 20.23 -21.84
N ALA B 282 30.99 19.97 -23.12
CA ALA B 282 31.79 18.82 -23.60
C ALA B 282 33.19 18.88 -23.04
N GLU B 283 33.77 20.04 -22.90
CA GLU B 283 35.12 20.11 -22.28
C GLU B 283 35.16 19.94 -20.79
N GLY B 284 34.01 19.86 -20.13
CA GLY B 284 33.93 19.65 -18.69
C GLY B 284 33.88 20.91 -17.89
N LYS B 285 33.77 22.04 -18.58
CA LYS B 285 33.71 23.29 -17.89
C LYS B 285 32.33 23.47 -17.23
N ALA B 286 32.31 23.88 -15.96
CA ALA B 286 31.06 24.14 -15.25
C ALA B 286 30.74 25.66 -15.25
N THR B 287 29.48 26.00 -15.48
CA THR B 287 28.97 27.37 -15.32
C THR B 287 27.77 27.32 -14.38
N PHE B 288 27.73 28.23 -13.41
CA PHE B 288 26.59 28.34 -12.51
C PHE B 288 25.41 28.92 -13.27
N VAL B 289 24.22 28.41 -12.97
CA VAL B 289 23.04 28.83 -13.74
C VAL B 289 21.82 28.94 -12.79
N ARG B 290 20.99 29.94 -13.01
CA ARG B 290 19.69 29.90 -12.40
C ARG B 290 18.71 29.99 -13.56
N PHE B 291 17.66 29.20 -13.45
CA PHE B 291 16.58 29.08 -14.45
C PHE B 291 15.39 30.04 -14.25
N HIS B 292 14.84 30.53 -15.36
CA HIS B 292 13.76 31.50 -15.39
C HIS B 292 12.82 31.08 -16.48
N TRP B 293 11.52 31.32 -16.27
CA TRP B 293 10.55 31.24 -17.33
C TRP B 293 9.89 32.61 -17.38
N LYS B 294 9.94 33.24 -18.57
CA LYS B 294 9.38 34.55 -18.78
C LYS B 294 8.08 34.37 -19.55
N PRO B 295 6.97 34.85 -18.97
CA PRO B 295 5.67 34.56 -19.66
C PRO B 295 5.46 35.49 -20.84
N LEU B 296 5.21 34.93 -22.01
CA LEU B 296 5.02 35.80 -23.13
C LEU B 296 3.69 36.62 -23.11
N ALA B 297 2.73 36.22 -22.28
CA ALA B 297 1.51 37.00 -22.14
C ALA B 297 1.69 38.14 -21.11
N GLY B 298 2.90 38.30 -20.57
CA GLY B 298 3.22 39.34 -19.62
C GLY B 298 2.86 38.95 -18.18
N LYS B 299 3.14 39.85 -17.25
CA LYS B 299 2.88 39.54 -15.82
C LYS B 299 1.61 40.25 -15.40
N ALA B 300 0.75 39.54 -14.66
CA ALA B 300 -0.49 40.13 -14.26
C ALA B 300 -1.00 39.42 -13.02
N SER B 301 -1.46 40.20 -12.02
CA SER B 301 -2.11 39.57 -10.82
C SER B 301 -3.44 40.19 -10.54
N LEU B 302 -4.24 39.49 -9.72
CA LEU B 302 -5.50 39.97 -9.19
C LEU B 302 -5.20 41.00 -8.08
N VAL B 303 -6.25 41.53 -7.45
CA VAL B 303 -6.14 42.28 -6.18
C VAL B 303 -6.79 41.43 -5.11
N TRP B 304 -6.43 41.64 -3.84
CA TRP B 304 -6.77 40.67 -2.78
C TRP B 304 -8.23 40.39 -2.64
N ASP B 305 -9.04 41.44 -2.54
CA ASP B 305 -10.48 41.26 -2.37
C ASP B 305 -11.06 40.41 -3.51
N GLU B 306 -10.59 40.66 -4.74
CA GLU B 306 -11.07 39.96 -5.93
C GLU B 306 -10.69 38.47 -5.84
N ALA B 307 -9.42 38.22 -5.56
CA ALA B 307 -8.91 36.85 -5.42
C ALA B 307 -9.68 36.07 -4.34
N GLN B 308 -9.88 36.70 -3.19
CA GLN B 308 -10.55 35.99 -2.12
C GLN B 308 -11.98 35.67 -2.49
N LYS B 309 -12.68 36.65 -3.05
CA LYS B 309 -14.04 36.44 -3.43
C LYS B 309 -14.12 35.37 -4.55
N LEU B 310 -13.14 35.37 -5.43
CA LEU B 310 -13.09 34.42 -6.54
C LEU B 310 -12.93 32.95 -6.06
N THR B 311 -12.27 32.74 -4.91
CA THR B 311 -12.20 31.36 -4.35
C THR B 311 -13.62 30.82 -3.99
N GLY B 312 -14.54 31.71 -3.64
CA GLY B 312 -15.96 31.35 -3.47
C GLY B 312 -16.75 31.24 -4.77
N ARG B 313 -16.64 32.24 -5.67
CA ARG B 313 -17.47 32.24 -6.89
C ARG B 313 -17.02 31.15 -7.91
N ASP B 314 -15.70 30.92 -7.96
CA ASP B 314 -15.10 29.87 -8.84
C ASP B 314 -13.77 29.35 -8.34
N PRO B 315 -13.84 28.32 -7.48
CA PRO B 315 -12.62 27.83 -6.88
C PRO B 315 -11.74 27.14 -7.91
N ASP B 316 -12.27 26.95 -9.10
CA ASP B 316 -11.50 26.33 -10.16
C ASP B 316 -11.05 27.28 -11.23
N PHE B 317 -10.99 28.57 -10.90
CA PHE B 317 -10.81 29.63 -11.93
C PHE B 317 -9.51 29.45 -12.75
N HIS B 318 -8.37 29.23 -12.06
CA HIS B 318 -7.10 29.07 -12.78
C HIS B 318 -7.07 27.78 -13.66
N ARG B 319 -7.51 26.67 -13.07
CA ARG B 319 -7.66 25.43 -13.81
C ARG B 319 -8.52 25.61 -15.07
N ARG B 320 -9.66 26.29 -14.92
CA ARG B 320 -10.60 26.46 -16.03
C ARG B 320 -9.98 27.36 -17.10
N GLU B 321 -9.34 28.45 -16.66
CA GLU B 321 -8.74 29.47 -17.51
C GLU B 321 -7.58 28.89 -18.34
N LEU B 322 -6.74 28.05 -17.74
CA LEU B 322 -5.70 27.35 -18.46
C LEU B 322 -6.25 26.38 -19.52
N TRP B 323 -7.23 25.55 -19.14
CA TRP B 323 -7.81 24.56 -20.07
C TRP B 323 -8.46 25.33 -21.27
N GLU B 324 -9.20 26.36 -20.91
CA GLU B 324 -9.92 27.13 -21.95
C GLU B 324 -8.99 27.95 -22.89
N ALA B 325 -7.85 28.39 -22.39
CA ALA B 325 -6.88 29.13 -23.22
C ALA B 325 -6.37 28.21 -24.26
N ILE B 326 -6.04 26.99 -23.85
CA ILE B 326 -5.49 26.00 -24.78
C ILE B 326 -6.56 25.61 -25.78
N GLU B 327 -7.80 25.44 -25.31
CA GLU B 327 -8.93 25.12 -26.21
C GLU B 327 -9.17 26.20 -27.26
N ALA B 328 -8.83 27.43 -26.88
CA ALA B 328 -9.11 28.60 -27.72
C ALA B 328 -7.97 28.87 -28.71
N GLY B 329 -6.82 28.18 -28.57
CA GLY B 329 -5.60 28.54 -29.31
C GLY B 329 -4.75 29.62 -28.65
N ASP B 330 -5.10 30.10 -27.46
CA ASP B 330 -4.29 31.06 -26.72
C ASP B 330 -3.25 30.24 -25.95
N PHE B 331 -2.44 29.46 -26.65
CA PHE B 331 -1.42 28.62 -25.97
C PHE B 331 -0.56 29.40 -24.98
N PRO B 332 -0.47 28.95 -23.72
CA PRO B 332 0.46 29.52 -22.77
C PRO B 332 1.91 29.42 -23.34
N GLU B 333 2.61 30.55 -23.45
CA GLU B 333 3.99 30.50 -23.95
C GLU B 333 4.94 31.17 -22.98
N TYR B 334 6.14 30.58 -22.85
CA TYR B 334 7.13 31.04 -21.90
C TYR B 334 8.51 30.94 -22.54
N GLU B 335 9.34 31.96 -22.34
CA GLU B 335 10.71 31.88 -22.74
C GLU B 335 11.57 31.34 -21.57
N LEU B 336 12.34 30.31 -21.85
CA LEU B 336 13.32 29.81 -20.86
C LEU B 336 14.50 30.78 -20.87
N GLY B 337 14.95 31.15 -19.68
CA GLY B 337 16.05 32.08 -19.51
C GLY B 337 17.08 31.55 -18.54
N PHE B 338 18.35 31.84 -18.81
CA PHE B 338 19.43 31.47 -17.92
C PHE B 338 20.12 32.72 -17.34
N GLN B 339 20.30 32.79 -16.02
CA GLN B 339 21.31 33.70 -15.44
C GLN B 339 22.59 32.85 -15.33
N LEU B 340 23.70 33.30 -15.94
CA LEU B 340 24.94 32.49 -16.04
C LEU B 340 26.07 33.22 -15.25
N ILE B 341 26.72 32.47 -14.37
CA ILE B 341 27.78 33.02 -13.52
C ILE B 341 28.96 32.08 -13.64
N PRO B 342 30.12 32.58 -14.15
CA PRO B 342 31.32 31.77 -14.33
C PRO B 342 31.72 31.25 -12.96
N GLU B 343 32.38 30.10 -12.94
CA GLU B 343 32.75 29.51 -11.65
C GLU B 343 33.68 30.43 -10.81
N GLU B 344 34.54 31.23 -11.47
CA GLU B 344 35.47 32.13 -10.77
C GLU B 344 34.74 33.27 -10.07
N ASP B 345 33.47 33.50 -10.46
CA ASP B 345 32.64 34.56 -9.89
C ASP B 345 31.80 34.13 -8.68
N GLU B 346 32.07 32.94 -8.14
CA GLU B 346 31.33 32.34 -7.05
C GLU B 346 31.18 33.29 -5.87
N PHE B 347 32.23 34.05 -5.59
CA PHE B 347 32.24 34.91 -4.38
C PHE B 347 32.16 36.40 -4.68
N LYS B 348 31.66 36.71 -5.86
CA LYS B 348 31.66 38.10 -6.32
C LYS B 348 30.47 38.94 -5.83
N PHE B 349 29.51 38.32 -5.13
CA PHE B 349 28.34 39.05 -4.65
C PHE B 349 28.34 39.19 -3.14
N ASP B 350 27.46 40.04 -2.60
CA ASP B 350 27.53 40.17 -1.14
C ASP B 350 26.50 39.24 -0.49
N PHE B 351 25.98 38.31 -1.30
CA PHE B 351 25.18 37.18 -0.79
C PHE B 351 25.83 35.93 -1.40
N ASP B 352 25.54 34.78 -0.79
CA ASP B 352 26.05 33.48 -1.19
C ASP B 352 25.19 32.92 -2.33
N LEU B 353 25.83 32.50 -3.43
CA LEU B 353 25.09 31.98 -4.59
C LEU B 353 24.33 30.67 -4.25
N LEU B 354 24.74 29.97 -3.18
CA LEU B 354 24.07 28.71 -2.81
C LEU B 354 22.90 28.88 -1.83
N ASP B 355 22.63 30.11 -1.44
CA ASP B 355 21.56 30.41 -0.43
C ASP B 355 20.23 30.61 -1.19
N PRO B 356 19.26 29.72 -0.97
CA PRO B 356 18.04 29.72 -1.81
C PRO B 356 17.06 30.80 -1.29
N THR B 357 17.44 31.58 -0.25
CA THR B 357 16.64 32.72 0.18
C THR B 357 17.12 34.09 -0.45
N LYS B 358 18.12 34.03 -1.34
CA LYS B 358 18.70 35.20 -2.03
C LYS B 358 18.40 35.01 -3.50
N LEU B 359 18.02 36.11 -4.16
CA LEU B 359 17.79 36.12 -5.63
C LEU B 359 19.04 36.76 -6.24
N ILE B 360 19.27 36.52 -7.53
CA ILE B 360 20.32 37.19 -8.29
C ILE B 360 19.64 38.31 -9.04
N PRO B 361 19.91 39.57 -8.65
CA PRO B 361 19.18 40.62 -9.44
C PRO B 361 19.56 40.61 -10.91
N GLU B 362 18.59 40.80 -11.81
CA GLU B 362 18.87 40.82 -13.22
C GLU B 362 19.71 42.01 -13.58
N GLU B 363 19.72 43.10 -12.77
CA GLU B 363 20.66 44.21 -13.05
C GLU B 363 22.12 43.78 -12.90
N LEU B 364 22.37 42.79 -12.08
CA LEU B 364 23.73 42.31 -11.89
C LEU B 364 24.08 41.19 -12.88
N VAL B 365 23.12 40.29 -13.14
CA VAL B 365 23.36 39.14 -14.04
C VAL B 365 22.13 39.04 -14.89
N PRO B 366 22.24 39.43 -16.18
CA PRO B 366 21.04 39.39 -17.06
C PRO B 366 20.54 37.99 -17.34
N VAL B 367 19.26 37.88 -17.68
CA VAL B 367 18.67 36.62 -18.09
C VAL B 367 18.91 36.47 -19.62
N GLN B 368 19.67 35.48 -20.02
CA GLN B 368 19.88 35.15 -21.42
C GLN B 368 18.68 34.32 -21.89
N ARG B 369 17.97 34.78 -22.90
CA ARG B 369 16.79 34.05 -23.37
C ARG B 369 17.25 32.96 -24.35
N VAL B 370 16.89 31.70 -24.04
CA VAL B 370 17.49 30.50 -24.62
C VAL B 370 16.51 29.64 -25.46
N GLY B 371 15.20 29.80 -25.23
CA GLY B 371 14.23 28.95 -25.98
C GLY B 371 12.79 29.29 -25.62
N LYS B 372 11.83 28.64 -26.25
CA LYS B 372 10.43 28.88 -25.99
C LYS B 372 9.67 27.58 -25.80
N MET B 373 8.82 27.56 -24.76
CA MET B 373 7.94 26.41 -24.48
C MET B 373 6.50 26.87 -24.82
N VAL B 374 5.71 25.99 -25.45
CA VAL B 374 4.33 26.31 -25.90
C VAL B 374 3.48 25.17 -25.38
N LEU B 375 2.42 25.50 -24.65
CA LEU B 375 1.55 24.50 -24.06
C LEU B 375 0.33 24.45 -24.94
N ASN B 376 0.15 23.36 -25.66
CA ASN B 376 -0.86 23.42 -26.70
C ASN B 376 -1.86 22.27 -26.68
N ARG B 377 -1.83 21.39 -25.64
CA ARG B 377 -2.89 20.38 -25.59
C ARG B 377 -3.23 19.95 -24.19
N ASN B 378 -4.54 19.90 -23.88
CA ASN B 378 -4.95 19.46 -22.55
C ASN B 378 -4.85 17.96 -22.43
N PRO B 379 -4.85 17.42 -21.20
CA PRO B 379 -4.86 15.97 -21.03
C PRO B 379 -6.18 15.41 -21.48
N ASP B 380 -6.25 14.08 -21.55
CA ASP B 380 -7.48 13.33 -21.80
C ASP B 380 -8.11 12.98 -20.49
N ASN B 381 -7.31 12.56 -19.52
CA ASN B 381 -7.90 12.16 -18.22
C ASN B 381 -7.07 12.78 -17.12
N PHE B 382 -7.72 13.62 -16.32
CA PHE B 382 -6.99 14.36 -15.32
C PHE B 382 -6.26 13.48 -14.31
N PHE B 383 -6.96 12.46 -13.74
CA PHE B 383 -6.32 11.58 -12.75
C PHE B 383 -5.11 10.89 -13.40
N ALA B 384 -5.29 10.23 -14.56
CA ALA B 384 -4.21 9.40 -15.14
C ALA B 384 -2.96 10.21 -15.51
N GLU B 385 -3.15 11.44 -16.03
CA GLU B 385 -2.00 12.19 -16.55
C GLU B 385 -1.51 13.22 -15.55
N ASN B 386 -2.46 13.94 -14.92
CA ASN B 386 -2.06 15.02 -14.04
C ASN B 386 -1.84 14.45 -12.64
N GLU B 387 -2.86 13.86 -12.05
CA GLU B 387 -2.71 13.44 -10.65
C GLU B 387 -1.54 12.46 -10.47
N GLN B 388 -1.32 11.56 -11.42
CA GLN B 388 -0.28 10.55 -11.28
C GLN B 388 1.09 11.03 -11.76
N ALA B 389 1.20 12.21 -12.37
CA ALA B 389 2.52 12.68 -12.85
C ALA B 389 3.48 12.85 -11.68
N ALA B 390 4.74 12.43 -11.88
CA ALA B 390 5.76 12.62 -10.83
C ALA B 390 6.92 13.45 -11.35
N PHE B 391 7.13 14.61 -10.73
CA PHE B 391 8.25 15.51 -11.14
C PHE B 391 9.25 15.49 -10.02
N HIS B 392 10.53 15.59 -10.34
CA HIS B 392 11.57 15.52 -9.30
C HIS B 392 12.81 16.27 -9.77
N PRO B 393 13.25 17.30 -9.02
CA PRO B 393 14.44 18.04 -9.49
C PRO B 393 15.78 17.29 -9.61
N GLY B 394 15.89 16.11 -8.99
CA GLY B 394 17.03 15.24 -9.19
C GLY B 394 17.04 14.55 -10.55
N HIS B 395 15.98 14.72 -11.31
CA HIS B 395 15.91 14.07 -12.66
C HIS B 395 16.61 15.05 -13.57
N ILE B 396 17.94 14.95 -13.66
CA ILE B 396 18.77 15.75 -14.60
C ILE B 396 19.35 14.87 -15.73
N VAL B 397 20.05 15.47 -16.67
CA VAL B 397 20.55 14.76 -17.86
C VAL B 397 22.01 15.21 -17.97
N PRO B 398 22.83 14.43 -18.68
CA PRO B 398 24.21 14.84 -18.87
C PRO B 398 24.21 16.21 -19.51
N GLY B 399 25.14 17.07 -19.05
CA GLY B 399 25.11 18.48 -19.40
C GLY B 399 24.59 19.40 -18.28
N LEU B 400 23.90 18.85 -17.27
CA LEU B 400 23.46 19.67 -16.11
C LEU B 400 24.08 19.02 -14.88
N ASP B 401 24.14 19.77 -13.76
CA ASP B 401 24.54 19.15 -12.51
C ASP B 401 24.06 19.99 -11.36
N PHE B 402 24.31 19.52 -10.14
CA PHE B 402 23.72 20.20 -8.97
C PHE B 402 24.78 21.12 -8.33
N THR B 403 24.43 21.76 -7.21
CA THR B 403 25.39 22.47 -6.42
C THR B 403 25.10 22.09 -4.99
N ASN B 404 25.88 22.69 -4.10
CA ASN B 404 25.77 22.41 -2.67
C ASN B 404 24.68 23.15 -1.93
N ASP B 405 23.85 23.89 -2.65
CA ASP B 405 22.67 24.53 -2.04
C ASP B 405 22.00 23.51 -1.10
N PRO B 406 21.93 23.80 0.23
CA PRO B 406 21.56 22.80 1.25
C PRO B 406 20.03 22.57 1.24
N LEU B 407 19.27 23.46 0.59
CA LEU B 407 17.87 23.19 0.31
C LEU B 407 17.68 22.22 -0.88
N LEU B 408 18.35 22.50 -2.01
CA LEU B 408 18.35 21.60 -3.13
C LEU B 408 18.88 20.23 -2.73
N GLN B 409 20.01 20.16 -2.00
CA GLN B 409 20.55 18.87 -1.54
C GLN B 409 19.53 17.90 -0.90
N GLY B 410 18.75 18.35 0.06
CA GLY B 410 17.68 17.53 0.64
C GLY B 410 16.48 17.26 -0.26
N ARG B 411 16.08 18.22 -1.11
CA ARG B 411 15.09 17.91 -2.13
C ARG B 411 15.41 16.61 -2.82
N LEU B 412 16.70 16.38 -3.12
CA LEU B 412 17.07 15.23 -4.01
C LEU B 412 16.55 13.93 -3.35
N PHE B 413 16.54 13.90 -2.01
CA PHE B 413 16.05 12.71 -1.27
C PHE B 413 14.53 12.57 -1.40
N SER B 414 13.80 13.70 -1.26
CA SER B 414 12.36 13.64 -1.02
C SER B 414 11.60 13.19 -2.26
N TYR B 415 11.97 13.70 -3.45
CA TYR B 415 11.03 13.49 -4.57
C TYR B 415 11.03 12.07 -5.09
N THR B 416 12.07 11.28 -4.81
CA THR B 416 12.02 9.83 -5.08
C THR B 416 11.23 9.07 -4.00
N ASP B 417 11.62 9.31 -2.74
CA ASP B 417 11.00 8.70 -1.58
C ASP B 417 9.48 8.86 -1.56
N THR B 418 8.96 10.08 -1.74
CA THR B 418 7.50 10.34 -1.61
C THR B 418 6.62 9.44 -2.57
N GLN B 419 7.13 9.13 -3.76
CA GLN B 419 6.34 8.37 -4.75
C GLN B 419 6.08 6.93 -4.32
N ILE B 420 6.90 6.42 -3.42
CA ILE B 420 6.67 5.06 -2.97
C ILE B 420 5.27 4.91 -2.32
N SER B 421 4.82 5.91 -1.53
CA SER B 421 3.44 5.77 -1.07
C SER B 421 2.50 6.41 -2.04
N ARG B 422 2.87 7.61 -2.53
CA ARG B 422 1.92 8.33 -3.43
C ARG B 422 1.49 7.51 -4.64
N LEU B 423 2.44 6.85 -5.35
CA LEU B 423 2.17 6.12 -6.64
C LEU B 423 2.35 4.66 -6.47
N GLY B 424 2.45 4.24 -5.20
CA GLY B 424 2.24 2.82 -4.95
C GLY B 424 3.46 1.93 -5.05
N GLY B 425 4.66 2.45 -5.31
CA GLY B 425 5.79 1.55 -5.40
C GLY B 425 6.85 2.11 -6.38
N PRO B 426 7.90 1.34 -6.58
CA PRO B 426 9.05 1.81 -7.24
C PRO B 426 8.94 1.78 -8.79
N ASN B 427 7.82 1.27 -9.32
CA ASN B 427 7.60 1.33 -10.77
C ASN B 427 6.78 2.57 -11.27
N PHE B 428 6.84 3.70 -10.56
CA PHE B 428 6.05 4.87 -10.95
C PHE B 428 6.50 5.43 -12.35
N HIS B 429 7.76 5.18 -12.76
CA HIS B 429 8.19 5.59 -14.11
C HIS B 429 7.50 4.80 -15.26
N GLU B 430 6.83 3.69 -14.93
CA GLU B 430 6.05 2.92 -15.89
C GLU B 430 4.60 3.42 -16.04
N ILE B 431 4.17 4.28 -15.11
CA ILE B 431 2.91 4.98 -15.31
C ILE B 431 3.05 5.84 -16.61
N PRO B 432 2.11 5.69 -17.57
CA PRO B 432 2.35 6.20 -18.89
C PRO B 432 2.91 7.60 -18.96
N ILE B 433 2.28 8.53 -18.23
CA ILE B 433 2.66 9.94 -18.32
C ILE B 433 4.12 10.13 -17.86
N ASN B 434 4.60 9.25 -16.99
CA ASN B 434 5.98 9.39 -16.48
C ASN B 434 7.08 8.75 -17.36
N ARG B 435 6.67 7.86 -18.28
CA ARG B 435 7.66 7.12 -19.10
C ARG B 435 8.52 8.08 -19.96
N PRO B 436 9.85 7.81 -20.03
CA PRO B 436 10.76 8.43 -21.00
C PRO B 436 10.30 8.02 -22.37
N THR B 437 10.61 8.84 -23.34
CA THR B 437 10.19 8.48 -24.70
C THR B 437 11.45 7.93 -25.35
N CYS B 438 12.59 8.18 -24.69
CA CYS B 438 13.90 7.58 -25.08
C CYS B 438 14.13 6.18 -24.45
N PRO B 439 15.16 5.44 -24.92
CA PRO B 439 15.29 4.07 -24.36
C PRO B 439 15.63 4.03 -22.88
N TYR B 440 15.13 3.02 -22.19
CA TYR B 440 15.59 2.81 -20.76
C TYR B 440 15.75 1.27 -20.57
N HIS B 441 16.95 0.83 -20.14
CA HIS B 441 17.28 -0.55 -19.92
C HIS B 441 18.26 -0.63 -18.73
N ASN B 442 18.02 -1.57 -17.85
CA ASN B 442 18.89 -1.75 -16.68
C ASN B 442 18.50 -3.10 -15.99
N PHE B 443 19.06 -3.35 -14.83
CA PHE B 443 19.00 -4.68 -14.20
C PHE B 443 17.98 -4.67 -13.03
N GLN B 444 17.19 -3.61 -12.90
CA GLN B 444 16.23 -3.48 -11.79
C GLN B 444 15.00 -4.36 -12.17
N ARG B 445 14.38 -5.04 -11.22
CA ARG B 445 13.35 -6.02 -11.52
C ARG B 445 12.24 -5.91 -10.45
N ASP B 446 11.05 -6.42 -10.77
CA ASP B 446 9.93 -6.61 -9.82
C ASP B 446 9.41 -5.27 -9.30
N GLY B 447 8.91 -5.29 -8.06
CA GLY B 447 8.24 -4.13 -7.48
C GLY B 447 6.77 -4.27 -7.81
N MET B 448 5.93 -3.67 -6.94
CA MET B 448 4.51 -3.65 -7.20
C MET B 448 4.14 -3.06 -8.62
N HIS B 449 3.19 -3.76 -9.24
N HIS B 449 3.13 -3.59 -9.28
CA HIS B 449 2.60 -3.46 -10.56
CA HIS B 449 2.75 -2.99 -10.57
C HIS B 449 3.67 -3.25 -11.67
C HIS B 449 3.88 -3.06 -11.62
N ARG B 450 4.58 -4.20 -11.73
CA ARG B 450 5.61 -4.27 -12.73
C ARG B 450 4.94 -4.51 -14.09
N MET B 451 5.11 -3.57 -15.01
CA MET B 451 4.64 -3.64 -16.38
C MET B 451 5.68 -4.26 -17.30
N GLY B 452 6.92 -3.80 -17.26
CA GLY B 452 7.92 -4.29 -18.27
C GLY B 452 8.25 -5.76 -17.97
N ILE B 453 8.26 -6.61 -19.02
CA ILE B 453 8.62 -8.02 -18.84
C ILE B 453 10.00 -8.12 -19.48
N ASP B 454 11.00 -8.16 -18.58
CA ASP B 454 12.40 -8.31 -18.99
C ASP B 454 12.80 -9.65 -19.59
N THR B 455 13.41 -9.64 -20.78
CA THR B 455 13.82 -10.92 -21.34
C THR B 455 15.32 -11.16 -21.16
N ASN B 456 16.04 -10.17 -20.60
CA ASN B 456 17.47 -10.34 -20.37
C ASN B 456 17.77 -11.61 -19.51
N PRO B 457 18.63 -12.55 -19.99
CA PRO B 457 19.05 -13.73 -19.18
C PRO B 457 19.64 -13.27 -17.82
N ALA B 458 20.21 -12.08 -17.83
CA ALA B 458 20.88 -11.53 -16.62
C ALA B 458 20.09 -10.41 -15.95
N ASN B 459 20.12 -10.39 -14.62
CA ASN B 459 19.53 -9.27 -13.93
C ASN B 459 20.60 -8.61 -13.01
N TYR B 460 21.86 -8.72 -13.41
CA TYR B 460 23.00 -8.19 -12.63
C TYR B 460 24.11 -7.86 -13.69
N GLU B 461 25.04 -7.01 -13.27
CA GLU B 461 26.29 -6.84 -14.07
C GLU B 461 27.36 -6.66 -12.99
N PRO B 462 28.60 -7.06 -13.30
CA PRO B 462 28.95 -7.57 -14.65
C PRO B 462 28.38 -9.00 -14.86
N ASN B 463 27.99 -9.31 -16.08
CA ASN B 463 27.53 -10.68 -16.41
C ASN B 463 28.21 -11.11 -17.74
N SER B 464 28.38 -12.40 -17.91
CA SER B 464 28.87 -12.95 -19.18
C SER B 464 27.70 -13.54 -19.97
N ILE B 465 26.64 -13.93 -19.26
CA ILE B 465 25.57 -14.66 -19.93
C ILE B 465 24.75 -13.83 -20.89
N ASN B 466 24.83 -12.51 -20.78
CA ASN B 466 24.21 -11.61 -21.81
C ASN B 466 25.23 -10.70 -22.43
N ASP B 467 26.49 -11.12 -22.40
CA ASP B 467 27.65 -10.32 -22.91
C ASP B 467 27.72 -8.92 -22.27
N ASN B 468 27.33 -8.88 -20.99
CA ASN B 468 27.34 -7.64 -20.16
C ASN B 468 26.35 -6.53 -20.56
N TRP B 469 25.34 -6.87 -21.38
CA TRP B 469 24.34 -5.89 -21.81
C TRP B 469 23.16 -5.86 -20.82
N PRO B 470 22.53 -4.69 -20.61
CA PRO B 470 22.94 -3.37 -21.12
C PRO B 470 24.25 -2.91 -20.47
N ARG B 471 25.03 -2.14 -21.21
CA ARG B 471 26.40 -1.70 -20.81
C ARG B 471 26.48 -0.24 -20.43
N GLU B 472 27.33 0.06 -19.43
CA GLU B 472 27.74 1.40 -19.07
C GLU B 472 28.30 2.13 -20.28
N THR B 473 28.17 3.46 -20.25
CA THR B 473 28.70 4.31 -21.35
C THR B 473 29.60 5.44 -20.80
N PRO B 474 30.86 5.55 -21.30
CA PRO B 474 31.71 6.63 -20.76
C PRO B 474 31.06 8.01 -21.00
N PRO B 475 31.27 8.98 -20.09
CA PRO B 475 30.78 10.32 -20.37
C PRO B 475 31.42 10.83 -21.66
N GLY B 476 30.75 11.74 -22.33
CA GLY B 476 31.26 12.27 -23.60
C GLY B 476 30.42 13.43 -24.08
N PRO B 477 30.81 14.01 -25.27
CA PRO B 477 30.14 15.19 -25.76
C PRO B 477 28.68 14.96 -26.14
N LYS B 478 28.26 13.71 -26.41
CA LYS B 478 26.87 13.49 -26.79
C LYS B 478 26.60 12.02 -26.60
N ARG B 479 25.39 11.65 -26.14
CA ARG B 479 25.03 10.24 -25.91
C ARG B 479 25.99 9.52 -24.92
N GLY B 480 26.64 10.28 -24.04
CA GLY B 480 27.55 9.73 -23.02
C GLY B 480 26.84 9.42 -21.69
N GLY B 481 27.45 8.55 -20.87
CA GLY B 481 26.93 8.31 -19.48
C GLY B 481 27.13 9.54 -18.57
N PHE B 482 26.33 9.61 -17.49
CA PHE B 482 26.34 10.72 -16.57
C PHE B 482 27.54 10.59 -15.65
N GLU B 483 28.32 11.63 -15.60
CA GLU B 483 29.42 11.68 -14.60
C GLU B 483 29.27 12.99 -13.82
N SER B 484 29.31 12.97 -12.49
CA SER B 484 29.29 14.23 -11.72
C SER B 484 30.54 15.12 -11.96
N TYR B 485 30.31 16.42 -12.00
CA TYR B 485 31.38 17.47 -12.02
C TYR B 485 32.21 17.30 -10.76
N GLN B 486 33.54 17.19 -10.92
CA GLN B 486 34.39 16.78 -9.83
C GLN B 486 34.74 17.92 -8.90
N GLU B 487 33.72 18.49 -8.29
CA GLU B 487 33.83 19.64 -7.41
C GLU B 487 34.69 19.24 -6.20
N ARG B 488 35.56 20.15 -5.74
CA ARG B 488 36.42 19.88 -4.56
C ARG B 488 35.62 20.03 -3.23
N VAL B 489 35.65 19.00 -2.37
CA VAL B 489 34.95 19.11 -1.08
C VAL B 489 36.03 19.15 0.01
N GLU B 490 35.99 20.16 0.89
CA GLU B 490 36.97 20.27 1.99
C GLU B 490 36.20 20.80 3.18
N GLY B 491 36.19 20.04 4.26
CA GLY B 491 35.56 20.52 5.48
C GLY B 491 35.29 19.38 6.43
N ASN B 492 34.87 19.68 7.65
CA ASN B 492 34.54 18.60 8.53
C ASN B 492 33.07 18.25 8.47
N LYS B 493 32.72 17.03 8.94
CA LYS B 493 31.32 16.59 9.00
C LYS B 493 30.61 17.44 10.03
N VAL B 494 29.73 18.37 9.58
CA VAL B 494 29.09 19.30 10.53
C VAL B 494 27.67 19.52 10.15
N ARG B 495 26.83 19.68 11.19
CA ARG B 495 25.48 20.22 11.00
C ARG B 495 25.61 21.70 11.39
N GLU B 496 25.86 22.55 10.40
CA GLU B 496 26.15 23.93 10.67
C GLU B 496 25.72 24.77 9.49
N ARG B 497 25.07 25.91 9.77
CA ARG B 497 24.64 26.81 8.69
C ARG B 497 25.84 27.63 8.27
N SER B 498 26.08 27.77 6.97
CA SER B 498 27.14 28.70 6.55
C SER B 498 26.95 30.16 7.09
N PRO B 499 28.00 30.74 7.69
CA PRO B 499 27.87 32.14 8.20
C PRO B 499 27.45 33.08 7.06
N SER B 500 27.86 32.76 5.82
CA SER B 500 27.50 33.60 4.70
C SER B 500 25.99 33.57 4.42
N PHE B 501 25.23 32.61 4.95
CA PHE B 501 23.77 32.67 4.83
C PHE B 501 23.05 33.57 5.86
N GLY B 502 23.81 34.16 6.78
CA GLY B 502 23.20 34.75 8.00
C GLY B 502 22.72 36.18 7.85
N GLU B 503 22.31 36.58 6.64
CA GLU B 503 21.79 37.94 6.42
C GLU B 503 20.37 37.79 5.83
N TYR B 504 19.42 38.52 6.39
CA TYR B 504 18.00 38.19 6.20
C TYR B 504 17.13 39.31 5.68
N TYR B 505 17.66 40.54 5.62
CA TYR B 505 16.81 41.73 5.41
C TYR B 505 17.11 42.48 4.12
N SER B 506 18.30 42.31 3.57
CA SER B 506 18.66 43.13 2.49
C SER B 506 17.92 42.75 1.21
N HIS B 507 17.61 41.46 1.07
CA HIS B 507 16.87 41.05 -0.14
C HIS B 507 15.38 41.46 -0.05
N PRO B 508 14.74 41.30 1.13
CA PRO B 508 13.41 41.88 1.39
C PRO B 508 13.34 43.35 1.02
N ARG B 509 14.39 44.10 1.39
CA ARG B 509 14.39 45.53 1.22
C ARG B 509 14.52 45.84 -0.26
N LEU B 510 15.44 45.17 -0.94
CA LEU B 510 15.58 45.42 -2.38
C LEU B 510 14.26 45.18 -3.09
N PHE B 511 13.59 44.10 -2.72
CA PHE B 511 12.30 43.77 -3.38
C PHE B 511 11.23 44.88 -3.08
N TRP B 512 11.15 45.28 -1.83
CA TRP B 512 10.27 46.36 -1.43
C TRP B 512 10.55 47.63 -2.21
N LEU B 513 11.82 48.02 -2.33
CA LEU B 513 12.17 49.30 -2.99
C LEU B 513 11.91 49.22 -4.50
N SER B 514 11.71 47.99 -5.01
CA SER B 514 11.60 47.81 -6.50
C SER B 514 10.15 47.82 -6.99
N GLN B 515 9.21 47.83 -6.04
CA GLN B 515 7.77 47.82 -6.31
C GLN B 515 7.26 49.26 -6.57
N THR B 516 6.23 49.40 -7.41
CA THR B 516 5.52 50.69 -7.60
C THR B 516 4.80 51.07 -6.29
N PRO B 517 4.35 52.34 -6.18
CA PRO B 517 3.71 52.70 -4.93
C PRO B 517 2.43 51.89 -4.65
N PHE B 518 1.66 51.57 -5.67
CA PHE B 518 0.45 50.72 -5.47
C PHE B 518 0.77 49.26 -5.14
N GLU B 519 1.87 48.75 -5.69
CA GLU B 519 2.42 47.44 -5.27
C GLU B 519 2.83 47.45 -3.82
N GLN B 520 3.41 48.57 -3.35
CA GLN B 520 3.75 48.69 -1.94
C GLN B 520 2.52 48.70 -1.02
N ARG B 521 1.50 49.47 -1.40
CA ARG B 521 0.22 49.50 -0.64
C ARG B 521 -0.40 48.07 -0.55
N HIS B 522 -0.32 47.30 -1.63
CA HIS B 522 -0.92 45.97 -1.59
C HIS B 522 -0.15 44.99 -0.66
N ILE B 523 1.18 45.06 -0.70
CA ILE B 523 2.03 44.36 0.26
C ILE B 523 1.67 44.73 1.71
N VAL B 524 1.59 46.02 1.99
CA VAL B 524 1.13 46.48 3.30
C VAL B 524 -0.21 45.85 3.66
N ASP B 525 -1.17 45.92 2.73
CA ASP B 525 -2.48 45.35 3.00
C ASP B 525 -2.40 43.81 3.15
N GLY B 526 -1.55 43.16 2.35
CA GLY B 526 -1.30 41.69 2.55
C GLY B 526 -0.88 41.35 4.01
N PHE B 527 0.20 41.95 4.47
CA PHE B 527 0.64 41.74 5.84
C PHE B 527 -0.45 42.08 6.84
N SER B 528 -1.07 43.26 6.68
CA SER B 528 -2.13 43.75 7.59
C SER B 528 -3.30 42.80 7.72
N PHE B 529 -3.82 42.33 6.58
CA PHE B 529 -4.94 41.45 6.57
C PHE B 529 -4.53 40.13 7.27
N GLU B 530 -3.39 39.55 6.89
CA GLU B 530 -2.93 38.27 7.45
C GLU B 530 -2.72 38.31 8.96
N LEU B 531 -1.99 39.35 9.38
CA LEU B 531 -1.71 39.53 10.80
C LEU B 531 -2.98 39.79 11.62
N SER B 532 -4.00 40.41 11.04
CA SER B 532 -5.26 40.62 11.78
C SER B 532 -5.95 39.32 12.07
N LYS B 533 -5.57 38.24 11.34
CA LYS B 533 -6.14 36.93 11.61
C LYS B 533 -5.31 36.04 12.54
N VAL B 534 -4.20 36.58 12.98
CA VAL B 534 -3.38 35.94 14.00
C VAL B 534 -3.98 36.29 15.35
N VAL B 535 -4.41 35.27 16.09
CA VAL B 535 -5.14 35.48 17.33
C VAL B 535 -4.24 35.96 18.48
N ARG B 536 -3.02 35.47 18.52
CA ARG B 536 -2.09 35.80 19.62
C ARG B 536 -1.41 37.12 19.29
N PRO B 537 -1.77 38.20 19.99
CA PRO B 537 -1.21 39.51 19.59
C PRO B 537 0.31 39.61 19.62
N TYR B 538 0.98 38.93 20.56
CA TYR B 538 2.44 39.09 20.62
C TYR B 538 3.08 38.62 19.29
N ILE B 539 2.38 37.77 18.55
CA ILE B 539 2.97 37.27 17.27
C ILE B 539 2.97 38.38 16.23
N ARG B 540 1.87 39.14 16.18
CA ARG B 540 1.81 40.22 15.24
C ARG B 540 2.87 41.27 15.57
N GLU B 541 3.04 41.54 16.85
CA GLU B 541 4.07 42.49 17.33
C GLU B 541 5.46 42.07 16.90
N ARG B 542 5.72 40.76 17.00
CA ARG B 542 7.05 40.23 16.71
C ARG B 542 7.33 40.27 15.21
N VAL B 543 6.29 40.08 14.40
CA VAL B 543 6.41 40.27 12.94
C VAL B 543 6.64 41.74 12.55
N VAL B 544 5.87 42.65 13.15
CA VAL B 544 6.12 44.07 12.92
C VAL B 544 7.57 44.46 13.29
N ASP B 545 8.09 43.93 14.40
CA ASP B 545 9.53 44.15 14.74
C ASP B 545 10.47 43.73 13.59
N GLN B 546 10.22 42.55 13.00
CA GLN B 546 11.02 42.09 11.83
C GLN B 546 10.85 43.03 10.68
N LEU B 547 9.64 43.55 10.46
CA LEU B 547 9.47 44.51 9.32
C LEU B 547 10.31 45.78 9.55
N ALA B 548 10.50 46.13 10.80
CA ALA B 548 11.20 47.36 11.03
C ALA B 548 12.68 47.16 10.72
N HIS B 549 13.11 45.89 10.59
CA HIS B 549 14.48 45.62 10.14
C HIS B 549 14.64 45.67 8.63
N ILE B 550 13.53 45.79 7.92
CA ILE B 550 13.52 45.77 6.45
C ILE B 550 13.34 47.21 5.96
N ASP B 551 12.32 47.86 6.48
CA ASP B 551 11.99 49.22 6.05
C ASP B 551 10.99 49.78 7.00
N LEU B 552 11.27 50.98 7.48
CA LEU B 552 10.47 51.68 8.48
C LEU B 552 9.09 52.14 7.92
N THR B 553 9.05 52.54 6.64
CA THR B 553 7.78 52.95 6.04
C THR B 553 6.76 51.84 6.00
N LEU B 554 7.22 50.68 5.53
CA LEU B 554 6.47 49.43 5.55
C LEU B 554 6.05 49.02 7.00
N ALA B 555 7.00 48.98 7.92
CA ALA B 555 6.72 48.62 9.29
C ALA B 555 5.70 49.60 9.93
N GLN B 556 5.87 50.92 9.75
CA GLN B 556 4.84 51.86 10.23
C GLN B 556 3.45 51.70 9.64
N ALA B 557 3.37 51.43 8.34
CA ALA B 557 2.08 51.31 7.69
C ALA B 557 1.38 50.05 8.16
N VAL B 558 2.10 48.94 8.30
CA VAL B 558 1.47 47.71 8.83
C VAL B 558 1.10 47.92 10.33
N ALA B 559 2.02 48.47 11.09
CA ALA B 559 1.72 48.71 12.51
C ALA B 559 0.43 49.55 12.72
N LYS B 560 0.23 50.53 11.85
CA LYS B 560 -0.89 51.43 11.92
C LYS B 560 -2.20 50.66 11.71
N ASN B 561 -2.22 49.74 10.74
CA ASN B 561 -3.38 48.85 10.49
C ASN B 561 -3.69 47.90 11.61
N LEU B 562 -2.69 47.68 12.47
CA LEU B 562 -2.81 46.67 13.52
C LEU B 562 -3.03 47.34 14.88
N GLY B 563 -3.04 48.68 14.90
CA GLY B 563 -3.19 49.36 16.19
C GLY B 563 -1.98 49.17 17.11
N ILE B 564 -0.81 49.12 16.50
CA ILE B 564 0.46 48.98 17.21
C ILE B 564 1.25 50.27 16.95
N GLU B 565 2.03 50.72 17.93
CA GLU B 565 2.92 51.87 17.76
C GLU B 565 4.38 51.37 17.83
N LEU B 566 5.20 51.74 16.85
CA LEU B 566 6.64 51.45 16.92
C LEU B 566 7.30 52.14 18.13
N THR B 567 8.14 51.42 18.85
CA THR B 567 8.99 52.03 19.85
C THR B 567 10.06 52.89 19.19
N ASP B 568 10.62 53.78 20.00
CA ASP B 568 11.79 54.62 19.68
C ASP B 568 12.98 53.78 19.17
N ASP B 569 13.30 52.67 19.86
CA ASP B 569 14.28 51.67 19.39
C ASP B 569 13.95 51.15 17.97
N GLN B 570 12.67 50.87 17.70
CA GLN B 570 12.29 50.34 16.39
C GLN B 570 12.45 51.43 15.31
N LEU B 571 12.18 52.68 15.65
CA LEU B 571 12.33 53.78 14.70
C LEU B 571 13.80 53.98 14.32
N ASN B 572 14.71 53.52 15.16
CA ASN B 572 16.14 53.80 14.99
C ASN B 572 16.98 52.60 14.53
N ILE B 573 16.31 51.55 14.07
CA ILE B 573 17.00 50.37 13.48
C ILE B 573 17.53 50.79 12.12
N THR B 574 18.84 50.70 11.96
CA THR B 574 19.49 51.02 10.70
C THR B 574 18.95 50.11 9.59
N PRO B 575 18.55 50.66 8.38
CA PRO B 575 18.18 49.71 7.30
C PRO B 575 19.36 48.85 6.87
N PRO B 576 19.07 47.66 6.28
CA PRO B 576 20.14 46.79 5.77
C PRO B 576 20.81 47.44 4.53
N PRO B 577 22.05 47.03 4.22
CA PRO B 577 22.72 47.53 3.04
C PRO B 577 22.05 47.22 1.70
N ASP B 578 22.37 48.03 0.71
CA ASP B 578 21.98 47.75 -0.64
C ASP B 578 22.61 46.42 -1.10
N VAL B 579 22.08 45.84 -2.15
CA VAL B 579 22.60 44.59 -2.66
C VAL B 579 23.55 44.91 -3.77
N ASN B 580 24.85 44.68 -3.54
CA ASN B 580 25.90 45.06 -4.48
C ASN B 580 25.67 46.41 -5.11
N GLY B 581 25.28 47.40 -4.30
CA GLY B 581 25.18 48.78 -4.79
C GLY B 581 23.82 49.12 -5.37
N LEU B 582 22.93 48.12 -5.46
CA LEU B 582 21.61 48.30 -6.05
C LEU B 582 20.62 49.00 -5.19
N LYS B 583 20.06 50.06 -5.73
CA LYS B 583 19.04 50.81 -5.03
C LYS B 583 17.66 50.16 -5.26
N LYS B 584 17.55 49.43 -6.36
CA LYS B 584 16.35 48.71 -6.74
C LYS B 584 16.63 48.05 -8.07
N ASP B 585 15.69 47.20 -8.45
CA ASP B 585 15.77 46.48 -9.68
C ASP B 585 14.35 46.30 -10.18
N PRO B 586 13.99 47.01 -11.26
CA PRO B 586 12.59 47.10 -11.74
C PRO B 586 12.05 45.80 -12.27
N SER B 587 12.93 44.85 -12.57
CA SER B 587 12.56 43.50 -13.02
C SER B 587 11.84 42.70 -11.90
N LEU B 588 11.92 43.19 -10.64
CA LEU B 588 11.22 42.60 -9.48
C LEU B 588 9.76 43.02 -9.32
N SER B 589 9.39 44.09 -10.03
CA SER B 589 8.00 44.57 -10.06
C SER B 589 7.21 43.80 -11.10
N LEU B 590 5.90 43.55 -10.86
CA LEU B 590 4.99 43.02 -11.90
C LEU B 590 4.68 44.08 -12.97
N TYR B 591 4.71 45.35 -12.56
CA TYR B 591 4.10 46.39 -13.41
C TYR B 591 5.04 47.55 -13.76
N ALA B 592 6.14 47.72 -13.02
CA ALA B 592 6.99 48.92 -13.26
C ALA B 592 7.28 49.11 -14.74
N ILE B 593 7.59 48.01 -15.42
CA ILE B 593 7.87 48.03 -16.86
C ILE B 593 6.73 47.34 -17.64
N PRO B 594 5.95 48.11 -18.44
CA PRO B 594 4.80 47.61 -19.25
C PRO B 594 5.14 46.34 -19.99
N ASP B 595 4.37 45.27 -19.80
CA ASP B 595 4.50 44.10 -20.70
C ASP B 595 3.14 43.47 -21.03
N GLY B 596 2.13 44.36 -21.02
CA GLY B 596 0.71 44.02 -21.23
C GLY B 596 0.49 43.29 -22.54
N ASP B 597 -0.31 42.24 -22.51
CA ASP B 597 -0.71 41.58 -23.76
C ASP B 597 -2.18 41.22 -23.58
N VAL B 598 -3.03 41.72 -24.47
CA VAL B 598 -4.47 41.51 -24.26
C VAL B 598 -5.01 40.23 -24.85
N LYS B 599 -4.22 39.57 -25.68
CA LYS B 599 -4.73 38.36 -26.36
C LYS B 599 -5.09 37.30 -25.30
N GLY B 600 -6.31 36.77 -25.38
CA GLY B 600 -6.80 35.79 -24.40
C GLY B 600 -7.46 36.40 -23.16
N ARG B 601 -7.45 37.73 -22.98
CA ARG B 601 -8.23 38.31 -21.88
C ARG B 601 -9.71 38.20 -22.24
N VAL B 602 -10.58 38.59 -21.32
CA VAL B 602 -12.04 38.47 -21.52
C VAL B 602 -12.75 39.68 -20.95
N VAL B 603 -13.87 40.04 -21.62
CA VAL B 603 -14.66 41.18 -21.24
C VAL B 603 -16.12 40.75 -21.05
N ALA B 604 -16.74 41.27 -20.01
CA ALA B 604 -18.18 41.02 -19.83
C ALA B 604 -18.88 42.10 -20.61
N ILE B 605 -19.87 41.73 -21.43
CA ILE B 605 -20.77 42.71 -22.09
C ILE B 605 -22.13 42.56 -21.45
N LEU B 606 -22.64 43.65 -20.89
CA LEU B 606 -23.87 43.59 -20.12
C LEU B 606 -25.05 43.96 -21.07
N LEU B 607 -25.84 42.92 -21.43
CA LEU B 607 -26.93 43.03 -22.41
C LEU B 607 -28.17 43.69 -21.80
N ASN B 608 -29.06 44.13 -22.70
CA ASN B 608 -30.41 44.59 -22.35
C ASN B 608 -31.42 44.01 -23.36
N ASP B 609 -32.71 44.18 -23.15
CA ASP B 609 -33.68 43.52 -24.05
C ASP B 609 -33.86 44.21 -25.44
N GLU B 610 -33.14 45.31 -25.66
CA GLU B 610 -33.06 45.90 -27.00
C GLU B 610 -31.71 46.59 -27.25
N VAL B 611 -30.63 45.80 -27.32
CA VAL B 611 -29.28 46.36 -27.55
C VAL B 611 -29.20 47.11 -28.87
N ARG B 612 -28.50 48.26 -28.88
CA ARG B 612 -28.17 48.91 -30.15
C ARG B 612 -27.16 48.05 -30.94
N SER B 613 -27.66 47.27 -31.91
CA SER B 613 -26.82 46.33 -32.67
C SER B 613 -25.53 46.92 -33.23
N ALA B 614 -25.55 48.19 -33.62
CA ALA B 614 -24.33 48.86 -34.14
C ALA B 614 -23.20 48.96 -33.12
N ASP B 615 -23.55 49.16 -31.86
CA ASP B 615 -22.58 49.10 -30.76
C ASP B 615 -21.91 47.71 -30.68
N LEU B 616 -22.72 46.66 -30.60
CA LEU B 616 -22.21 45.31 -30.43
C LEU B 616 -21.35 44.93 -31.61
N LEU B 617 -21.75 45.31 -32.84
CA LEU B 617 -20.93 44.96 -34.03
C LEU B 617 -19.54 45.49 -33.85
N ALA B 618 -19.43 46.76 -33.44
CA ALA B 618 -18.12 47.41 -33.33
C ALA B 618 -17.28 46.85 -32.18
N ILE B 619 -17.94 46.52 -31.08
CA ILE B 619 -17.24 45.96 -29.91
C ILE B 619 -16.63 44.64 -30.32
N LEU B 620 -17.42 43.76 -30.91
CA LEU B 620 -16.98 42.39 -31.07
C LEU B 620 -15.90 42.37 -32.11
N LYS B 621 -16.04 43.25 -33.10
CA LYS B 621 -15.10 43.33 -34.19
C LYS B 621 -13.75 43.80 -33.69
N ALA B 622 -13.72 44.79 -32.83
CA ALA B 622 -12.45 45.34 -32.36
C ALA B 622 -11.78 44.32 -31.41
N LEU B 623 -12.59 43.69 -30.57
CA LEU B 623 -12.10 42.67 -29.64
C LEU B 623 -11.48 41.52 -30.39
N LYS B 624 -12.19 41.03 -31.41
CA LYS B 624 -11.71 39.88 -32.23
C LYS B 624 -10.39 40.24 -32.81
N ALA B 625 -10.26 41.46 -33.32
CA ALA B 625 -9.02 41.92 -33.91
C ALA B 625 -7.82 41.77 -32.98
N LYS B 626 -8.02 41.97 -31.69
CA LYS B 626 -6.94 41.85 -30.73
C LYS B 626 -6.94 40.47 -29.99
N GLY B 627 -7.82 39.53 -30.41
CA GLY B 627 -7.93 38.22 -29.75
C GLY B 627 -8.46 38.27 -28.33
N VAL B 628 -9.26 39.30 -28.06
CA VAL B 628 -9.89 39.42 -26.76
C VAL B 628 -11.27 38.72 -26.80
N HIS B 629 -11.58 37.87 -25.81
CA HIS B 629 -12.91 37.20 -25.77
C HIS B 629 -14.00 38.01 -25.12
N ALA B 630 -15.25 37.61 -25.35
CA ALA B 630 -16.39 38.26 -24.78
C ALA B 630 -17.40 37.29 -24.17
N LYS B 631 -18.03 37.67 -23.05
CA LYS B 631 -19.21 36.93 -22.58
C LYS B 631 -20.44 37.87 -22.48
N LEU B 632 -21.55 37.44 -23.10
CA LEU B 632 -22.73 38.30 -23.16
C LEU B 632 -23.56 37.92 -21.96
N LEU B 633 -23.82 38.91 -21.12
CA LEU B 633 -24.47 38.65 -19.84
C LEU B 633 -25.86 39.27 -19.74
N TYR B 634 -26.77 38.57 -19.04
CA TYR B 634 -28.11 39.12 -18.84
C TYR B 634 -28.70 38.74 -17.48
N SER B 635 -29.93 39.17 -17.22
CA SER B 635 -30.66 38.80 -16.01
C SER B 635 -31.29 37.40 -15.96
N ARG B 636 -31.30 36.69 -17.10
CA ARG B 636 -31.80 35.32 -17.20
C ARG B 636 -31.06 34.65 -18.34
N MET B 637 -31.19 33.32 -18.45
CA MET B 637 -30.60 32.63 -19.61
C MET B 637 -31.49 32.80 -20.84
N GLY B 638 -31.03 32.28 -21.97
CA GLY B 638 -31.83 32.29 -23.19
C GLY B 638 -31.26 33.27 -24.20
N GLU B 639 -32.12 34.12 -24.73
CA GLU B 639 -31.67 34.98 -25.78
C GLU B 639 -32.33 36.33 -25.57
N VAL B 640 -31.75 37.39 -26.12
CA VAL B 640 -32.48 38.62 -26.29
C VAL B 640 -32.36 39.05 -27.75
N THR B 641 -33.22 39.98 -28.15
CA THR B 641 -33.22 40.43 -29.56
C THR B 641 -32.84 41.89 -29.70
N ALA B 642 -31.88 42.16 -30.59
CA ALA B 642 -31.34 43.50 -30.77
C ALA B 642 -32.34 44.39 -31.54
N ASP B 643 -32.02 45.69 -31.65
CA ASP B 643 -32.92 46.68 -32.31
C ASP B 643 -33.23 46.29 -33.76
N ASP B 644 -32.27 45.63 -34.41
CA ASP B 644 -32.40 45.27 -35.81
C ASP B 644 -32.77 43.81 -35.99
N GLY B 645 -33.15 43.15 -34.90
CA GLY B 645 -33.57 41.75 -34.96
C GLY B 645 -32.54 40.64 -34.76
N THR B 646 -31.25 40.98 -34.69
CA THR B 646 -30.17 40.01 -34.38
C THR B 646 -30.53 39.25 -33.09
N VAL B 647 -30.44 37.93 -33.11
CA VAL B 647 -30.74 37.17 -31.90
C VAL B 647 -29.40 37.00 -31.17
N LEU B 648 -29.35 37.49 -29.93
CA LEU B 648 -28.16 37.46 -29.07
C LEU B 648 -28.27 36.39 -27.99
N PRO B 649 -27.45 35.34 -28.10
CA PRO B 649 -27.50 34.26 -27.14
C PRO B 649 -26.80 34.69 -25.84
N ILE B 650 -27.42 34.37 -24.71
CA ILE B 650 -26.88 34.69 -23.39
C ILE B 650 -25.96 33.62 -22.83
N ALA B 651 -24.76 34.02 -22.42
CA ALA B 651 -23.79 33.05 -21.98
C ALA B 651 -24.06 32.77 -20.50
N ALA B 652 -24.45 33.79 -19.71
CA ALA B 652 -24.58 33.65 -18.23
C ALA B 652 -25.34 34.83 -17.65
N THR B 653 -25.74 34.74 -16.38
CA THR B 653 -26.42 35.86 -15.74
C THR B 653 -25.34 36.75 -15.11
N PHE B 654 -25.72 37.97 -14.74
CA PHE B 654 -24.84 38.82 -13.98
C PHE B 654 -24.28 38.16 -12.73
N ALA B 655 -25.11 37.37 -12.03
CA ALA B 655 -24.73 36.74 -10.75
C ALA B 655 -23.98 35.46 -11.06
N GLY B 656 -24.28 34.90 -12.23
CA GLY B 656 -23.64 33.61 -12.63
C GLY B 656 -22.20 33.72 -13.09
N ALA B 657 -21.88 34.83 -13.73
CA ALA B 657 -20.50 35.13 -14.23
C ALA B 657 -20.06 36.55 -13.74
N PRO B 658 -19.68 36.64 -12.47
CA PRO B 658 -19.36 37.90 -11.81
C PRO B 658 -18.16 38.61 -12.46
N SER B 659 -18.02 39.90 -12.17
CA SER B 659 -16.96 40.67 -12.79
C SER B 659 -15.58 40.14 -12.37
N LEU B 660 -15.54 39.39 -11.25
CA LEU B 660 -14.36 38.67 -10.81
C LEU B 660 -13.72 37.90 -11.95
N THR B 661 -14.57 37.39 -12.83
CA THR B 661 -14.11 36.51 -13.91
C THR B 661 -13.67 37.18 -15.22
N VAL B 662 -13.74 38.50 -15.29
CA VAL B 662 -13.39 39.18 -16.55
C VAL B 662 -12.34 40.29 -16.30
N ASP B 663 -11.76 40.78 -17.40
CA ASP B 663 -10.71 41.79 -17.37
C ASP B 663 -11.26 43.22 -17.51
N ALA B 664 -12.44 43.34 -18.10
CA ALA B 664 -13.08 44.64 -18.33
C ALA B 664 -14.54 44.37 -18.56
N VAL B 665 -15.35 45.43 -18.43
CA VAL B 665 -16.78 45.39 -18.63
C VAL B 665 -17.21 46.50 -19.59
N ILE B 666 -17.93 46.12 -20.65
CA ILE B 666 -18.54 47.07 -21.59
C ILE B 666 -20.06 47.06 -21.43
N VAL B 667 -20.69 48.24 -21.41
CA VAL B 667 -22.14 48.27 -21.40
C VAL B 667 -22.58 48.95 -22.69
N PRO B 668 -23.19 48.18 -23.62
CA PRO B 668 -23.60 48.85 -24.86
C PRO B 668 -24.87 49.69 -24.62
N OCS B 669 -25.15 50.59 -25.55
CA OCS B 669 -26.42 51.32 -25.53
CB OCS B 669 -26.30 52.49 -26.51
SG OCS B 669 -27.74 53.60 -26.61
C OCS B 669 -27.66 50.43 -25.86
O OCS B 669 -27.54 49.38 -26.48
OD1 OCS B 669 -28.33 53.78 -25.32
OD2 OCS B 669 -28.65 52.99 -27.55
OD3 OCS B 669 -27.23 54.85 -27.09
N GLY B 670 -28.83 50.87 -25.44
CA GLY B 670 -30.10 50.24 -25.83
C GLY B 670 -31.21 50.64 -24.89
N ASN B 671 -32.15 49.73 -24.67
CA ASN B 671 -33.14 49.89 -23.60
C ASN B 671 -32.53 49.71 -22.17
N ILE B 672 -31.77 50.73 -21.75
CA ILE B 672 -31.08 50.76 -20.46
C ILE B 672 -32.00 50.73 -19.24
N ALA B 673 -33.20 51.31 -19.37
CA ALA B 673 -34.28 51.14 -18.36
C ALA B 673 -34.47 49.65 -17.95
N ASP B 674 -34.36 48.74 -18.91
CA ASP B 674 -34.47 47.30 -18.66
C ASP B 674 -33.55 46.87 -17.51
N ILE B 675 -32.34 47.40 -17.45
CA ILE B 675 -31.34 46.91 -16.48
C ILE B 675 -30.97 47.94 -15.39
N ALA B 676 -31.40 49.19 -15.58
CA ALA B 676 -30.96 50.32 -14.76
C ALA B 676 -31.42 50.13 -13.31
N ASP B 677 -32.49 49.35 -13.13
CA ASP B 677 -32.98 49.09 -11.75
C ASP B 677 -32.62 47.68 -11.27
N ASN B 678 -31.76 47.00 -12.03
CA ASN B 678 -31.35 45.65 -11.65
C ASN B 678 -30.14 45.69 -10.68
N GLY B 679 -30.34 45.28 -9.42
CA GLY B 679 -29.29 45.42 -8.37
C GLY B 679 -28.02 44.72 -8.82
N ASP B 680 -28.19 43.53 -9.41
CA ASP B 680 -27.09 42.67 -9.88
C ASP B 680 -26.28 43.33 -11.03
N ALA B 681 -26.97 43.99 -11.97
CA ALA B 681 -26.26 44.79 -13.00
C ALA B 681 -25.47 45.93 -12.40
N ASN B 682 -26.06 46.69 -11.45
CA ASN B 682 -25.37 47.86 -10.88
C ASN B 682 -24.18 47.38 -10.06
N TYR B 683 -24.38 46.28 -9.32
CA TYR B 683 -23.32 45.70 -8.49
C TYR B 683 -22.15 45.17 -9.34
N TYR B 684 -22.50 44.56 -10.47
CA TYR B 684 -21.51 44.18 -11.47
C TYR B 684 -20.46 45.29 -11.71
N LEU B 685 -20.96 46.50 -11.94
CA LEU B 685 -20.12 47.61 -12.28
C LEU B 685 -19.39 48.13 -11.02
N MET B 686 -20.07 48.17 -9.86
CA MET B 686 -19.40 48.50 -8.59
C MET B 686 -18.21 47.60 -8.26
N GLU B 687 -18.39 46.30 -8.51
CA GLU B 687 -17.39 45.30 -8.19
C GLU B 687 -16.19 45.48 -9.12
N ALA B 688 -16.44 45.55 -10.42
CA ALA B 688 -15.40 45.77 -11.40
C ALA B 688 -14.64 47.08 -11.14
N TYR B 689 -15.37 48.14 -10.78
CA TYR B 689 -14.81 49.43 -10.49
C TYR B 689 -13.87 49.31 -9.27
N LYS B 690 -14.40 48.79 -8.16
CA LYS B 690 -13.58 48.50 -6.94
C LYS B 690 -12.26 47.77 -7.26
N HIS B 691 -12.33 46.75 -8.11
CA HIS B 691 -11.15 45.94 -8.45
C HIS B 691 -10.31 46.51 -9.60
N LEU B 692 -10.55 47.77 -9.93
CA LEU B 692 -9.62 48.57 -10.74
C LEU B 692 -9.67 48.18 -12.22
N LYS B 693 -10.80 47.56 -12.64
CA LYS B 693 -10.98 47.13 -14.06
C LYS B 693 -11.52 48.25 -14.96
N PRO B 694 -11.04 48.29 -16.23
CA PRO B 694 -11.61 49.19 -17.25
C PRO B 694 -13.11 48.94 -17.45
N ILE B 695 -13.87 50.02 -17.59
CA ILE B 695 -15.31 49.99 -17.80
C ILE B 695 -15.55 50.95 -18.98
N ALA B 696 -16.34 50.50 -19.96
CA ALA B 696 -16.76 51.35 -21.06
C ALA B 696 -18.29 51.47 -21.16
N LEU B 697 -18.80 52.67 -21.39
CA LEU B 697 -20.26 52.84 -21.41
C LEU B 697 -20.59 53.70 -22.61
N ALA B 698 -21.49 53.23 -23.46
CA ALA B 698 -21.80 53.95 -24.73
C ALA B 698 -23.23 54.47 -24.73
N GLY B 699 -23.44 55.70 -25.24
CA GLY B 699 -24.79 56.30 -25.28
C GLY B 699 -25.48 56.18 -23.94
N ASP B 700 -26.70 55.63 -23.90
CA ASP B 700 -27.48 55.73 -22.63
C ASP B 700 -26.86 54.93 -21.45
N ALA B 701 -25.99 54.00 -21.79
CA ALA B 701 -25.27 53.26 -20.73
C ALA B 701 -24.50 54.19 -19.76
N ARG B 702 -24.16 55.40 -20.20
CA ARG B 702 -23.62 56.43 -19.28
C ARG B 702 -24.48 56.82 -18.06
N LYS B 703 -25.78 56.54 -18.10
CA LYS B 703 -26.62 56.64 -16.88
C LYS B 703 -26.05 55.79 -15.71
N PHE B 704 -25.21 54.80 -16.02
CA PHE B 704 -24.60 53.94 -14.99
C PHE B 704 -23.48 54.63 -14.24
N LYS B 705 -22.84 55.61 -14.87
CA LYS B 705 -21.90 56.51 -14.17
C LYS B 705 -22.30 56.88 -12.75
N ALA B 706 -23.59 57.08 -12.50
CA ALA B 706 -24.00 57.56 -11.19
C ALA B 706 -23.84 56.51 -10.08
N THR B 707 -24.02 55.25 -10.40
CA THR B 707 -23.89 54.14 -9.41
C THR B 707 -22.48 53.97 -8.91
N ILE B 708 -21.51 54.35 -9.74
CA ILE B 708 -20.09 54.30 -9.39
C ILE B 708 -19.46 55.73 -9.18
N LYS B 709 -20.30 56.75 -9.03
CA LYS B 709 -19.84 58.09 -8.64
C LYS B 709 -18.83 58.73 -9.60
N ILE B 710 -19.07 58.67 -10.90
CA ILE B 710 -18.16 59.31 -11.86
C ILE B 710 -18.62 60.78 -12.15
N ALA B 711 -17.71 61.73 -11.97
CA ALA B 711 -18.00 63.12 -12.27
C ALA B 711 -18.47 63.22 -13.72
N ASP B 712 -19.39 64.16 -13.95
CA ASP B 712 -19.94 64.46 -15.30
C ASP B 712 -18.89 64.50 -16.40
N GLN B 713 -17.77 65.10 -16.10
CA GLN B 713 -16.67 65.23 -17.05
C GLN B 713 -15.91 63.93 -17.34
N GLY B 714 -16.20 62.86 -16.59
CA GLY B 714 -15.49 61.60 -16.76
C GLY B 714 -14.22 61.48 -15.92
N GLU B 715 -13.55 60.34 -16.06
CA GLU B 715 -12.26 60.10 -15.36
C GLU B 715 -11.44 59.05 -16.11
N GLU B 716 -10.12 59.11 -15.97
CA GLU B 716 -9.17 58.09 -16.48
C GLU B 716 -9.53 56.62 -16.04
N GLY B 717 -9.83 55.76 -17.02
CA GLY B 717 -10.23 54.36 -16.76
C GLY B 717 -11.71 54.04 -16.96
N ILE B 718 -12.52 55.09 -17.20
CA ILE B 718 -13.92 54.95 -17.67
C ILE B 718 -14.01 55.52 -19.08
N VAL B 719 -14.23 54.63 -20.04
CA VAL B 719 -14.35 55.01 -21.43
C VAL B 719 -15.83 55.26 -21.68
N GLU B 720 -16.10 56.39 -22.33
CA GLU B 720 -17.50 56.78 -22.56
C GLU B 720 -17.56 57.60 -23.85
N ALA B 721 -18.66 57.42 -24.58
CA ALA B 721 -18.90 58.10 -25.84
C ALA B 721 -20.36 57.89 -26.23
N ASP B 722 -20.82 58.70 -27.19
CA ASP B 722 -22.18 58.67 -27.73
C ASP B 722 -22.58 57.27 -28.23
N SER B 723 -21.58 56.59 -28.80
CA SER B 723 -21.74 55.25 -29.35
C SER B 723 -20.39 54.51 -29.26
N ALA B 724 -20.43 53.21 -29.54
CA ALA B 724 -19.21 52.41 -29.48
C ALA B 724 -18.38 52.43 -30.77
N ASP B 725 -18.21 53.60 -31.40
CA ASP B 725 -17.31 53.78 -32.56
C ASP B 725 -15.88 53.15 -32.38
N GLY B 726 -14.95 53.66 -33.22
CA GLY B 726 -13.61 53.09 -33.35
C GLY B 726 -12.60 53.56 -32.31
N SER B 727 -12.64 54.86 -32.04
CA SER B 727 -11.80 55.44 -30.97
C SER B 727 -12.18 54.84 -29.56
N PHE B 728 -13.47 54.55 -29.37
CA PHE B 728 -14.02 54.07 -28.10
C PHE B 728 -13.37 52.71 -27.80
N MET B 729 -13.27 51.84 -28.81
CA MET B 729 -12.62 50.55 -28.59
C MET B 729 -11.11 50.64 -28.38
N ASP B 730 -10.43 51.58 -29.07
CA ASP B 730 -8.96 51.75 -28.92
C ASP B 730 -8.63 52.19 -27.52
N GLU B 731 -9.48 53.08 -26.99
CA GLU B 731 -9.38 53.57 -25.61
C GLU B 731 -9.49 52.39 -24.64
N LEU B 732 -10.62 51.68 -24.73
CA LEU B 732 -10.84 50.45 -23.96
C LEU B 732 -9.64 49.45 -24.02
N LEU B 733 -9.25 49.10 -25.24
CA LEU B 733 -8.16 48.15 -25.45
C LEU B 733 -6.83 48.66 -24.93
N THR B 734 -6.58 49.97 -25.01
CA THR B 734 -5.33 50.53 -24.41
C THR B 734 -5.32 50.35 -22.89
N LEU B 735 -6.49 50.52 -22.28
CA LEU B 735 -6.59 50.32 -20.84
C LEU B 735 -6.35 48.84 -20.50
N MET B 736 -7.02 47.96 -21.23
CA MET B 736 -6.84 46.56 -21.00
C MET B 736 -5.37 46.18 -21.10
N ALA B 737 -4.59 46.85 -21.97
CA ALA B 737 -3.10 46.53 -22.09
C ALA B 737 -2.30 46.92 -20.86
N ALA B 738 -2.81 47.86 -20.05
CA ALA B 738 -2.18 48.33 -18.81
C ALA B 738 -2.73 47.55 -17.63
N HIS B 739 -3.62 46.59 -17.93
CA HIS B 739 -4.11 45.57 -16.97
C HIS B 739 -5.18 46.16 -16.02
N ARG B 740 -4.80 47.12 -15.15
CA ARG B 740 -5.74 47.69 -14.20
C ARG B 740 -5.47 49.21 -14.13
N VAL B 741 -6.42 49.92 -13.58
CA VAL B 741 -6.42 51.39 -13.51
C VAL B 741 -5.91 51.80 -12.10
N TRP B 742 -4.58 51.81 -11.91
CA TRP B 742 -4.01 51.94 -10.57
C TRP B 742 -4.35 53.32 -9.99
N SER B 743 -4.53 54.31 -10.84
CA SER B 743 -4.84 55.70 -10.41
C SER B 743 -6.17 55.81 -9.69
N ARG B 744 -7.01 54.77 -9.86
CA ARG B 744 -8.37 54.75 -9.27
C ARG B 744 -8.37 54.42 -7.76
N ILE B 745 -7.23 53.94 -7.28
CA ILE B 745 -7.16 53.41 -5.94
C ILE B 745 -7.68 54.39 -4.85
N PRO B 746 -7.18 55.66 -4.81
CA PRO B 746 -7.73 56.53 -3.74
C PRO B 746 -9.28 56.68 -3.77
N LYS B 747 -9.94 56.51 -4.91
CA LYS B 747 -11.42 56.63 -4.95
C LYS B 747 -12.17 55.41 -4.42
N ILE B 748 -11.56 54.24 -4.45
CA ILE B 748 -12.33 53.05 -4.11
C ILE B 748 -12.70 52.90 -2.60
N ASP B 749 -11.99 53.58 -1.70
CA ASP B 749 -12.28 53.57 -0.21
C ASP B 749 -13.72 54.02 0.17
N LYS B 750 -14.31 54.84 -0.70
CA LYS B 750 -15.63 55.44 -0.53
C LYS B 750 -16.81 54.57 -1.00
N ILE B 751 -16.58 53.81 -2.07
CA ILE B 751 -17.57 52.86 -2.63
C ILE B 751 -17.93 51.71 -1.66
N PRO B 752 -19.22 51.59 -1.29
CA PRO B 752 -19.65 50.39 -0.57
C PRO B 752 -19.86 49.26 -1.57
N ALA B 753 -18.83 48.43 -1.74
CA ALA B 753 -18.89 47.23 -2.59
C ALA B 753 -17.87 46.18 -2.09
N SER C 28 13.00 29.59 25.98
CA SER C 28 12.78 31.07 26.09
C SER C 28 11.76 31.76 25.11
N LEU C 29 11.04 30.98 24.26
CA LEU C 29 10.27 31.61 23.13
C LEU C 29 8.87 32.15 23.42
N ALA C 30 8.22 31.59 24.45
CA ALA C 30 6.85 31.98 24.80
C ALA C 30 6.84 33.39 25.39
N PRO C 31 5.74 34.13 25.22
CA PRO C 31 5.76 35.46 25.89
C PRO C 31 5.79 35.37 27.46
N GLU C 32 6.48 36.31 28.11
CA GLU C 32 6.43 36.45 29.60
C GLU C 32 5.03 36.40 30.27
N ASP C 33 4.04 37.01 29.63
CA ASP C 33 2.73 37.15 30.24
C ASP C 33 1.85 35.90 30.07
N GLY C 34 2.40 34.82 29.49
CA GLY C 34 1.69 33.55 29.24
C GLY C 34 0.51 33.65 28.28
N SER C 35 0.42 34.72 27.50
CA SER C 35 -0.70 34.83 26.51
C SER C 35 -0.63 33.88 25.28
N HIS C 36 0.37 33.00 25.23
CA HIS C 36 0.42 32.02 24.13
C HIS C 36 -0.53 30.84 24.41
N ARG C 37 -0.92 30.67 25.68
CA ARG C 37 -1.58 29.40 26.11
C ARG C 37 -3.06 29.69 26.30
N PRO C 38 -3.99 29.01 25.56
CA PRO C 38 -5.44 29.23 25.75
C PRO C 38 -5.90 28.84 27.16
N ALA C 39 -6.83 29.64 27.73
CA ALA C 39 -7.49 29.29 29.03
C ALA C 39 -8.17 27.91 28.92
N ALA C 40 -7.89 27.03 29.88
CA ALA C 40 -8.45 25.70 29.94
C ALA C 40 -9.85 25.71 30.62
N GLU C 41 -10.78 26.42 29.97
CA GLU C 41 -12.11 26.66 30.54
C GLU C 41 -12.93 27.17 29.36
N PRO C 42 -14.27 27.04 29.42
CA PRO C 42 -15.16 27.47 28.30
C PRO C 42 -15.01 28.97 28.00
N THR C 43 -14.76 29.33 26.75
CA THR C 43 -14.65 30.75 26.40
C THR C 43 -15.42 30.92 25.08
N PRO C 44 -15.92 32.14 24.81
CA PRO C 44 -16.77 32.33 23.63
C PRO C 44 -15.90 32.43 22.36
N PRO C 45 -16.50 32.29 21.14
CA PRO C 45 -15.70 32.23 19.92
C PRO C 45 -14.86 33.49 19.85
N GLY C 46 -13.57 33.32 19.57
CA GLY C 46 -12.68 34.49 19.31
C GLY C 46 -11.97 35.02 20.55
N ALA C 47 -12.33 34.51 21.73
CA ALA C 47 -11.75 35.07 22.95
C ALA C 47 -10.34 34.52 23.23
N GLN C 48 -10.04 33.34 22.70
CA GLN C 48 -8.82 32.64 23.04
C GLN C 48 -8.41 31.94 21.74
N PRO C 49 -7.09 31.57 21.59
CA PRO C 49 -6.84 30.64 20.46
C PRO C 49 -7.47 29.25 20.74
N THR C 50 -7.89 28.52 19.70
CA THR C 50 -8.42 27.19 19.89
C THR C 50 -7.29 26.24 20.22
N ALA C 51 -7.63 25.13 20.81
CA ALA C 51 -6.61 24.17 21.20
C ALA C 51 -7.17 22.78 21.08
N PRO C 52 -6.31 21.76 21.07
CA PRO C 52 -6.70 20.36 21.20
C PRO C 52 -7.56 20.13 22.41
N GLY C 53 -8.55 19.25 22.25
CA GLY C 53 -9.61 19.00 23.19
C GLY C 53 -9.13 18.67 24.58
N SER C 54 -8.09 17.84 24.67
CA SER C 54 -7.71 17.37 26.00
C SER C 54 -7.00 18.47 26.79
N LEU C 55 -6.48 19.50 26.09
CA LEU C 55 -5.82 20.66 26.71
C LEU C 55 -6.82 21.77 27.04
N LYS C 56 -7.75 21.97 26.11
CA LYS C 56 -8.84 22.91 26.31
C LYS C 56 -9.77 22.59 27.47
N ALA C 57 -10.16 21.32 27.55
CA ALA C 57 -11.22 20.86 28.49
C ALA C 57 -10.74 19.57 29.12
N PRO C 58 -9.64 19.66 29.91
CA PRO C 58 -9.07 18.41 30.48
C PRO C 58 -10.03 17.67 31.44
N ASP C 59 -11.01 18.37 31.99
CA ASP C 59 -11.99 17.74 32.90
C ASP C 59 -13.17 17.00 32.22
N THR C 60 -13.37 17.21 30.93
CA THR C 60 -14.41 16.43 30.21
C THR C 60 -13.91 15.00 29.98
N ARG C 61 -14.73 14.03 30.29
CA ARG C 61 -14.30 12.66 30.09
C ARG C 61 -15.46 11.78 29.60
N ASN C 62 -15.12 10.67 28.93
CA ASN C 62 -16.06 9.57 28.77
C ASN C 62 -15.26 8.29 28.62
N GLU C 63 -15.91 7.15 28.51
CA GLU C 63 -15.19 5.88 28.54
C GLU C 63 -14.23 5.72 27.30
N LYS C 64 -14.66 6.23 26.16
CA LYS C 64 -13.83 6.17 24.92
C LYS C 64 -12.63 7.07 25.09
N LEU C 65 -12.89 8.31 25.52
CA LEU C 65 -11.81 9.27 25.71
C LEU C 65 -10.80 8.72 26.73
N ASN C 66 -11.30 8.04 27.78
CA ASN C 66 -10.36 7.49 28.77
C ASN C 66 -9.50 6.41 28.16
N SER C 67 -10.13 5.56 27.33
CA SER C 67 -9.42 4.46 26.77
C SER C 67 -8.38 4.95 25.71
N LEU C 68 -8.47 6.18 25.22
CA LEU C 68 -7.50 6.69 24.24
C LEU C 68 -6.21 7.18 24.93
N GLU C 69 -6.20 7.14 26.26
CA GLU C 69 -5.07 7.73 26.99
C GLU C 69 -3.74 7.04 26.74
N ASP C 70 -3.78 5.72 26.50
CA ASP C 70 -2.57 4.93 26.26
C ASP C 70 -1.81 5.42 25.00
N VAL C 71 -2.51 6.09 24.07
CA VAL C 71 -1.85 6.53 22.87
C VAL C 71 -1.66 8.04 22.81
N ARG C 72 -2.21 8.82 23.76
CA ARG C 72 -1.95 10.28 23.71
C ARG C 72 -0.50 10.61 24.02
N LYS C 73 0.14 11.52 23.30
CA LYS C 73 1.56 11.91 23.60
C LYS C 73 1.52 13.38 23.90
N GLY C 74 2.03 13.76 25.07
CA GLY C 74 2.32 15.16 25.44
C GLY C 74 3.59 15.68 24.79
N SER C 75 4.20 16.69 25.41
CA SER C 75 5.31 17.41 24.78
C SER C 75 6.11 18.27 25.74
N GLU C 76 5.46 18.83 26.76
CA GLU C 76 6.18 19.80 27.65
C GLU C 76 7.21 19.09 28.47
N ASN C 77 8.40 19.71 28.60
CA ASN C 77 9.56 19.13 29.31
C ASN C 77 10.17 17.90 28.73
N TYR C 78 9.89 17.59 27.47
CA TYR C 78 10.53 16.42 26.88
C TYR C 78 11.56 16.88 25.87
N ALA C 79 12.61 16.08 25.73
CA ALA C 79 13.59 16.27 24.68
C ALA C 79 13.00 15.93 23.30
N LEU C 80 13.42 16.72 22.31
CA LEU C 80 13.20 16.31 20.89
C LEU C 80 14.04 15.10 20.45
N THR C 81 13.39 14.08 19.89
CA THR C 81 14.11 12.90 19.49
C THR C 81 13.76 12.39 18.10
N THR C 82 14.56 11.44 17.61
CA THR C 82 14.07 10.62 16.49
C THR C 82 12.91 9.72 16.95
N ASN C 83 12.27 9.04 16.00
CA ASN C 83 11.27 8.02 16.32
C ASN C 83 11.86 6.78 17.05
N GLN C 84 13.19 6.65 17.06
CA GLN C 84 13.89 5.56 17.74
C GLN C 84 14.31 6.04 19.15
N GLY C 85 13.98 7.28 19.51
CA GLY C 85 14.20 7.72 20.91
C GLY C 85 15.54 8.36 21.06
N VAL C 86 16.26 8.66 19.96
CA VAL C 86 17.62 9.33 20.06
C VAL C 86 17.45 10.86 20.15
N ARG C 87 18.06 11.49 21.18
CA ARG C 87 17.92 12.94 21.29
C ARG C 87 18.60 13.64 20.12
N ILE C 88 17.97 14.72 19.63
CA ILE C 88 18.53 15.48 18.51
C ILE C 88 19.21 16.66 19.17
N ALA C 89 20.44 16.95 18.73
CA ALA C 89 21.21 18.16 19.12
C ALA C 89 20.91 19.39 18.28
N ASP C 90 20.85 19.22 16.95
CA ASP C 90 20.65 20.37 16.12
C ASP C 90 19.53 20.05 15.12
N ASP C 91 18.34 20.61 15.33
CA ASP C 91 17.18 20.34 14.44
C ASP C 91 17.05 21.47 13.40
N GLN C 92 18.14 22.24 13.17
CA GLN C 92 18.17 23.35 12.21
C GLN C 92 19.02 23.07 10.91
N ASN C 93 19.81 22.01 10.88
CA ASN C 93 20.79 21.78 9.78
C ASN C 93 20.94 20.31 9.42
N SER C 94 21.26 20.07 8.14
CA SER C 94 21.62 18.76 7.66
C SER C 94 23.07 18.57 7.95
N LEU C 95 23.51 17.31 7.95
CA LEU C 95 24.95 16.99 8.08
C LEU C 95 25.63 17.13 6.71
N ARG C 96 26.67 17.97 6.64
CA ARG C 96 27.40 18.18 5.40
C ARG C 96 28.93 18.11 5.57
N ALA C 97 29.61 17.94 4.45
CA ALA C 97 31.07 18.02 4.45
C ALA C 97 31.53 19.48 4.29
N GLY C 98 31.68 20.19 5.44
CA GLY C 98 32.00 21.65 5.47
C GLY C 98 30.66 22.37 5.47
N SER C 99 30.64 23.56 6.07
CA SER C 99 29.37 24.26 6.26
C SER C 99 28.72 24.76 4.97
N ARG C 100 29.48 24.83 3.88
CA ARG C 100 28.89 25.02 2.53
C ARG C 100 28.98 23.75 1.66
N GLY C 101 29.12 22.58 2.29
CA GLY C 101 29.42 21.36 1.56
C GLY C 101 28.18 20.57 1.17
N PRO C 102 28.37 19.41 0.54
CA PRO C 102 27.22 18.63 0.15
C PRO C 102 26.63 17.88 1.38
N THR C 103 25.32 17.58 1.37
CA THR C 103 24.70 16.77 2.43
C THR C 103 25.10 15.28 2.33
N LEU C 104 25.34 14.68 3.48
CA LEU C 104 25.83 13.30 3.53
C LEU C 104 24.68 12.32 3.74
N LEU C 105 24.84 11.19 3.07
CA LEU C 105 23.86 10.11 3.10
C LEU C 105 23.78 9.56 4.49
N GLU C 106 24.86 9.69 5.29
CA GLU C 106 24.78 9.17 6.66
C GLU C 106 23.92 10.01 7.62
N ASP C 107 23.37 11.13 7.14
CA ASP C 107 22.48 11.92 8.00
C ASP C 107 21.11 11.22 8.20
N PHE C 108 21.07 10.35 9.20
CA PHE C 108 19.88 9.54 9.37
C PHE C 108 18.78 10.37 10.04
N ILE C 109 19.15 11.43 10.78
CA ILE C 109 18.13 12.27 11.47
C ILE C 109 17.31 13.03 10.39
N LEU C 110 18.01 13.65 9.44
CA LEU C 110 17.38 14.29 8.27
C LEU C 110 16.52 13.25 7.53
N ARG C 111 17.07 12.10 7.18
CA ARG C 111 16.28 11.17 6.32
C ARG C 111 15.06 10.59 7.07
N GLU C 112 15.20 10.28 8.35
CA GLU C 112 13.98 9.85 9.06
C GLU C 112 12.91 10.94 9.05
N LYS C 113 13.30 12.17 9.30
CA LYS C 113 12.35 13.27 9.42
C LYS C 113 11.72 13.58 8.07
N ILE C 114 12.54 13.58 7.01
CA ILE C 114 11.99 13.85 5.66
C ILE C 114 11.13 12.69 5.18
N THR C 115 11.53 11.45 5.53
CA THR C 115 10.77 10.25 5.11
C THR C 115 9.40 10.30 5.77
N HIS C 116 9.37 10.66 7.06
CA HIS C 116 8.02 10.65 7.67
C HIS C 116 7.14 11.73 6.97
N PHE C 117 7.71 12.92 6.78
CA PHE C 117 6.97 13.99 6.06
C PHE C 117 6.53 13.53 4.65
N ASP C 118 7.44 12.91 3.89
CA ASP C 118 7.13 12.34 2.56
C ASP C 118 5.96 11.44 2.42
N HIS C 119 5.53 10.85 3.55
CA HIS C 119 4.51 9.78 3.51
C HIS C 119 3.37 10.12 4.45
N GLU C 120 3.20 11.42 4.73
CA GLU C 120 2.12 11.91 5.64
C GLU C 120 0.76 11.59 5.15
N ARG C 121 0.54 11.63 3.84
CA ARG C 121 -0.85 11.59 3.36
C ARG C 121 -1.32 10.20 3.06
N ILE C 122 -2.63 9.98 3.27
CA ILE C 122 -3.30 8.70 3.01
C ILE C 122 -4.48 9.07 2.08
N PRO C 123 -5.04 8.05 1.35
CA PRO C 123 -6.06 8.41 0.43
C PRO C 123 -7.22 9.04 1.16
N GLU C 124 -7.87 10.07 0.61
CA GLU C 124 -9.08 10.57 1.25
C GLU C 124 -10.28 9.67 0.94
N ARG C 125 -11.37 9.83 1.68
CA ARG C 125 -12.62 9.06 1.47
C ARG C 125 -13.12 9.25 0.05
N ILE C 126 -13.57 8.16 -0.56
CA ILE C 126 -14.08 8.27 -1.97
C ILE C 126 -15.16 9.36 -2.05
N VAL C 127 -16.05 9.37 -1.07
CA VAL C 127 -17.12 10.40 -0.94
C VAL C 127 -17.12 10.84 0.50
N HIS C 128 -17.61 12.05 0.75
CA HIS C 128 -17.63 12.64 2.09
C HIS C 128 -16.20 12.86 2.59
N ALA C 129 -15.26 13.13 1.67
CA ALA C 129 -13.87 13.41 2.03
C ALA C 129 -13.78 14.64 2.96
N ARG C 130 -14.73 15.56 2.88
CA ARG C 130 -14.63 16.84 3.67
C ARG C 130 -15.55 16.66 4.88
N GLY C 131 -15.03 16.69 6.09
CA GLY C 131 -15.88 16.48 7.25
C GLY C 131 -15.17 16.86 8.57
N SER C 132 -15.97 17.12 9.61
CA SER C 132 -15.52 17.71 10.91
C SER C 132 -16.17 16.88 11.98
N ALA C 133 -15.46 16.61 13.07
CA ALA C 133 -15.87 15.52 13.99
C ALA C 133 -15.67 15.93 15.44
N ALA C 134 -16.43 15.33 16.34
CA ALA C 134 -16.30 15.64 17.79
C ALA C 134 -16.71 14.41 18.61
N HIS C 135 -16.14 14.28 19.82
CA HIS C 135 -16.48 13.25 20.82
C HIS C 135 -17.73 13.71 21.60
N GLY C 136 -18.51 12.75 22.04
CA GLY C 136 -19.71 13.05 22.83
C GLY C 136 -20.25 11.86 23.55
N TYR C 137 -21.53 11.95 23.97
CA TYR C 137 -22.14 10.83 24.64
C TYR C 137 -23.61 10.77 24.33
N PHE C 138 -24.19 9.59 24.46
CA PHE C 138 -25.60 9.36 24.16
C PHE C 138 -26.18 8.66 25.38
N GLN C 139 -27.46 8.91 25.63
CA GLN C 139 -28.19 8.27 26.71
C GLN C 139 -29.65 8.10 26.29
N PRO C 140 -30.24 6.89 26.44
CA PRO C 140 -31.70 6.85 26.08
C PRO C 140 -32.61 7.41 27.18
N TYR C 141 -33.80 7.90 26.79
CA TYR C 141 -34.75 8.43 27.80
C TYR C 141 -35.33 7.35 28.68
N LYS C 142 -35.54 6.18 28.09
CA LYS C 142 -36.06 5.00 28.83
C LYS C 142 -35.60 3.70 28.16
N SER C 143 -35.74 2.61 28.85
CA SER C 143 -35.43 1.30 28.28
C SER C 143 -36.35 0.99 27.10
N LEU C 144 -35.76 0.50 26.02
CA LEU C 144 -36.57 0.15 24.85
C LEU C 144 -36.64 -1.35 24.69
N SER C 145 -36.35 -2.10 25.79
CA SER C 145 -36.36 -3.57 25.80
C SER C 145 -37.63 -4.20 25.17
N ASP C 146 -38.79 -3.53 25.22
CA ASP C 146 -40.01 -4.11 24.60
C ASP C 146 -39.88 -4.28 23.07
N ILE C 147 -39.10 -3.41 22.41
CA ILE C 147 -38.98 -3.40 20.96
C ILE C 147 -37.56 -3.75 20.43
N THR C 148 -36.52 -3.59 21.27
CA THR C 148 -35.20 -3.98 20.87
C THR C 148 -34.34 -4.51 22.02
N LYS C 149 -33.59 -5.58 21.77
CA LYS C 149 -32.59 -6.06 22.75
C LYS C 149 -31.22 -5.37 22.66
N ALA C 150 -31.14 -4.29 21.90
CA ALA C 150 -29.85 -3.53 21.76
C ALA C 150 -29.42 -3.03 23.12
N ASP C 151 -28.23 -3.42 23.57
CA ASP C 151 -27.81 -3.07 24.94
C ASP C 151 -27.77 -1.55 25.19
N PHE C 152 -27.28 -0.78 24.23
CA PHE C 152 -27.18 0.67 24.48
C PHE C 152 -28.52 1.38 24.65
N LEU C 153 -29.62 0.69 24.34
CA LEU C 153 -30.97 1.24 24.49
C LEU C 153 -31.73 0.57 25.64
N SER C 154 -31.01 -0.13 26.51
CA SER C 154 -31.71 -0.98 27.49
C SER C 154 -31.94 -0.28 28.86
N ASP C 155 -31.33 0.87 29.09
CA ASP C 155 -31.28 1.41 30.46
C ASP C 155 -31.08 2.89 30.37
N PRO C 156 -31.99 3.70 30.99
CA PRO C 156 -31.81 5.17 30.94
C PRO C 156 -30.51 5.68 31.59
N ASN C 157 -29.93 4.89 32.49
CA ASN C 157 -28.61 5.14 33.10
C ASN C 157 -27.39 4.77 32.26
N LYS C 158 -27.59 4.05 31.17
CA LYS C 158 -26.47 3.56 30.43
C LYS C 158 -25.98 4.66 29.49
N ILE C 159 -24.78 5.12 29.75
CA ILE C 159 -24.29 6.11 28.87
C ILE C 159 -23.25 5.52 27.88
N THR C 160 -23.45 5.85 26.61
CA THR C 160 -22.65 5.29 25.52
C THR C 160 -21.80 6.40 24.91
N PRO C 161 -20.43 6.28 24.93
CA PRO C 161 -19.64 7.34 24.24
C PRO C 161 -19.95 7.36 22.76
N VAL C 162 -19.80 8.50 22.09
CA VAL C 162 -19.87 8.54 20.63
C VAL C 162 -18.74 9.33 20.04
N PHE C 163 -18.54 9.09 18.75
CA PHE C 163 -17.72 9.95 17.93
C PHE C 163 -18.50 10.22 16.64
N VAL C 164 -18.70 11.51 16.30
CA VAL C 164 -19.58 11.91 15.23
C VAL C 164 -18.80 12.69 14.23
N ARG C 165 -18.97 12.35 12.97
CA ARG C 165 -18.35 13.14 11.93
C ARG C 165 -19.45 13.63 10.98
N PHE C 166 -19.46 14.93 10.73
CA PHE C 166 -20.35 15.56 9.78
C PHE C 166 -19.52 15.83 8.53
N SER C 167 -20.15 15.84 7.40
CA SER C 167 -19.39 16.01 6.16
C SER C 167 -20.23 16.60 5.06
N THR C 168 -19.59 17.02 3.96
CA THR C 168 -20.27 17.24 2.69
C THR C 168 -20.14 15.89 1.92
N VAL C 169 -20.36 15.84 0.62
CA VAL C 169 -20.30 14.52 -0.09
C VAL C 169 -19.32 14.56 -1.29
N GLN C 170 -19.42 15.63 -2.08
CA GLN C 170 -18.75 15.71 -3.39
C GLN C 170 -17.26 16.12 -3.28
N GLY C 171 -16.93 17.18 -2.54
CA GLY C 171 -15.62 17.77 -2.62
C GLY C 171 -14.53 17.04 -1.85
N GLY C 172 -13.28 17.38 -2.12
CA GLY C 172 -12.18 16.67 -1.53
C GLY C 172 -12.04 17.19 -0.09
N ALA C 173 -11.10 16.63 0.65
CA ALA C 173 -10.88 16.96 2.09
C ALA C 173 -10.49 18.41 2.21
N GLY C 174 -9.95 19.00 1.14
CA GLY C 174 -9.52 20.42 1.12
C GLY C 174 -10.54 21.36 0.47
N SER C 175 -11.76 20.86 0.23
CA SER C 175 -12.81 21.70 -0.39
C SER C 175 -13.55 22.52 0.68
N ALA C 176 -14.52 23.36 0.27
CA ALA C 176 -15.16 24.34 1.19
C ALA C 176 -16.35 23.76 1.94
N ASP C 177 -16.64 24.30 3.13
CA ASP C 177 -17.77 23.77 3.93
C ASP C 177 -19.18 24.19 3.41
N THR C 178 -19.33 25.48 3.09
CA THR C 178 -20.72 26.00 2.88
C THR C 178 -21.15 25.89 1.42
N VAL C 179 -20.77 24.77 0.78
CA VAL C 179 -21.22 24.47 -0.57
C VAL C 179 -22.70 24.04 -0.54
N ARG C 180 -23.33 24.01 -1.71
CA ARG C 180 -24.63 23.27 -1.84
C ARG C 180 -24.36 21.81 -2.16
N ASP C 181 -24.78 20.96 -1.24
CA ASP C 181 -24.47 19.55 -1.31
C ASP C 181 -25.36 18.88 -0.25
N ILE C 182 -25.51 17.56 -0.34
CA ILE C 182 -25.95 16.77 0.80
C ILE C 182 -24.91 16.86 1.97
N ARG C 183 -25.34 16.69 3.24
CA ARG C 183 -24.36 16.54 4.33
C ARG C 183 -24.44 15.18 4.93
N GLY C 184 -23.28 14.58 5.25
CA GLY C 184 -23.31 13.37 6.07
C GLY C 184 -23.34 13.67 7.55
N PHE C 185 -23.81 12.67 8.30
CA PHE C 185 -23.95 12.76 9.77
C PHE C 185 -23.75 11.33 10.25
N ALA C 186 -22.51 11.01 10.60
CA ALA C 186 -22.16 9.68 10.94
C ALA C 186 -21.82 9.64 12.44
N THR C 187 -22.44 8.67 13.11
CA THR C 187 -22.30 8.50 14.55
C THR C 187 -21.73 7.10 14.86
N LYS C 188 -20.58 7.08 15.51
CA LYS C 188 -19.98 5.83 16.01
C LYS C 188 -20.35 5.68 17.53
N PHE C 189 -21.19 4.68 17.84
CA PHE C 189 -21.61 4.41 19.27
C PHE C 189 -20.75 3.26 19.76
N TYR C 190 -19.96 3.54 20.78
CA TYR C 190 -19.08 2.55 21.35
C TYR C 190 -19.89 1.82 22.46
N THR C 191 -20.66 0.79 22.09
CA THR C 191 -21.59 0.15 23.04
C THR C 191 -20.86 -1.00 23.73
N GLU C 192 -21.46 -1.52 24.79
CA GLU C 192 -20.90 -2.61 25.55
C GLU C 192 -21.05 -4.00 24.80
N GLU C 193 -21.79 -4.02 23.69
CA GLU C 193 -21.98 -5.21 22.87
C GLU C 193 -21.50 -5.00 21.43
N GLY C 194 -20.55 -4.07 21.26
CA GLY C 194 -19.99 -3.81 19.93
C GLY C 194 -20.11 -2.36 19.46
N ILE C 195 -19.33 -2.00 18.43
CA ILE C 195 -19.53 -0.73 17.71
C ILE C 195 -20.79 -0.73 16.91
N PHE C 196 -21.66 0.25 17.13
CA PHE C 196 -22.78 0.49 16.18
C PHE C 196 -22.54 1.81 15.45
N ASP C 197 -22.44 1.76 14.11
CA ASP C 197 -22.23 3.00 13.34
C ASP C 197 -23.59 3.36 12.72
N LEU C 198 -24.11 4.56 13.01
CA LEU C 198 -25.29 5.02 12.26
C LEU C 198 -24.86 6.06 11.25
N VAL C 199 -24.89 5.65 9.99
CA VAL C 199 -24.21 6.44 8.93
C VAL C 199 -25.29 7.12 8.09
N GLY C 200 -25.68 8.31 8.54
CA GLY C 200 -26.77 9.08 7.94
C GLY C 200 -26.39 10.30 7.15
N ASN C 201 -27.40 10.89 6.54
CA ASN C 201 -27.29 12.13 5.80
C ASN C 201 -28.32 13.09 6.39
N ASN C 202 -28.32 14.35 5.91
CA ASN C 202 -29.25 15.37 6.43
C ASN C 202 -30.53 15.50 5.59
N THR C 203 -30.77 14.53 4.69
CA THR C 203 -32.10 14.44 4.07
C THR C 203 -32.58 12.99 4.27
N PRO C 204 -33.91 12.74 4.19
CA PRO C 204 -34.40 11.41 4.58
C PRO C 204 -34.39 10.35 3.48
N ILE C 205 -33.76 10.64 2.33
CA ILE C 205 -33.73 9.71 1.19
C ILE C 205 -32.39 9.76 0.49
N PHE C 206 -32.20 8.94 -0.54
CA PHE C 206 -31.02 9.14 -1.36
C PHE C 206 -31.42 9.39 -2.82
N PHE C 207 -30.48 9.82 -3.70
CA PHE C 207 -30.71 10.00 -5.13
C PHE C 207 -31.07 8.73 -5.94
N ILE C 208 -30.57 7.57 -5.54
CA ILE C 208 -30.73 6.39 -6.41
C ILE C 208 -31.28 5.21 -5.59
N GLN C 209 -31.85 4.22 -6.29
CA GLN C 209 -32.45 3.01 -5.68
C GLN C 209 -31.54 1.83 -5.44
N ASP C 210 -30.60 1.55 -6.37
CA ASP C 210 -29.83 0.31 -6.31
C ASP C 210 -28.36 0.67 -6.22
N ALA C 211 -27.64 0.03 -5.28
CA ALA C 211 -26.19 0.24 -5.04
C ALA C 211 -25.36 0.09 -6.32
N HIS C 212 -25.81 -0.76 -7.27
CA HIS C 212 -25.03 -1.01 -8.46
C HIS C 212 -24.73 0.32 -9.18
N LYS C 213 -25.63 1.28 -9.04
CA LYS C 213 -25.52 2.53 -9.80
C LYS C 213 -24.74 3.60 -9.00
N PHE C 214 -24.32 3.29 -7.77
CA PHE C 214 -23.63 4.32 -6.96
C PHE C 214 -22.40 4.94 -7.71
N PRO C 215 -21.52 4.11 -8.33
CA PRO C 215 -20.41 4.78 -9.00
C PRO C 215 -20.85 5.65 -10.17
N ASP C 216 -21.92 5.29 -10.86
CA ASP C 216 -22.43 6.13 -11.94
C ASP C 216 -22.92 7.49 -11.41
N PHE C 217 -23.77 7.47 -10.37
CA PHE C 217 -24.26 8.74 -9.87
C PHE C 217 -23.10 9.56 -9.29
N VAL C 218 -22.28 8.91 -8.48
CA VAL C 218 -21.17 9.66 -7.87
C VAL C 218 -20.19 10.17 -8.95
N HIS C 219 -19.89 9.35 -9.95
CA HIS C 219 -19.11 9.94 -11.10
C HIS C 219 -19.76 11.18 -11.73
N ALA C 220 -21.07 11.13 -11.87
CA ALA C 220 -21.79 12.23 -12.50
C ALA C 220 -21.72 13.58 -11.72
N VAL C 221 -21.84 13.51 -10.38
CA VAL C 221 -21.80 14.70 -9.54
C VAL C 221 -20.39 15.22 -9.24
N LYS C 222 -19.45 14.28 -9.19
CA LYS C 222 -18.00 14.56 -9.00
C LYS C 222 -17.40 15.42 -10.17
N PRO C 223 -16.25 16.05 -9.92
CA PRO C 223 -15.59 16.83 -10.96
C PRO C 223 -15.43 15.96 -12.19
N GLU C 224 -15.64 16.56 -13.38
CA GLU C 224 -15.66 15.80 -14.64
C GLU C 224 -14.28 15.32 -15.03
N PRO C 225 -14.21 14.17 -15.65
CA PRO C 225 -12.94 13.40 -15.60
C PRO C 225 -11.82 13.99 -16.54
N HIS C 226 -12.18 14.74 -17.56
CA HIS C 226 -11.13 15.31 -18.45
C HIS C 226 -10.34 16.34 -17.67
N TRP C 227 -11.05 17.25 -17.02
CA TRP C 227 -10.41 18.41 -16.38
C TRP C 227 -10.52 18.57 -14.87
N ALA C 228 -11.22 17.64 -14.20
CA ALA C 228 -11.41 17.74 -12.75
C ALA C 228 -11.98 19.08 -12.29
N ILE C 229 -13.10 19.44 -12.94
CA ILE C 229 -13.89 20.60 -12.55
C ILE C 229 -15.36 20.14 -12.63
N PRO C 230 -16.23 20.62 -11.73
CA PRO C 230 -16.03 21.62 -10.70
C PRO C 230 -15.95 20.97 -9.28
N GLN C 231 -15.25 21.64 -8.37
CA GLN C 231 -15.10 21.16 -7.00
C GLN C 231 -16.26 21.59 -6.14
N GLY C 232 -16.86 20.62 -5.44
CA GLY C 232 -17.86 21.00 -4.39
C GLY C 232 -19.21 21.46 -4.93
N GLN C 233 -19.48 21.14 -6.21
CA GLN C 233 -20.64 21.67 -6.95
C GLN C 233 -21.31 20.65 -7.84
N SER C 234 -22.65 20.58 -7.79
CA SER C 234 -23.40 19.74 -8.74
C SER C 234 -23.78 20.57 -9.97
N ALA C 235 -23.33 21.84 -10.00
CA ALA C 235 -23.79 22.75 -11.07
C ALA C 235 -22.95 22.55 -12.32
N HIS C 236 -23.06 21.39 -12.97
CA HIS C 236 -22.33 21.14 -14.19
C HIS C 236 -23.08 20.11 -15.02
N ASP C 237 -22.69 19.99 -16.30
CA ASP C 237 -23.42 19.16 -17.25
C ASP C 237 -23.64 17.68 -16.85
N THR C 238 -22.61 16.99 -16.37
CA THR C 238 -22.76 15.53 -16.18
C THR C 238 -23.78 15.21 -15.08
N PHE C 239 -23.85 16.05 -14.04
CA PHE C 239 -24.80 15.77 -12.98
C PHE C 239 -26.20 15.89 -13.51
N TRP C 240 -26.51 17.01 -14.15
CA TRP C 240 -27.87 17.24 -14.69
C TRP C 240 -28.22 16.32 -15.88
N ASP C 241 -27.20 15.82 -16.61
CA ASP C 241 -27.42 14.76 -17.63
C ASP C 241 -27.97 13.50 -16.92
N TYR C 242 -27.24 13.04 -15.87
CA TYR C 242 -27.63 11.82 -15.14
C TYR C 242 -29.02 12.02 -14.57
N VAL C 243 -29.25 13.14 -13.89
CA VAL C 243 -30.59 13.41 -13.30
C VAL C 243 -31.70 13.36 -14.34
N SER C 244 -31.45 14.07 -15.46
CA SER C 244 -32.43 14.12 -16.57
C SER C 244 -32.80 12.70 -17.14
N LEU C 245 -31.88 11.76 -16.98
CA LEU C 245 -31.98 10.39 -17.51
C LEU C 245 -32.42 9.37 -16.45
N GLN C 246 -32.53 9.84 -15.22
CA GLN C 246 -32.74 8.98 -14.07
C GLN C 246 -33.69 9.67 -13.10
N PRO C 247 -35.00 9.75 -13.42
CA PRO C 247 -35.94 10.50 -12.64
C PRO C 247 -36.02 10.03 -11.14
N GLU C 248 -35.57 8.83 -10.82
CA GLU C 248 -35.59 8.41 -9.43
C GLU C 248 -34.80 9.40 -8.56
N THR C 249 -33.88 10.14 -9.20
CA THR C 249 -33.01 11.06 -8.50
C THR C 249 -33.75 12.36 -8.10
N LEU C 250 -34.94 12.66 -8.65
CA LEU C 250 -35.52 14.03 -8.46
C LEU C 250 -35.84 14.31 -7.00
N HIS C 251 -36.23 13.28 -6.26
CA HIS C 251 -36.64 13.55 -4.88
C HIS C 251 -35.45 14.15 -4.08
N ASN C 252 -34.31 13.46 -4.06
CA ASN C 252 -33.23 14.00 -3.33
C ASN C 252 -32.68 15.29 -4.00
N VAL C 253 -32.78 15.39 -5.32
CA VAL C 253 -32.45 16.68 -5.98
C VAL C 253 -33.29 17.87 -5.46
N MET C 254 -34.60 17.70 -5.28
CA MET C 254 -35.42 18.77 -4.68
C MET C 254 -34.84 19.24 -3.34
N TRP C 255 -34.44 18.29 -2.48
CA TRP C 255 -33.89 18.60 -1.19
C TRP C 255 -32.61 19.33 -1.36
N ALA C 256 -31.73 18.84 -2.27
CA ALA C 256 -30.46 19.50 -2.44
C ALA C 256 -30.61 20.96 -2.95
N MET C 257 -31.59 21.22 -3.83
CA MET C 257 -31.81 22.52 -4.43
C MET C 257 -32.52 23.48 -3.47
N SER C 258 -33.20 22.91 -2.46
CA SER C 258 -33.78 23.70 -1.36
C SER C 258 -32.70 24.21 -0.42
N ASP C 259 -33.07 25.11 0.48
CA ASP C 259 -32.11 25.58 1.47
C ASP C 259 -31.56 24.44 2.38
N ARG C 260 -32.21 23.25 2.37
CA ARG C 260 -31.61 22.10 3.04
C ARG C 260 -30.16 21.92 2.58
N GLY C 261 -29.86 22.25 1.32
CA GLY C 261 -28.52 21.98 0.81
C GLY C 261 -27.43 22.94 1.28
N ILE C 262 -27.83 23.94 2.06
CA ILE C 262 -26.90 24.96 2.58
C ILE C 262 -27.13 25.30 4.06
N PRO C 263 -26.89 24.32 4.97
CA PRO C 263 -27.21 24.53 6.38
C PRO C 263 -26.35 25.59 7.03
N ARG C 264 -26.92 26.25 8.05
CA ARG C 264 -26.24 27.35 8.72
C ARG C 264 -25.06 26.75 9.54
N SER C 265 -25.23 25.53 9.99
CA SER C 265 -24.31 24.89 10.94
C SER C 265 -24.65 23.40 10.94
N TYR C 266 -23.67 22.55 11.24
CA TYR C 266 -23.99 21.15 11.48
C TYR C 266 -24.93 21.05 12.67
N ARG C 267 -24.88 22.02 13.58
CA ARG C 267 -25.80 22.02 14.75
C ARG C 267 -27.27 22.29 14.41
N THR C 268 -27.53 22.93 13.25
CA THR C 268 -28.93 23.29 12.88
C THR C 268 -29.41 22.55 11.61
N MET C 269 -29.09 21.25 11.50
CA MET C 269 -29.68 20.44 10.44
C MET C 269 -30.27 19.16 11.01
N GLU C 270 -31.24 18.59 10.32
CA GLU C 270 -31.69 17.24 10.69
C GLU C 270 -30.73 16.16 10.14
N GLY C 271 -30.79 14.95 10.75
CA GLY C 271 -30.11 13.74 10.31
C GLY C 271 -31.12 12.56 10.21
N PHE C 272 -30.80 11.63 9.29
CA PHE C 272 -31.71 10.54 8.91
C PHE C 272 -30.82 9.37 8.55
N GLY C 273 -31.24 8.18 8.93
CA GLY C 273 -30.61 6.96 8.44
C GLY C 273 -30.98 6.58 7.01
N ALA C 274 -31.99 7.25 6.47
CA ALA C 274 -32.60 6.99 5.14
C ALA C 274 -33.28 5.63 4.97
N HIS C 275 -32.54 4.55 5.18
CA HIS C 275 -33.14 3.19 4.96
C HIS C 275 -34.02 2.73 6.11
N THR C 276 -35.00 1.91 5.77
CA THR C 276 -35.66 1.09 6.75
C THR C 276 -34.68 -0.02 7.26
N PHE C 277 -34.43 -0.06 8.57
CA PHE C 277 -33.70 -1.16 9.22
C PHE C 277 -34.70 -1.91 10.08
N ARG C 278 -34.21 -2.82 10.91
CA ARG C 278 -35.10 -3.52 11.88
C ARG C 278 -34.62 -3.37 13.28
N LEU C 279 -35.58 -3.30 14.22
CA LEU C 279 -35.34 -3.54 15.65
C LEU C 279 -35.81 -4.98 15.92
N ILE C 280 -35.05 -5.70 16.73
CA ILE C 280 -35.35 -7.08 17.07
C ILE C 280 -35.36 -7.14 18.57
N ASN C 281 -36.48 -7.52 19.15
CA ASN C 281 -36.57 -7.64 20.59
C ASN C 281 -36.17 -9.04 21.06
N ALA C 282 -36.17 -9.23 22.38
CA ALA C 282 -35.71 -10.48 22.98
C ALA C 282 -36.61 -11.68 22.58
N GLU C 283 -37.89 -11.45 22.34
CA GLU C 283 -38.82 -12.50 21.79
C GLU C 283 -38.63 -12.82 20.29
N GLY C 284 -37.81 -12.01 19.62
CA GLY C 284 -37.55 -12.26 18.21
C GLY C 284 -38.50 -11.48 17.32
N LYS C 285 -39.23 -10.52 17.86
CA LYS C 285 -40.19 -9.78 17.03
C LYS C 285 -39.41 -8.71 16.29
N ALA C 286 -39.68 -8.62 15.00
CA ALA C 286 -39.04 -7.61 14.22
C ALA C 286 -39.94 -6.43 14.01
N THR C 287 -39.40 -5.23 14.17
CA THR C 287 -40.18 -4.03 13.87
C THR C 287 -39.37 -3.21 12.86
N PHE C 288 -40.00 -2.67 11.79
CA PHE C 288 -39.25 -1.87 10.82
C PHE C 288 -38.96 -0.54 11.50
N VAL C 289 -37.84 0.09 11.18
CA VAL C 289 -37.44 1.37 11.86
C VAL C 289 -36.70 2.27 10.88
N ARG C 290 -37.07 3.55 10.83
CA ARG C 290 -36.20 4.53 10.27
C ARG C 290 -35.68 5.51 11.35
N PHE C 291 -34.38 5.75 11.30
CA PHE C 291 -33.65 6.59 12.24
C PHE C 291 -33.69 8.09 11.93
N HIS C 292 -33.85 8.91 12.98
CA HIS C 292 -33.86 10.35 12.86
C HIS C 292 -32.98 10.97 13.91
N TRP C 293 -32.34 12.09 13.55
CA TRP C 293 -31.75 12.93 14.55
C TRP C 293 -32.49 14.28 14.45
N LYS C 294 -32.97 14.80 15.59
CA LYS C 294 -33.55 16.14 15.66
C LYS C 294 -32.57 17.12 16.30
N PRO C 295 -32.23 18.23 15.64
CA PRO C 295 -31.33 19.20 16.23
C PRO C 295 -32.06 20.02 17.33
N LEU C 296 -31.54 19.96 18.57
CA LEU C 296 -32.14 20.75 19.66
C LEU C 296 -31.90 22.26 19.53
N ALA C 297 -30.91 22.67 18.73
CA ALA C 297 -30.72 24.09 18.33
C ALA C 297 -31.66 24.50 17.19
N GLY C 298 -32.51 23.57 16.74
CA GLY C 298 -33.49 23.84 15.69
C GLY C 298 -32.91 23.84 14.28
N LYS C 299 -33.76 24.07 13.29
CA LYS C 299 -33.35 23.91 11.88
C LYS C 299 -33.03 25.29 11.29
N ALA C 300 -31.91 25.44 10.56
CA ALA C 300 -31.58 26.76 10.02
C ALA C 300 -30.60 26.62 8.85
N SER C 301 -30.83 27.41 7.79
CA SER C 301 -29.99 27.39 6.60
C SER C 301 -29.57 28.80 6.18
N LEU C 302 -28.46 28.88 5.45
CA LEU C 302 -28.00 30.08 4.74
C LEU C 302 -28.93 30.35 3.56
N VAL C 303 -28.65 31.46 2.87
CA VAL C 303 -29.21 31.70 1.54
C VAL C 303 -28.05 31.57 0.55
N TRP C 304 -28.37 31.20 -0.67
CA TRP C 304 -27.38 30.80 -1.65
C TRP C 304 -26.24 31.81 -1.88
N ASP C 305 -26.56 33.09 -2.10
CA ASP C 305 -25.53 34.08 -2.34
C ASP C 305 -24.54 34.16 -1.19
N GLU C 306 -25.09 34.07 0.04
CA GLU C 306 -24.35 34.04 1.28
C GLU C 306 -23.46 32.79 1.38
N ALA C 307 -24.05 31.63 1.15
CA ALA C 307 -23.35 30.37 1.24
C ALA C 307 -22.17 30.41 0.24
N GLN C 308 -22.42 30.83 -0.98
CA GLN C 308 -21.38 30.76 -2.04
C GLN C 308 -20.21 31.73 -1.75
N LYS C 309 -20.54 32.96 -1.41
CA LYS C 309 -19.54 33.89 -1.04
C LYS C 309 -18.77 33.39 0.19
N LEU C 310 -19.46 32.75 1.13
CA LEU C 310 -18.83 32.32 2.37
C LEU C 310 -17.77 31.21 2.05
N THR C 311 -17.99 30.39 1.00
CA THR C 311 -16.96 29.39 0.59
C THR C 311 -15.63 30.08 0.26
N GLY C 312 -15.70 31.32 -0.19
CA GLY C 312 -14.53 32.17 -0.45
C GLY C 312 -14.00 32.93 0.79
N ARG C 313 -14.87 33.61 1.57
CA ARG C 313 -14.42 34.36 2.75
C ARG C 313 -13.95 33.45 3.89
N ASP C 314 -14.60 32.28 4.09
CA ASP C 314 -14.11 31.27 5.06
C ASP C 314 -14.52 29.84 4.68
N PRO C 315 -13.69 29.17 3.80
CA PRO C 315 -14.08 27.82 3.36
C PRO C 315 -14.15 26.82 4.55
N ASP C 316 -13.64 27.20 5.73
CA ASP C 316 -13.69 26.32 6.92
C ASP C 316 -14.78 26.73 7.89
N PHE C 317 -15.77 27.50 7.43
CA PHE C 317 -16.80 28.05 8.34
C PHE C 317 -17.53 27.00 9.24
N HIS C 318 -17.96 25.88 8.65
CA HIS C 318 -18.70 24.89 9.50
C HIS C 318 -17.79 24.15 10.47
N ARG C 319 -16.58 23.76 10.03
CA ARG C 319 -15.61 23.09 10.88
C ARG C 319 -15.23 24.03 12.06
N ARG C 320 -14.95 25.31 11.75
CA ARG C 320 -14.68 26.33 12.76
C ARG C 320 -15.84 26.47 13.79
N GLU C 321 -17.07 26.51 13.27
CA GLU C 321 -18.28 26.84 14.07
C GLU C 321 -18.52 25.67 15.01
N LEU C 322 -18.40 24.43 14.51
CA LEU C 322 -18.52 23.24 15.36
C LEU C 322 -17.46 23.28 16.46
N TRP C 323 -16.19 23.55 16.11
CA TRP C 323 -15.12 23.46 17.11
C TRP C 323 -15.30 24.56 18.19
N GLU C 324 -15.65 25.74 17.72
CA GLU C 324 -15.86 26.87 18.63
C GLU C 324 -17.12 26.71 19.51
N ALA C 325 -18.17 26.09 18.99
CA ALA C 325 -19.38 25.85 19.82
C ALA C 325 -19.01 24.96 21.02
N ILE C 326 -18.26 23.91 20.73
CA ILE C 326 -17.86 22.96 21.77
C ILE C 326 -16.90 23.65 22.78
N GLU C 327 -16.00 24.51 22.27
CA GLU C 327 -15.05 25.24 23.20
C GLU C 327 -15.79 26.25 24.07
N ALA C 328 -16.88 26.79 23.53
CA ALA C 328 -17.72 27.74 24.29
C ALA C 328 -18.68 27.06 25.25
N GLY C 329 -18.84 25.75 25.16
CA GLY C 329 -19.92 25.07 25.90
C GLY C 329 -21.28 25.15 25.23
N ASP C 330 -21.39 25.66 24.01
CA ASP C 330 -22.65 25.54 23.29
C ASP C 330 -22.69 24.15 22.65
N PHE C 331 -22.65 23.09 23.47
CA PHE C 331 -22.50 21.73 22.90
C PHE C 331 -23.61 21.37 21.91
N PRO C 332 -23.24 20.83 20.74
CA PRO C 332 -24.30 20.35 19.82
C PRO C 332 -25.13 19.24 20.48
N GLU C 333 -26.46 19.39 20.47
CA GLU C 333 -27.34 18.39 21.05
C GLU C 333 -28.30 17.89 20.00
N TYR C 334 -28.58 16.58 19.97
CA TYR C 334 -29.50 16.00 18.99
C TYR C 334 -30.34 14.97 19.67
N GLU C 335 -31.61 14.92 19.31
CA GLU C 335 -32.44 13.85 19.86
C GLU C 335 -32.55 12.73 18.83
N LEU C 336 -32.14 11.52 19.24
CA LEU C 336 -32.40 10.36 18.43
C LEU C 336 -33.89 10.01 18.41
N GLY C 337 -34.44 9.73 17.22
CA GLY C 337 -35.89 9.39 17.11
C GLY C 337 -36.12 8.16 16.26
N PHE C 338 -37.21 7.44 16.48
CA PHE C 338 -37.51 6.27 15.61
C PHE C 338 -38.88 6.43 14.92
N GLN C 339 -38.95 6.16 13.61
CA GLN C 339 -40.25 5.90 12.99
C GLN C 339 -40.42 4.39 12.97
N LEU C 340 -41.51 3.90 13.53
CA LEU C 340 -41.66 2.48 13.76
C LEU C 340 -42.86 1.98 13.05
N ILE C 341 -42.69 0.88 12.29
CA ILE C 341 -43.74 0.33 11.50
C ILE C 341 -43.83 -1.17 11.79
N PRO C 342 -45.00 -1.69 12.28
CA PRO C 342 -45.02 -3.12 12.51
C PRO C 342 -44.85 -3.92 11.24
N GLU C 343 -44.36 -5.14 11.37
CA GLU C 343 -44.05 -5.95 10.20
C GLU C 343 -45.27 -6.13 9.32
N GLU C 344 -46.45 -6.23 9.93
CA GLU C 344 -47.61 -6.53 9.16
C GLU C 344 -48.10 -5.28 8.39
N ASP C 345 -47.42 -4.15 8.59
CA ASP C 345 -47.80 -2.93 7.89
C ASP C 345 -46.85 -2.61 6.73
N GLU C 346 -46.01 -3.59 6.36
CA GLU C 346 -45.02 -3.42 5.30
C GLU C 346 -45.69 -2.82 4.04
N PHE C 347 -46.88 -3.31 3.68
CA PHE C 347 -47.45 -2.87 2.40
C PHE C 347 -48.58 -1.90 2.57
N LYS C 348 -48.65 -1.24 3.72
CA LYS C 348 -49.81 -0.36 3.91
C LYS C 348 -49.73 1.04 3.27
N PHE C 349 -48.63 1.31 2.61
CA PHE C 349 -48.41 2.65 2.05
C PHE C 349 -48.47 2.64 0.52
N ASP C 350 -48.58 3.81 -0.06
CA ASP C 350 -48.51 4.04 -1.50
C ASP C 350 -47.15 3.77 -2.13
N PHE C 351 -46.11 3.70 -1.31
CA PHE C 351 -44.71 3.62 -1.78
C PHE C 351 -44.09 2.38 -1.04
N ASP C 352 -42.92 1.95 -1.50
CA ASP C 352 -42.32 0.70 -0.96
C ASP C 352 -41.45 1.15 0.22
N LEU C 353 -41.60 0.49 1.37
CA LEU C 353 -40.75 0.87 2.53
C LEU C 353 -39.28 0.64 2.30
N LEU C 354 -38.96 -0.20 1.31
CA LEU C 354 -37.58 -0.57 1.09
C LEU C 354 -36.90 0.37 0.07
N ASP C 355 -37.66 1.30 -0.48
CA ASP C 355 -37.20 2.19 -1.60
C ASP C 355 -36.57 3.43 -0.98
N PRO C 356 -35.23 3.57 -1.12
CA PRO C 356 -34.59 4.64 -0.38
C PRO C 356 -34.80 6.00 -1.02
N THR C 357 -35.53 6.08 -2.14
CA THR C 357 -35.85 7.40 -2.70
C THR C 357 -37.22 7.90 -2.19
N LYS C 358 -37.82 7.12 -1.29
CA LYS C 358 -39.12 7.44 -0.70
C LYS C 358 -38.91 7.83 0.77
N LEU C 359 -39.61 8.87 1.21
CA LEU C 359 -39.57 9.18 2.65
C LEU C 359 -40.83 8.65 3.34
N ILE C 360 -40.81 8.55 4.66
CA ILE C 360 -42.02 8.16 5.41
C ILE C 360 -42.51 9.43 6.04
N PRO C 361 -43.66 9.95 5.55
CA PRO C 361 -44.13 11.25 6.10
C PRO C 361 -44.45 11.12 7.59
N GLU C 362 -43.97 12.10 8.38
CA GLU C 362 -44.20 12.13 9.79
C GLU C 362 -45.66 12.20 10.15
N GLU C 363 -46.46 12.83 9.25
CA GLU C 363 -47.91 12.76 9.36
C GLU C 363 -48.45 11.34 9.41
N LEU C 364 -47.84 10.38 8.71
CA LEU C 364 -48.34 9.00 8.68
C LEU C 364 -47.73 8.11 9.77
N VAL C 365 -46.40 8.27 9.98
CA VAL C 365 -45.66 7.57 11.04
C VAL C 365 -44.87 8.56 11.91
N PRO C 366 -45.35 8.87 13.12
CA PRO C 366 -44.65 9.86 13.91
C PRO C 366 -43.24 9.38 14.36
N VAL C 367 -42.33 10.33 14.54
CA VAL C 367 -41.05 10.09 15.12
C VAL C 367 -41.23 9.95 16.64
N GLN C 368 -40.88 8.78 17.15
CA GLN C 368 -40.86 8.52 18.59
C GLN C 368 -39.48 8.89 19.19
N ARG C 369 -39.47 9.69 20.24
CA ARG C 369 -38.20 10.16 20.81
C ARG C 369 -37.49 9.00 21.52
N VAL C 370 -36.17 8.96 21.41
CA VAL C 370 -35.42 7.78 21.90
C VAL C 370 -34.36 8.16 22.92
N GLY C 371 -33.61 9.22 22.65
CA GLY C 371 -32.58 9.63 23.58
C GLY C 371 -31.90 10.90 23.08
N LYS C 372 -30.87 11.28 23.82
CA LYS C 372 -30.18 12.53 23.55
C LYS C 372 -28.68 12.25 23.39
N MET C 373 -28.10 12.90 22.38
CA MET C 373 -26.65 12.90 22.15
C MET C 373 -26.14 14.31 22.34
N VAL C 374 -25.00 14.44 23.03
CA VAL C 374 -24.36 15.72 23.31
C VAL C 374 -22.89 15.56 22.88
N LEU C 375 -22.39 16.48 22.06
CA LEU C 375 -21.03 16.47 21.60
C LEU C 375 -20.30 17.53 22.43
N ASN C 376 -19.36 17.08 23.28
CA ASN C 376 -18.82 17.99 24.27
C ASN C 376 -17.26 18.02 24.36
N ARG C 377 -16.56 17.46 23.37
CA ARG C 377 -15.08 17.48 23.30
C ARG C 377 -14.59 17.41 21.87
N ASN C 378 -13.72 18.34 21.51
CA ASN C 378 -13.03 18.29 20.27
C ASN C 378 -11.93 17.24 20.34
N PRO C 379 -11.50 16.73 19.14
CA PRO C 379 -10.34 15.83 19.10
C PRO C 379 -9.09 16.52 19.56
N ASP C 380 -8.06 15.74 19.80
CA ASP C 380 -6.70 16.31 19.97
C ASP C 380 -5.97 16.50 18.67
N ASN C 381 -5.98 15.49 17.80
CA ASN C 381 -5.30 15.56 16.49
C ASN C 381 -6.28 15.18 15.40
N PHE C 382 -6.53 16.13 14.50
CA PHE C 382 -7.55 15.96 13.47
C PHE C 382 -7.25 14.71 12.62
N PHE C 383 -6.01 14.60 12.13
CA PHE C 383 -5.64 13.42 11.29
C PHE C 383 -5.83 12.10 12.06
N ALA C 384 -5.29 12.01 13.29
CA ALA C 384 -5.30 10.70 13.97
C ALA C 384 -6.77 10.27 14.28
N GLU C 385 -7.62 11.22 14.67
CA GLU C 385 -8.99 10.89 15.17
C GLU C 385 -10.06 11.09 14.09
N ASN C 386 -9.97 12.17 13.32
CA ASN C 386 -11.04 12.45 12.34
C ASN C 386 -10.68 11.79 11.02
N GLU C 387 -9.55 12.16 10.44
CA GLU C 387 -9.26 11.59 9.12
C GLU C 387 -9.26 10.05 9.12
N GLN C 388 -8.72 9.45 10.17
CA GLN C 388 -8.59 7.99 10.22
C GLN C 388 -9.85 7.26 10.71
N ALA C 389 -10.89 7.95 11.20
CA ALA C 389 -12.10 7.23 11.67
C ALA C 389 -12.76 6.51 10.51
N ALA C 390 -13.27 5.32 10.76
CA ALA C 390 -13.95 4.55 9.74
C ALA C 390 -15.36 4.16 10.23
N PHE C 391 -16.39 4.66 9.52
CA PHE C 391 -17.83 4.45 9.90
C PHE C 391 -18.36 3.49 8.88
N HIS C 392 -19.29 2.59 9.22
CA HIS C 392 -19.78 1.68 8.15
C HIS C 392 -21.14 1.17 8.67
N PRO C 393 -22.21 1.28 7.87
CA PRO C 393 -23.58 0.95 8.34
C PRO C 393 -23.78 -0.53 8.60
N GLY C 394 -22.85 -1.37 8.15
CA GLY C 394 -22.94 -2.75 8.46
C GLY C 394 -22.58 -3.06 9.90
N HIS C 395 -21.96 -2.08 10.58
CA HIS C 395 -21.57 -2.30 11.95
C HIS C 395 -22.79 -2.10 12.80
N ILE C 396 -23.55 -3.17 13.00
CA ILE C 396 -24.71 -3.18 13.86
C ILE C 396 -24.45 -4.13 15.00
N VAL C 397 -25.40 -4.17 15.95
CA VAL C 397 -25.22 -4.96 17.15
C VAL C 397 -26.48 -5.81 17.35
N PRO C 398 -26.42 -6.84 18.22
CA PRO C 398 -27.68 -7.58 18.40
C PRO C 398 -28.81 -6.67 18.89
N GLY C 399 -30.01 -6.92 18.37
CA GLY C 399 -31.15 -6.08 18.56
C GLY C 399 -31.41 -5.15 17.36
N LEU C 400 -30.47 -5.05 16.41
CA LEU C 400 -30.75 -4.39 15.14
C LEU C 400 -30.59 -5.43 14.03
N ASP C 401 -31.15 -5.12 12.87
CA ASP C 401 -30.87 -5.91 11.67
C ASP C 401 -31.18 -5.10 10.41
N PHE C 402 -30.84 -5.65 9.23
CA PHE C 402 -31.02 -4.97 8.00
C PHE C 402 -32.42 -5.24 7.42
N THR C 403 -32.64 -4.70 6.20
CA THR C 403 -33.73 -5.11 5.33
C THR C 403 -33.19 -5.31 3.93
N ASN C 404 -34.08 -5.66 3.01
CA ASN C 404 -33.66 -5.84 1.62
C ASN C 404 -33.53 -4.55 0.76
N ASP C 405 -33.57 -3.37 1.38
CA ASP C 405 -33.36 -2.13 0.65
C ASP C 405 -32.10 -2.31 -0.22
N PRO C 406 -32.28 -2.23 -1.54
CA PRO C 406 -31.21 -2.63 -2.44
C PRO C 406 -30.06 -1.61 -2.51
N LEU C 407 -30.26 -0.40 -2.00
CA LEU C 407 -29.14 0.53 -1.78
C LEU C 407 -28.37 0.15 -0.50
N LEU C 408 -29.08 -0.02 0.63
CA LEU C 408 -28.43 -0.48 1.87
C LEU C 408 -27.65 -1.78 1.60
N GLN C 409 -28.30 -2.70 0.91
CA GLN C 409 -27.65 -4.03 0.62
C GLN C 409 -26.24 -3.90 0.05
N GLY C 410 -26.08 -3.03 -0.96
CA GLY C 410 -24.77 -2.80 -1.55
C GLY C 410 -23.86 -1.98 -0.68
N ARG C 411 -24.40 -1.02 0.05
CA ARG C 411 -23.58 -0.37 1.10
C ARG C 411 -22.79 -1.39 1.93
N LEU C 412 -23.40 -2.53 2.29
CA LEU C 412 -22.72 -3.40 3.27
C LEU C 412 -21.34 -3.88 2.74
N PHE C 413 -21.29 -4.10 1.44
CA PHE C 413 -20.03 -4.47 0.80
C PHE C 413 -18.93 -3.37 0.84
N SER C 414 -19.36 -2.17 0.50
CA SER C 414 -18.40 -1.06 0.25
C SER C 414 -17.62 -0.60 1.50
N TYR C 415 -18.25 -0.49 2.65
CA TYR C 415 -17.58 0.30 3.71
C TYR C 415 -16.48 -0.54 4.43
N THR C 416 -16.55 -1.85 4.30
CA THR C 416 -15.41 -2.70 4.72
C THR C 416 -14.27 -2.67 3.67
N ASP C 417 -14.64 -2.99 2.44
CA ASP C 417 -13.77 -2.97 1.26
C ASP C 417 -12.85 -1.72 1.16
N THR C 418 -13.45 -0.52 1.18
CA THR C 418 -12.78 0.78 0.95
C THR C 418 -11.64 1.02 1.97
N GLN C 419 -11.80 0.50 3.22
CA GLN C 419 -10.75 0.76 4.22
C GLN C 419 -9.39 0.04 3.91
N ILE C 420 -9.38 -1.01 3.11
CA ILE C 420 -8.15 -1.74 2.79
C ILE C 420 -7.12 -0.85 2.08
N SER C 421 -7.57 0.03 1.19
CA SER C 421 -6.62 1.05 0.66
C SER C 421 -6.60 2.31 1.54
N ARG C 422 -7.78 2.83 1.91
CA ARG C 422 -7.80 4.13 2.66
C ARG C 422 -6.96 4.09 3.97
N LEU C 423 -7.08 2.99 4.72
CA LEU C 423 -6.46 2.85 6.04
C LEU C 423 -5.44 1.78 6.02
N GLY C 424 -5.09 1.31 4.82
CA GLY C 424 -3.86 0.59 4.68
C GLY C 424 -3.92 -0.90 4.99
N GLY C 425 -5.11 -1.47 5.23
CA GLY C 425 -5.19 -2.94 5.47
C GLY C 425 -6.33 -3.31 6.42
N PRO C 426 -6.39 -4.61 6.81
CA PRO C 426 -7.55 -5.13 7.48
C PRO C 426 -7.54 -4.90 9.01
N ASN C 427 -6.47 -4.27 9.54
CA ASN C 427 -6.36 -3.96 11.00
C ASN C 427 -6.80 -2.52 11.30
N PHE C 428 -7.65 -1.94 10.44
CA PHE C 428 -8.13 -0.59 10.64
C PHE C 428 -8.90 -0.43 11.97
N HIS C 429 -9.51 -1.53 12.48
CA HIS C 429 -10.17 -1.51 13.80
C HIS C 429 -9.21 -1.34 14.97
N GLU C 430 -7.91 -1.55 14.74
CA GLU C 430 -6.86 -1.28 15.79
C GLU C 430 -6.38 0.19 15.84
N ILE C 431 -6.73 0.98 14.83
CA ILE C 431 -6.42 2.42 14.88
C ILE C 431 -7.20 2.94 16.04
N PRO C 432 -6.56 3.71 16.94
CA PRO C 432 -7.23 3.90 18.23
C PRO C 432 -8.69 4.44 18.19
N ILE C 433 -8.98 5.41 17.33
CA ILE C 433 -10.33 6.01 17.30
C ILE C 433 -11.36 4.92 16.95
N ASN C 434 -10.94 3.92 16.18
CA ASN C 434 -11.89 2.92 15.70
C ASN C 434 -12.12 1.79 16.69
N ARG C 435 -11.25 1.68 17.70
CA ARG C 435 -11.29 0.53 18.61
C ARG C 435 -12.56 0.53 19.41
N PRO C 436 -13.12 -0.68 19.58
CA PRO C 436 -14.20 -0.91 20.52
C PRO C 436 -13.69 -0.67 21.93
N THR C 437 -14.58 -0.19 22.79
CA THR C 437 -14.23 -0.11 24.19
C THR C 437 -14.64 -1.41 24.91
N CYS C 438 -15.44 -2.26 24.26
CA CYS C 438 -15.87 -3.55 24.81
C CYS C 438 -14.85 -4.64 24.37
N PRO C 439 -14.89 -5.84 24.98
CA PRO C 439 -13.87 -6.85 24.57
C PRO C 439 -13.99 -7.31 23.11
N TYR C 440 -12.84 -7.63 22.47
CA TYR C 440 -12.91 -8.24 21.10
C TYR C 440 -11.87 -9.35 21.05
N HIS C 441 -12.30 -10.55 20.67
CA HIS C 441 -11.41 -11.73 20.70
C HIS C 441 -11.85 -12.62 19.57
N ASN C 442 -10.92 -13.05 18.74
CA ASN C 442 -11.26 -13.97 17.66
C ASN C 442 -10.03 -14.66 17.11
N PHE C 443 -10.21 -15.40 16.02
CA PHE C 443 -9.09 -16.17 15.53
C PHE C 443 -8.41 -15.55 14.31
N GLN C 444 -8.72 -14.28 14.03
CA GLN C 444 -8.15 -13.58 12.88
C GLN C 444 -6.71 -13.14 13.25
N ARG C 445 -5.77 -13.21 12.28
CA ARG C 445 -4.36 -12.98 12.65
C ARG C 445 -3.67 -12.14 11.56
N ASP C 446 -2.55 -11.52 11.92
CA ASP C 446 -1.66 -10.86 10.91
C ASP C 446 -2.29 -9.67 10.22
N GLY C 447 -1.85 -9.41 8.96
CA GLY C 447 -2.28 -8.21 8.26
C GLY C 447 -1.28 -7.08 8.51
N MET C 448 -1.26 -6.10 7.58
CA MET C 448 -0.32 -5.01 7.68
C MET C 448 -0.55 -4.20 8.99
N HIS C 449 0.54 -3.71 9.58
CA HIS C 449 0.49 -2.98 10.85
C HIS C 449 -0.37 -3.65 11.96
N ARG C 450 -0.17 -4.92 12.19
CA ARG C 450 -0.88 -5.66 13.24
C ARG C 450 -0.38 -5.19 14.58
N MET C 451 -1.30 -4.63 15.38
CA MET C 451 -0.99 -4.24 16.77
C MET C 451 -1.12 -5.38 17.79
N GLY C 452 -2.26 -6.07 17.79
CA GLY C 452 -2.55 -7.04 18.86
C GLY C 452 -1.61 -8.24 18.70
N ILE C 453 -1.03 -8.65 19.83
CA ILE C 453 -0.10 -9.76 19.93
C ILE C 453 -0.89 -10.88 20.62
N ASP C 454 -1.40 -11.77 19.80
CA ASP C 454 -2.19 -12.90 20.28
C ASP C 454 -1.40 -13.96 21.00
N THR C 455 -1.84 -14.32 22.22
CA THR C 455 -1.19 -15.41 22.95
C THR C 455 -1.96 -16.72 22.83
N ASN C 456 -3.17 -16.67 22.27
CA ASN C 456 -3.98 -17.91 22.12
C ASN C 456 -3.15 -19.05 21.45
N PRO C 457 -3.02 -20.24 22.10
CA PRO C 457 -2.31 -21.31 21.40
C PRO C 457 -2.98 -21.66 20.08
N ALA C 458 -4.26 -21.37 19.96
CA ALA C 458 -4.99 -21.70 18.74
C ALA C 458 -5.29 -20.48 17.94
N ASN C 459 -5.17 -20.57 16.62
CA ASN C 459 -5.73 -19.53 15.74
C ASN C 459 -6.83 -20.07 14.83
N TYR C 460 -7.59 -21.07 15.31
CA TYR C 460 -8.64 -21.70 14.54
C TYR C 460 -9.68 -22.25 15.53
N GLU C 461 -10.89 -22.46 15.04
CA GLU C 461 -11.88 -23.27 15.83
C GLU C 461 -12.70 -24.11 14.86
N PRO C 462 -13.20 -25.28 15.33
CA PRO C 462 -13.08 -25.81 16.71
C PRO C 462 -11.62 -26.20 17.06
N ASN C 463 -11.19 -25.90 18.30
CA ASN C 463 -9.91 -26.36 18.75
C ASN C 463 -10.03 -27.04 20.09
N SER C 464 -9.14 -27.98 20.37
CA SER C 464 -9.10 -28.53 21.72
C SER C 464 -7.94 -27.92 22.54
N ILE C 465 -6.91 -27.37 21.85
CA ILE C 465 -5.67 -27.00 22.49
C ILE C 465 -5.79 -25.70 23.31
N ASN C 466 -6.86 -24.94 23.09
CA ASN C 466 -7.22 -23.85 24.01
C ASN C 466 -8.64 -24.02 24.55
N ASP C 467 -9.09 -25.30 24.64
CA ASP C 467 -10.44 -25.63 25.11
C ASP C 467 -11.53 -24.84 24.35
N ASN C 468 -11.26 -24.64 23.04
CA ASN C 468 -12.15 -24.04 22.12
C ASN C 468 -12.49 -22.55 22.38
N TRP C 469 -11.62 -21.85 23.11
CA TRP C 469 -11.83 -20.40 23.42
C TRP C 469 -11.05 -19.57 22.42
N PRO C 470 -11.53 -18.34 22.07
CA PRO C 470 -12.83 -17.73 22.47
C PRO C 470 -14.03 -18.48 21.82
N ARG C 471 -15.13 -18.66 22.57
CA ARG C 471 -16.28 -19.51 22.17
C ARG C 471 -17.45 -18.71 21.61
N GLU C 472 -18.12 -19.24 20.57
CA GLU C 472 -19.45 -18.73 20.11
C GLU C 472 -20.41 -18.56 21.27
N THR C 473 -21.37 -17.64 21.15
CA THR C 473 -22.42 -17.42 22.19
C THR C 473 -23.80 -17.50 21.57
N PRO C 474 -24.70 -18.39 22.10
CA PRO C 474 -26.04 -18.43 21.55
C PRO C 474 -26.71 -17.06 21.61
N PRO C 475 -27.65 -16.77 20.66
CA PRO C 475 -28.42 -15.57 20.85
C PRO C 475 -29.21 -15.62 22.14
N GLY C 476 -29.60 -14.45 22.60
CA GLY C 476 -30.42 -14.35 23.82
C GLY C 476 -30.83 -12.94 24.14
N PRO C 477 -31.60 -12.75 25.23
CA PRO C 477 -32.08 -11.37 25.56
C PRO C 477 -31.01 -10.30 25.78
N LYS C 478 -29.86 -10.65 26.35
CA LYS C 478 -28.75 -9.73 26.43
C LYS C 478 -27.47 -10.49 26.39
N ARG C 479 -26.43 -9.82 25.91
CA ARG C 479 -25.09 -10.39 25.92
C ARG C 479 -25.04 -11.68 25.08
N GLY C 480 -25.99 -11.81 24.11
CA GLY C 480 -26.06 -12.98 23.24
C GLY C 480 -25.30 -12.80 21.92
N GLY C 481 -25.04 -13.92 21.25
CA GLY C 481 -24.46 -13.89 19.90
C GLY C 481 -25.41 -13.23 18.87
N PHE C 482 -24.84 -12.64 17.81
CA PHE C 482 -25.64 -12.14 16.68
C PHE C 482 -26.29 -13.29 15.82
N GLU C 483 -27.62 -13.23 15.64
CA GLU C 483 -28.30 -14.14 14.72
C GLU C 483 -29.17 -13.25 13.82
N SER C 484 -29.15 -13.46 12.48
CA SER C 484 -30.01 -12.62 11.63
C SER C 484 -31.45 -13.06 11.83
N TYR C 485 -32.36 -12.10 11.67
CA TYR C 485 -33.76 -12.35 11.67
C TYR C 485 -34.13 -13.22 10.47
N GLN C 486 -34.91 -14.27 10.73
CA GLN C 486 -35.17 -15.30 9.75
C GLN C 486 -36.23 -14.86 8.73
N GLU C 487 -35.94 -13.81 7.97
CA GLU C 487 -36.85 -13.30 6.98
C GLU C 487 -37.02 -14.34 5.84
N ARG C 488 -38.24 -14.41 5.34
CA ARG C 488 -38.56 -15.22 4.20
C ARG C 488 -38.06 -14.60 2.89
N VAL C 489 -37.33 -15.43 2.13
CA VAL C 489 -36.85 -15.04 0.80
C VAL C 489 -37.50 -15.98 -0.21
N GLU C 490 -38.05 -15.43 -1.26
CA GLU C 490 -38.64 -16.25 -2.30
C GLU C 490 -38.63 -15.49 -3.65
N GLY C 491 -38.02 -16.10 -4.68
CA GLY C 491 -38.16 -15.56 -6.04
C GLY C 491 -36.96 -16.06 -6.82
N ASN C 492 -36.76 -15.63 -8.07
CA ASN C 492 -35.59 -16.15 -8.83
C ASN C 492 -34.39 -15.22 -8.65
N LYS C 493 -33.21 -15.74 -8.93
CA LYS C 493 -32.01 -14.89 -9.05
C LYS C 493 -32.19 -13.95 -10.24
N VAL C 494 -32.47 -12.66 -9.95
CA VAL C 494 -32.72 -11.66 -11.02
C VAL C 494 -31.96 -10.35 -10.80
N ARG C 495 -31.52 -9.76 -11.90
CA ARG C 495 -31.10 -8.38 -11.85
C ARG C 495 -32.29 -7.57 -12.35
N GLU C 496 -33.14 -7.14 -11.41
CA GLU C 496 -34.38 -6.52 -11.76
C GLU C 496 -34.85 -5.56 -10.67
N ARG C 497 -35.34 -4.38 -11.07
CA ARG C 497 -35.84 -3.41 -10.14
C ARG C 497 -37.26 -3.77 -9.78
N SER C 498 -37.62 -3.62 -8.52
CA SER C 498 -38.96 -3.97 -8.14
C SER C 498 -39.92 -2.95 -8.83
N PRO C 499 -41.02 -3.44 -9.43
CA PRO C 499 -42.00 -2.51 -10.05
C PRO C 499 -42.52 -1.44 -9.05
N SER C 500 -42.62 -1.85 -7.79
CA SER C 500 -43.09 -1.02 -6.70
C SER C 500 -42.16 0.23 -6.47
N PHE C 501 -40.94 0.21 -7.03
CA PHE C 501 -40.02 1.34 -6.93
C PHE C 501 -40.22 2.31 -8.11
N GLY C 502 -41.06 1.93 -9.07
CA GLY C 502 -41.08 2.69 -10.32
C GLY C 502 -41.99 3.93 -10.33
N GLU C 503 -41.97 4.75 -9.28
CA GLU C 503 -42.80 5.94 -9.25
C GLU C 503 -41.87 7.04 -8.76
N TYR C 504 -41.76 8.14 -9.51
CA TYR C 504 -40.62 9.08 -9.28
C TYR C 504 -40.98 10.52 -8.84
N TYR C 505 -42.26 10.86 -8.91
CA TYR C 505 -42.70 12.29 -8.89
C TYR C 505 -43.53 12.68 -7.66
N SER C 506 -44.24 11.72 -7.06
CA SER C 506 -45.14 12.06 -5.99
C SER C 506 -44.46 12.58 -4.73
N HIS C 507 -43.27 12.03 -4.39
CA HIS C 507 -42.53 12.47 -3.24
C HIS C 507 -41.88 13.85 -3.45
N PRO C 508 -41.22 14.09 -4.58
CA PRO C 508 -40.77 15.48 -4.97
C PRO C 508 -41.95 16.53 -4.83
N ARG C 509 -43.14 16.11 -5.27
CA ARG C 509 -44.32 16.99 -5.22
C ARG C 509 -44.74 17.26 -3.79
N LEU C 510 -44.84 16.19 -3.00
CA LEU C 510 -45.18 16.33 -1.57
C LEU C 510 -44.18 17.26 -0.89
N PHE C 511 -42.89 17.04 -1.17
CA PHE C 511 -41.86 17.91 -0.60
C PHE C 511 -42.13 19.38 -0.98
N TRP C 512 -42.32 19.64 -2.28
CA TRP C 512 -42.49 20.98 -2.80
C TRP C 512 -43.68 21.70 -2.16
N LEU C 513 -44.80 21.00 -1.97
CA LEU C 513 -46.03 21.65 -1.51
C LEU C 513 -45.93 21.91 -0.03
N SER C 514 -44.93 21.27 0.62
CA SER C 514 -44.78 21.38 2.08
C SER C 514 -43.94 22.56 2.49
N GLN C 515 -43.32 23.20 1.50
CA GLN C 515 -42.41 24.34 1.69
C GLN C 515 -43.18 25.67 1.74
N THR C 516 -42.69 26.65 2.50
CA THR C 516 -43.29 27.97 2.56
C THR C 516 -43.06 28.62 1.18
N PRO C 517 -43.71 29.77 0.90
CA PRO C 517 -43.50 30.37 -0.44
C PRO C 517 -42.09 30.90 -0.63
N PHE C 518 -41.44 31.35 0.45
CA PHE C 518 -40.03 31.76 0.31
C PHE C 518 -39.11 30.55 0.12
N GLU C 519 -39.43 29.41 0.74
CA GLU C 519 -38.66 28.21 0.52
C GLU C 519 -38.82 27.68 -0.92
N GLN C 520 -40.03 27.82 -1.45
CA GLN C 520 -40.27 27.48 -2.84
C GLN C 520 -39.44 28.38 -3.80
N ARG C 521 -39.41 29.69 -3.50
CA ARG C 521 -38.63 30.65 -4.33
C ARG C 521 -37.16 30.19 -4.38
N HIS C 522 -36.61 29.87 -3.20
CA HIS C 522 -35.21 29.46 -3.09
C HIS C 522 -34.88 28.19 -3.82
N ILE C 523 -35.84 27.26 -3.83
CA ILE C 523 -35.76 26.05 -4.68
C ILE C 523 -35.70 26.38 -6.18
N VAL C 524 -36.67 27.17 -6.61
CA VAL C 524 -36.66 27.62 -7.98
C VAL C 524 -35.33 28.22 -8.29
N ASP C 525 -34.79 29.04 -7.39
CA ASP C 525 -33.56 29.76 -7.74
C ASP C 525 -32.35 28.79 -7.74
N GLY C 526 -32.39 27.77 -6.88
CA GLY C 526 -31.34 26.73 -6.84
C GLY C 526 -31.32 26.01 -8.18
N PHE C 527 -32.48 25.53 -8.69
CA PHE C 527 -32.46 24.83 -10.01
C PHE C 527 -32.00 25.77 -11.10
N SER C 528 -32.46 27.04 -11.02
CA SER C 528 -32.17 28.04 -12.07
C SER C 528 -30.68 28.39 -12.19
N PHE C 529 -30.04 28.67 -11.06
CA PHE C 529 -28.63 28.91 -11.03
C PHE C 529 -27.89 27.67 -11.54
N GLU C 530 -28.15 26.47 -10.98
CA GLU C 530 -27.35 25.28 -11.40
C GLU C 530 -27.50 25.01 -12.92
N LEU C 531 -28.73 25.06 -13.42
CA LEU C 531 -29.01 24.80 -14.85
C LEU C 531 -28.40 25.85 -15.77
N SER C 532 -28.37 27.09 -15.32
CA SER C 532 -27.62 28.12 -16.07
C SER C 532 -26.13 27.76 -16.25
N LYS C 533 -25.56 26.93 -15.39
CA LYS C 533 -24.14 26.53 -15.49
C LYS C 533 -23.97 25.30 -16.35
N VAL C 534 -25.07 24.69 -16.77
CA VAL C 534 -25.03 23.57 -17.71
C VAL C 534 -24.86 24.11 -19.14
N VAL C 535 -23.77 23.73 -19.79
CA VAL C 535 -23.41 24.31 -21.06
C VAL C 535 -24.29 23.82 -22.21
N ARG C 536 -24.70 22.57 -22.17
CA ARG C 536 -25.48 21.96 -23.28
C ARG C 536 -26.95 22.24 -23.02
N PRO C 537 -27.58 23.12 -23.82
CA PRO C 537 -28.97 23.54 -23.49
C PRO C 537 -29.98 22.40 -23.47
N TYR C 538 -29.84 21.36 -24.28
CA TYR C 538 -30.82 20.26 -24.28
C TYR C 538 -30.92 19.58 -22.90
N ILE C 539 -29.82 19.58 -22.16
CA ILE C 539 -29.86 19.07 -20.77
C ILE C 539 -30.81 19.95 -19.88
N ARG C 540 -30.73 21.27 -19.99
CA ARG C 540 -31.60 22.13 -19.17
C ARG C 540 -33.04 21.88 -19.53
N GLU C 541 -33.28 21.68 -20.83
CA GLU C 541 -34.61 21.43 -21.35
C GLU C 541 -35.15 20.13 -20.81
N ARG C 542 -34.33 19.07 -20.83
CA ARG C 542 -34.78 17.74 -20.33
C ARG C 542 -35.08 17.79 -18.81
N VAL C 543 -34.29 18.57 -18.07
CA VAL C 543 -34.55 18.77 -16.64
C VAL C 543 -35.88 19.54 -16.39
N VAL C 544 -36.10 20.66 -17.09
CA VAL C 544 -37.38 21.39 -17.04
C VAL C 544 -38.56 20.40 -17.32
N ASP C 545 -38.45 19.57 -18.37
CA ASP C 545 -39.48 18.57 -18.66
C ASP C 545 -39.78 17.62 -17.46
N GLN C 546 -38.73 17.20 -16.73
CA GLN C 546 -38.91 16.39 -15.50
C GLN C 546 -39.67 17.19 -14.45
N LEU C 547 -39.28 18.46 -14.26
CA LEU C 547 -39.99 19.32 -13.29
C LEU C 547 -41.47 19.43 -13.64
N ALA C 548 -41.78 19.46 -14.94
CA ALA C 548 -43.18 19.57 -15.37
C ALA C 548 -44.00 18.38 -14.88
N HIS C 549 -43.36 17.24 -14.66
CA HIS C 549 -44.00 16.02 -14.10
C HIS C 549 -44.22 16.07 -12.59
N ILE C 550 -43.59 17.05 -11.95
CA ILE C 550 -43.66 17.18 -10.49
C ILE C 550 -44.66 18.29 -10.14
N ASP C 551 -44.39 19.49 -10.65
CA ASP C 551 -45.29 20.61 -10.39
C ASP C 551 -45.12 21.65 -11.45
N LEU C 552 -46.24 22.07 -12.03
CA LEU C 552 -46.21 23.01 -13.16
C LEU C 552 -45.70 24.40 -12.76
N THR C 553 -46.12 24.91 -11.61
CA THR C 553 -45.69 26.23 -11.11
C THR C 553 -44.17 26.28 -10.97
N LEU C 554 -43.61 25.25 -10.30
CA LEU C 554 -42.18 25.08 -10.22
C LEU C 554 -41.56 25.08 -11.63
N ALA C 555 -42.11 24.21 -12.49
CA ALA C 555 -41.52 24.02 -13.81
C ALA C 555 -41.52 25.32 -14.60
N GLN C 556 -42.65 26.05 -14.57
CA GLN C 556 -42.71 27.32 -15.29
C GLN C 556 -41.76 28.38 -14.74
N ALA C 557 -41.61 28.42 -13.42
CA ALA C 557 -40.73 29.41 -12.80
C ALA C 557 -39.20 29.20 -13.11
N VAL C 558 -38.74 27.95 -13.08
CA VAL C 558 -37.42 27.62 -13.60
C VAL C 558 -37.28 27.92 -15.10
N ALA C 559 -38.20 27.39 -15.92
CA ALA C 559 -38.23 27.71 -17.38
C ALA C 559 -38.01 29.18 -17.71
N LYS C 560 -38.72 30.04 -16.99
CA LYS C 560 -38.67 31.48 -17.25
C LYS C 560 -37.26 32.01 -17.03
N ASN C 561 -36.62 31.50 -15.98
CA ASN C 561 -35.26 31.96 -15.65
C ASN C 561 -34.24 31.51 -16.66
N LEU C 562 -34.58 30.47 -17.42
CA LEU C 562 -33.69 29.84 -18.39
C LEU C 562 -34.03 30.22 -19.81
N GLY C 563 -35.08 31.03 -19.96
CA GLY C 563 -35.57 31.45 -21.30
C GLY C 563 -36.23 30.35 -22.08
N ILE C 564 -36.83 29.40 -21.39
CA ILE C 564 -37.42 28.22 -22.02
C ILE C 564 -38.95 28.44 -21.92
N GLU C 565 -39.70 28.19 -23.01
CA GLU C 565 -41.17 28.22 -22.89
C GLU C 565 -41.67 26.76 -22.87
N LEU C 566 -42.51 26.40 -21.91
CA LEU C 566 -43.14 25.06 -21.94
C LEU C 566 -44.03 24.90 -23.15
N THR C 567 -44.00 23.72 -23.76
CA THR C 567 -44.94 23.37 -24.84
C THR C 567 -46.35 23.15 -24.29
N ASP C 568 -47.31 22.96 -25.18
CA ASP C 568 -48.67 22.63 -24.74
C ASP C 568 -48.82 21.27 -24.08
N ASP C 569 -48.15 20.26 -24.63
CA ASP C 569 -48.12 18.94 -23.97
C ASP C 569 -47.57 19.06 -22.54
N GLN C 570 -46.47 19.80 -22.37
CA GLN C 570 -45.88 20.01 -21.04
C GLN C 570 -46.84 20.68 -20.07
N LEU C 571 -47.55 21.71 -20.54
CA LEU C 571 -48.56 22.42 -19.72
C LEU C 571 -49.73 21.53 -19.25
N ASN C 572 -49.89 20.40 -19.93
CA ASN C 572 -51.02 19.51 -19.67
C ASN C 572 -50.64 18.19 -18.99
N ILE C 573 -49.44 18.09 -18.43
CA ILE C 573 -49.05 16.89 -17.68
C ILE C 573 -49.81 16.82 -16.38
N THR C 574 -50.44 15.68 -16.12
CA THR C 574 -51.21 15.54 -14.89
C THR C 574 -50.22 15.42 -13.74
N PRO C 575 -50.48 16.17 -12.64
CA PRO C 575 -49.58 16.04 -11.52
C PRO C 575 -49.64 14.63 -10.94
N PRO C 576 -48.56 14.20 -10.32
CA PRO C 576 -48.55 12.90 -9.64
C PRO C 576 -49.55 12.84 -8.46
N PRO C 577 -49.93 11.63 -8.04
CA PRO C 577 -50.95 11.44 -6.95
C PRO C 577 -50.42 11.97 -5.66
N ASP C 578 -51.27 12.34 -4.72
CA ASP C 578 -50.57 12.65 -3.50
C ASP C 578 -50.17 11.38 -2.74
N VAL C 579 -49.49 11.56 -1.63
CA VAL C 579 -48.92 10.43 -0.90
C VAL C 579 -49.84 10.05 0.23
N ASN C 580 -50.51 8.89 0.09
CA ASN C 580 -51.52 8.42 1.06
C ASN C 580 -52.42 9.52 1.56
N GLY C 581 -53.01 10.25 0.63
CA GLY C 581 -54.00 11.28 1.00
C GLY C 581 -53.45 12.61 1.49
N LEU C 582 -52.12 12.74 1.56
CA LEU C 582 -51.54 13.96 2.11
C LEU C 582 -51.33 15.02 1.06
N LYS C 583 -51.83 16.22 1.31
CA LYS C 583 -51.61 17.33 0.38
C LYS C 583 -50.36 18.11 0.77
N LYS C 584 -49.79 17.76 1.93
CA LYS C 584 -48.54 18.36 2.37
C LYS C 584 -48.18 17.79 3.74
N ASP C 585 -46.94 18.05 4.17
CA ASP C 585 -46.51 17.66 5.51
C ASP C 585 -45.52 18.68 5.99
N PRO C 586 -45.94 19.54 6.93
CA PRO C 586 -45.09 20.67 7.30
C PRO C 586 -43.79 20.30 8.00
N SER C 587 -43.64 19.06 8.47
CA SER C 587 -42.34 18.65 9.05
C SER C 587 -41.22 18.57 7.97
N LEU C 588 -41.59 18.77 6.70
CA LEU C 588 -40.64 18.70 5.57
C LEU C 588 -40.05 20.08 5.30
N SER C 589 -40.62 21.09 5.96
CA SER C 589 -40.16 22.48 5.76
C SER C 589 -39.14 22.84 6.82
N LEU C 590 -38.14 23.63 6.48
CA LEU C 590 -37.21 24.12 7.50
C LEU C 590 -37.89 25.12 8.48
N TYR C 591 -38.83 25.88 7.95
CA TYR C 591 -39.29 27.08 8.64
C TYR C 591 -40.80 27.18 8.86
N ALA C 592 -41.60 26.30 8.25
CA ALA C 592 -43.08 26.38 8.42
C ALA C 592 -43.45 26.45 9.89
N ILE C 593 -42.84 25.57 10.69
CA ILE C 593 -43.02 25.55 12.14
C ILE C 593 -41.75 26.09 12.82
N PRO C 594 -41.77 27.37 13.30
CA PRO C 594 -40.64 27.98 14.06
C PRO C 594 -40.09 26.99 15.09
N ASP C 595 -38.77 26.76 15.09
CA ASP C 595 -38.11 26.07 16.20
C ASP C 595 -36.73 26.70 16.44
N GLY C 596 -36.65 28.01 16.27
CA GLY C 596 -35.40 28.74 16.49
C GLY C 596 -34.90 28.73 17.93
N ASP C 597 -33.60 28.92 18.06
CA ASP C 597 -32.92 28.93 19.34
C ASP C 597 -31.73 29.86 19.10
N VAL C 598 -31.63 30.93 19.91
CA VAL C 598 -30.59 31.91 19.66
C VAL C 598 -29.26 31.56 20.31
N LYS C 599 -29.26 30.62 21.25
CA LYS C 599 -28.03 30.27 22.00
C LYS C 599 -26.95 29.78 21.01
N GLY C 600 -25.79 30.43 21.04
CA GLY C 600 -24.66 30.02 20.16
C GLY C 600 -24.60 30.75 18.83
N ARG C 601 -25.59 31.60 18.54
CA ARG C 601 -25.58 32.51 17.38
C ARG C 601 -24.67 33.69 17.66
N VAL C 602 -24.45 34.54 16.68
CA VAL C 602 -23.41 35.59 16.79
C VAL C 602 -23.89 36.83 16.12
N VAL C 603 -23.57 37.95 16.76
CA VAL C 603 -23.89 39.28 16.32
C VAL C 603 -22.62 40.05 16.06
N ALA C 604 -22.55 40.73 14.93
CA ALA C 604 -21.47 41.67 14.68
C ALA C 604 -21.90 43.02 15.23
N ILE C 605 -21.03 43.67 16.00
CA ILE C 605 -21.23 45.02 16.54
C ILE C 605 -20.21 45.94 15.86
N LEU C 606 -20.68 46.97 15.15
CA LEU C 606 -19.81 47.80 14.35
C LEU C 606 -19.44 49.03 15.17
N LEU C 607 -18.17 49.11 15.60
CA LEU C 607 -17.71 50.18 16.48
C LEU C 607 -17.36 51.47 15.75
N ASN C 608 -17.29 52.55 16.51
CA ASN C 608 -16.64 53.75 16.01
C ASN C 608 -15.59 54.19 17.03
N ASP C 609 -14.88 55.29 16.78
CA ASP C 609 -13.80 55.73 17.69
C ASP C 609 -14.28 56.46 19.01
N GLU C 610 -15.57 56.78 19.06
CA GLU C 610 -16.17 57.37 20.26
C GLU C 610 -17.54 56.74 20.50
N VAL C 611 -17.54 55.43 20.75
CA VAL C 611 -18.78 54.68 21.04
C VAL C 611 -19.49 55.15 22.30
N ARG C 612 -20.82 55.23 22.23
CA ARG C 612 -21.60 55.48 23.44
C ARG C 612 -21.70 54.21 24.25
N SER C 613 -20.96 54.18 25.34
CA SER C 613 -20.83 53.01 26.23
C SER C 613 -22.14 52.55 26.81
N ALA C 614 -23.05 53.47 27.12
CA ALA C 614 -24.39 53.10 27.61
C ALA C 614 -25.11 52.14 26.64
N ASP C 615 -25.04 52.41 25.34
CA ASP C 615 -25.53 51.47 24.30
C ASP C 615 -24.81 50.12 24.39
N LEU C 616 -23.48 50.13 24.46
CA LEU C 616 -22.71 48.86 24.42
C LEU C 616 -22.97 47.97 25.62
N LEU C 617 -23.06 48.57 26.81
CA LEU C 617 -23.36 47.82 28.03
C LEU C 617 -24.68 47.09 27.88
N ALA C 618 -25.70 47.78 27.40
CA ALA C 618 -27.03 47.17 27.29
C ALA C 618 -27.05 46.07 26.23
N ILE C 619 -26.39 46.31 25.11
CA ILE C 619 -26.27 45.28 24.04
C ILE C 619 -25.70 43.98 24.58
N LEU C 620 -24.52 44.07 25.16
CA LEU C 620 -23.82 42.87 25.62
C LEU C 620 -24.53 42.17 26.74
N LYS C 621 -25.22 42.95 27.57
CA LYS C 621 -25.85 42.38 28.76
C LYS C 621 -27.03 41.56 28.26
N ALA C 622 -27.76 42.10 27.29
CA ALA C 622 -28.87 41.37 26.71
C ALA C 622 -28.37 40.10 25.96
N LEU C 623 -27.31 40.25 25.20
CA LEU C 623 -26.79 39.11 24.44
C LEU C 623 -26.32 38.00 25.41
N LYS C 624 -25.54 38.37 26.41
CA LYS C 624 -25.14 37.40 27.45
C LYS C 624 -26.31 36.60 28.02
N ALA C 625 -27.36 37.28 28.43
CA ALA C 625 -28.50 36.61 29.07
C ALA C 625 -29.08 35.52 28.17
N LYS C 626 -28.95 35.67 26.84
CA LYS C 626 -29.50 34.69 25.93
C LYS C 626 -28.43 33.76 25.31
N GLY C 627 -27.17 33.88 25.73
CA GLY C 627 -26.16 32.95 25.23
C GLY C 627 -25.78 33.28 23.78
N VAL C 628 -26.07 34.52 23.35
CA VAL C 628 -25.67 34.95 22.02
C VAL C 628 -24.29 35.59 22.12
N HIS C 629 -23.40 35.27 21.17
CA HIS C 629 -22.08 35.92 21.14
C HIS C 629 -22.00 37.20 20.30
N ALA C 630 -20.91 37.91 20.50
CA ALA C 630 -20.66 39.15 19.83
C ALA C 630 -19.22 39.21 19.34
N LYS C 631 -19.01 39.76 18.15
CA LYS C 631 -17.69 40.22 17.68
C LYS C 631 -17.63 41.75 17.45
N LEU C 632 -16.63 42.38 18.05
CA LEU C 632 -16.49 43.81 17.93
C LEU C 632 -15.59 44.15 16.74
N LEU C 633 -16.14 44.87 15.77
CA LEU C 633 -15.48 45.13 14.50
C LEU C 633 -15.15 46.60 14.32
N TYR C 634 -14.04 46.88 13.61
CA TYR C 634 -13.68 48.26 13.27
C TYR C 634 -12.83 48.30 11.95
N SER C 635 -12.32 49.47 11.60
CA SER C 635 -11.57 49.61 10.34
C SER C 635 -10.11 49.18 10.43
N ARG C 636 -9.67 48.83 11.64
CA ARG C 636 -8.28 48.42 11.89
C ARG C 636 -8.33 47.56 13.14
N MET C 637 -7.24 46.87 13.45
CA MET C 637 -7.15 46.08 14.66
C MET C 637 -6.76 47.00 15.84
N GLY C 638 -6.59 46.42 17.04
CA GLY C 638 -6.11 47.19 18.18
C GLY C 638 -7.24 47.50 19.14
N GLU C 639 -7.46 48.76 19.46
CA GLU C 639 -8.54 49.05 20.39
C GLU C 639 -9.10 50.42 20.07
N VAL C 640 -10.32 50.70 20.53
CA VAL C 640 -10.88 52.04 20.52
C VAL C 640 -11.37 52.34 21.96
N THR C 641 -11.65 53.61 22.23
CA THR C 641 -12.03 54.03 23.59
C THR C 641 -13.40 54.69 23.54
N ALA C 642 -14.32 54.20 24.39
CA ALA C 642 -15.66 54.76 24.43
C ALA C 642 -15.71 56.20 24.99
N ASP C 643 -16.88 56.86 24.82
CA ASP C 643 -17.08 58.26 25.28
C ASP C 643 -16.60 58.43 26.73
N ASP C 644 -16.80 57.38 27.52
CA ASP C 644 -16.59 57.47 28.96
C ASP C 644 -15.24 56.86 29.41
N GLY C 645 -14.34 56.57 28.46
CA GLY C 645 -12.99 56.04 28.76
C GLY C 645 -12.77 54.55 28.70
N THR C 646 -13.84 53.77 28.55
CA THR C 646 -13.70 52.30 28.42
C THR C 646 -12.94 51.93 27.14
N VAL C 647 -12.00 51.01 27.32
CA VAL C 647 -11.15 50.55 26.25
C VAL C 647 -11.85 49.32 25.69
N LEU C 648 -12.07 49.34 24.37
CA LEU C 648 -12.79 48.31 23.66
C LEU C 648 -11.81 47.61 22.74
N PRO C 649 -11.52 46.32 23.01
CA PRO C 649 -10.64 45.54 22.08
C PRO C 649 -11.37 45.15 20.76
N ILE C 650 -10.65 45.23 19.65
CA ILE C 650 -11.21 44.90 18.35
C ILE C 650 -10.88 43.49 17.95
N ALA C 651 -11.91 42.76 17.51
CA ALA C 651 -11.74 41.36 17.19
C ALA C 651 -11.28 41.18 15.74
N ALA C 652 -11.80 42.04 14.86
CA ALA C 652 -11.63 41.90 13.41
C ALA C 652 -11.93 43.22 12.72
N THR C 653 -11.48 43.36 11.47
CA THR C 653 -11.84 44.51 10.65
C THR C 653 -13.16 44.18 9.93
N PHE C 654 -13.89 45.19 9.46
CA PHE C 654 -15.07 44.98 8.61
C PHE C 654 -14.80 43.97 7.49
N ALA C 655 -13.63 44.06 6.86
CA ALA C 655 -13.30 43.24 5.67
C ALA C 655 -12.92 41.87 6.16
N GLY C 656 -12.31 41.84 7.35
CA GLY C 656 -11.81 40.58 7.95
C GLY C 656 -12.85 39.60 8.48
N ALA C 657 -13.97 40.11 9.02
CA ALA C 657 -15.02 39.22 9.57
C ALA C 657 -16.34 39.74 9.00
N PRO C 658 -16.63 39.38 7.74
CA PRO C 658 -17.78 39.88 6.93
C PRO C 658 -19.13 39.50 7.51
N SER C 659 -20.23 40.21 7.15
CA SER C 659 -21.59 39.85 7.67
C SER C 659 -21.98 38.35 7.47
N LEU C 660 -21.38 37.76 6.43
CA LEU C 660 -21.59 36.37 6.07
C LEU C 660 -21.47 35.48 7.30
N THR C 661 -20.59 35.85 8.23
CA THR C 661 -20.20 35.01 9.31
C THR C 661 -21.03 35.26 10.59
N VAL C 662 -22.05 36.09 10.49
CA VAL C 662 -22.79 36.39 11.68
C VAL C 662 -24.26 36.24 11.38
N ASP C 663 -25.05 36.25 12.45
CA ASP C 663 -26.48 36.12 12.33
C ASP C 663 -27.23 37.45 12.31
N ALA C 664 -26.61 38.54 12.81
CA ALA C 664 -27.27 39.85 12.87
C ALA C 664 -26.19 40.88 12.99
N VAL C 665 -26.57 42.15 12.85
CA VAL C 665 -25.62 43.25 12.97
C VAL C 665 -26.26 44.35 13.80
N ILE C 666 -25.50 44.87 14.76
CA ILE C 666 -25.94 45.98 15.63
C ILE C 666 -24.89 47.09 15.54
N VAL C 667 -25.37 48.32 15.32
CA VAL C 667 -24.49 49.45 15.25
C VAL C 667 -24.84 50.39 16.40
N PRO C 668 -23.94 50.51 17.40
CA PRO C 668 -24.31 51.34 18.55
C PRO C 668 -24.12 52.78 18.17
N OCS C 669 -24.69 53.68 18.95
CA OCS C 669 -24.38 55.09 18.78
CB OCS C 669 -25.33 55.87 19.69
SG OCS C 669 -25.43 57.64 19.36
C OCS C 669 -22.91 55.45 19.10
O OCS C 669 -22.20 54.71 19.80
OD1 OCS C 669 -26.74 58.01 19.83
OD2 OCS C 669 -24.36 58.30 20.07
OD3 OCS C 669 -25.33 57.90 17.96
N GLY C 670 -22.48 56.60 18.59
CA GLY C 670 -21.21 57.26 18.97
C GLY C 670 -20.85 58.33 17.95
N ASN C 671 -19.55 58.46 17.65
CA ASN C 671 -19.15 59.30 16.54
C ASN C 671 -19.40 58.60 15.17
N ILE C 672 -20.64 58.66 14.70
CA ILE C 672 -21.05 57.89 13.49
C ILE C 672 -20.29 58.35 12.25
N ALA C 673 -19.84 59.62 12.30
CA ALA C 673 -19.13 60.29 11.23
C ALA C 673 -17.87 59.55 10.92
N ASP C 674 -17.32 58.89 11.94
CA ASP C 674 -16.07 58.13 11.83
C ASP C 674 -16.16 57.01 10.78
N ILE C 675 -17.29 56.32 10.75
CA ILE C 675 -17.54 55.16 9.87
C ILE C 675 -18.56 55.41 8.73
N ALA C 676 -19.23 56.59 8.74
CA ALA C 676 -20.34 56.89 7.84
C ALA C 676 -19.98 56.82 6.37
N ASP C 677 -18.71 57.07 6.04
CA ASP C 677 -18.23 57.09 4.64
C ASP C 677 -17.20 56.01 4.38
N ASN C 678 -17.08 55.09 5.35
CA ASN C 678 -16.26 53.92 5.22
C ASN C 678 -16.99 52.92 4.29
N GLY C 679 -16.40 52.62 3.12
CA GLY C 679 -17.04 51.72 2.13
C GLY C 679 -17.41 50.39 2.80
N ASP C 680 -16.42 49.80 3.48
CA ASP C 680 -16.58 48.47 4.10
C ASP C 680 -17.74 48.44 5.12
N ALA C 681 -17.91 49.54 5.86
CA ALA C 681 -18.92 49.55 6.92
C ALA C 681 -20.33 49.66 6.36
N ASN C 682 -20.51 50.51 5.35
CA ASN C 682 -21.73 50.52 4.56
C ASN C 682 -22.04 49.18 3.90
N TYR C 683 -21.04 48.60 3.26
CA TYR C 683 -21.25 47.37 2.55
C TYR C 683 -21.62 46.24 3.49
N TYR C 684 -21.00 46.23 4.67
CA TYR C 684 -21.29 45.26 5.72
C TYR C 684 -22.80 45.24 5.93
N LEU C 685 -23.39 46.44 6.08
CA LEU C 685 -24.84 46.58 6.21
C LEU C 685 -25.67 46.16 4.98
N MET C 686 -25.24 46.56 3.78
CA MET C 686 -25.87 46.05 2.55
C MET C 686 -25.84 44.53 2.39
N GLU C 687 -24.72 43.92 2.79
CA GLU C 687 -24.57 42.49 2.60
C GLU C 687 -25.54 41.77 3.54
N ALA C 688 -25.57 42.21 4.80
CA ALA C 688 -26.42 41.56 5.77
C ALA C 688 -27.89 41.79 5.42
N TYR C 689 -28.23 43.03 5.02
CA TYR C 689 -29.56 43.37 4.54
C TYR C 689 -30.00 42.40 3.46
N LYS C 690 -29.19 42.29 2.40
CA LYS C 690 -29.48 41.41 1.26
C LYS C 690 -29.81 39.96 1.66
N HIS C 691 -29.06 39.46 2.64
CA HIS C 691 -29.12 38.07 3.04
C HIS C 691 -30.12 37.88 4.18
N LEU C 692 -30.94 38.90 4.43
CA LEU C 692 -32.13 38.81 5.30
C LEU C 692 -31.85 38.70 6.80
N LYS C 693 -30.74 39.26 7.23
CA LYS C 693 -30.38 39.21 8.63
C LYS C 693 -30.99 40.40 9.39
N PRO C 694 -31.40 40.16 10.64
CA PRO C 694 -31.81 41.29 11.49
C PRO C 694 -30.69 42.34 11.59
N ILE C 695 -31.09 43.62 11.51
CA ILE C 695 -30.15 44.75 11.67
C ILE C 695 -30.70 45.76 12.71
N ALA C 696 -29.85 46.24 13.63
CA ALA C 696 -30.34 47.17 14.64
C ALA C 696 -29.47 48.44 14.72
N LEU C 697 -30.12 49.61 14.65
CA LEU C 697 -29.40 50.90 14.67
C LEU C 697 -29.85 51.80 15.86
N ALA C 698 -28.90 52.32 16.65
CA ALA C 698 -29.21 53.13 17.86
C ALA C 698 -28.74 54.57 17.69
N GLY C 699 -29.60 55.54 18.06
CA GLY C 699 -29.31 56.97 17.93
C GLY C 699 -28.86 57.33 16.52
N ASP C 700 -27.72 57.99 16.40
CA ASP C 700 -27.22 58.43 15.11
C ASP C 700 -26.85 57.29 14.17
N ALA C 701 -26.61 56.10 14.70
CA ALA C 701 -26.37 54.92 13.77
C ALA C 701 -27.52 54.73 12.76
N ARG C 702 -28.71 55.20 13.14
CA ARG C 702 -29.84 55.36 12.21
C ARG C 702 -29.54 56.08 10.89
N LYS C 703 -28.48 56.90 10.89
CA LYS C 703 -28.01 57.55 9.67
C LYS C 703 -27.77 56.53 8.53
N PHE C 704 -27.35 55.32 8.92
CA PHE C 704 -27.13 54.21 7.99
C PHE C 704 -28.40 53.69 7.31
N LYS C 705 -29.59 54.07 7.79
CA LYS C 705 -30.84 53.73 7.11
C LYS C 705 -30.77 54.09 5.62
N ALA C 706 -30.18 55.24 5.29
CA ALA C 706 -30.12 55.70 3.88
C ALA C 706 -29.35 54.72 2.98
N THR C 707 -28.26 54.16 3.50
CA THR C 707 -27.43 53.21 2.73
C THR C 707 -28.24 51.98 2.26
N ILE C 708 -29.11 51.48 3.11
CA ILE C 708 -29.94 50.30 2.80
C ILE C 708 -31.37 50.66 2.40
N LYS C 709 -31.59 51.93 2.05
CA LYS C 709 -32.86 52.39 1.54
C LYS C 709 -34.07 52.10 2.47
N ILE C 710 -33.92 52.35 3.76
CA ILE C 710 -35.04 52.21 4.71
C ILE C 710 -35.83 53.54 4.80
N ALA C 711 -37.16 53.44 4.88
CA ALA C 711 -38.03 54.62 5.01
C ALA C 711 -37.85 55.23 6.38
N ASP C 712 -38.22 56.50 6.51
CA ASP C 712 -38.07 57.18 7.80
C ASP C 712 -38.86 56.50 8.89
N GLN C 713 -40.03 55.96 8.55
CA GLN C 713 -40.88 55.33 9.53
C GLN C 713 -40.47 53.90 9.85
N GLY C 714 -39.44 53.40 9.13
CA GLY C 714 -38.83 52.07 9.36
C GLY C 714 -39.49 50.88 8.67
N GLU C 715 -38.95 49.67 8.90
CA GLU C 715 -39.56 48.45 8.36
C GLU C 715 -39.34 47.30 9.30
N GLU C 716 -40.28 46.35 9.30
CA GLU C 716 -40.10 45.08 10.02
C GLU C 716 -38.72 44.47 9.66
N GLY C 717 -37.88 44.24 10.67
CA GLY C 717 -36.62 43.54 10.48
C GLY C 717 -35.46 44.51 10.64
N ILE C 718 -35.77 45.80 10.67
CA ILE C 718 -34.79 46.80 11.05
C ILE C 718 -35.21 47.35 12.43
N VAL C 719 -34.42 47.05 13.45
CA VAL C 719 -34.70 47.58 14.81
C VAL C 719 -34.04 48.97 14.97
N GLU C 720 -34.81 49.95 15.45
CA GLU C 720 -34.26 51.28 15.60
C GLU C 720 -34.84 52.02 16.79
N ALA C 721 -34.03 52.90 17.36
CA ALA C 721 -34.40 53.68 18.55
C ALA C 721 -33.35 54.74 18.90
N ASP C 722 -33.73 55.66 19.82
CA ASP C 722 -32.82 56.71 20.29
C ASP C 722 -31.53 56.20 20.97
N SER C 723 -31.65 55.05 21.62
CA SER C 723 -30.56 54.39 22.36
C SER C 723 -30.76 52.86 22.36
N ALA C 724 -29.73 52.09 22.69
CA ALA C 724 -29.83 50.61 22.73
C ALA C 724 -30.41 50.22 24.08
N ASP C 725 -31.71 49.95 24.05
CA ASP C 725 -32.73 50.53 24.95
C ASP C 725 -33.14 49.84 26.18
N GLY C 726 -34.34 50.24 26.63
CA GLY C 726 -35.38 49.34 27.14
C GLY C 726 -35.57 48.20 26.12
N SER C 727 -36.56 48.31 25.20
CA SER C 727 -36.97 47.11 24.40
C SER C 727 -36.27 46.87 23.03
N PHE C 728 -35.21 47.65 22.77
CA PHE C 728 -34.40 47.61 21.53
C PHE C 728 -33.78 46.22 21.38
N MET C 729 -33.19 45.73 22.47
CA MET C 729 -32.61 44.37 22.48
C MET C 729 -33.67 43.25 22.47
N ASP C 730 -34.82 43.40 23.17
CA ASP C 730 -35.83 42.31 23.08
C ASP C 730 -36.35 42.10 21.64
N GLU C 731 -36.56 43.22 20.95
CA GLU C 731 -36.92 43.25 19.50
C GLU C 731 -35.87 42.62 18.63
N LEU C 732 -34.61 42.94 18.88
CA LEU C 732 -33.56 42.41 18.04
C LEU C 732 -33.49 40.89 18.25
N LEU C 733 -33.51 40.50 19.51
CA LEU C 733 -33.50 39.11 19.88
C LEU C 733 -34.75 38.31 19.41
N THR C 734 -35.94 38.94 19.33
CA THR C 734 -37.09 38.26 18.77
C THR C 734 -36.87 37.97 17.29
N LEU C 735 -36.33 38.94 16.57
CA LEU C 735 -35.99 38.68 15.17
C LEU C 735 -35.02 37.53 14.98
N MET C 736 -33.99 37.44 15.84
CA MET C 736 -32.97 36.38 15.71
C MET C 736 -33.61 35.02 15.94
N ALA C 737 -34.55 34.95 16.90
CA ALA C 737 -35.31 33.69 17.13
C ALA C 737 -36.02 33.18 15.85
N ALA C 738 -36.36 34.10 14.96
CA ALA C 738 -36.99 33.75 13.69
C ALA C 738 -36.00 33.56 12.56
N HIS C 739 -34.71 33.70 12.89
CA HIS C 739 -33.58 33.35 12.00
C HIS C 739 -33.29 34.41 10.92
N ARG C 740 -34.25 34.65 10.02
CA ARG C 740 -34.09 35.66 8.96
C ARG C 740 -35.43 36.37 8.68
N VAL C 741 -35.36 37.50 7.97
CA VAL C 741 -36.49 38.40 7.80
C VAL C 741 -37.02 38.17 6.38
N TRP C 742 -37.80 37.10 6.24
CA TRP C 742 -38.34 36.61 4.96
C TRP C 742 -39.20 37.68 4.22
N SER C 743 -39.95 38.47 4.98
CA SER C 743 -40.77 39.55 4.42
C SER C 743 -39.94 40.58 3.61
N ARG C 744 -38.62 40.56 3.80
CA ARG C 744 -37.72 41.49 3.16
C ARG C 744 -37.39 41.15 1.71
N ILE C 745 -37.70 39.92 1.30
CA ILE C 745 -37.31 39.38 0.02
C ILE C 745 -37.68 40.28 -1.16
N PRO C 746 -38.96 40.72 -1.27
CA PRO C 746 -39.29 41.59 -2.42
C PRO C 746 -38.37 42.82 -2.55
N LYS C 747 -37.88 43.36 -1.42
CA LYS C 747 -36.98 44.55 -1.43
C LYS C 747 -35.50 44.35 -1.86
N ILE C 748 -34.98 43.10 -1.75
CA ILE C 748 -33.55 42.86 -2.00
C ILE C 748 -33.06 42.94 -3.48
N ASP C 749 -33.90 42.71 -4.49
CA ASP C 749 -33.42 42.75 -5.90
C ASP C 749 -32.95 44.14 -6.35
N LYS C 750 -33.61 45.19 -5.85
CA LYS C 750 -33.16 46.57 -6.08
C LYS C 750 -31.75 46.83 -5.56
N ILE C 751 -31.41 46.27 -4.39
CA ILE C 751 -30.15 46.63 -3.68
C ILE C 751 -28.89 46.14 -4.40
N PRO C 752 -27.99 47.08 -4.75
CA PRO C 752 -26.76 46.63 -5.43
C PRO C 752 -25.75 46.13 -4.38
N ALA C 753 -25.85 44.86 -4.03
CA ALA C 753 -24.94 44.23 -3.08
C ALA C 753 -24.58 42.78 -3.48
N SER D 28 32.97 -6.56 -22.77
CA SER D 28 32.82 -7.83 -23.61
C SER D 28 33.23 -9.16 -22.87
N LEU D 29 32.33 -9.72 -22.05
CA LEU D 29 32.74 -10.82 -21.12
C LEU D 29 32.26 -12.22 -21.49
N ALA D 30 31.43 -12.31 -22.55
CA ALA D 30 30.92 -13.57 -23.05
C ALA D 30 32.10 -14.42 -23.55
N PRO D 31 32.00 -15.77 -23.45
CA PRO D 31 33.10 -16.58 -24.01
C PRO D 31 33.11 -16.44 -25.54
N GLU D 32 34.28 -16.35 -26.12
CA GLU D 32 34.35 -16.12 -27.55
C GLU D 32 33.68 -17.25 -28.39
N ASP D 33 33.60 -18.47 -27.85
CA ASP D 33 32.90 -19.62 -28.50
C ASP D 33 31.34 -19.62 -28.52
N GLY D 34 30.70 -18.63 -27.85
CA GLY D 34 29.23 -18.46 -27.90
C GLY D 34 28.50 -19.46 -27.03
N SER D 35 29.23 -20.18 -26.16
CA SER D 35 28.61 -21.24 -25.36
C SER D 35 27.85 -20.71 -24.15
N HIS D 36 27.85 -19.39 -23.93
CA HIS D 36 27.03 -18.79 -22.87
C HIS D 36 25.53 -18.77 -23.20
N ARG D 37 25.19 -18.86 -24.49
CA ARG D 37 23.84 -18.69 -25.02
C ARG D 37 23.23 -20.08 -25.40
N PRO D 38 22.09 -20.45 -24.78
CA PRO D 38 21.46 -21.73 -25.15
C PRO D 38 20.88 -21.68 -26.56
N ALA D 39 20.96 -22.80 -27.27
CA ALA D 39 20.33 -22.90 -28.57
C ALA D 39 18.80 -22.69 -28.51
N ALA D 40 18.32 -21.91 -29.50
CA ALA D 40 16.88 -21.66 -29.66
C ALA D 40 16.19 -22.80 -30.43
N GLU D 41 16.24 -23.99 -29.88
CA GLU D 41 15.67 -25.16 -30.48
C GLU D 41 15.43 -26.09 -29.31
N PRO D 42 14.51 -27.02 -29.47
CA PRO D 42 14.18 -27.94 -28.37
C PRO D 42 15.39 -28.78 -28.01
N THR D 43 15.71 -28.87 -26.72
CA THR D 43 16.90 -29.58 -26.28
C THR D 43 16.52 -30.32 -25.00
N PRO D 44 17.10 -31.48 -24.74
CA PRO D 44 16.63 -32.22 -23.55
C PRO D 44 17.13 -31.68 -22.23
N PRO D 45 16.48 -32.08 -21.10
CA PRO D 45 16.92 -31.60 -19.79
C PRO D 45 18.43 -31.75 -19.59
N GLY D 46 19.06 -30.69 -19.11
CA GLY D 46 20.51 -30.68 -18.81
C GLY D 46 21.45 -30.38 -19.97
N ALA D 47 20.95 -30.36 -21.19
CA ALA D 47 21.86 -30.22 -22.34
C ALA D 47 22.32 -28.77 -22.54
N GLN D 48 21.47 -27.81 -22.16
CA GLN D 48 21.80 -26.40 -22.32
C GLN D 48 21.29 -25.68 -21.12
N PRO D 49 21.86 -24.51 -20.86
CA PRO D 49 21.26 -23.71 -19.81
C PRO D 49 19.81 -23.32 -20.17
N THR D 50 18.97 -23.21 -19.17
CA THR D 50 17.60 -22.76 -19.39
C THR D 50 17.58 -21.26 -19.66
N ALA D 51 16.53 -20.84 -20.36
CA ALA D 51 16.33 -19.44 -20.78
C ALA D 51 14.87 -18.97 -20.70
N PRO D 52 14.61 -17.64 -20.73
CA PRO D 52 13.28 -17.04 -20.92
C PRO D 52 12.63 -17.63 -22.16
N GLY D 53 11.32 -17.92 -22.08
CA GLY D 53 10.66 -18.65 -23.18
C GLY D 53 10.78 -17.96 -24.54
N SER D 54 10.75 -16.64 -24.58
CA SER D 54 10.79 -15.95 -25.85
C SER D 54 12.21 -15.98 -26.53
N LEU D 55 13.25 -16.24 -25.76
CA LEU D 55 14.61 -16.45 -26.28
C LEU D 55 14.85 -17.93 -26.61
N LYS D 56 14.30 -18.82 -25.78
CA LYS D 56 14.36 -20.25 -26.07
C LYS D 56 13.53 -20.69 -27.30
N ALA D 57 12.31 -20.17 -27.48
CA ALA D 57 11.36 -20.75 -28.47
C ALA D 57 10.65 -19.52 -29.09
N PRO D 58 11.43 -18.64 -29.72
CA PRO D 58 10.81 -17.42 -30.28
C PRO D 58 9.69 -17.67 -31.33
N ASP D 59 9.71 -18.80 -32.03
CA ASP D 59 8.65 -19.09 -33.00
C ASP D 59 7.42 -19.76 -32.40
N THR D 60 7.43 -20.00 -31.09
CA THR D 60 6.21 -20.53 -30.45
C THR D 60 5.36 -19.35 -30.08
N ARG D 61 4.20 -19.21 -30.70
CA ARG D 61 3.35 -17.99 -30.57
C ARG D 61 1.92 -18.35 -30.23
N ASN D 62 1.18 -17.40 -29.63
CA ASN D 62 -0.28 -17.52 -29.58
C ASN D 62 -0.74 -16.07 -29.43
N GLU D 63 -2.03 -15.81 -29.55
CA GLU D 63 -2.51 -14.41 -29.45
C GLU D 63 -2.16 -13.67 -28.14
N LYS D 64 -2.25 -14.36 -27.01
CA LYS D 64 -1.80 -13.72 -25.73
C LYS D 64 -0.26 -13.41 -25.70
N LEU D 65 0.55 -14.38 -26.11
CA LEU D 65 1.99 -14.17 -26.10
C LEU D 65 2.28 -12.96 -27.01
N ASN D 66 1.60 -12.92 -28.17
CA ASN D 66 1.82 -11.81 -29.13
C ASN D 66 1.43 -10.48 -28.53
N SER D 67 0.31 -10.45 -27.80
CA SER D 67 -0.19 -9.21 -27.22
C SER D 67 0.68 -8.70 -26.08
N LEU D 68 1.57 -9.54 -25.53
CA LEU D 68 2.52 -9.09 -24.52
C LEU D 68 3.74 -8.35 -25.09
N GLU D 69 3.85 -8.30 -26.40
CA GLU D 69 5.04 -7.70 -27.03
C GLU D 69 5.22 -6.24 -26.67
N ASP D 70 4.13 -5.50 -26.51
CA ASP D 70 4.20 -4.08 -26.10
C ASP D 70 4.97 -3.83 -24.78
N VAL D 71 5.00 -4.83 -23.91
CA VAL D 71 5.73 -4.67 -22.64
C VAL D 71 7.01 -5.48 -22.53
N ARG D 72 7.33 -6.39 -23.46
CA ARG D 72 8.62 -7.15 -23.39
C ARG D 72 9.80 -6.24 -23.63
N LYS D 73 10.81 -6.29 -22.77
CA LYS D 73 11.97 -5.39 -22.82
C LYS D 73 13.21 -6.25 -23.09
N GLY D 74 13.95 -5.91 -24.16
CA GLY D 74 15.16 -6.60 -24.58
C GLY D 74 16.35 -5.96 -23.84
N SER D 75 17.55 -6.11 -24.39
CA SER D 75 18.76 -5.68 -23.60
C SER D 75 20.07 -5.59 -24.39
N GLU D 76 20.24 -6.55 -25.31
CA GLU D 76 21.45 -6.60 -26.13
C GLU D 76 21.50 -5.30 -26.93
N ASN D 77 22.70 -4.71 -26.99
CA ASN D 77 23.00 -3.51 -27.72
C ASN D 77 22.49 -2.22 -27.10
N TYR D 78 21.89 -2.32 -25.91
CA TYR D 78 21.31 -1.10 -25.29
C TYR D 78 22.21 -0.56 -24.22
N ALA D 79 22.23 0.77 -24.08
CA ALA D 79 22.97 1.46 -23.02
C ALA D 79 22.27 1.23 -21.66
N LEU D 80 23.04 1.05 -20.59
CA LEU D 80 22.49 0.92 -19.20
C LEU D 80 22.04 2.30 -18.77
N THR D 81 20.80 2.42 -18.27
CA THR D 81 20.28 3.74 -17.88
C THR D 81 19.59 3.70 -16.51
N THR D 82 19.32 4.88 -15.98
CA THR D 82 18.36 4.94 -14.90
C THR D 82 16.96 4.61 -15.48
N ASN D 83 15.97 4.52 -14.59
CA ASN D 83 14.62 4.35 -15.07
C ASN D 83 14.06 5.55 -15.81
N GLN D 84 14.68 6.72 -15.63
CA GLN D 84 14.29 7.96 -16.33
C GLN D 84 15.02 8.08 -17.67
N GLY D 85 15.73 7.03 -18.08
CA GLY D 85 16.37 7.02 -19.40
C GLY D 85 17.77 7.67 -19.45
N VAL D 86 18.38 7.99 -18.31
CA VAL D 86 19.71 8.64 -18.29
C VAL D 86 20.80 7.58 -18.33
N ARG D 87 21.71 7.70 -19.30
CA ARG D 87 22.86 6.75 -19.39
C ARG D 87 23.77 6.80 -18.15
N ILE D 88 24.12 5.63 -17.64
CA ILE D 88 25.01 5.50 -16.50
C ILE D 88 26.45 5.25 -17.03
N ALA D 89 27.38 6.00 -16.49
CA ALA D 89 28.82 5.83 -16.83
C ALA D 89 29.53 4.82 -15.93
N ASP D 90 29.25 4.88 -14.63
CA ASP D 90 29.95 4.04 -13.68
C ASP D 90 28.95 3.37 -12.75
N ASP D 91 28.64 2.10 -13.09
CA ASP D 91 27.65 1.36 -12.28
C ASP D 91 28.36 0.47 -11.21
N GLN D 92 29.59 0.85 -10.85
CA GLN D 92 30.35 0.07 -9.90
C GLN D 92 30.55 0.86 -8.60
N ASN D 93 30.16 2.13 -8.56
CA ASN D 93 30.60 2.96 -7.41
C ASN D 93 29.53 3.94 -7.04
N SER D 94 29.44 4.29 -5.76
CA SER D 94 28.66 5.43 -5.29
C SER D 94 29.43 6.73 -5.49
N LEU D 95 28.72 7.85 -5.46
CA LEU D 95 29.38 9.15 -5.58
C LEU D 95 29.76 9.50 -4.15
N ARG D 96 31.03 9.80 -3.93
CA ARG D 96 31.53 10.14 -2.61
C ARG D 96 32.47 11.34 -2.67
N ALA D 97 32.71 11.98 -1.51
CA ALA D 97 33.70 13.09 -1.44
C ALA D 97 35.13 12.55 -1.20
N GLY D 98 35.88 12.31 -2.25
CA GLY D 98 37.17 11.61 -2.17
C GLY D 98 36.91 10.13 -2.34
N SER D 99 37.87 9.41 -2.87
CA SER D 99 37.59 7.96 -3.12
C SER D 99 37.53 7.11 -1.86
N ARG D 100 37.88 7.66 -0.70
CA ARG D 100 37.57 6.96 0.56
C ARG D 100 36.64 7.80 1.40
N GLY D 101 35.89 8.68 0.77
CA GLY D 101 35.10 9.64 1.55
C GLY D 101 33.65 9.20 1.73
N PRO D 102 32.81 10.09 2.30
CA PRO D 102 31.43 9.66 2.61
C PRO D 102 30.60 9.72 1.32
N THR D 103 29.54 8.90 1.28
CA THR D 103 28.63 8.88 0.17
C THR D 103 27.71 10.12 0.19
N LEU D 104 27.47 10.73 -0.98
CA LEU D 104 26.74 11.97 -1.03
C LEU D 104 25.25 11.72 -1.32
N LEU D 105 24.36 12.46 -0.63
CA LEU D 105 22.92 12.39 -0.87
C LEU D 105 22.59 12.74 -2.33
N GLU D 106 23.42 13.55 -3.02
CA GLU D 106 23.06 13.84 -4.40
C GLU D 106 23.27 12.66 -5.37
N ASP D 107 23.69 11.49 -4.91
CA ASP D 107 23.80 10.31 -5.78
C ASP D 107 22.43 9.72 -6.11
N PHE D 108 21.75 10.37 -7.06
CA PHE D 108 20.40 9.95 -7.45
C PHE D 108 20.47 8.59 -8.19
N ILE D 109 21.63 8.24 -8.75
CA ILE D 109 21.75 6.98 -9.47
C ILE D 109 21.77 5.80 -8.51
N LEU D 110 22.59 5.90 -7.48
CA LEU D 110 22.55 5.02 -6.34
C LEU D 110 21.17 4.97 -5.73
N ARG D 111 20.53 6.12 -5.46
CA ARG D 111 19.28 6.03 -4.67
C ARG D 111 18.17 5.39 -5.53
N GLU D 112 18.18 5.66 -6.86
CA GLU D 112 17.09 5.05 -7.64
C GLU D 112 17.27 3.52 -7.59
N LYS D 113 18.50 3.06 -7.78
CA LYS D 113 18.79 1.66 -7.96
C LYS D 113 18.54 0.85 -6.65
N ILE D 114 19.00 1.42 -5.56
CA ILE D 114 18.69 0.86 -4.22
C ILE D 114 17.18 0.98 -3.87
N THR D 115 16.53 2.07 -4.24
CA THR D 115 15.10 2.17 -3.95
C THR D 115 14.37 1.04 -4.67
N HIS D 116 14.65 0.81 -5.95
CA HIS D 116 13.82 -0.20 -6.63
C HIS D 116 14.05 -1.59 -5.98
N PHE D 117 15.29 -1.83 -5.62
CA PHE D 117 15.64 -3.07 -4.95
C PHE D 117 14.90 -3.20 -3.62
N ASP D 118 14.91 -2.14 -2.84
CA ASP D 118 14.33 -2.13 -1.51
C ASP D 118 12.83 -2.38 -1.54
N HIS D 119 12.22 -2.30 -2.72
CA HIS D 119 10.77 -2.48 -2.81
C HIS D 119 10.35 -3.56 -3.79
N GLU D 120 11.25 -4.49 -4.06
CA GLU D 120 10.96 -5.51 -5.07
C GLU D 120 9.86 -6.44 -4.67
N ARG D 121 9.66 -6.65 -3.36
CA ARG D 121 8.74 -7.71 -2.90
C ARG D 121 7.32 -7.23 -2.78
N ILE D 122 6.40 -8.11 -3.15
CA ILE D 122 4.99 -7.90 -2.91
C ILE D 122 4.44 -9.03 -2.04
N PRO D 123 3.27 -8.85 -1.40
CA PRO D 123 2.82 -9.96 -0.49
C PRO D 123 2.62 -11.28 -1.31
N GLU D 124 2.94 -12.44 -0.75
CA GLU D 124 2.72 -13.65 -1.53
C GLU D 124 1.26 -14.00 -1.38
N ARG D 125 0.79 -14.96 -2.20
CA ARG D 125 -0.61 -15.43 -2.11
C ARG D 125 -0.88 -15.98 -0.70
N ILE D 126 -2.08 -15.73 -0.15
CA ILE D 126 -2.39 -16.26 1.20
C ILE D 126 -2.26 -17.79 1.23
N VAL D 127 -2.78 -18.43 0.18
CA VAL D 127 -2.57 -19.92 -0.01
C VAL D 127 -2.12 -20.15 -1.48
N HIS D 128 -1.45 -21.29 -1.77
CA HIS D 128 -0.88 -21.57 -3.10
C HIS D 128 0.21 -20.54 -3.39
N ALA D 129 0.86 -20.05 -2.33
CA ALA D 129 2.04 -19.16 -2.53
C ALA D 129 3.14 -19.75 -3.46
N ARG D 130 3.30 -21.08 -3.45
CA ARG D 130 4.37 -21.77 -4.19
C ARG D 130 3.73 -22.33 -5.47
N GLY D 131 4.13 -21.84 -6.63
CA GLY D 131 3.48 -22.24 -7.91
C GLY D 131 4.41 -22.05 -9.10
N SER D 132 4.22 -22.88 -10.14
CA SER D 132 5.07 -22.81 -11.33
C SER D 132 4.14 -22.72 -12.52
N ALA D 133 4.48 -21.90 -13.51
CA ALA D 133 3.46 -21.55 -14.54
C ALA D 133 3.99 -21.58 -15.98
N ALA D 134 3.07 -21.73 -16.94
CA ALA D 134 3.45 -21.76 -18.37
C ALA D 134 2.34 -21.36 -19.27
N HIS D 135 2.71 -20.84 -20.47
CA HIS D 135 1.78 -20.48 -21.55
C HIS D 135 1.41 -21.70 -22.44
N GLY D 136 0.19 -21.66 -23.01
CA GLY D 136 -0.21 -22.74 -23.90
C GLY D 136 -1.47 -22.37 -24.64
N TYR D 137 -2.15 -23.36 -25.19
CA TYR D 137 -3.40 -23.09 -25.84
C TYR D 137 -4.36 -24.25 -25.62
N PHE D 138 -5.66 -23.97 -25.85
CA PHE D 138 -6.73 -24.96 -25.68
C PHE D 138 -7.55 -24.93 -26.96
N GLN D 139 -8.09 -26.09 -27.32
CA GLN D 139 -9.00 -26.19 -28.47
C GLN D 139 -10.09 -27.25 -28.17
N PRO D 140 -11.38 -26.98 -28.53
CA PRO D 140 -12.30 -28.08 -28.21
C PRO D 140 -12.27 -29.14 -29.32
N TYR D 141 -12.65 -30.37 -28.97
CA TYR D 141 -12.74 -31.40 -30.00
C TYR D 141 -13.86 -31.15 -30.97
N LYS D 142 -15.01 -30.69 -30.47
CA LYS D 142 -16.19 -30.36 -31.30
C LYS D 142 -16.99 -29.26 -30.64
N SER D 143 -17.91 -28.63 -31.37
CA SER D 143 -18.76 -27.61 -30.80
C SER D 143 -19.65 -28.19 -29.68
N LEU D 144 -19.75 -27.45 -28.58
CA LEU D 144 -20.62 -27.84 -27.48
C LEU D 144 -21.85 -26.95 -27.36
N SER D 145 -22.19 -26.25 -28.45
CA SER D 145 -23.39 -25.39 -28.58
C SER D 145 -24.71 -25.97 -28.03
N ASP D 146 -24.90 -27.28 -28.18
CA ASP D 146 -26.11 -27.84 -27.61
C ASP D 146 -26.22 -27.75 -26.11
N ILE D 147 -25.11 -27.65 -25.38
CA ILE D 147 -25.16 -27.61 -23.91
C ILE D 147 -24.60 -26.35 -23.25
N THR D 148 -23.85 -25.55 -24.01
CA THR D 148 -23.33 -24.26 -23.54
C THR D 148 -23.08 -23.24 -24.67
N LYS D 149 -23.43 -21.98 -24.39
CA LYS D 149 -23.16 -20.91 -25.39
C LYS D 149 -21.76 -20.29 -25.19
N ALA D 150 -20.94 -20.89 -24.32
CA ALA D 150 -19.54 -20.33 -24.04
C ALA D 150 -18.76 -20.22 -25.40
N ASP D 151 -18.31 -19.04 -25.78
CA ASP D 151 -17.70 -18.91 -27.08
C ASP D 151 -16.47 -19.81 -27.26
N PHE D 152 -15.68 -19.99 -26.21
CA PHE D 152 -14.47 -20.77 -26.33
C PHE D 152 -14.71 -22.31 -26.60
N LEU D 153 -15.93 -22.79 -26.43
CA LEU D 153 -16.26 -24.19 -26.65
C LEU D 153 -17.21 -24.35 -27.88
N SER D 154 -17.31 -23.31 -28.70
CA SER D 154 -18.34 -23.33 -29.78
C SER D 154 -17.84 -23.90 -31.10
N ASP D 155 -16.53 -24.03 -31.26
CA ASP D 155 -15.98 -24.33 -32.59
C ASP D 155 -14.65 -25.10 -32.39
N PRO D 156 -14.54 -26.31 -33.00
CA PRO D 156 -13.27 -27.05 -32.86
C PRO D 156 -12.08 -26.32 -33.51
N ASN D 157 -12.29 -25.27 -34.33
CA ASN D 157 -11.16 -24.50 -34.90
C ASN D 157 -10.79 -23.23 -34.12
N LYS D 158 -11.49 -22.99 -33.03
CA LYS D 158 -11.19 -21.88 -32.18
C LYS D 158 -10.13 -22.24 -31.16
N ILE D 159 -8.99 -21.57 -31.26
CA ILE D 159 -7.90 -21.82 -30.37
C ILE D 159 -7.98 -20.73 -29.29
N THR D 160 -7.88 -21.13 -28.03
CA THR D 160 -7.91 -20.18 -26.91
C THR D 160 -6.56 -20.25 -26.19
N PRO D 161 -5.85 -19.14 -26.10
CA PRO D 161 -4.57 -19.10 -25.35
C PRO D 161 -4.87 -19.32 -23.88
N VAL D 162 -3.95 -19.93 -23.14
CA VAL D 162 -4.16 -20.08 -21.72
C VAL D 162 -2.87 -19.72 -21.00
N PHE D 163 -2.98 -19.43 -19.69
CA PHE D 163 -1.79 -19.38 -18.86
C PHE D 163 -2.16 -20.25 -17.66
N VAL D 164 -1.35 -21.27 -17.32
CA VAL D 164 -1.66 -22.20 -16.21
C VAL D 164 -0.62 -22.05 -15.12
N ARG D 165 -1.05 -22.09 -13.87
CA ARG D 165 -0.13 -22.10 -12.75
C ARG D 165 -0.52 -23.32 -11.93
N PHE D 166 0.48 -24.12 -11.61
CA PHE D 166 0.28 -25.23 -10.73
C PHE D 166 0.87 -24.86 -9.42
N SER D 167 0.41 -25.43 -8.30
CA SER D 167 0.95 -24.95 -7.04
C SER D 167 0.85 -26.00 -5.98
N THR D 168 1.48 -25.73 -4.86
CA THR D 168 1.12 -26.41 -3.56
C THR D 168 0.11 -25.56 -2.88
N VAL D 169 -0.16 -25.82 -1.60
CA VAL D 169 -1.20 -25.01 -0.91
C VAL D 169 -0.69 -24.28 0.35
N GLN D 170 -0.01 -25.02 1.23
CA GLN D 170 0.32 -24.53 2.56
C GLN D 170 1.55 -23.63 2.56
N GLY D 171 2.56 -23.98 1.78
CA GLY D 171 3.89 -23.36 2.05
C GLY D 171 4.08 -22.02 1.35
N GLY D 172 5.08 -21.27 1.80
CA GLY D 172 5.36 -19.99 1.18
C GLY D 172 5.92 -20.12 -0.23
N ALA D 173 6.07 -18.98 -0.90
CA ALA D 173 6.59 -19.01 -2.25
C ALA D 173 8.01 -19.60 -2.34
N GLY D 174 8.75 -19.57 -1.24
CA GLY D 174 10.10 -20.14 -1.17
C GLY D 174 10.15 -21.53 -0.52
N SER D 175 8.98 -22.20 -0.37
CA SER D 175 8.91 -23.57 0.20
C SER D 175 9.19 -24.60 -0.93
N ALA D 176 9.32 -25.87 -0.56
CA ALA D 176 9.75 -26.96 -1.42
C ALA D 176 8.60 -27.54 -2.29
N ASP D 177 8.93 -28.04 -3.48
CA ASP D 177 7.89 -28.52 -4.37
C ASP D 177 7.26 -29.90 -3.99
N THR D 178 8.10 -30.87 -3.60
CA THR D 178 7.64 -32.27 -3.45
C THR D 178 7.21 -32.58 -2.02
N VAL D 179 6.61 -31.59 -1.35
CA VAL D 179 5.93 -31.84 -0.06
C VAL D 179 4.68 -32.75 -0.20
N ARG D 180 4.19 -33.29 0.91
CA ARG D 180 2.84 -33.93 0.86
C ARG D 180 1.80 -32.80 1.09
N ASP D 181 0.94 -32.58 0.10
CA ASP D 181 -0.03 -31.47 0.15
C ASP D 181 -1.01 -31.68 -1.01
N ILE D 182 -2.09 -30.92 -1.03
CA ILE D 182 -2.92 -30.84 -2.22
C ILE D 182 -2.12 -29.97 -3.19
N ARG D 183 -2.37 -30.15 -4.49
CA ARG D 183 -1.83 -29.28 -5.53
C ARG D 183 -2.92 -28.43 -6.18
N GLY D 184 -2.63 -27.15 -6.44
CA GLY D 184 -3.56 -26.32 -7.27
C GLY D 184 -3.26 -26.52 -8.74
N PHE D 185 -4.29 -26.31 -9.59
CA PHE D 185 -4.18 -26.44 -11.07
C PHE D 185 -5.11 -25.34 -11.60
N ALA D 186 -4.56 -24.14 -11.87
CA ALA D 186 -5.35 -22.96 -12.24
C ALA D 186 -5.06 -22.61 -13.68
N THR D 187 -6.11 -22.40 -14.46
CA THR D 187 -6.06 -22.18 -15.93
C THR D 187 -6.79 -20.88 -16.25
N LYS D 188 -6.04 -19.94 -16.78
CA LYS D 188 -6.67 -18.73 -17.26
C LYS D 188 -6.88 -18.85 -18.80
N PHE D 189 -8.15 -18.87 -19.23
CA PHE D 189 -8.49 -18.94 -20.65
C PHE D 189 -8.72 -17.55 -21.16
N TYR D 190 -7.92 -17.10 -22.14
CA TYR D 190 -8.13 -15.75 -22.66
C TYR D 190 -9.14 -15.83 -23.83
N THR D 191 -10.45 -15.80 -23.51
CA THR D 191 -11.48 -16.08 -24.52
C THR D 191 -11.87 -14.80 -25.26
N GLU D 192 -12.54 -14.97 -26.40
CA GLU D 192 -13.05 -13.82 -27.16
C GLU D 192 -14.23 -13.11 -26.47
N GLU D 193 -14.79 -13.70 -25.41
CA GLU D 193 -15.88 -13.05 -24.67
C GLU D 193 -15.53 -12.84 -23.20
N GLY D 194 -14.23 -12.82 -22.89
CA GLY D 194 -13.78 -12.55 -21.54
C GLY D 194 -12.81 -13.57 -20.95
N ILE D 195 -12.25 -13.23 -19.80
CA ILE D 195 -11.31 -14.14 -19.14
C ILE D 195 -12.20 -15.16 -18.44
N PHE D 196 -11.91 -16.44 -18.65
CA PHE D 196 -12.48 -17.51 -17.82
C PHE D 196 -11.35 -18.19 -17.03
N ASP D 197 -11.45 -18.16 -15.69
CA ASP D 197 -10.47 -18.81 -14.81
C ASP D 197 -11.09 -20.06 -14.25
N LEU D 198 -10.43 -21.20 -14.59
CA LEU D 198 -10.82 -22.47 -14.01
C LEU D 198 -9.78 -22.82 -12.92
N VAL D 199 -10.19 -22.60 -11.68
CA VAL D 199 -9.24 -22.56 -10.56
C VAL D 199 -9.47 -23.86 -9.80
N GLY D 200 -8.72 -24.93 -10.12
CA GLY D 200 -9.02 -26.21 -9.51
C GLY D 200 -7.83 -26.73 -8.76
N ASN D 201 -7.98 -27.97 -8.30
CA ASN D 201 -6.94 -28.67 -7.49
C ASN D 201 -6.78 -30.09 -8.07
N ASN D 202 -5.88 -30.88 -7.50
CA ASN D 202 -5.59 -32.21 -8.05
C ASN D 202 -6.38 -33.32 -7.37
N THR D 203 -7.40 -32.95 -6.58
CA THR D 203 -8.34 -33.91 -6.01
C THR D 203 -9.77 -33.33 -6.28
N PRO D 204 -10.81 -34.21 -6.30
CA PRO D 204 -12.11 -33.76 -6.79
C PRO D 204 -12.96 -33.10 -5.66
N ILE D 205 -12.41 -32.92 -4.45
CA ILE D 205 -13.22 -32.37 -3.38
C ILE D 205 -12.36 -31.43 -2.59
N PHE D 206 -12.92 -30.81 -1.55
CA PHE D 206 -12.11 -29.99 -0.70
C PHE D 206 -12.33 -30.46 0.74
N PHE D 207 -11.52 -29.97 1.69
CA PHE D 207 -11.64 -30.40 3.09
C PHE D 207 -12.95 -29.93 3.79
N ILE D 208 -13.47 -28.76 3.46
CA ILE D 208 -14.58 -28.25 4.28
C ILE D 208 -15.75 -27.93 3.40
N GLN D 209 -16.91 -27.71 4.03
CA GLN D 209 -18.17 -27.47 3.30
C GLN D 209 -18.51 -26.02 3.08
N ASP D 210 -18.25 -25.18 4.08
CA ASP D 210 -18.76 -23.78 3.98
C ASP D 210 -17.55 -22.79 4.10
N ALA D 211 -17.49 -21.86 3.16
CA ALA D 211 -16.44 -20.90 3.02
C ALA D 211 -16.18 -20.16 4.34
N HIS D 212 -17.20 -20.01 5.19
CA HIS D 212 -16.99 -19.33 6.48
C HIS D 212 -15.89 -19.97 7.33
N LYS D 213 -15.66 -21.26 7.14
CA LYS D 213 -14.59 -21.93 7.86
C LYS D 213 -13.23 -21.95 7.18
N PHE D 214 -13.09 -21.38 5.97
CA PHE D 214 -11.81 -21.43 5.28
C PHE D 214 -10.62 -20.87 6.12
N PRO D 215 -10.77 -19.70 6.80
CA PRO D 215 -9.62 -19.27 7.65
C PRO D 215 -9.34 -20.18 8.82
N ASP D 216 -10.34 -20.86 9.37
CA ASP D 216 -10.07 -21.88 10.46
C ASP D 216 -9.26 -23.04 9.90
N PHE D 217 -9.75 -23.62 8.79
CA PHE D 217 -9.04 -24.73 8.17
C PHE D 217 -7.61 -24.30 7.75
N VAL D 218 -7.52 -23.21 6.98
CA VAL D 218 -6.21 -22.81 6.56
C VAL D 218 -5.32 -22.49 7.73
N HIS D 219 -5.83 -21.75 8.73
CA HIS D 219 -4.93 -21.45 9.92
C HIS D 219 -4.44 -22.79 10.56
N ALA D 220 -5.32 -23.82 10.58
CA ALA D 220 -4.95 -25.06 11.25
C ALA D 220 -3.81 -25.81 10.51
N VAL D 221 -3.85 -25.78 9.17
CA VAL D 221 -2.85 -26.48 8.34
C VAL D 221 -1.53 -25.68 8.24
N LYS D 222 -1.63 -24.36 8.21
CA LYS D 222 -0.46 -23.46 8.08
C LYS D 222 0.48 -23.57 9.31
N PRO D 223 1.71 -23.05 9.19
CA PRO D 223 2.57 -23.07 10.39
C PRO D 223 1.90 -22.43 11.61
N GLU D 224 2.17 -23.03 12.77
CA GLU D 224 1.53 -22.63 13.99
C GLU D 224 2.00 -21.26 14.44
N PRO D 225 1.06 -20.50 15.03
CA PRO D 225 1.25 -19.03 15.13
C PRO D 225 2.27 -18.59 16.14
N HIS D 226 2.56 -19.39 17.18
CA HIS D 226 3.61 -18.96 18.14
C HIS D 226 4.98 -18.92 17.44
N TRP D 227 5.35 -20.04 16.77
CA TRP D 227 6.70 -20.25 16.28
C TRP D 227 6.88 -20.34 14.77
N ALA D 228 5.79 -20.30 14.06
CA ALA D 228 5.81 -20.43 12.59
C ALA D 228 6.50 -21.70 12.10
N ILE D 229 6.02 -22.86 12.58
CA ILE D 229 6.49 -24.21 12.22
C ILE D 229 5.24 -25.11 12.21
N PRO D 230 5.16 -26.08 11.31
CA PRO D 230 6.13 -26.45 10.24
C PRO D 230 5.78 -25.86 8.83
N GLN D 231 6.82 -25.71 7.99
CA GLN D 231 6.58 -25.27 6.61
C GLN D 231 6.27 -26.40 5.67
N GLY D 232 5.20 -26.25 4.86
CA GLY D 232 4.92 -27.21 3.77
C GLY D 232 4.46 -28.54 4.31
N GLN D 233 3.92 -28.60 5.52
CA GLN D 233 3.51 -29.92 6.13
C GLN D 233 2.16 -29.85 6.91
N SER D 234 1.29 -30.85 6.75
CA SER D 234 0.11 -30.88 7.64
C SER D 234 0.50 -31.70 8.90
N ALA D 235 1.75 -32.15 8.97
CA ALA D 235 2.11 -33.14 10.01
C ALA D 235 2.41 -32.45 11.33
N HIS D 236 1.35 -31.93 11.94
CA HIS D 236 1.52 -31.20 13.18
C HIS D 236 0.20 -31.14 13.90
N ASP D 237 0.24 -30.79 15.19
CA ASP D 237 -0.96 -30.87 16.05
C ASP D 237 -2.21 -30.15 15.59
N THR D 238 -2.08 -28.88 15.20
CA THR D 238 -3.28 -28.09 14.96
C THR D 238 -4.07 -28.65 13.76
N PHE D 239 -3.38 -29.17 12.76
CA PHE D 239 -4.08 -29.70 11.60
C PHE D 239 -4.91 -30.92 12.02
N TRP D 240 -4.26 -31.84 12.74
CA TRP D 240 -4.98 -33.06 13.08
C TRP D 240 -6.02 -32.82 14.18
N ASP D 241 -5.80 -31.79 15.01
CA ASP D 241 -6.81 -31.33 15.97
C ASP D 241 -8.09 -30.92 15.27
N TYR D 242 -7.93 -30.04 14.29
CA TYR D 242 -9.08 -29.54 13.49
C TYR D 242 -9.76 -30.70 12.77
N VAL D 243 -8.97 -31.58 12.12
CA VAL D 243 -9.55 -32.71 11.38
C VAL D 243 -10.33 -33.61 12.33
N SER D 244 -9.75 -33.85 13.51
CA SER D 244 -10.40 -34.75 14.48
C SER D 244 -11.75 -34.17 14.95
N LEU D 245 -11.91 -32.86 14.91
CA LEU D 245 -13.12 -32.19 15.40
C LEU D 245 -14.10 -31.82 14.27
N GLN D 246 -13.69 -32.06 13.02
CA GLN D 246 -14.50 -31.71 11.84
C GLN D 246 -14.42 -32.86 10.88
N PRO D 247 -15.25 -33.91 11.08
CA PRO D 247 -15.17 -35.10 10.21
C PRO D 247 -15.49 -34.84 8.74
N GLU D 248 -16.20 -33.75 8.39
CA GLU D 248 -16.31 -33.39 6.97
C GLU D 248 -14.94 -33.39 6.23
N THR D 249 -13.86 -33.09 6.96
CA THR D 249 -12.48 -33.05 6.39
C THR D 249 -11.97 -34.39 5.87
N LEU D 250 -12.54 -35.49 6.35
CA LEU D 250 -11.85 -36.79 6.24
C LEU D 250 -11.68 -37.22 4.81
N HIS D 251 -12.62 -36.82 3.93
CA HIS D 251 -12.48 -37.31 2.56
C HIS D 251 -11.25 -36.73 1.87
N ASN D 252 -11.08 -35.41 1.93
CA ASN D 252 -9.91 -34.85 1.26
C ASN D 252 -8.60 -35.22 2.01
N VAL D 253 -8.68 -35.35 3.33
CA VAL D 253 -7.54 -35.96 4.12
C VAL D 253 -7.16 -37.33 3.58
N MET D 254 -8.12 -38.23 3.30
CA MET D 254 -7.76 -39.53 2.67
C MET D 254 -6.93 -39.28 1.39
N TRP D 255 -7.43 -38.41 0.51
CA TRP D 255 -6.70 -38.11 -0.73
C TRP D 255 -5.26 -37.64 -0.39
N ALA D 256 -5.14 -36.74 0.58
CA ALA D 256 -3.80 -36.15 0.82
C ALA D 256 -2.79 -37.16 1.38
N MET D 257 -3.30 -38.10 2.21
CA MET D 257 -2.51 -39.18 2.82
C MET D 257 -2.11 -40.28 1.80
N SER D 258 -2.85 -40.38 0.70
CA SER D 258 -2.52 -41.35 -0.37
C SER D 258 -1.38 -40.71 -1.15
N ASP D 259 -0.85 -41.47 -2.11
CA ASP D 259 0.19 -41.01 -3.00
C ASP D 259 -0.30 -39.89 -3.88
N ARG D 260 -1.60 -39.57 -3.87
CA ARG D 260 -2.05 -38.36 -4.52
C ARG D 260 -1.36 -37.07 -3.99
N GLY D 261 -1.04 -37.08 -2.71
CA GLY D 261 -0.44 -35.93 -2.07
C GLY D 261 1.02 -35.65 -2.47
N ILE D 262 1.63 -36.54 -3.24
CA ILE D 262 3.07 -36.42 -3.66
C ILE D 262 3.25 -36.84 -5.15
N PRO D 263 2.67 -36.06 -6.08
CA PRO D 263 2.78 -36.37 -7.52
C PRO D 263 4.22 -36.35 -8.01
N ARG D 264 4.51 -37.14 -9.03
CA ARG D 264 5.83 -37.25 -9.69
C ARG D 264 6.15 -35.93 -10.40
N SER D 265 5.09 -35.29 -10.91
CA SER D 265 5.24 -34.12 -11.79
C SER D 265 3.89 -33.44 -11.90
N TYR D 266 3.84 -32.12 -12.15
CA TYR D 266 2.57 -31.54 -12.51
C TYR D 266 1.95 -32.15 -13.80
N ARG D 267 2.79 -32.74 -14.67
CA ARG D 267 2.27 -33.41 -15.88
C ARG D 267 1.60 -34.73 -15.62
N THR D 268 1.77 -35.30 -14.40
CA THR D 268 1.24 -36.65 -14.10
C THR D 268 0.25 -36.67 -12.90
N MET D 269 -0.58 -35.64 -12.80
CA MET D 269 -1.71 -35.62 -11.85
C MET D 269 -3.01 -35.19 -12.53
N GLU D 270 -4.14 -35.51 -11.89
CA GLU D 270 -5.43 -35.09 -12.42
C GLU D 270 -5.76 -33.73 -11.91
N GLY D 271 -6.67 -33.04 -12.57
CA GLY D 271 -7.10 -31.73 -12.14
C GLY D 271 -8.65 -31.82 -12.04
N PHE D 272 -9.24 -30.98 -11.18
CA PHE D 272 -10.72 -30.97 -10.95
C PHE D 272 -11.15 -29.59 -10.54
N GLY D 273 -12.34 -29.15 -10.95
CA GLY D 273 -12.88 -27.89 -10.47
C GLY D 273 -13.52 -28.05 -9.09
N ALA D 274 -13.75 -29.30 -8.64
CA ALA D 274 -14.41 -29.67 -7.35
C ALA D 274 -15.90 -29.37 -7.31
N HIS D 275 -16.27 -28.10 -7.45
CA HIS D 275 -17.67 -27.68 -7.37
C HIS D 275 -18.50 -28.05 -8.57
N THR D 276 -19.79 -28.27 -8.30
CA THR D 276 -20.77 -28.27 -9.36
C THR D 276 -20.99 -26.82 -9.84
N PHE D 277 -20.75 -26.58 -11.14
CA PHE D 277 -21.12 -25.33 -11.80
C PHE D 277 -22.30 -25.58 -12.73
N ARG D 278 -22.69 -24.59 -13.53
CA ARG D 278 -23.67 -24.80 -14.61
C ARG D 278 -23.15 -24.39 -15.97
N LEU D 279 -23.61 -25.14 -16.98
CA LEU D 279 -23.51 -24.73 -18.39
C LEU D 279 -24.92 -24.24 -18.76
N ILE D 280 -24.97 -23.19 -19.55
CA ILE D 280 -26.27 -22.61 -19.96
C ILE D 280 -26.16 -22.53 -21.48
N ASN D 281 -27.11 -23.13 -22.19
CA ASN D 281 -27.10 -22.98 -23.61
C ASN D 281 -27.95 -21.79 -24.10
N ALA D 282 -27.96 -21.63 -25.44
CA ALA D 282 -28.64 -20.55 -26.13
C ALA D 282 -30.10 -20.52 -25.80
N GLU D 283 -30.67 -21.70 -25.54
CA GLU D 283 -32.10 -21.86 -25.28
C GLU D 283 -32.40 -21.61 -23.82
N GLY D 284 -31.36 -21.28 -23.02
CA GLY D 284 -31.50 -21.01 -21.58
C GLY D 284 -31.57 -22.26 -20.70
N LYS D 285 -31.42 -23.45 -21.27
CA LYS D 285 -31.34 -24.68 -20.44
C LYS D 285 -30.05 -24.70 -19.58
N ALA D 286 -30.14 -24.97 -18.26
CA ALA D 286 -28.96 -25.26 -17.40
C ALA D 286 -28.65 -26.77 -17.24
N THR D 287 -27.37 -27.12 -17.35
CA THR D 287 -26.94 -28.44 -17.02
C THR D 287 -25.88 -28.30 -15.92
N PHE D 288 -25.93 -29.15 -14.91
CA PHE D 288 -24.90 -29.10 -13.88
C PHE D 288 -23.65 -29.75 -14.45
N VAL D 289 -22.46 -29.24 -14.10
CA VAL D 289 -21.20 -29.75 -14.66
C VAL D 289 -20.14 -29.80 -13.54
N ARG D 290 -19.32 -30.80 -13.58
CA ARG D 290 -18.08 -30.73 -12.78
C ARG D 290 -16.91 -30.85 -13.74
N PHE D 291 -15.88 -30.06 -13.54
CA PHE D 291 -14.79 -30.00 -14.51
C PHE D 291 -13.65 -30.99 -14.18
N HIS D 292 -13.04 -31.60 -15.19
CA HIS D 292 -11.91 -32.51 -15.04
C HIS D 292 -10.77 -32.17 -15.99
N TRP D 293 -9.55 -32.40 -15.53
CA TRP D 293 -8.39 -32.42 -16.44
C TRP D 293 -7.76 -33.81 -16.33
N LYS D 294 -7.62 -34.47 -17.50
CA LYS D 294 -6.95 -35.78 -17.57
C LYS D 294 -5.54 -35.54 -18.10
N PRO D 295 -4.50 -36.00 -17.38
CA PRO D 295 -3.12 -35.86 -17.88
C PRO D 295 -2.78 -36.88 -18.97
N LEU D 296 -2.46 -36.43 -20.19
CA LEU D 296 -2.16 -37.38 -21.26
C LEU D 296 -0.86 -38.13 -21.05
N ALA D 297 -0.08 -37.69 -20.08
CA ALA D 297 1.16 -38.38 -19.72
C ALA D 297 0.88 -39.44 -18.59
N GLY D 298 -0.39 -39.64 -18.25
CA GLY D 298 -0.77 -40.57 -17.17
C GLY D 298 -0.64 -40.05 -15.75
N LYS D 299 -1.14 -40.83 -14.80
CA LYS D 299 -1.07 -40.52 -13.39
C LYS D 299 0.16 -41.19 -12.80
N ALA D 300 0.93 -40.45 -12.01
CA ALA D 300 2.12 -41.04 -11.43
C ALA D 300 2.50 -40.20 -10.21
N SER D 301 2.87 -40.90 -9.15
CA SER D 301 3.34 -40.25 -7.90
C SER D 301 4.63 -40.86 -7.40
N LEU D 302 5.28 -40.06 -6.55
CA LEU D 302 6.42 -40.46 -5.76
C LEU D 302 5.97 -41.41 -4.62
N VAL D 303 6.92 -41.89 -3.84
CA VAL D 303 6.62 -42.54 -2.58
C VAL D 303 7.15 -41.61 -1.52
N TRP D 304 6.63 -41.73 -0.29
CA TRP D 304 6.91 -40.73 0.73
C TRP D 304 8.39 -40.49 1.05
N ASP D 305 9.16 -41.54 1.33
CA ASP D 305 10.53 -41.30 1.74
C ASP D 305 11.31 -40.53 0.65
N GLU D 306 11.00 -40.86 -0.59
CA GLU D 306 11.59 -40.22 -1.78
C GLU D 306 11.19 -38.73 -1.86
N ALA D 307 9.88 -38.48 -1.82
CA ALA D 307 9.32 -37.14 -1.83
C ALA D 307 9.97 -36.22 -0.74
N GLN D 308 10.06 -36.68 0.49
CA GLN D 308 10.56 -35.92 1.62
C GLN D 308 12.05 -35.65 1.42
N LYS D 309 12.80 -36.65 1.04
CA LYS D 309 14.24 -36.46 0.80
C LYS D 309 14.48 -35.50 -0.38
N LEU D 310 13.66 -35.60 -1.41
CA LEU D 310 13.76 -34.73 -2.59
C LEU D 310 13.48 -33.26 -2.24
N THR D 311 12.60 -32.96 -1.22
CA THR D 311 12.44 -31.56 -0.78
C THR D 311 13.81 -30.99 -0.32
N GLY D 312 14.70 -31.87 0.18
CA GLY D 312 16.06 -31.42 0.53
C GLY D 312 17.06 -31.44 -0.64
N ARG D 313 17.11 -32.48 -1.46
CA ARG D 313 18.13 -32.50 -2.49
C ARG D 313 17.75 -31.52 -3.64
N ASP D 314 16.44 -31.35 -3.92
CA ASP D 314 16.01 -30.35 -4.93
C ASP D 314 14.61 -29.83 -4.61
N PRO D 315 14.51 -28.79 -3.76
CA PRO D 315 13.22 -28.17 -3.39
C PRO D 315 12.52 -27.57 -4.58
N ASP D 316 13.20 -27.46 -5.74
CA ASP D 316 12.57 -26.97 -6.94
C ASP D 316 12.26 -27.99 -8.02
N PHE D 317 12.15 -29.26 -7.61
CA PHE D 317 12.12 -30.35 -8.58
C PHE D 317 10.96 -30.24 -9.58
N HIS D 318 9.76 -29.84 -9.10
CA HIS D 318 8.57 -29.82 -9.99
C HIS D 318 8.59 -28.61 -10.92
N ARG D 319 8.92 -27.44 -10.36
CA ARG D 319 9.20 -26.24 -11.12
C ARG D 319 10.22 -26.49 -12.29
N ARG D 320 11.32 -27.16 -11.92
CA ARG D 320 12.40 -27.46 -12.85
C ARG D 320 11.93 -28.44 -13.90
N GLU D 321 11.34 -29.56 -13.46
CA GLU D 321 10.78 -30.57 -14.37
C GLU D 321 9.75 -30.00 -15.33
N LEU D 322 8.87 -29.15 -14.85
CA LEU D 322 7.94 -28.50 -15.79
C LEU D 322 8.65 -27.65 -16.92
N TRP D 323 9.54 -26.74 -16.47
CA TRP D 323 10.32 -25.86 -17.33
C TRP D 323 11.11 -26.65 -18.38
N GLU D 324 11.84 -27.67 -17.95
CA GLU D 324 12.63 -28.48 -18.85
C GLU D 324 11.81 -29.36 -19.79
N ALA D 325 10.62 -29.77 -19.38
CA ALA D 325 9.76 -30.59 -20.28
C ALA D 325 9.37 -29.72 -21.43
N ILE D 326 9.02 -28.49 -21.11
CA ILE D 326 8.62 -27.54 -22.13
C ILE D 326 9.81 -27.17 -23.05
N GLU D 327 10.99 -26.92 -22.49
CA GLU D 327 12.17 -26.62 -23.33
C GLU D 327 12.56 -27.82 -24.23
N ALA D 328 12.28 -29.04 -23.77
CA ALA D 328 12.56 -30.28 -24.52
C ALA D 328 11.50 -30.59 -25.60
N GLY D 329 10.37 -29.88 -25.58
CA GLY D 329 9.23 -30.27 -26.47
C GLY D 329 8.30 -31.33 -25.90
N ASP D 330 8.52 -31.81 -24.68
CA ASP D 330 7.59 -32.77 -24.08
C ASP D 330 6.46 -31.97 -23.48
N PHE D 331 5.68 -31.28 -24.30
CA PHE D 331 4.74 -30.29 -23.76
C PHE D 331 3.72 -30.99 -22.82
N PRO D 332 3.48 -30.40 -21.64
CA PRO D 332 2.38 -30.97 -20.82
C PRO D 332 1.05 -30.86 -21.58
N GLU D 333 0.35 -31.99 -21.72
CA GLU D 333 -1.00 -31.98 -22.35
C GLU D 333 -2.07 -32.57 -21.43
N TYR D 334 -3.24 -31.96 -21.49
CA TYR D 334 -4.36 -32.38 -20.60
C TYR D 334 -5.62 -32.36 -21.42
N GLU D 335 -6.49 -33.31 -21.14
CA GLU D 335 -7.79 -33.31 -21.77
C GLU D 335 -8.83 -32.77 -20.76
N LEU D 336 -9.55 -31.74 -21.15
CA LEU D 336 -10.62 -31.16 -20.38
C LEU D 336 -11.80 -32.11 -20.59
N GLY D 337 -12.47 -32.48 -19.48
CA GLY D 337 -13.67 -33.29 -19.49
C GLY D 337 -14.74 -32.77 -18.56
N PHE D 338 -15.99 -33.17 -18.80
CA PHE D 338 -17.13 -32.65 -18.03
C PHE D 338 -17.90 -33.85 -17.50
N GLN D 339 -18.25 -33.84 -16.22
CA GLN D 339 -19.31 -34.72 -15.75
C GLN D 339 -20.57 -33.88 -15.84
N LEU D 340 -21.59 -34.39 -16.52
CA LEU D 340 -22.76 -33.59 -16.75
C LEU D 340 -23.98 -34.23 -16.10
N ILE D 341 -24.80 -33.40 -15.42
CA ILE D 341 -25.98 -33.96 -14.72
C ILE D 341 -27.19 -33.05 -15.02
N PRO D 342 -28.26 -33.64 -15.60
CA PRO D 342 -29.43 -32.84 -15.96
C PRO D 342 -30.02 -32.28 -14.69
N GLU D 343 -30.68 -31.14 -14.82
CA GLU D 343 -31.34 -30.50 -13.73
C GLU D 343 -32.27 -31.42 -12.89
N GLU D 344 -33.01 -32.30 -13.59
CA GLU D 344 -34.07 -33.13 -12.99
C GLU D 344 -33.43 -34.23 -12.15
N ASP D 345 -32.10 -34.41 -12.28
CA ASP D 345 -31.38 -35.41 -11.54
C ASP D 345 -30.64 -34.87 -10.32
N GLU D 346 -30.96 -33.65 -9.92
CA GLU D 346 -30.24 -32.99 -8.86
C GLU D 346 -30.25 -33.85 -7.58
N PHE D 347 -31.38 -34.52 -7.33
CA PHE D 347 -31.57 -35.15 -6.04
C PHE D 347 -31.47 -36.66 -6.11
N LYS D 348 -30.85 -37.17 -7.18
CA LYS D 348 -30.83 -38.64 -7.43
C LYS D 348 -29.65 -39.42 -6.83
N PHE D 349 -28.76 -38.76 -6.10
CA PHE D 349 -27.56 -39.39 -5.49
C PHE D 349 -27.70 -39.43 -3.97
N ASP D 350 -26.97 -40.35 -3.33
CA ASP D 350 -26.97 -40.47 -1.87
C ASP D 350 -26.33 -39.24 -1.21
N PHE D 351 -25.63 -38.43 -2.00
CA PHE D 351 -24.93 -37.25 -1.47
C PHE D 351 -25.48 -36.02 -2.23
N ASP D 352 -25.18 -34.82 -1.70
CA ASP D 352 -25.68 -33.56 -2.28
C ASP D 352 -24.71 -33.09 -3.34
N LEU D 353 -25.19 -32.75 -4.55
CA LEU D 353 -24.33 -32.26 -5.62
C LEU D 353 -23.61 -30.98 -5.23
N LEU D 354 -24.21 -30.20 -4.34
CA LEU D 354 -23.60 -28.90 -3.98
C LEU D 354 -22.59 -29.00 -2.83
N ASP D 355 -22.35 -30.22 -2.35
CA ASP D 355 -21.46 -30.49 -1.21
C ASP D 355 -20.06 -30.76 -1.77
N PRO D 356 -19.13 -29.82 -1.53
CA PRO D 356 -17.82 -29.96 -2.19
C PRO D 356 -16.89 -30.95 -1.45
N THR D 357 -17.36 -31.58 -0.36
CA THR D 357 -16.65 -32.72 0.28
C THR D 357 -17.01 -34.08 -0.36
N LYS D 358 -17.95 -34.07 -1.33
CA LYS D 358 -18.41 -35.26 -1.95
C LYS D 358 -17.88 -35.28 -3.39
N LEU D 359 -17.39 -36.43 -3.88
CA LEU D 359 -17.11 -36.52 -5.34
C LEU D 359 -18.27 -37.17 -6.09
N ILE D 360 -18.31 -36.96 -7.41
CA ILE D 360 -19.22 -37.71 -8.29
C ILE D 360 -18.47 -38.90 -8.92
N PRO D 361 -18.77 -40.11 -8.47
CA PRO D 361 -18.06 -41.28 -9.06
C PRO D 361 -18.30 -41.41 -10.57
N GLU D 362 -17.21 -41.54 -11.31
CA GLU D 362 -17.26 -41.71 -12.73
C GLU D 362 -18.06 -42.98 -13.13
N GLU D 363 -18.16 -43.97 -12.24
CA GLU D 363 -19.03 -45.14 -12.58
C GLU D 363 -20.47 -44.72 -12.65
N LEU D 364 -20.83 -43.66 -11.93
CA LEU D 364 -22.22 -43.17 -11.93
C LEU D 364 -22.42 -42.13 -13.03
N VAL D 365 -21.45 -41.23 -13.19
CA VAL D 365 -21.51 -40.13 -14.17
C VAL D 365 -20.19 -40.02 -14.94
N PRO D 366 -20.13 -40.57 -16.18
CA PRO D 366 -18.83 -40.52 -16.87
C PRO D 366 -18.35 -39.09 -17.24
N VAL D 367 -17.03 -38.96 -17.39
CA VAL D 367 -16.39 -37.75 -17.86
C VAL D 367 -16.48 -37.75 -19.41
N GLN D 368 -17.12 -36.74 -19.96
CA GLN D 368 -17.17 -36.57 -21.42
C GLN D 368 -16.06 -35.67 -21.88
N ARG D 369 -15.31 -36.16 -22.88
CA ARG D 369 -14.10 -35.47 -23.36
C ARG D 369 -14.56 -34.21 -24.03
N VAL D 370 -13.88 -33.09 -23.79
CA VAL D 370 -14.30 -31.80 -24.33
C VAL D 370 -13.21 -31.23 -25.24
N GLY D 371 -11.93 -31.37 -24.86
CA GLY D 371 -10.88 -30.66 -25.63
C GLY D 371 -9.51 -30.87 -25.05
N LYS D 372 -8.49 -30.26 -25.65
CA LYS D 372 -7.12 -30.59 -25.27
C LYS D 372 -6.41 -29.29 -24.99
N MET D 373 -5.65 -29.26 -23.90
CA MET D 373 -4.78 -28.10 -23.61
C MET D 373 -3.37 -28.57 -23.67
N VAL D 374 -2.50 -27.76 -24.33
CA VAL D 374 -1.07 -28.10 -24.52
C VAL D 374 -0.30 -26.90 -23.93
N LEU D 375 0.65 -27.12 -23.01
CA LEU D 375 1.43 -25.99 -22.48
C LEU D 375 2.74 -25.99 -23.22
N ASN D 376 3.00 -24.95 -24.02
CA ASN D 376 4.14 -25.11 -24.93
C ASN D 376 5.17 -23.98 -24.85
N ARG D 377 5.02 -23.06 -23.88
CA ARG D 377 6.09 -22.03 -23.71
C ARG D 377 6.18 -21.50 -22.26
N ASN D 378 7.42 -21.44 -21.78
CA ASN D 378 7.74 -20.87 -20.47
C ASN D 378 7.63 -19.36 -20.50
N PRO D 379 7.42 -18.76 -19.34
CA PRO D 379 7.41 -17.30 -19.26
C PRO D 379 8.79 -16.69 -19.59
N ASP D 380 8.86 -15.37 -19.70
CA ASP D 380 10.16 -14.65 -19.81
C ASP D 380 10.66 -14.22 -18.45
N ASN D 381 9.77 -13.72 -17.60
CA ASN D 381 10.15 -13.24 -16.29
C ASN D 381 9.17 -13.79 -15.26
N PHE D 382 9.66 -14.61 -14.37
CA PHE D 382 8.79 -15.29 -13.40
C PHE D 382 8.00 -14.33 -12.56
N PHE D 383 8.65 -13.33 -11.98
CA PHE D 383 7.86 -12.37 -11.19
C PHE D 383 6.77 -11.72 -12.00
N ALA D 384 7.14 -11.18 -13.17
CA ALA D 384 6.15 -10.38 -13.89
C ALA D 384 4.92 -11.21 -14.34
N GLU D 385 5.16 -12.46 -14.82
CA GLU D 385 4.08 -13.31 -15.39
C GLU D 385 3.47 -14.30 -14.40
N ASN D 386 4.32 -14.94 -13.59
CA ASN D 386 3.83 -15.95 -12.70
C ASN D 386 3.43 -15.28 -11.39
N GLU D 387 4.36 -14.55 -10.75
CA GLU D 387 4.05 -14.06 -9.41
C GLU D 387 2.81 -13.09 -9.42
N GLN D 388 2.74 -12.22 -10.45
CA GLN D 388 1.62 -11.25 -10.53
C GLN D 388 0.33 -11.78 -11.10
N ALA D 389 0.30 -13.03 -11.62
CA ALA D 389 -0.92 -13.51 -12.28
C ALA D 389 -2.02 -13.59 -11.27
N ALA D 390 -3.23 -13.18 -11.65
CA ALA D 390 -4.35 -13.30 -10.74
C ALA D 390 -5.47 -14.20 -11.30
N PHE D 391 -5.70 -15.35 -10.67
CA PHE D 391 -6.80 -16.27 -11.08
C PHE D 391 -7.98 -16.18 -10.10
N HIS D 392 -9.22 -16.26 -10.59
CA HIS D 392 -10.35 -16.19 -9.66
C HIS D 392 -11.60 -16.92 -10.31
N PRO D 393 -12.19 -17.92 -9.62
CA PRO D 393 -13.25 -18.75 -10.16
C PRO D 393 -14.54 -18.00 -10.42
N GLY D 394 -14.69 -16.78 -9.87
CA GLY D 394 -15.80 -15.91 -10.30
C GLY D 394 -15.65 -15.34 -11.71
N HIS D 395 -14.47 -15.49 -12.29
CA HIS D 395 -14.24 -14.97 -13.67
C HIS D 395 -14.80 -16.02 -14.60
N ILE D 396 -16.13 -15.94 -14.82
CA ILE D 396 -16.82 -16.78 -15.80
C ILE D 396 -17.27 -15.96 -17.01
N VAL D 397 -17.91 -16.60 -17.97
CA VAL D 397 -18.21 -16.00 -19.25
C VAL D 397 -19.62 -16.50 -19.53
N PRO D 398 -20.36 -15.80 -20.41
CA PRO D 398 -21.71 -16.21 -20.69
C PRO D 398 -21.69 -17.65 -21.19
N GLY D 399 -22.63 -18.49 -20.75
CA GLY D 399 -22.59 -19.88 -21.13
C GLY D 399 -22.11 -20.71 -19.96
N LEU D 400 -21.61 -20.04 -18.92
CA LEU D 400 -21.35 -20.71 -17.63
C LEU D 400 -22.13 -19.99 -16.50
N ASP D 401 -22.27 -20.65 -15.36
CA ASP D 401 -22.85 -19.98 -14.17
C ASP D 401 -22.51 -20.79 -12.93
N PHE D 402 -22.84 -20.25 -11.75
CA PHE D 402 -22.43 -20.87 -10.49
C PHE D 402 -23.53 -21.79 -9.96
N THR D 403 -23.36 -22.39 -8.80
CA THR D 403 -24.46 -23.03 -8.09
C THR D 403 -24.39 -22.49 -6.67
N ASN D 404 -25.29 -22.95 -5.82
CA ASN D 404 -25.30 -22.56 -4.39
C ASN D 404 -24.32 -23.29 -3.46
N ASP D 405 -23.49 -24.18 -4.03
CA ASP D 405 -22.35 -24.75 -3.29
C ASP D 405 -21.82 -23.66 -2.32
N PRO D 406 -21.94 -23.88 -0.98
CA PRO D 406 -21.64 -22.76 -0.06
C PRO D 406 -20.13 -22.51 0.13
N LEU D 407 -19.30 -23.40 -0.38
CA LEU D 407 -17.85 -23.11 -0.49
C LEU D 407 -17.54 -22.19 -1.69
N LEU D 408 -17.98 -22.61 -2.89
CA LEU D 408 -17.88 -21.77 -4.09
C LEU D 408 -18.43 -20.38 -3.80
N GLN D 409 -19.60 -20.28 -3.12
CA GLN D 409 -20.24 -18.96 -2.93
C GLN D 409 -19.29 -17.99 -2.21
N GLY D 410 -18.58 -18.48 -1.17
CA GLY D 410 -17.63 -17.61 -0.43
C GLY D 410 -16.37 -17.36 -1.22
N ARG D 411 -15.92 -18.33 -2.04
CA ARG D 411 -14.75 -18.07 -2.90
C ARG D 411 -14.99 -16.84 -3.73
N LEU D 412 -16.21 -16.62 -4.22
CA LEU D 412 -16.48 -15.50 -5.19
C LEU D 412 -16.10 -14.16 -4.58
N PHE D 413 -16.30 -14.03 -3.26
CA PHE D 413 -15.89 -12.84 -2.52
C PHE D 413 -14.32 -12.71 -2.43
N SER D 414 -13.65 -13.80 -2.14
CA SER D 414 -12.25 -13.72 -1.74
C SER D 414 -11.29 -13.36 -2.89
N TYR D 415 -11.50 -13.96 -4.05
CA TYR D 415 -10.45 -13.84 -5.07
C TYR D 415 -10.37 -12.43 -5.66
N THR D 416 -11.42 -11.63 -5.54
CA THR D 416 -11.35 -10.22 -5.95
C THR D 416 -10.74 -9.38 -4.82
N ASP D 417 -11.19 -9.61 -3.58
CA ASP D 417 -10.78 -8.83 -2.42
C ASP D 417 -9.24 -8.93 -2.24
N THR D 418 -8.72 -10.14 -2.30
CA THR D 418 -7.33 -10.40 -1.96
C THR D 418 -6.34 -9.64 -2.87
N GLN D 419 -6.72 -9.37 -4.13
CA GLN D 419 -5.81 -8.67 -5.04
C GLN D 419 -5.57 -7.26 -4.64
N ILE D 420 -6.48 -6.65 -3.85
CA ILE D 420 -6.27 -5.25 -3.47
C ILE D 420 -4.93 -5.06 -2.70
N SER D 421 -4.54 -5.99 -1.83
CA SER D 421 -3.20 -5.85 -1.20
C SER D 421 -2.15 -6.54 -1.99
N ARG D 422 -2.47 -7.75 -2.46
CA ARG D 422 -1.46 -8.59 -3.11
C ARG D 422 -0.86 -7.85 -4.32
N LEU D 423 -1.70 -7.27 -5.16
CA LEU D 423 -1.30 -6.64 -6.44
C LEU D 423 -1.47 -5.09 -6.37
N GLY D 424 -1.72 -4.59 -5.17
CA GLY D 424 -1.67 -3.11 -4.89
C GLY D 424 -2.82 -2.24 -5.36
N GLY D 425 -3.93 -2.84 -5.76
CA GLY D 425 -5.15 -2.09 -5.95
C GLY D 425 -6.07 -2.71 -6.98
N PRO D 426 -7.05 -1.91 -7.42
CA PRO D 426 -8.11 -2.43 -8.19
C PRO D 426 -7.76 -2.46 -9.71
N ASN D 427 -6.54 -2.03 -10.11
CA ASN D 427 -6.16 -2.10 -11.53
C ASN D 427 -5.29 -3.34 -11.86
N PHE D 428 -5.46 -4.45 -11.10
CA PHE D 428 -4.57 -5.64 -11.31
C PHE D 428 -4.83 -6.26 -12.69
N HIS D 429 -5.98 -5.95 -13.25
CA HIS D 429 -6.31 -6.45 -14.59
C HIS D 429 -5.52 -5.76 -15.70
N GLU D 430 -4.83 -4.65 -15.38
CA GLU D 430 -4.00 -3.94 -16.33
C GLU D 430 -2.54 -4.44 -16.25
N ILE D 431 -2.23 -5.30 -15.27
CA ILE D 431 -0.92 -6.00 -15.26
C ILE D 431 -0.89 -6.94 -16.48
N PRO D 432 0.18 -6.88 -17.28
CA PRO D 432 0.04 -7.44 -18.61
C PRO D 432 -0.45 -8.89 -18.66
N ILE D 433 0.08 -9.76 -17.80
CA ILE D 433 -0.37 -11.16 -17.85
C ILE D 433 -1.86 -11.30 -17.61
N ASN D 434 -2.42 -10.39 -16.82
CA ASN D 434 -3.84 -10.49 -16.50
C ASN D 434 -4.82 -9.93 -17.55
N ARG D 435 -4.32 -9.11 -18.46
CA ARG D 435 -5.24 -8.44 -19.43
C ARG D 435 -5.99 -9.43 -20.32
N PRO D 436 -7.29 -9.15 -20.58
CA PRO D 436 -8.12 -9.85 -21.55
C PRO D 436 -7.48 -9.63 -22.92
N THR D 437 -7.65 -10.55 -23.85
CA THR D 437 -7.14 -10.24 -25.20
C THR D 437 -8.29 -9.59 -26.00
N CYS D 438 -9.51 -9.75 -25.49
CA CYS D 438 -10.72 -9.21 -26.14
C CYS D 438 -10.95 -7.78 -25.64
N PRO D 439 -11.89 -7.05 -26.29
CA PRO D 439 -12.11 -5.62 -25.82
C PRO D 439 -12.59 -5.53 -24.37
N TYR D 440 -12.13 -4.49 -23.64
CA TYR D 440 -12.78 -4.16 -22.33
C TYR D 440 -13.01 -2.66 -22.22
N HIS D 441 -14.25 -2.27 -21.94
CA HIS D 441 -14.59 -0.83 -21.86
C HIS D 441 -15.70 -0.63 -20.86
N ASN D 442 -15.52 0.33 -19.95
CA ASN D 442 -16.56 0.57 -18.92
C ASN D 442 -16.34 1.93 -18.33
N PHE D 443 -17.01 2.25 -17.23
CA PHE D 443 -17.00 3.60 -16.70
C PHE D 443 -16.16 3.69 -15.43
N GLN D 444 -15.49 2.58 -15.10
CA GLN D 444 -14.64 2.55 -13.95
C GLN D 444 -13.42 3.47 -14.23
N ARG D 445 -12.95 4.23 -13.22
CA ARG D 445 -11.81 5.12 -13.45
C ARG D 445 -10.80 5.10 -12.29
N ASP D 446 -9.58 5.59 -12.54
CA ASP D 446 -8.62 5.92 -11.46
C ASP D 446 -8.16 4.64 -10.73
N GLY D 447 -7.87 4.77 -9.41
CA GLY D 447 -7.20 3.67 -8.66
C GLY D 447 -5.69 3.74 -8.81
N MET D 448 -4.98 3.11 -7.86
CA MET D 448 -3.50 3.10 -7.92
C MET D 448 -2.98 2.46 -9.20
N HIS D 449 -1.93 3.00 -9.80
N HIS D 449 -1.98 3.15 -9.76
CA HIS D 449 -1.28 2.27 -10.93
CA HIS D 449 -1.16 2.75 -10.93
C HIS D 449 -2.19 2.33 -12.14
C HIS D 449 -2.02 2.48 -12.14
N ARG D 450 -2.95 3.40 -12.36
CA ARG D 450 -3.89 3.35 -13.50
C ARG D 450 -3.11 3.45 -14.82
N MET D 451 -3.19 2.43 -15.68
CA MET D 451 -2.51 2.50 -16.99
C MET D 451 -3.38 3.10 -18.06
N GLY D 452 -4.62 2.62 -18.14
CA GLY D 452 -5.54 3.06 -19.19
C GLY D 452 -5.92 4.52 -19.10
N ILE D 453 -5.69 5.23 -20.20
CA ILE D 453 -6.08 6.66 -20.34
C ILE D 453 -7.41 6.79 -21.10
N ASP D 454 -8.48 6.98 -20.33
CA ASP D 454 -9.82 7.07 -20.89
C ASP D 454 -10.11 8.42 -21.58
N THR D 455 -10.59 8.34 -22.81
CA THR D 455 -10.94 9.52 -23.51
C THR D 455 -12.46 9.72 -23.54
N ASN D 456 -13.26 8.74 -23.13
CA ASN D 456 -14.72 8.92 -23.06
C ASN D 456 -15.12 10.24 -22.35
N PRO D 457 -15.87 11.14 -23.03
CA PRO D 457 -16.37 12.32 -22.33
C PRO D 457 -17.17 11.96 -21.02
N ALA D 458 -17.78 10.77 -20.97
CA ALA D 458 -18.59 10.30 -19.85
C ALA D 458 -17.84 9.22 -19.07
N ASN D 459 -18.00 9.32 -17.75
CA ASN D 459 -17.57 8.24 -16.82
C ASN D 459 -18.75 7.70 -15.99
N TYR D 460 -19.96 7.79 -16.52
CA TYR D 460 -21.18 7.29 -15.88
C TYR D 460 -22.13 6.88 -17.00
N GLU D 461 -23.05 6.00 -16.67
CA GLU D 461 -24.21 5.82 -17.57
C GLU D 461 -25.44 5.69 -16.68
N PRO D 462 -26.63 6.04 -17.20
CA PRO D 462 -26.86 6.48 -18.62
C PRO D 462 -26.23 7.86 -18.87
N ASN D 463 -25.71 8.08 -20.07
CA ASN D 463 -25.23 9.40 -20.39
C ASN D 463 -25.71 9.79 -21.79
N SER D 464 -25.95 11.05 -22.03
CA SER D 464 -26.19 11.50 -23.37
C SER D 464 -24.88 12.06 -24.02
N ILE D 465 -23.92 12.48 -23.19
CA ILE D 465 -22.78 13.24 -23.78
C ILE D 465 -21.82 12.43 -24.64
N ASN D 466 -21.87 11.11 -24.50
CA ASN D 466 -21.18 10.17 -25.40
C ASN D 466 -22.18 9.20 -26.02
N ASP D 467 -23.42 9.64 -26.18
CA ASP D 467 -24.47 8.77 -26.81
C ASP D 467 -24.57 7.43 -26.07
N ASN D 468 -24.41 7.53 -24.75
CA ASN D 468 -24.53 6.37 -23.87
C ASN D 468 -23.56 5.20 -24.10
N TRP D 469 -22.39 5.46 -24.72
CA TRP D 469 -21.41 4.42 -25.00
C TRP D 469 -20.35 4.46 -23.89
N PRO D 470 -19.75 3.29 -23.53
CA PRO D 470 -20.07 1.96 -24.10
C PRO D 470 -21.43 1.46 -23.55
N ARG D 471 -22.10 0.60 -24.29
CA ARG D 471 -23.48 0.21 -23.97
C ARG D 471 -23.62 -1.27 -23.50
N GLU D 472 -24.60 -1.51 -22.67
CA GLU D 472 -25.07 -2.81 -22.27
C GLU D 472 -25.49 -3.61 -23.52
N THR D 473 -25.39 -4.92 -23.38
CA THR D 473 -25.73 -5.84 -24.50
C THR D 473 -26.70 -6.90 -23.97
N PRO D 474 -27.86 -7.03 -24.65
CA PRO D 474 -28.80 -8.05 -24.17
C PRO D 474 -28.14 -9.46 -24.27
N PRO D 475 -28.57 -10.39 -23.44
CA PRO D 475 -28.09 -11.75 -23.63
C PRO D 475 -28.55 -12.28 -24.96
N GLY D 476 -27.85 -13.28 -25.47
CA GLY D 476 -28.19 -13.83 -26.78
C GLY D 476 -27.38 -15.10 -26.98
N PRO D 477 -27.55 -15.75 -28.14
CA PRO D 477 -26.81 -16.97 -28.46
C PRO D 477 -25.30 -16.78 -28.54
N LYS D 478 -24.80 -15.60 -28.90
CA LYS D 478 -23.37 -15.39 -29.08
C LYS D 478 -23.12 -13.92 -28.85
N ARG D 479 -21.97 -13.58 -28.26
CA ARG D 479 -21.58 -12.18 -28.11
C ARG D 479 -22.63 -11.36 -27.34
N GLY D 480 -23.43 -12.03 -26.53
CA GLY D 480 -24.45 -11.36 -25.70
C GLY D 480 -23.90 -10.94 -24.33
N GLY D 481 -24.62 -10.08 -23.61
CA GLY D 481 -24.35 -9.82 -22.19
C GLY D 481 -24.61 -10.98 -21.24
N PHE D 482 -23.91 -10.98 -20.10
CA PHE D 482 -24.10 -12.00 -19.07
C PHE D 482 -25.39 -11.74 -18.28
N GLU D 483 -26.24 -12.77 -18.16
CA GLU D 483 -27.43 -12.78 -17.33
C GLU D 483 -27.34 -14.09 -16.51
N SER D 484 -27.58 -14.02 -15.20
CA SER D 484 -27.55 -15.22 -14.34
C SER D 484 -28.72 -16.10 -14.68
N TYR D 485 -28.55 -17.42 -14.57
CA TYR D 485 -29.65 -18.38 -14.71
C TYR D 485 -30.64 -18.05 -13.57
N GLN D 486 -31.92 -17.95 -13.93
CA GLN D 486 -32.95 -17.52 -12.99
C GLN D 486 -33.41 -18.63 -12.06
N GLU D 487 -32.46 -19.07 -11.25
CA GLU D 487 -32.72 -20.23 -10.40
C GLU D 487 -33.69 -19.83 -9.31
N ARG D 488 -34.63 -20.71 -8.91
CA ARG D 488 -35.52 -20.33 -7.80
C ARG D 488 -34.82 -20.43 -6.44
N VAL D 489 -35.01 -19.39 -5.63
CA VAL D 489 -34.55 -19.32 -4.22
C VAL D 489 -35.78 -19.29 -3.32
N GLU D 490 -35.78 -20.16 -2.31
CA GLU D 490 -36.88 -20.21 -1.36
C GLU D 490 -36.36 -20.70 0.02
N GLY D 491 -36.50 -19.87 1.04
CA GLY D 491 -35.99 -20.24 2.37
C GLY D 491 -35.99 -19.00 3.25
N ASN D 492 -35.68 -19.18 4.52
CA ASN D 492 -35.51 -18.05 5.39
C ASN D 492 -34.02 -17.70 5.40
N LYS D 493 -33.66 -16.48 5.82
CA LYS D 493 -32.23 -16.09 6.00
C LYS D 493 -31.64 -16.88 7.19
N VAL D 494 -30.74 -17.82 6.94
CA VAL D 494 -30.29 -18.67 8.00
C VAL D 494 -28.78 -18.85 7.86
N ARG D 495 -28.12 -19.05 8.98
CA ARG D 495 -26.77 -19.54 9.01
C ARG D 495 -26.92 -20.98 9.47
N GLU D 496 -27.08 -21.86 8.52
CA GLU D 496 -27.49 -23.23 8.81
C GLU D 496 -26.88 -24.15 7.79
N ARG D 497 -26.26 -25.26 8.23
CA ARG D 497 -25.74 -26.26 7.29
C ARG D 497 -26.88 -27.15 6.75
N SER D 498 -26.89 -27.43 5.44
CA SER D 498 -28.00 -28.29 4.94
C SER D 498 -27.90 -29.69 5.58
N PRO D 499 -29.03 -30.27 6.07
CA PRO D 499 -28.82 -31.62 6.64
C PRO D 499 -28.30 -32.62 5.60
N SER D 500 -28.56 -32.36 4.32
CA SER D 500 -28.10 -33.23 3.25
C SER D 500 -26.55 -33.34 3.26
N PHE D 501 -25.86 -32.37 3.88
CA PHE D 501 -24.41 -32.38 3.90
C PHE D 501 -23.86 -33.20 5.12
N GLY D 502 -24.72 -33.65 6.03
CA GLY D 502 -24.23 -34.25 7.30
C GLY D 502 -23.78 -35.71 7.22
N GLU D 503 -23.07 -36.11 6.18
CA GLU D 503 -22.59 -37.51 6.10
C GLU D 503 -21.14 -37.36 5.72
N TYR D 504 -20.27 -38.06 6.47
CA TYR D 504 -18.82 -37.78 6.42
C TYR D 504 -17.92 -38.94 6.05
N TYR D 505 -18.45 -40.16 6.12
CA TYR D 505 -17.61 -41.35 6.09
C TYR D 505 -17.71 -42.13 4.80
N SER D 506 -18.83 -42.05 4.07
CA SER D 506 -18.95 -43.03 2.99
C SER D 506 -18.03 -42.70 1.82
N HIS D 507 -17.81 -41.41 1.54
CA HIS D 507 -16.83 -41.10 0.51
C HIS D 507 -15.36 -41.46 0.83
N PRO D 508 -14.90 -41.13 2.04
CA PRO D 508 -13.59 -41.73 2.46
C PRO D 508 -13.49 -43.25 2.24
N ARG D 509 -14.55 -43.98 2.62
CA ARG D 509 -14.55 -45.38 2.49
C ARG D 509 -14.55 -45.79 1.01
N LEU D 510 -15.37 -45.13 0.18
CA LEU D 510 -15.35 -45.49 -1.24
C LEU D 510 -13.93 -45.30 -1.80
N PHE D 511 -13.28 -44.17 -1.41
CA PHE D 511 -11.92 -43.92 -1.89
C PHE D 511 -10.97 -45.01 -1.44
N TRP D 512 -10.99 -45.28 -0.15
CA TRP D 512 -10.15 -46.38 0.40
C TRP D 512 -10.31 -47.70 -0.38
N LEU D 513 -11.58 -48.08 -0.62
CA LEU D 513 -11.87 -49.40 -1.23
C LEU D 513 -11.50 -49.47 -2.71
N SER D 514 -11.25 -48.32 -3.29
CA SER D 514 -10.91 -48.19 -4.69
C SER D 514 -9.41 -48.28 -4.94
N GLN D 515 -8.59 -48.23 -3.85
CA GLN D 515 -7.15 -48.19 -4.02
C GLN D 515 -6.56 -49.60 -4.14
N THR D 516 -5.40 -49.76 -4.81
CA THR D 516 -4.76 -51.08 -4.82
C THR D 516 -4.24 -51.35 -3.41
N PRO D 517 -3.76 -52.59 -3.19
CA PRO D 517 -3.30 -52.88 -1.84
C PRO D 517 -2.10 -52.08 -1.50
N PHE D 518 -1.19 -51.85 -2.47
CA PHE D 518 0.03 -51.04 -2.19
C PHE D 518 -0.31 -49.57 -1.93
N GLU D 519 -1.36 -49.09 -2.62
CA GLU D 519 -1.86 -47.75 -2.39
C GLU D 519 -2.40 -47.63 -0.99
N GLN D 520 -3.11 -48.68 -0.56
CA GLN D 520 -3.70 -48.70 0.74
C GLN D 520 -2.62 -48.64 1.80
N ARG D 521 -1.60 -49.46 1.62
CA ARG D 521 -0.44 -49.40 2.52
C ARG D 521 0.19 -48.02 2.58
N HIS D 522 0.31 -47.34 1.44
CA HIS D 522 0.87 -45.98 1.45
C HIS D 522 -0.05 -45.00 2.19
N ILE D 523 -1.37 -45.20 2.12
CA ILE D 523 -2.30 -44.36 2.87
C ILE D 523 -2.06 -44.58 4.38
N VAL D 524 -2.02 -45.87 4.76
CA VAL D 524 -1.77 -46.24 6.16
C VAL D 524 -0.47 -45.54 6.66
N ASP D 525 0.59 -45.58 5.85
CA ASP D 525 1.89 -45.05 6.26
C ASP D 525 1.86 -43.53 6.36
N GLY D 526 1.04 -42.90 5.50
CA GLY D 526 0.94 -41.42 5.47
C GLY D 526 0.24 -40.96 6.74
N PHE D 527 -0.91 -41.55 7.08
CA PHE D 527 -1.51 -41.26 8.37
C PHE D 527 -0.56 -41.59 9.54
N SER D 528 0.20 -42.68 9.47
CA SER D 528 0.99 -43.16 10.65
C SER D 528 2.12 -42.16 10.86
N PHE D 529 2.69 -41.75 9.72
CA PHE D 529 3.84 -40.86 9.75
C PHE D 529 3.39 -39.48 10.27
N GLU D 530 2.27 -39.00 9.75
CA GLU D 530 1.81 -37.68 10.16
C GLU D 530 1.40 -37.62 11.62
N LEU D 531 0.60 -38.61 12.05
CA LEU D 531 0.10 -38.61 13.45
C LEU D 531 1.29 -38.81 14.42
N SER D 532 2.33 -39.48 13.95
CA SER D 532 3.50 -39.65 14.78
C SER D 532 4.20 -38.31 15.06
N LYS D 533 3.95 -37.29 14.25
CA LYS D 533 4.53 -35.97 14.49
C LYS D 533 3.61 -35.11 15.35
N VAL D 534 2.46 -35.67 15.74
CA VAL D 534 1.50 -34.92 16.52
C VAL D 534 1.90 -35.17 17.96
N VAL D 535 2.20 -34.10 18.68
CA VAL D 535 2.84 -34.22 20.00
C VAL D 535 1.83 -34.61 21.10
N ARG D 536 0.59 -34.12 20.97
CA ARG D 536 -0.45 -34.44 22.00
C ARG D 536 -1.07 -35.82 21.65
N PRO D 537 -0.79 -36.90 22.43
CA PRO D 537 -1.34 -38.24 22.03
C PRO D 537 -2.88 -38.34 21.86
N TYR D 538 -3.64 -37.60 22.67
CA TYR D 538 -5.11 -37.68 22.61
C TYR D 538 -5.59 -37.31 21.20
N ILE D 539 -4.86 -36.43 20.50
CA ILE D 539 -5.26 -36.06 19.13
C ILE D 539 -5.07 -37.28 18.21
N ARG D 540 -3.96 -38.01 18.35
CA ARG D 540 -3.77 -39.22 17.56
C ARG D 540 -4.93 -40.19 17.76
N GLU D 541 -5.31 -40.34 19.01
CA GLU D 541 -6.37 -41.29 19.40
C GLU D 541 -7.71 -40.89 18.78
N ARG D 542 -8.00 -39.59 18.81
CA ARG D 542 -9.27 -39.12 18.21
C ARG D 542 -9.25 -39.32 16.70
N VAL D 543 -8.09 -39.14 16.06
CA VAL D 543 -8.03 -39.41 14.59
C VAL D 543 -8.26 -40.90 14.29
N VAL D 544 -7.63 -41.74 15.08
CA VAL D 544 -7.81 -43.17 14.96
C VAL D 544 -9.31 -43.54 15.09
N ASP D 545 -9.99 -42.93 16.03
CA ASP D 545 -11.40 -43.20 16.24
C ASP D 545 -12.20 -42.79 15.03
N GLN D 546 -11.86 -41.64 14.42
CA GLN D 546 -12.53 -41.25 13.18
C GLN D 546 -12.29 -42.30 12.08
N LEU D 547 -11.03 -42.73 11.89
CA LEU D 547 -10.75 -43.80 10.91
C LEU D 547 -11.56 -45.07 11.14
N ALA D 548 -11.92 -45.34 12.40
CA ALA D 548 -12.66 -46.56 12.78
C ALA D 548 -14.07 -46.43 12.27
N HIS D 549 -14.50 -45.20 12.02
CA HIS D 549 -15.80 -44.92 11.31
C HIS D 549 -15.74 -45.06 9.80
N ILE D 550 -14.56 -45.18 9.25
CA ILE D 550 -14.40 -45.29 7.78
C ILE D 550 -14.18 -46.73 7.37
N ASP D 551 -13.18 -47.40 7.97
CA ASP D 551 -12.82 -48.77 7.62
C ASP D 551 -11.89 -49.29 8.71
N LEU D 552 -12.28 -50.45 9.21
CA LEU D 552 -11.65 -50.98 10.40
C LEU D 552 -10.24 -51.47 10.11
N THR D 553 -10.02 -52.03 8.91
CA THR D 553 -8.71 -52.48 8.47
C THR D 553 -7.73 -51.28 8.45
N LEU D 554 -8.11 -50.20 7.77
CA LEU D 554 -7.35 -48.93 7.81
C LEU D 554 -7.04 -48.51 9.27
N ALA D 555 -8.09 -48.43 10.09
CA ALA D 555 -7.97 -47.92 11.45
C ALA D 555 -7.01 -48.84 12.29
N GLN D 556 -7.15 -50.16 12.13
CA GLN D 556 -6.27 -51.08 12.86
C GLN D 556 -4.84 -50.96 12.47
N ALA D 557 -4.60 -50.77 11.17
CA ALA D 557 -3.25 -50.70 10.64
C ALA D 557 -2.59 -49.42 11.09
N VAL D 558 -3.34 -48.31 11.10
CA VAL D 558 -2.75 -47.02 11.60
C VAL D 558 -2.52 -47.09 13.12
N ALA D 559 -3.51 -47.66 13.84
CA ALA D 559 -3.39 -47.85 15.29
C ALA D 559 -2.15 -48.68 15.64
N LYS D 560 -1.90 -49.79 14.95
CA LYS D 560 -0.70 -50.61 15.24
C LYS D 560 0.62 -49.79 15.19
N ASN D 561 0.74 -48.98 14.13
CA ASN D 561 1.88 -48.09 13.95
C ASN D 561 2.06 -47.03 15.02
N LEU D 562 0.97 -46.69 15.69
CA LEU D 562 0.99 -45.69 16.74
C LEU D 562 1.00 -46.31 18.17
N GLY D 563 1.01 -47.64 18.23
CA GLY D 563 1.01 -48.32 19.54
C GLY D 563 -0.31 -48.12 20.28
N ILE D 564 -1.39 -48.05 19.53
CA ILE D 564 -2.69 -47.74 20.09
C ILE D 564 -3.56 -48.97 19.84
N GLU D 565 -4.41 -49.28 20.80
CA GLU D 565 -5.21 -50.51 20.77
C GLU D 565 -6.65 -50.08 20.59
N LEU D 566 -7.32 -50.48 19.50
CA LEU D 566 -8.78 -50.23 19.40
C LEU D 566 -9.61 -50.90 20.52
N THR D 567 -10.63 -50.20 21.00
CA THR D 567 -11.58 -50.74 22.00
C THR D 567 -12.61 -51.65 21.32
N ASP D 568 -13.37 -52.40 22.11
CA ASP D 568 -14.32 -53.30 21.50
C ASP D 568 -15.37 -52.45 20.84
N ASP D 569 -15.75 -51.33 21.47
CA ASP D 569 -16.68 -50.36 20.87
C ASP D 569 -16.19 -49.95 19.49
N GLN D 570 -14.94 -49.55 19.38
CA GLN D 570 -14.41 -49.17 18.06
C GLN D 570 -14.46 -50.36 17.08
N LEU D 571 -14.06 -51.55 17.53
CA LEU D 571 -14.10 -52.72 16.63
C LEU D 571 -15.54 -52.99 16.16
N ASN D 572 -16.53 -52.43 16.85
CA ASN D 572 -17.92 -52.67 16.54
C ASN D 572 -18.62 -51.63 15.72
N ILE D 573 -17.95 -50.51 15.41
CA ILE D 573 -18.60 -49.44 14.66
C ILE D 573 -19.08 -49.97 13.31
N THR D 574 -20.33 -49.70 12.95
CA THR D 574 -20.78 -50.27 11.65
C THR D 574 -20.28 -49.40 10.48
N PRO D 575 -19.76 -50.02 9.41
CA PRO D 575 -19.24 -49.13 8.34
C PRO D 575 -20.31 -48.28 7.69
N PRO D 576 -19.89 -47.19 7.05
CA PRO D 576 -20.83 -46.35 6.41
C PRO D 576 -21.39 -47.01 5.13
N PRO D 577 -22.52 -46.49 4.61
CA PRO D 577 -23.18 -47.21 3.49
C PRO D 577 -22.32 -47.12 2.24
N ASP D 578 -22.54 -48.03 1.28
CA ASP D 578 -22.01 -47.88 -0.10
C ASP D 578 -22.46 -46.52 -0.70
N VAL D 579 -21.75 -46.01 -1.68
CA VAL D 579 -22.22 -44.79 -2.37
C VAL D 579 -23.05 -45.20 -3.58
N ASN D 580 -24.38 -45.02 -3.51
CA ASN D 580 -25.26 -45.44 -4.61
C ASN D 580 -24.91 -46.83 -5.10
N GLY D 581 -24.82 -47.78 -4.16
CA GLY D 581 -24.53 -49.18 -4.48
C GLY D 581 -23.12 -49.53 -4.96
N LEU D 582 -22.19 -48.54 -4.97
CA LEU D 582 -20.81 -48.82 -5.42
C LEU D 582 -19.96 -49.35 -4.28
N LYS D 583 -19.28 -50.47 -4.49
CA LYS D 583 -18.31 -50.89 -3.49
C LYS D 583 -16.88 -50.49 -3.89
N LYS D 584 -16.75 -49.83 -5.04
CA LYS D 584 -15.45 -49.27 -5.46
C LYS D 584 -15.63 -48.62 -6.81
N ASP D 585 -14.66 -47.79 -7.17
CA ASP D 585 -14.64 -47.20 -8.47
C ASP D 585 -13.17 -47.08 -8.85
N PRO D 586 -12.70 -47.87 -9.82
CA PRO D 586 -11.23 -47.80 -10.09
C PRO D 586 -10.67 -46.48 -10.62
N SER D 587 -11.52 -45.58 -11.09
CA SER D 587 -11.05 -44.30 -11.60
C SER D 587 -10.44 -43.48 -10.44
N LEU D 588 -10.69 -43.92 -9.18
CA LEU D 588 -10.20 -43.19 -7.98
C LEU D 588 -8.76 -43.57 -7.61
N SER D 589 -8.28 -44.65 -8.20
CA SER D 589 -6.89 -45.14 -8.01
C SER D 589 -5.86 -44.56 -9.01
N LEU D 590 -4.62 -44.28 -8.56
CA LEU D 590 -3.58 -43.79 -9.46
C LEU D 590 -3.15 -44.90 -10.43
N TYR D 591 -3.22 -46.13 -9.97
CA TYR D 591 -2.54 -47.19 -10.67
C TYR D 591 -3.39 -48.38 -11.04
N ALA D 592 -4.60 -48.54 -10.50
CA ALA D 592 -5.37 -49.79 -10.80
C ALA D 592 -5.56 -50.06 -12.30
N ILE D 593 -5.75 -49.00 -13.08
CA ILE D 593 -5.92 -49.18 -14.54
C ILE D 593 -4.70 -48.54 -15.14
N PRO D 594 -3.78 -49.37 -15.69
CA PRO D 594 -2.54 -48.96 -16.36
C PRO D 594 -2.76 -47.76 -17.29
N ASP D 595 -2.00 -46.69 -17.10
CA ASP D 595 -2.03 -45.56 -18.08
C ASP D 595 -0.63 -44.99 -18.24
N GLY D 596 0.37 -45.89 -18.23
CA GLY D 596 1.79 -45.54 -18.37
C GLY D 596 2.16 -44.77 -19.64
N ASP D 597 3.12 -43.83 -19.53
CA ASP D 597 3.68 -43.14 -20.72
C ASP D 597 5.14 -42.81 -20.41
N VAL D 598 6.09 -43.38 -21.11
CA VAL D 598 7.49 -43.10 -20.72
C VAL D 598 8.06 -41.79 -21.28
N LYS D 599 7.39 -41.19 -22.25
CA LYS D 599 8.00 -40.02 -22.89
C LYS D 599 8.17 -38.85 -21.89
N GLY D 600 9.37 -38.28 -21.82
CA GLY D 600 9.64 -37.24 -20.86
C GLY D 600 10.17 -37.74 -19.52
N ARG D 601 10.19 -39.07 -19.31
CA ARG D 601 10.76 -39.59 -18.10
C ARG D 601 12.32 -39.52 -18.28
N VAL D 602 13.07 -39.89 -17.26
CA VAL D 602 14.54 -39.81 -17.29
C VAL D 602 15.18 -41.00 -16.57
N VAL D 603 16.34 -41.40 -17.09
CA VAL D 603 17.11 -42.49 -16.58
C VAL D 603 18.52 -42.01 -16.17
N ALA D 604 18.96 -42.43 -14.99
CA ALA D 604 20.37 -42.30 -14.61
C ALA D 604 21.16 -43.42 -15.21
N ILE D 605 22.25 -43.02 -15.85
CA ILE D 605 23.24 -43.97 -16.35
C ILE D 605 24.53 -43.86 -15.58
N LEU D 606 24.93 -44.91 -14.86
CA LEU D 606 26.10 -44.83 -14.01
C LEU D 606 27.35 -45.29 -14.82
N LEU D 607 28.20 -44.33 -15.14
CA LEU D 607 29.38 -44.60 -15.96
C LEU D 607 30.52 -45.15 -15.08
N ASN D 608 31.52 -45.73 -15.78
CA ASN D 608 32.79 -46.12 -15.19
C ASN D 608 33.86 -45.60 -16.13
N ASP D 609 35.13 -45.74 -15.77
CA ASP D 609 36.22 -45.12 -16.58
C ASP D 609 36.59 -45.89 -17.89
N GLU D 610 35.93 -47.01 -18.15
CA GLU D 610 36.06 -47.69 -19.45
C GLU D 610 34.78 -48.43 -19.88
N VAL D 611 33.78 -47.64 -20.25
CA VAL D 611 32.44 -48.17 -20.52
C VAL D 611 32.48 -48.97 -21.80
N ARG D 612 31.72 -50.06 -21.84
CA ARG D 612 31.50 -50.82 -23.04
C ARG D 612 30.62 -50.02 -24.00
N SER D 613 31.23 -49.44 -25.04
CA SER D 613 30.55 -48.45 -25.91
C SER D 613 29.34 -49.02 -26.64
N ALA D 614 29.42 -50.30 -27.01
CA ALA D 614 28.25 -50.99 -27.63
C ALA D 614 27.01 -51.00 -26.72
N ASP D 615 27.22 -51.21 -25.42
CA ASP D 615 26.14 -51.09 -24.44
C ASP D 615 25.53 -49.67 -24.49
N LEU D 616 26.37 -48.63 -24.41
CA LEU D 616 25.86 -47.26 -24.34
C LEU D 616 25.10 -46.90 -25.63
N LEU D 617 25.60 -47.41 -26.77
CA LEU D 617 24.93 -47.09 -28.05
C LEU D 617 23.53 -47.66 -28.03
N ALA D 618 23.40 -48.91 -27.58
CA ALA D 618 22.13 -49.60 -27.52
C ALA D 618 21.16 -48.91 -26.56
N ILE D 619 21.69 -48.54 -25.38
CA ILE D 619 20.86 -47.93 -24.32
C ILE D 619 20.37 -46.58 -24.77
N LEU D 620 21.29 -45.72 -25.20
CA LEU D 620 20.91 -44.37 -25.53
C LEU D 620 19.92 -44.31 -26.71
N LYS D 621 20.13 -45.16 -27.73
CA LYS D 621 19.28 -45.06 -28.90
C LYS D 621 17.89 -45.60 -28.55
N ALA D 622 17.84 -46.61 -27.68
CA ALA D 622 16.53 -47.20 -27.28
C ALA D 622 15.67 -46.15 -26.49
N LEU D 623 16.37 -45.35 -25.69
CA LEU D 623 15.76 -44.32 -24.84
C LEU D 623 15.29 -43.22 -25.77
N LYS D 624 16.13 -42.84 -26.73
CA LYS D 624 15.76 -41.73 -27.61
C LYS D 624 14.54 -42.08 -28.41
N ALA D 625 14.43 -43.32 -28.89
CA ALA D 625 13.32 -43.74 -29.76
C ALA D 625 11.98 -43.64 -29.06
N LYS D 626 12.00 -43.72 -27.72
CA LYS D 626 10.75 -43.64 -26.90
C LYS D 626 10.60 -42.28 -26.18
N GLY D 627 11.49 -41.33 -26.44
CA GLY D 627 11.38 -39.96 -25.86
C GLY D 627 11.78 -39.91 -24.39
N VAL D 628 12.55 -40.91 -23.97
CA VAL D 628 13.08 -40.94 -22.58
C VAL D 628 14.45 -40.31 -22.52
N HIS D 629 14.67 -39.39 -21.57
CA HIS D 629 15.96 -38.74 -21.43
C HIS D 629 16.98 -39.55 -20.56
N ALA D 630 18.26 -39.18 -20.65
CA ALA D 630 19.33 -39.85 -19.92
C ALA D 630 20.16 -38.80 -19.24
N LYS D 631 20.65 -39.12 -18.04
CA LYS D 631 21.76 -38.35 -17.50
C LYS D 631 22.95 -39.24 -17.15
N LEU D 632 24.09 -38.88 -17.72
CA LEU D 632 25.28 -39.69 -17.57
C LEU D 632 26.00 -39.26 -16.29
N LEU D 633 26.17 -40.17 -15.38
CA LEU D 633 26.69 -39.80 -14.06
C LEU D 633 28.02 -40.42 -13.77
N TYR D 634 28.83 -39.74 -12.96
CA TYR D 634 30.09 -40.36 -12.54
C TYR D 634 30.56 -39.81 -11.16
N SER D 635 31.77 -40.13 -10.73
CA SER D 635 32.29 -39.71 -9.41
C SER D 635 32.88 -38.32 -9.43
N ARG D 636 32.97 -37.70 -10.62
CA ARG D 636 33.51 -36.35 -10.79
C ARG D 636 32.98 -35.78 -12.09
N MET D 637 33.18 -34.49 -12.34
CA MET D 637 32.66 -33.90 -13.57
C MET D 637 33.74 -34.07 -14.66
N GLY D 638 33.49 -33.54 -15.87
CA GLY D 638 34.45 -33.61 -16.96
C GLY D 638 34.08 -34.75 -17.90
N GLU D 639 35.02 -35.67 -18.14
CA GLU D 639 34.85 -36.70 -19.16
C GLU D 639 35.40 -38.05 -18.72
N VAL D 640 34.85 -39.11 -19.31
CA VAL D 640 35.48 -40.40 -19.28
C VAL D 640 35.56 -40.92 -20.72
N THR D 641 36.41 -41.93 -20.93
CA THR D 641 36.64 -42.48 -22.25
C THR D 641 36.20 -43.93 -22.35
N ALA D 642 35.42 -44.26 -23.40
CA ALA D 642 34.93 -45.62 -23.55
C ALA D 642 36.01 -46.56 -24.12
N ASP D 643 35.76 -47.88 -24.06
CA ASP D 643 36.64 -48.93 -24.61
C ASP D 643 37.17 -48.60 -26.01
N ASP D 644 36.28 -48.11 -26.87
CA ASP D 644 36.56 -47.81 -28.27
C ASP D 644 37.08 -46.36 -28.46
N GLY D 645 37.36 -45.67 -27.36
CA GLY D 645 37.83 -44.29 -27.39
C GLY D 645 36.78 -43.17 -27.50
N THR D 646 35.51 -43.51 -27.44
CA THR D 646 34.47 -42.47 -27.50
C THR D 646 34.54 -41.70 -26.19
N VAL D 647 34.47 -40.37 -26.30
CA VAL D 647 34.57 -39.45 -25.14
C VAL D 647 33.13 -39.19 -24.63
N LEU D 648 32.89 -39.53 -23.35
CA LEU D 648 31.57 -39.44 -22.68
C LEU D 648 31.49 -38.24 -21.73
N PRO D 649 30.68 -37.23 -22.08
CA PRO D 649 30.51 -36.06 -21.21
C PRO D 649 29.70 -36.42 -19.98
N ILE D 650 30.18 -36.05 -18.80
CA ILE D 650 29.49 -36.29 -17.52
C ILE D 650 28.56 -35.16 -17.17
N ALA D 651 27.29 -35.49 -16.94
CA ALA D 651 26.26 -34.47 -16.58
C ALA D 651 26.34 -33.99 -15.14
N ALA D 652 26.65 -34.90 -14.22
CA ALA D 652 26.60 -34.65 -12.77
C ALA D 652 27.25 -35.80 -12.06
N THR D 653 27.57 -35.61 -10.78
CA THR D 653 28.08 -36.66 -9.93
C THR D 653 26.94 -37.55 -9.31
N PHE D 654 27.29 -38.73 -8.83
CA PHE D 654 26.31 -39.58 -8.13
C PHE D 654 25.59 -38.77 -7.02
N ALA D 655 26.33 -37.98 -6.27
CA ALA D 655 25.77 -37.22 -5.15
C ALA D 655 25.06 -35.97 -5.63
N GLY D 656 25.56 -35.39 -6.72
CA GLY D 656 24.95 -34.21 -7.32
C GLY D 656 23.61 -34.38 -7.96
N ALA D 657 23.32 -35.56 -8.46
CA ALA D 657 22.09 -35.84 -9.14
C ALA D 657 21.54 -37.19 -8.63
N PRO D 658 21.08 -37.24 -7.39
CA PRO D 658 20.65 -38.52 -6.75
C PRO D 658 19.52 -39.22 -7.46
N SER D 659 19.34 -40.49 -7.11
CA SER D 659 18.37 -41.32 -7.79
C SER D 659 16.97 -40.75 -7.54
N LEU D 660 16.76 -39.94 -6.49
CA LEU D 660 15.43 -39.30 -6.31
C LEU D 660 14.90 -38.58 -7.58
N THR D 661 15.83 -38.09 -8.40
CA THR D 661 15.55 -37.22 -9.52
C THR D 661 15.31 -37.99 -10.85
N VAL D 662 15.44 -39.32 -10.85
CA VAL D 662 15.22 -40.10 -12.07
C VAL D 662 14.16 -41.17 -11.86
N ASP D 663 13.73 -41.82 -12.95
CA ASP D 663 12.64 -42.82 -12.92
C ASP D 663 13.19 -44.27 -12.96
N ALA D 664 14.47 -44.42 -13.26
CA ALA D 664 15.10 -45.71 -13.43
C ALA D 664 16.58 -45.48 -13.52
N VAL D 665 17.32 -46.58 -13.29
CA VAL D 665 18.78 -46.54 -13.30
C VAL D 665 19.30 -47.69 -14.16
N ILE D 666 20.28 -47.37 -15.00
CA ILE D 666 20.92 -48.36 -15.87
C ILE D 666 22.43 -48.32 -15.59
N VAL D 667 23.02 -49.49 -15.31
CA VAL D 667 24.48 -49.60 -15.17
C VAL D 667 25.03 -50.40 -16.38
N PRO D 668 25.72 -49.69 -17.31
CA PRO D 668 26.34 -50.41 -18.43
C PRO D 668 27.60 -51.13 -17.96
N OCS D 669 28.02 -52.11 -18.75
CA OCS D 669 29.21 -52.86 -18.49
CB OCS D 669 29.17 -54.12 -19.36
SG OCS D 669 30.63 -55.20 -19.25
C OCS D 669 30.47 -52.01 -18.75
O OCS D 669 30.43 -51.03 -19.48
OD1 OCS D 669 31.63 -54.54 -20.02
OD2 OCS D 669 30.99 -55.42 -17.89
OD3 OCS D 669 30.22 -56.42 -19.87
N GLY D 670 31.58 -52.44 -18.15
CA GLY D 670 32.92 -51.91 -18.44
C GLY D 670 33.82 -52.25 -17.26
N ASN D 671 34.70 -51.32 -16.92
CA ASN D 671 35.54 -51.45 -15.71
C ASN D 671 34.74 -51.14 -14.43
N ILE D 672 33.85 -52.06 -14.06
CA ILE D 672 33.05 -51.96 -12.83
C ILE D 672 33.87 -51.79 -11.55
N ALA D 673 35.08 -52.32 -11.55
CA ALA D 673 35.98 -52.14 -10.42
C ALA D 673 36.17 -50.66 -10.09
N ASP D 674 36.19 -49.80 -11.12
CA ASP D 674 36.26 -48.36 -10.88
C ASP D 674 35.26 -47.86 -9.81
N ILE D 675 34.03 -48.39 -9.82
CA ILE D 675 32.90 -47.82 -9.05
C ILE D 675 32.31 -48.79 -8.04
N ALA D 676 32.78 -50.02 -8.09
CA ALA D 676 32.22 -51.07 -7.25
C ALA D 676 32.42 -50.78 -5.80
N ASP D 677 33.45 -50.00 -5.47
CA ASP D 677 33.76 -49.65 -4.08
C ASP D 677 33.42 -48.27 -3.70
N ASN D 678 32.85 -47.53 -4.66
CA ASN D 678 32.40 -46.14 -4.47
C ASN D 678 31.11 -46.15 -3.67
N GLY D 679 31.15 -45.61 -2.45
CA GLY D 679 29.98 -45.62 -1.57
C GLY D 679 28.76 -44.99 -2.24
N ASP D 680 28.96 -43.84 -2.86
CA ASP D 680 27.88 -43.15 -3.61
C ASP D 680 27.23 -43.99 -4.74
N ALA D 681 28.05 -44.64 -5.55
CA ALA D 681 27.57 -45.54 -6.59
C ALA D 681 26.67 -46.63 -6.03
N ASN D 682 27.17 -47.34 -5.01
CA ASN D 682 26.36 -48.30 -4.30
C ASN D 682 25.05 -47.75 -3.70
N TYR D 683 25.16 -46.64 -2.99
CA TYR D 683 24.00 -46.03 -2.34
C TYR D 683 22.96 -45.60 -3.37
N TYR D 684 23.44 -45.21 -4.55
CA TYR D 684 22.55 -44.79 -5.65
C TYR D 684 21.55 -45.91 -5.95
N LEU D 685 22.09 -47.12 -6.10
CA LEU D 685 21.29 -48.27 -6.44
C LEU D 685 20.38 -48.66 -5.25
N MET D 686 20.91 -48.51 -4.04
CA MET D 686 20.11 -48.85 -2.85
C MET D 686 18.91 -47.91 -2.68
N GLU D 687 19.11 -46.64 -2.98
CA GLU D 687 18.04 -45.62 -2.87
C GLU D 687 16.96 -45.87 -3.96
N ALA D 688 17.41 -46.02 -5.21
CA ALA D 688 16.56 -46.38 -6.39
C ALA D 688 15.79 -47.66 -6.09
N TYR D 689 16.48 -48.62 -5.52
CA TYR D 689 15.85 -49.92 -5.19
C TYR D 689 14.73 -49.74 -4.13
N LYS D 690 15.06 -49.08 -3.02
CA LYS D 690 14.10 -48.84 -1.92
C LYS D 690 12.81 -48.19 -2.44
N HIS D 691 12.95 -47.27 -3.41
CA HIS D 691 11.86 -46.40 -3.92
C HIS D 691 11.19 -47.03 -5.12
N LEU D 692 11.51 -48.32 -5.34
CA LEU D 692 10.72 -49.19 -6.20
C LEU D 692 10.97 -48.94 -7.67
N LYS D 693 12.14 -48.39 -8.00
CA LYS D 693 12.39 -47.92 -9.37
C LYS D 693 13.05 -49.10 -10.13
N PRO D 694 12.71 -49.28 -11.43
CA PRO D 694 13.40 -50.22 -12.34
C PRO D 694 14.91 -50.00 -12.34
N ILE D 695 15.70 -51.09 -12.27
CA ILE D 695 17.13 -51.03 -12.33
C ILE D 695 17.59 -52.10 -13.31
N ALA D 696 18.52 -51.70 -14.19
CA ALA D 696 19.05 -52.59 -15.23
C ALA D 696 20.55 -52.66 -15.17
N LEU D 697 21.07 -53.90 -15.28
CA LEU D 697 22.46 -54.11 -15.04
C LEU D 697 23.04 -54.96 -16.21
N ALA D 698 24.09 -54.48 -16.88
CA ALA D 698 24.60 -55.18 -18.09
C ALA D 698 25.98 -55.78 -17.82
N GLY D 699 26.21 -57.02 -18.29
CA GLY D 699 27.51 -57.67 -18.15
C GLY D 699 27.94 -57.69 -16.70
N ASP D 700 29.12 -57.18 -16.43
CA ASP D 700 29.70 -57.22 -15.07
C ASP D 700 28.98 -56.30 -14.08
N ALA D 701 28.12 -55.40 -14.57
CA ALA D 701 27.43 -54.50 -13.62
C ALA D 701 26.59 -55.38 -12.68
N ARG D 702 26.36 -56.61 -13.10
CA ARG D 702 25.61 -57.53 -12.28
C ARG D 702 26.29 -57.85 -10.93
N LYS D 703 27.58 -57.59 -10.79
CA LYS D 703 28.21 -57.67 -9.46
C LYS D 703 27.53 -56.79 -8.38
N PHE D 704 26.97 -55.65 -8.81
CA PHE D 704 26.09 -54.83 -7.94
C PHE D 704 24.87 -55.56 -7.40
N LYS D 705 24.55 -56.74 -7.94
CA LYS D 705 23.41 -57.48 -7.40
C LYS D 705 23.55 -57.70 -5.90
N ALA D 706 24.78 -57.83 -5.43
CA ALA D 706 25.07 -58.14 -4.04
C ALA D 706 24.77 -56.95 -3.15
N THR D 707 25.10 -55.73 -3.62
CA THR D 707 24.70 -54.50 -2.93
C THR D 707 23.20 -54.42 -2.58
N ILE D 708 22.33 -54.83 -3.50
CA ILE D 708 20.87 -54.70 -3.25
C ILE D 708 20.20 -55.98 -2.83
N LYS D 709 21.00 -57.03 -2.66
CA LYS D 709 20.50 -58.31 -2.17
C LYS D 709 19.57 -59.01 -3.19
N ILE D 710 19.95 -59.05 -4.46
CA ILE D 710 19.15 -59.76 -5.47
C ILE D 710 19.68 -61.21 -5.51
N ALA D 711 18.79 -62.19 -5.66
CA ALA D 711 19.17 -63.61 -5.78
C ALA D 711 19.89 -63.83 -7.11
N ASP D 712 20.69 -64.89 -7.17
CA ASP D 712 21.43 -65.19 -8.38
C ASP D 712 20.48 -65.27 -9.56
N GLN D 713 19.32 -65.89 -9.37
CA GLN D 713 18.45 -66.12 -10.53
C GLN D 713 17.57 -64.89 -10.82
N GLY D 714 17.77 -63.85 -10.00
CA GLY D 714 17.19 -62.55 -10.26
C GLY D 714 15.74 -62.41 -9.88
N GLU D 715 15.21 -61.22 -10.10
CA GLU D 715 13.85 -60.91 -9.67
C GLU D 715 13.16 -59.90 -10.61
N GLU D 716 11.82 -60.00 -10.62
CA GLU D 716 10.92 -59.00 -11.21
C GLU D 716 11.29 -57.59 -10.78
N GLY D 717 11.60 -56.75 -11.78
CA GLY D 717 11.95 -55.34 -11.57
C GLY D 717 13.43 -55.02 -11.62
N ILE D 718 14.24 -56.06 -11.75
CA ILE D 718 15.68 -55.94 -12.07
C ILE D 718 15.94 -56.55 -13.45
N VAL D 719 16.36 -55.72 -14.42
CA VAL D 719 16.69 -56.24 -15.75
C VAL D 719 18.17 -56.63 -15.79
N GLU D 720 18.50 -57.82 -16.30
CA GLU D 720 19.91 -58.23 -16.29
C GLU D 720 20.21 -59.10 -17.48
N ALA D 721 21.37 -58.89 -18.06
CA ALA D 721 21.83 -59.65 -19.20
C ALA D 721 23.36 -59.50 -19.36
N ASP D 722 23.93 -60.35 -20.23
CA ASP D 722 25.36 -60.27 -20.59
C ASP D 722 25.72 -58.94 -21.23
N SER D 723 24.77 -58.40 -21.99
CA SER D 723 24.94 -57.08 -22.61
C SER D 723 23.58 -56.35 -22.66
N ALA D 724 23.62 -55.06 -23.02
CA ALA D 724 22.40 -54.30 -23.24
C ALA D 724 21.83 -54.47 -24.65
N ASP D 725 22.08 -55.59 -25.31
CA ASP D 725 21.46 -55.82 -26.63
C ASP D 725 20.15 -56.58 -26.46
N GLY D 726 19.65 -57.09 -27.59
CA GLY D 726 18.37 -57.80 -27.64
C GLY D 726 17.29 -57.14 -26.77
N SER D 727 16.70 -57.96 -25.90
CA SER D 727 15.47 -57.57 -25.18
C SER D 727 15.70 -56.73 -23.91
N PHE D 728 16.95 -56.45 -23.59
CA PHE D 728 17.32 -55.73 -22.37
C PHE D 728 16.60 -54.39 -22.30
N MET D 729 16.72 -53.60 -23.38
CA MET D 729 16.14 -52.26 -23.35
C MET D 729 14.63 -52.32 -23.38
N ASP D 730 14.06 -53.26 -24.14
CA ASP D 730 12.59 -53.44 -24.12
C ASP D 730 12.09 -53.82 -22.73
N GLU D 731 12.80 -54.73 -22.05
CA GLU D 731 12.36 -55.14 -20.71
C GLU D 731 12.38 -53.94 -19.74
N LEU D 732 13.44 -53.13 -19.86
CA LEU D 732 13.56 -51.93 -19.02
C LEU D 732 12.42 -50.95 -19.29
N LEU D 733 12.15 -50.71 -20.57
CA LEU D 733 11.11 -49.72 -20.93
C LEU D 733 9.72 -50.15 -20.52
N THR D 734 9.48 -51.46 -20.56
CA THR D 734 8.25 -52.06 -20.03
C THR D 734 8.10 -51.74 -18.55
N LEU D 735 9.15 -51.92 -17.76
CA LEU D 735 9.11 -51.57 -16.33
C LEU D 735 8.81 -50.09 -16.16
N MET D 736 9.41 -49.28 -17.01
CA MET D 736 9.23 -47.86 -16.90
C MET D 736 7.81 -47.50 -17.19
N ALA D 737 7.20 -48.21 -18.15
CA ALA D 737 5.78 -47.90 -18.47
C ALA D 737 4.85 -48.25 -17.30
N ALA D 738 5.31 -49.12 -16.39
CA ALA D 738 4.46 -49.43 -15.26
C ALA D 738 4.82 -48.55 -14.07
N HIS D 739 5.79 -47.66 -14.26
CA HIS D 739 6.20 -46.62 -13.23
C HIS D 739 7.08 -47.12 -12.10
N ARG D 740 6.52 -47.98 -11.23
CA ARG D 740 7.28 -48.51 -10.11
C ARG D 740 7.07 -50.04 -9.95
N VAL D 741 7.96 -50.66 -9.19
CA VAL D 741 7.97 -52.10 -9.00
C VAL D 741 7.27 -52.42 -7.69
N TRP D 742 5.94 -52.33 -7.71
CA TRP D 742 5.21 -52.48 -6.47
C TRP D 742 5.46 -53.83 -5.79
N SER D 743 5.79 -54.86 -6.57
CA SER D 743 5.96 -56.23 -6.02
C SER D 743 7.16 -56.30 -5.09
N ARG D 744 8.07 -55.33 -5.23
CA ARG D 744 9.25 -55.22 -4.43
C ARG D 744 8.95 -54.79 -2.98
N ILE D 745 7.73 -54.34 -2.70
CA ILE D 745 7.48 -53.67 -1.43
C ILE D 745 7.89 -54.49 -0.18
N PRO D 746 7.50 -55.79 -0.11
CA PRO D 746 7.90 -56.58 1.07
C PRO D 746 9.43 -56.75 1.24
N LYS D 747 10.19 -56.64 0.16
CA LYS D 747 11.67 -56.75 0.20
C LYS D 747 12.40 -55.53 0.85
N ILE D 748 11.84 -54.32 0.69
CA ILE D 748 12.56 -53.08 0.99
C ILE D 748 12.67 -52.73 2.49
N ASP D 749 11.72 -53.20 3.30
CA ASP D 749 11.68 -52.93 4.77
C ASP D 749 12.92 -53.32 5.51
N LYS D 750 13.55 -54.42 5.10
CA LYS D 750 14.75 -54.83 5.78
C LYS D 750 16.06 -54.17 5.28
N ILE D 751 16.07 -53.59 4.07
CA ILE D 751 17.31 -52.99 3.50
C ILE D 751 17.60 -51.65 4.17
N PRO D 752 18.85 -51.46 4.60
CA PRO D 752 19.19 -50.20 5.30
C PRO D 752 19.58 -49.13 4.28
N ALA D 753 18.60 -48.31 3.90
CA ALA D 753 18.79 -47.18 2.94
C ALA D 753 17.80 -46.04 3.19
FE HDD E . 21.66 -5.86 5.14
CHA HDD E . 18.57 -7.11 6.08
CHB HDD E . 23.17 -7.74 7.63
CHC HDD E . 24.69 -5.17 3.78
CHD HDD E . 20.11 -3.81 2.79
NA HDD E . 21.02 -7.15 6.58
C1A HDD E . 19.69 -7.53 6.77
C2A HDD E . 19.64 -8.45 7.88
C3A HDD E . 20.90 -8.63 8.30
C4A HDD E . 21.80 -7.83 7.50
CMA HDD E . 21.31 -9.55 9.47
CAA HDD E . 18.37 -9.13 8.45
CBA HDD E . 17.75 -8.29 9.58
CGA HDD E . 16.52 -9.03 10.09
O1A HDD E . 15.38 -8.52 9.96
O2A HDD E . 16.73 -10.15 10.62
NB HDD E . 23.59 -6.34 5.64
C1B HDD E . 24.00 -7.16 6.68
C2B HDD E . 25.46 -7.29 6.60
C3B HDD E . 25.86 -6.58 5.55
C4B HDD E . 24.70 -5.96 4.91
CMB HDD E . 26.41 -8.04 7.57
CAB HDD E . 27.34 -6.46 5.15
CBB HDD E . 28.24 -6.18 6.09
NC HDD E . 22.28 -4.66 3.60
C1C HDD E . 23.59 -4.57 3.17
C2C HDD E . 23.58 -3.88 1.89
C3C HDD E . 22.37 -3.37 1.75
C4C HDD E . 21.48 -3.95 2.72
CMC HDD E . 24.82 -3.28 1.18
CAC HDD E . 21.98 -2.44 0.59
CBC HDD E . 22.73 -1.35 0.46
ND HDD E . 19.62 -5.51 4.53
C1D HDD E . 19.25 -4.61 3.54
C2D HDD E . 17.82 -4.59 3.48
C3D HDD E . 17.32 -5.62 4.48
C4D HDD E . 18.52 -6.17 5.07
CMD HDD E . 17.38 -4.85 2.02
CAD HDD E . 16.32 -6.64 3.94
CBD HDD E . 15.12 -5.71 3.94
CGD HDD E . 15.30 -5.07 5.30
O1D HDD E . 16.64 -5.04 5.50
O2D HDD E . 14.46 -5.01 6.21
OND HDD E . 17.26 -3.33 3.96
FE HDE F . 21.42 -6.06 4.92
NA HDE F . 19.53 -5.61 4.42
NB HDE F . 22.02 -5.03 3.33
NC HDE F . 23.31 -6.61 5.39
ND HDE F . 20.77 -7.20 6.54
C1A HDE F . 18.35 -5.98 5.12
O1A HDE F . 16.41 -4.53 5.80
C1B HDE F . 21.32 -4.01 2.67
C1C HDE F . 24.53 -6.11 4.84
C1D HDE F . 21.45 -7.90 7.48
O1D HDE F . 15.21 -8.19 9.93
C2A HDE F . 17.09 -5.23 4.69
O2A HDE F . 14.40 -4.62 7.04
C2B HDE F . 22.15 -3.25 1.83
C2C HDE F . 25.73 -6.48 5.54
C2D HDE F . 20.69 -8.61 8.39
O2D HDE F . 16.49 -9.76 10.92
C3A HDE F . 17.62 -4.24 3.65
C3B HDE F . 23.51 -3.76 2.10
C3C HDE F . 25.21 -7.17 6.72
C3D HDE F . 19.30 -8.37 7.97
C4A HDE F . 19.09 -4.54 3.57
C4B HDE F . 23.36 -4.74 3.05
C4C HDE F . 23.73 -7.19 6.62
C4D HDE F . 19.47 -7.52 6.78
CAA HDE F . 15.98 -6.13 4.15
CAB HDE F . 24.88 -3.35 1.60
CAC HDE F . 25.99 -7.73 7.92
CAD HDE F . 18.02 -8.91 8.54
CBA HDE F . 14.74 -6.04 5.08
CBB HDE F . 24.80 -2.17 0.74
CBC HDE F . 27.16 -6.93 8.29
CBD HDE F . 17.63 -8.08 9.79
CGA HDE F . 15.11 -5.01 6.10
CGD HDE F . 16.33 -8.71 10.26
CHA HDE F . 18.32 -7.00 6.03
CHB HDE F . 19.86 -3.89 2.68
CHC HDE F . 24.49 -5.52 3.52
CHD HDE F . 22.89 -7.88 7.59
CMA HDE F . 17.06 -4.39 2.23
CMB HDE F . 21.70 -2.13 0.92
CMC HDE F . 27.18 -6.16 5.25
CMD HDE F . 21.19 -9.43 9.54
ONA HDE F . 17.38 -2.86 4.04
FE HDD G . 9.19 20.56 -3.71
CHA HDD G . 6.41 18.90 -5.12
CHB HDD G . 8.97 22.96 -6.05
CHC HDD G . 11.55 22.44 -2.02
CHD HDD G . 9.46 18.08 -1.35
NA HDD G . 7.98 20.84 -5.30
C1A HDD G . 6.85 20.11 -5.65
C2A HDD G . 6.19 20.82 -6.71
C3A HDD G . 6.88 21.91 -6.98
C4A HDD G . 8.02 21.98 -6.08
CMA HDD G . 6.51 22.96 -8.06
CAA HDD G . 4.92 20.36 -7.43
CBA HDD G . 5.30 19.34 -8.51
CGA HDD G . 3.97 18.95 -9.08
O1A HDD G . 3.62 17.74 -9.08
O2A HDD G . 3.26 19.93 -9.49
NB HDD G . 10.15 22.38 -4.03
C1B HDD G . 9.85 23.25 -5.04
C2B HDD G . 10.64 24.47 -4.85
C3B HDD G . 11.35 24.32 -3.72
C4B HDD G . 11.02 23.01 -3.17
CMB HDD G . 10.70 25.72 -5.75
CAB HDD G . 12.33 25.35 -3.14
CBB HDD G . 13.38 25.74 -3.90
NC HDD G . 10.32 20.30 -2.01
C1C HDD G . 11.23 21.21 -1.49
C2C HDD G . 11.79 20.62 -0.31
C3C HDD G . 11.21 19.44 -0.10
C4C HDD G . 10.26 19.21 -1.18
CMC HDD G . 12.87 21.26 0.62
CAC HDD G . 11.55 18.50 1.07
CBC HDD G . 12.81 18.44 1.55
ND HDD G . 8.07 18.75 -3.28
C1D HDD G . 8.43 17.88 -2.27
C2D HDD G . 7.57 16.69 -2.38
C3D HDD G . 6.60 16.92 -3.54
C4D HDD G . 6.99 18.25 -4.05
CMD HDD G . 6.82 16.31 -1.07
CAD HDD G . 5.11 16.87 -3.18
CBD HDD G . 4.92 15.37 -3.22
CGD HDD G . 5.68 15.04 -4.47
O1D HDD G . 6.73 15.93 -4.53
O2D HDD G . 5.28 14.24 -5.34
OND HDD G . 8.37 15.55 -2.76
FE HDE H . 9.01 20.82 -3.46
NA HDE H . 8.21 19.04 -3.00
NB HDE H . 10.13 20.63 -1.83
NC HDE H . 9.76 22.64 -3.87
ND HDE H . 7.78 21.01 -5.16
C1A HDE H . 7.19 18.41 -3.81
O1A HDE H . 7.18 16.03 -4.59
C1B HDE H . 10.44 19.40 -1.18
C1C HDE H . 10.83 23.29 -3.19
C1D HDE H . 7.70 21.98 -6.07
O1D HDE H . 3.83 17.47 -8.88
C2A HDE H . 6.97 16.93 -3.45
O2A HDE H . 5.91 14.58 -5.90
C2B HDE H . 11.42 19.58 -0.20
C2C HDE H . 11.41 24.40 -3.85
C2D HDE H . 6.75 21.85 -7.09
O2D HDE H . 3.45 19.33 -10.02
C3A HDE H . 7.97 16.66 -2.35
C3B HDE H . 11.87 20.97 -0.34
C3C HDE H . 10.62 24.36 -5.10
C3D HDE H . 6.04 20.66 -6.72
C4A HDE H . 8.75 18.00 -2.23
C4B HDE H . 11.13 21.49 -1.39
C4C HDE H . 9.69 23.23 -5.09
C4D HDE H . 6.74 20.23 -5.50
CAA HDE H . 5.51 16.67 -3.03
CAB HDE H . 12.94 21.64 0.48
CAC HDE H . 10.73 25.25 -6.29
CAD HDE H . 4.88 20.02 -7.44
CBA HDE H . 4.92 15.57 -3.92
CBB HDE H . 14.08 20.72 0.74
CBC HDE H . 12.00 25.96 -6.23
CBD HDE H . 5.39 19.26 -8.68
CGA HDE H . 6.01 15.31 -4.92
CGD HDE H . 4.14 18.62 -9.23
CHA HDE H . 6.40 18.99 -4.74
CHB HDE H . 9.72 18.15 -1.35
CHC HDE H . 11.17 22.87 -1.84
CHD HDE H . 8.68 23.02 -6.09
CMA HDE H . 7.34 16.16 -1.02
CMB HDE H . 11.95 18.56 0.76
CMC HDE H . 12.56 25.30 -3.45
CMD HDE H . 6.51 22.79 -8.25
ONA HDE H . 8.85 15.62 -2.79
FE HDD I . -21.94 6.07 2.08
CHA HDD I . -18.99 7.39 3.38
CHB HDD I . -23.82 8.04 4.16
CHC HDD I . -24.82 5.31 0.30
CHD HDD I . -20.10 3.93 0.15
NA HDD I . -21.50 7.40 3.47
C1A HDD I . -20.22 7.83 3.84
C2A HDD I . -20.39 8.86 4.85
C3A HDD I . -21.70 9.03 5.05
C4A HDD I . -22.44 8.13 4.20
CMA HDD I . -22.34 10.03 6.02
CAA HDD I . -19.24 9.62 5.55
CBA HDD I . -18.82 8.81 6.78
CGA HDD I . -17.58 9.44 7.37
O1A HDD I . -16.50 8.82 7.33
O2A HDD I . -17.70 10.60 7.88
NB HDD I . -24.00 6.56 2.25
C1B HDD I . -24.54 7.44 3.15
C2B HDD I . -25.97 7.56 2.86
C3B HDD I . -26.23 6.80 1.79
C4B HDD I . -24.99 6.17 1.37
CMB HDD I . -27.05 8.35 3.60
CAB HDD I . -27.62 6.66 1.16
CBB HDD I . -28.54 5.91 1.81
NC HDD I . -22.38 4.83 0.58
C1C HDD I . -23.61 4.71 -0.06
C2C HDD I . -23.47 3.73 -1.11
C3C HDD I . -22.18 3.44 -1.22
C4C HDD I . -21.45 4.09 -0.13
CMC HDD I . -24.59 3.37 -2.12
CAC HDD I . -21.60 2.47 -2.27
CBC HDD I . -22.19 1.27 -2.42
ND HDD I . -19.79 5.71 1.81
C1D HDD I . -19.31 4.74 0.95
C2D HDD I . -17.86 4.75 1.07
C3D HDD I . -17.49 5.84 2.08
C4D HDD I . -18.78 6.40 2.45
CMD HDD I . -17.16 4.95 -0.29
CAD HDD I . -16.51 6.91 1.59
CBD HDD I . -15.27 6.61 2.40
CGD HDD I . -15.82 5.93 3.63
O1D HDD I . -16.96 5.30 3.24
O2D HDD I . -15.21 5.78 4.71
OND HDD I . -17.38 3.47 1.57
FE HDE J . -21.95 6.32 1.80
NA HDE J . -20.02 5.82 1.51
NB HDE J . -22.42 5.17 0.22
NC HDE J . -23.88 6.89 2.05
ND HDE J . -21.43 7.56 3.40
C1A HDE J . -18.94 6.24 2.30
O1A HDE J . -17.23 4.76 3.28
C1B HDE J . -21.65 4.13 -0.32
C1C HDE J . -25.01 6.36 1.37
C1D HDE J . -22.22 8.28 4.21
O1D HDE J . -16.36 8.88 7.51
C2A HDE J . -17.69 5.42 2.06
O2A HDE J . -15.31 4.78 4.58
C2B HDE J . -22.38 3.34 -1.21
C2C HDE J . -26.28 6.69 1.89
C2D HDE J . -21.58 9.03 5.18
O2D HDE J . -17.71 10.52 8.07
C3A HDE J . -18.09 4.35 1.07
C3B HDE J . -23.78 3.83 -1.11
C3C HDE J . -25.89 7.44 3.10
C3D HDE J . -20.15 8.77 4.96
C4A HDE J . -19.54 4.67 0.83
C4B HDE J . -23.71 4.86 -0.22
C4C HDE J . -24.43 7.50 3.18
C4D HDE J . -20.17 7.87 3.79
CAA HDE J . -16.53 6.28 1.56
CAB HDE J . -25.07 3.43 -1.79
CAC HDE J . -26.76 8.05 4.16
CAD HDE J . -18.98 9.38 5.69
CBA HDE J . -15.31 5.91 2.38
CBB HDE J . -25.11 2.01 -2.22
CBC HDE J . -27.99 7.27 4.47
CBD HDE J . -18.66 8.61 6.98
CGA HDE J . -15.89 5.12 3.55
CGD HDE J . -17.49 9.39 7.56
CHA HDE J . -18.96 7.28 3.17
CHB HDE J . -20.22 3.98 -0.09
CHC HDE J . -24.88 5.68 0.09
CHD HDE J . -23.68 8.24 4.17
CMA HDE J . -17.24 4.35 -0.20
CMB HDE J . -21.88 2.16 -2.02
CMC HDE J . -27.63 6.31 1.33
CMD HDE J . -22.27 9.89 6.20
ONA HDE J . -18.01 3.01 1.59
FE HDD K . -8.79 -20.88 -3.45
CHA HDD K . -5.90 -19.33 -4.39
CHB HDD K . -8.15 -23.50 -5.67
CHC HDD K . -11.25 -22.67 -2.03
CHD HDD K . -9.55 -18.11 -1.40
NA HDD K . -7.33 -21.34 -4.76
C1A HDD K . -6.22 -20.53 -4.97
C2A HDD K . -5.44 -21.16 -6.03
C3A HDD K . -6.04 -22.31 -6.38
C4A HDD K . -7.25 -22.45 -5.60
CMA HDD K . -5.57 -23.32 -7.47
CAA HDD K . -4.12 -20.62 -6.63
CBA HDD K . -4.38 -19.81 -7.91
CGA HDD K . -3.01 -19.39 -8.39
O1A HDD K . -2.64 -18.19 -8.20
O2A HDD K . -2.29 -20.29 -8.93
NB HDD K . -9.58 -22.76 -3.85
C1B HDD K . -9.14 -23.72 -4.74
C2B HDD K . -9.91 -24.93 -4.52
C3B HDD K . -10.75 -24.68 -3.53
C4B HDD K . -10.57 -23.32 -3.05
CMB HDD K . -9.82 -26.26 -5.31
CAB HDD K . -11.78 -25.70 -2.97
CBB HDD K . -12.55 -26.43 -3.82
NC HDD K . -10.17 -20.43 -2.00
C1C HDD K . -11.07 -21.38 -1.54
C2C HDD K . -11.69 -20.82 -0.36
C3C HDD K . -11.38 -19.53 -0.29
C4C HDD K . -10.29 -19.27 -1.24
CMC HDD K . -12.96 -21.40 0.32
CAC HDD K . -11.98 -18.57 0.77
CBC HDD K . -13.30 -18.35 0.85
ND HDD K . -7.82 -18.94 -2.95
C1D HDD K . -8.35 -17.95 -2.11
C2D HDD K . -7.46 -16.80 -2.17
C3D HDD K . -6.31 -17.17 -3.13
C4D HDD K . -6.64 -18.54 -3.52
CMD HDD K . -6.89 -16.53 -0.74
CAD HDD K . -4.87 -17.04 -2.59
CBD HDD K . -4.46 -15.69 -3.14
CGD HDD K . -5.24 -15.60 -4.43
O1D HDD K . -6.33 -16.37 -4.25
O2D HDD K . -5.07 -14.79 -5.36
OND HDD K . -8.10 -15.56 -2.61
FE HDE L . -8.54 -21.05 -3.25
NA HDE L . -7.72 -19.24 -2.86
NB HDE L . -9.87 -20.74 -1.79
NC HDE L . -9.27 -22.89 -3.62
ND HDE L . -7.10 -21.37 -4.74
C1A HDE L . -6.67 -18.60 -3.58
O1A HDE L . -6.42 -16.33 -4.51
C1B HDE L . -10.18 -19.48 -1.24
C1C HDE L . -10.48 -23.45 -3.13
C1D HDE L . -6.94 -22.41 -5.59
O1D HDE L . -2.60 -17.93 -8.31
C2A HDE L . -6.43 -17.12 -3.28
O2A HDE L . -5.16 -14.76 -5.70
C2B HDE L . -11.36 -19.53 -0.46
C2C HDE L . -10.92 -24.62 -3.76
C2D HDE L . -5.86 -22.35 -6.46
O2D HDE L . -2.14 -20.03 -8.95
C3A HDE L . -7.61 -16.81 -2.34
C3B HDE L . -11.84 -20.90 -0.65
C3C HDE L . -9.94 -24.79 -4.85
C3D HDE L . -5.22 -21.06 -6.13
C4A HDE L . -8.31 -18.14 -2.15
C4B HDE L . -10.97 -21.51 -1.52
C4C HDE L . -8.99 -23.69 -4.75
C4D HDE L . -6.06 -20.57 -5.01
CAA HDE L . -5.06 -16.74 -2.67
CAB HDE L . -13.10 -21.58 -0.15
CAC HDE L . -9.81 -25.83 -5.97
CAD HDE L . -3.98 -20.45 -6.76
CBA HDE L . -4.46 -15.53 -3.44
CBB HDE L . -13.91 -20.64 0.63
CBC HDE L . -11.13 -26.39 -6.31
CBD HDE L . -4.28 -19.61 -8.05
CGA HDE L . -5.32 -15.46 -4.69
CGD HDE L . -2.91 -19.14 -8.47
CHA HDE L . -5.82 -19.28 -4.37
CHB HDE L . -9.33 -18.30 -1.29
CHC HDE L . -11.08 -22.92 -1.90
CHD HDE L . -7.84 -23.54 -5.64
CMA HDE L . -7.31 -16.11 -0.98
CMB HDE L . -12.01 -18.41 0.35
CMC HDE L . -12.15 -25.42 -3.40
CMD HDE L . -5.51 -23.38 -7.52
ONA HDE L . -8.45 -15.85 -2.98
#